data_8XGT
#
_entry.id   8XGT
#
_cell.length_a   83.962
_cell.length_b   217.386
_cell.length_c   242.375
_cell.angle_alpha   90.00
_cell.angle_beta   90.00
_cell.angle_gamma   90.00
#
_symmetry.space_group_name_H-M   'P 21 21 21'
#
loop_
_entity.id
_entity.type
_entity.pdbx_description
1 polymer 'Glutaminyl-peptide cyclotransferase'
2 non-polymer 'ZINC ION'
3 non-polymer (3~{Z})-3-(1~{H}-benzimidazol-5-ylmethylidene)-4-oxidanyl-1~{H}-indol-2-one
4 water water
#
_entity_poly.entity_id   1
_entity_poly.type   'polypeptide(L)'
_entity_poly.pdbx_seq_one_letter_code
;ASAWPEEKNYHQPAILNSSALRQIAEGTSISEMWQNDLQPLLIERYPGSPGSYAARQHIMQRIQRLQADWVLEIDTFLSQ
TPYGYRSFSNIISTLNPTAKRHLVLACHYDSKYFSHWNNRVFVGATDSAVPCAMMLELARALDKKLLSLKTVSDSKPDLS
LQLIFFDGEEAFLHWSPQDSLYGSRHLAAKMASTPHPPGARGTSQLHGMDLLVLLDLIGAPNPTFPNFFPNSARWFERLQ
AIEHELHELGLLKDHSLEGRYFQNYSYGGVIQDDHIPFLRRGVPVLHLIPSPFPEVWHTMDDNEENLDESTIDNLNKILQ
VFVLEYLHL
;
_entity_poly.pdbx_strand_id   B,A,C,D,E,F,G,H,I,J,K,L
#
loop_
_chem_comp.id
_chem_comp.type
_chem_comp.name
_chem_comp.formula
A1D48 non-polymer (3~{Z})-3-(1~{H}-benzimidazol-5-ylmethylidene)-4-oxidanyl-1~{H}-indol-2-one 'C16 H11 N3 O2'
ZN non-polymer 'ZINC ION' 'Zn 2'
#
# COMPACT_ATOMS: atom_id res chain seq x y z
N ALA A 1 -43.68 -29.17 9.96
CA ALA A 1 -42.34 -28.62 9.87
C ALA A 1 -42.23 -27.41 10.80
N SER A 2 -42.03 -27.65 12.09
CA SER A 2 -41.96 -26.54 13.05
C SER A 2 -41.03 -25.43 12.60
N ALA A 3 -40.46 -24.71 13.57
CA ALA A 3 -39.54 -23.63 13.26
C ALA A 3 -38.21 -23.86 13.90
N TRP A 4 -37.94 -25.10 14.31
CA TRP A 4 -36.70 -25.44 14.93
C TRP A 4 -35.62 -25.48 13.89
N PRO A 5 -35.91 -26.04 12.73
CA PRO A 5 -34.93 -26.04 11.65
C PRO A 5 -34.33 -24.69 11.26
N GLU A 6 -34.84 -23.57 11.74
CA GLU A 6 -34.24 -22.28 11.45
C GLU A 6 -33.38 -21.76 12.59
N GLU A 7 -33.47 -22.32 13.77
CA GLU A 7 -32.58 -21.96 14.85
C GLU A 7 -31.12 -22.03 14.46
N LYS A 8 -30.76 -22.94 13.59
CA LYS A 8 -29.41 -22.93 13.10
C LYS A 8 -29.00 -21.53 12.68
N ASN A 9 -29.92 -20.72 12.23
CA ASN A 9 -29.54 -19.49 11.58
C ASN A 9 -29.25 -18.40 12.57
N TYR A 10 -29.50 -18.67 13.80
CA TYR A 10 -29.35 -17.71 14.80
C TYR A 10 -28.45 -18.25 15.86
N HIS A 11 -28.09 -19.51 15.79
CA HIS A 11 -27.21 -20.06 16.78
C HIS A 11 -25.94 -19.23 16.90
N GLN A 12 -25.49 -19.06 18.12
CA GLN A 12 -24.29 -18.30 18.44
C GLN A 12 -23.45 -19.06 19.44
N PRO A 13 -22.17 -18.83 19.44
CA PRO A 13 -21.30 -19.64 20.26
C PRO A 13 -21.21 -19.11 21.65
N ALA A 14 -20.78 -19.95 22.51
CA ALA A 14 -20.47 -19.64 23.86
C ALA A 14 -18.96 -19.55 23.95
N ILE A 15 -18.44 -18.36 23.67
CA ILE A 15 -17.00 -18.17 23.63
C ILE A 15 -16.35 -18.52 24.96
N LEU A 16 -15.12 -18.98 24.88
CA LEU A 16 -14.41 -19.40 26.05
C LEU A 16 -13.41 -18.37 26.58
N ASN A 17 -13.08 -18.54 27.85
CA ASN A 17 -12.14 -17.71 28.52
C ASN A 17 -10.77 -18.22 28.28
N SER A 18 -9.80 -17.44 28.64
CA SER A 18 -8.45 -17.88 28.48
C SER A 18 -8.12 -19.00 29.38
N SER A 19 -8.87 -19.23 30.41
CA SER A 19 -8.54 -20.38 31.25
C SER A 19 -9.08 -21.66 30.64
N ALA A 20 -10.27 -21.63 30.07
CA ALA A 20 -10.77 -22.79 29.36
C ALA A 20 -9.81 -23.16 28.28
N LEU A 21 -9.57 -22.25 27.35
CA LEU A 21 -8.68 -22.54 26.24
C LEU A 21 -7.45 -23.21 26.74
N ARG A 22 -6.94 -22.78 27.88
CA ARG A 22 -5.73 -23.41 28.34
C ARG A 22 -6.01 -24.85 28.66
N GLN A 23 -7.16 -25.12 29.25
CA GLN A 23 -7.48 -26.48 29.59
C GLN A 23 -7.69 -27.30 28.34
N ILE A 24 -8.23 -26.68 27.30
CA ILE A 24 -8.47 -27.40 26.08
C ILE A 24 -7.18 -27.72 25.39
N ALA A 25 -6.26 -26.81 25.36
CA ALA A 25 -5.03 -27.13 24.71
C ALA A 25 -4.26 -28.20 25.45
N GLU A 26 -4.33 -28.19 26.75
CA GLU A 26 -3.52 -29.06 27.60
C GLU A 26 -4.12 -30.44 27.69
N GLY A 27 -5.38 -30.61 27.31
CA GLY A 27 -6.05 -31.87 27.47
C GLY A 27 -6.26 -32.67 26.21
N THR A 28 -5.43 -32.41 25.20
CA THR A 28 -5.36 -33.17 23.99
C THR A 28 -3.93 -33.50 23.73
N SER A 29 -3.69 -34.76 23.48
CA SER A 29 -2.37 -35.29 23.27
C SER A 29 -2.25 -35.74 21.84
N ILE A 30 -1.35 -35.15 21.10
CA ILE A 30 -1.13 -35.57 19.74
C ILE A 30 -0.29 -36.82 19.68
N SER A 31 0.23 -37.28 20.79
CA SER A 31 1.03 -38.49 20.67
C SER A 31 0.21 -39.69 20.96
N GLU A 32 -0.80 -39.51 21.78
CA GLU A 32 -1.74 -40.57 21.94
C GLU A 32 -2.59 -40.63 20.71
N MET A 33 -2.90 -39.50 20.12
CA MET A 33 -3.54 -39.60 18.84
C MET A 33 -2.68 -40.38 17.89
N TRP A 34 -1.40 -40.14 17.90
CA TRP A 34 -0.57 -40.74 16.88
C TRP A 34 -0.54 -42.24 17.01
N GLN A 35 -0.49 -42.77 18.20
CA GLN A 35 -0.39 -44.22 18.18
C GLN A 35 -1.75 -44.90 18.34
N ASN A 36 -2.55 -44.51 19.27
CA ASN A 36 -3.78 -45.22 19.42
C ASN A 36 -4.77 -44.93 18.29
N ASP A 37 -4.93 -43.71 17.83
CA ASP A 37 -6.01 -43.47 16.88
C ASP A 37 -5.52 -43.43 15.44
N LEU A 38 -4.28 -43.14 15.16
CA LEU A 38 -3.92 -42.96 13.76
C LEU A 38 -3.03 -44.03 13.19
N GLN A 39 -2.16 -44.60 13.92
CA GLN A 39 -1.23 -45.51 13.32
C GLN A 39 -1.95 -46.80 12.88
N PRO A 40 -2.90 -47.28 13.62
CA PRO A 40 -3.76 -48.33 13.13
C PRO A 40 -4.42 -48.10 11.77
N LEU A 41 -4.95 -46.93 11.43
CA LEU A 41 -5.61 -46.76 10.14
C LEU A 41 -4.64 -46.69 8.97
N LEU A 42 -3.38 -46.50 9.20
CA LEU A 42 -2.54 -46.40 8.05
C LEU A 42 -2.30 -47.70 7.36
N ILE A 43 -3.33 -48.20 6.67
CA ILE A 43 -3.30 -49.49 5.98
C ILE A 43 -4.13 -49.35 4.71
N GLU A 44 -3.79 -50.07 3.65
CA GLU A 44 -4.70 -50.17 2.52
C GLU A 44 -6.09 -50.51 3.02
N ARG A 45 -7.10 -49.75 2.56
CA ARG A 45 -8.44 -49.91 3.03
C ARG A 45 -9.49 -49.37 2.08
N TYR A 46 -9.45 -49.73 0.83
CA TYR A 46 -10.50 -49.37 -0.05
C TYR A 46 -11.77 -50.17 0.24
N PRO A 47 -12.85 -49.87 -0.46
CA PRO A 47 -14.13 -50.41 -0.06
C PRO A 47 -14.26 -51.85 -0.45
N GLY A 48 -14.73 -52.63 0.46
CA GLY A 48 -14.65 -54.02 0.33
C GLY A 48 -13.52 -54.69 0.94
N SER A 49 -12.32 -54.24 0.70
CA SER A 49 -11.09 -54.88 1.16
C SER A 49 -11.16 -55.36 2.58
N PRO A 50 -10.16 -56.07 3.02
CA PRO A 50 -10.10 -56.45 4.41
C PRO A 50 -9.62 -55.34 5.26
N GLY A 51 -8.94 -54.38 4.68
CA GLY A 51 -8.58 -53.19 5.42
C GLY A 51 -9.78 -52.41 5.85
N SER A 52 -10.82 -52.39 5.00
CA SER A 52 -11.96 -51.57 5.29
C SER A 52 -12.63 -52.03 6.52
N TYR A 53 -12.63 -53.31 6.75
CA TYR A 53 -13.24 -53.83 7.95
C TYR A 53 -12.37 -53.62 9.14
N ALA A 54 -11.07 -53.55 8.94
CA ALA A 54 -10.20 -53.39 10.07
C ALA A 54 -10.15 -51.96 10.48
N ALA A 55 -10.14 -51.06 9.53
CA ALA A 55 -10.22 -49.66 9.90
C ALA A 55 -11.57 -49.39 10.48
N ARG A 56 -12.61 -49.86 9.83
CA ARG A 56 -13.93 -49.77 10.42
C ARG A 56 -13.89 -50.27 11.84
N GLN A 57 -13.19 -51.34 12.08
CA GLN A 57 -13.25 -51.95 13.36
C GLN A 57 -12.54 -51.10 14.34
N HIS A 58 -11.40 -50.60 13.93
CA HIS A 58 -10.62 -49.77 14.81
C HIS A 58 -11.44 -48.62 15.35
N ILE A 59 -12.01 -47.85 14.43
CA ILE A 59 -12.81 -46.69 14.77
C ILE A 59 -13.77 -47.00 15.90
N MET A 60 -14.69 -47.91 15.69
CA MET A 60 -15.69 -48.18 16.72
C MET A 60 -15.12 -48.50 18.08
N GLN A 61 -14.15 -49.39 18.12
CA GLN A 61 -13.46 -49.66 19.36
C GLN A 61 -13.05 -48.38 20.04
N ARG A 62 -12.48 -47.46 19.28
CA ARG A 62 -11.89 -46.30 19.93
C ARG A 62 -12.95 -45.36 20.44
N ILE A 63 -14.11 -45.41 19.83
CA ILE A 63 -15.30 -44.79 20.34
C ILE A 63 -15.94 -45.63 21.41
N GLN A 64 -15.99 -46.95 21.25
CA GLN A 64 -16.78 -47.73 22.17
C GLN A 64 -16.25 -47.62 23.56
N ARG A 65 -15.01 -47.32 23.73
CA ARG A 65 -14.47 -47.30 25.05
C ARG A 65 -14.65 -45.98 25.75
N LEU A 66 -15.27 -45.02 25.15
CA LEU A 66 -15.35 -43.76 25.88
C LEU A 66 -16.65 -43.68 26.64
N GLN A 67 -16.70 -42.71 27.53
CA GLN A 67 -17.80 -42.63 28.46
C GLN A 67 -19.06 -42.09 27.82
N ALA A 68 -18.93 -41.12 26.95
CA ALA A 68 -20.13 -40.62 26.34
C ALA A 68 -20.87 -41.77 25.76
N ASP A 69 -22.18 -41.64 25.59
CA ASP A 69 -22.96 -42.75 25.09
C ASP A 69 -23.14 -42.51 23.62
N TRP A 70 -22.16 -42.99 22.89
CA TRP A 70 -22.19 -42.92 21.47
C TRP A 70 -23.04 -44.05 20.95
N VAL A 71 -23.90 -43.74 20.03
CA VAL A 71 -24.72 -44.71 19.38
C VAL A 71 -24.12 -44.90 18.01
N LEU A 72 -23.42 -46.01 17.83
CA LEU A 72 -22.89 -46.30 16.55
C LEU A 72 -23.94 -46.95 15.72
N GLU A 73 -24.01 -46.59 14.48
CA GLU A 73 -24.77 -47.37 13.56
C GLU A 73 -23.79 -47.77 12.49
N ILE A 74 -24.22 -48.62 11.59
CA ILE A 74 -23.44 -48.96 10.43
C ILE A 74 -24.41 -48.94 9.30
N ASP A 75 -23.96 -48.56 8.18
CA ASP A 75 -24.84 -48.23 7.12
C ASP A 75 -24.13 -48.93 6.00
N THR A 76 -24.48 -50.18 5.83
CA THR A 76 -23.91 -50.99 4.77
C THR A 76 -24.86 -50.94 3.63
N PHE A 77 -24.35 -50.95 2.45
CA PHE A 77 -25.23 -50.69 1.35
C PHE A 77 -24.48 -51.14 0.14
N LEU A 78 -25.18 -51.32 -0.93
CA LEU A 78 -24.66 -51.86 -2.17
C LEU A 78 -24.78 -50.80 -3.22
N SER A 79 -23.77 -50.69 -4.07
CA SER A 79 -23.89 -49.84 -5.23
C SER A 79 -23.07 -50.36 -6.37
N GLN A 80 -23.47 -50.04 -7.57
CA GLN A 80 -22.69 -50.34 -8.73
C GLN A 80 -21.53 -49.38 -8.83
N THR A 81 -20.46 -49.89 -9.43
CA THR A 81 -19.23 -49.24 -9.68
C THR A 81 -18.68 -49.69 -11.01
N PRO A 82 -17.52 -49.23 -11.43
CA PRO A 82 -17.01 -49.63 -12.73
C PRO A 82 -16.52 -51.03 -12.77
N TYR A 83 -16.34 -51.63 -11.62
CA TYR A 83 -15.87 -53.00 -11.46
C TYR A 83 -17.00 -53.86 -10.90
N GLY A 84 -18.23 -53.36 -11.01
CA GLY A 84 -19.41 -54.06 -10.53
C GLY A 84 -19.79 -53.70 -9.12
N TYR A 85 -20.99 -54.13 -8.74
CA TYR A 85 -21.50 -53.91 -7.41
C TYR A 85 -20.44 -54.22 -6.36
N ARG A 86 -20.50 -53.50 -5.24
CA ARG A 86 -19.57 -53.65 -4.16
C ARG A 86 -20.29 -53.16 -2.94
N SER A 87 -19.78 -53.46 -1.76
CA SER A 87 -20.47 -53.26 -0.51
C SER A 87 -19.68 -52.25 0.33
N PHE A 88 -20.35 -51.17 0.73
CA PHE A 88 -19.70 -50.08 1.41
C PHE A 88 -20.25 -50.02 2.81
N SER A 89 -19.57 -49.31 3.70
CA SER A 89 -20.20 -49.08 4.97
C SER A 89 -19.76 -47.77 5.60
N ASN A 90 -20.72 -46.87 5.78
CA ASN A 90 -20.57 -45.66 6.49
C ASN A 90 -20.59 -45.93 7.97
N ILE A 91 -19.81 -45.26 8.73
CA ILE A 91 -19.96 -45.31 10.17
C ILE A 91 -20.66 -44.05 10.63
N ILE A 92 -21.62 -44.17 11.51
CA ILE A 92 -22.23 -43.02 12.10
C ILE A 92 -22.25 -43.19 13.57
N SER A 93 -21.84 -42.18 14.27
CA SER A 93 -21.73 -42.23 15.72
C SER A 93 -22.41 -41.02 16.32
N THR A 94 -23.53 -41.23 16.95
CA THR A 94 -24.47 -40.20 17.31
C THR A 94 -24.62 -40.11 18.81
N LEU A 95 -24.64 -38.88 19.30
CA LEU A 95 -25.00 -38.59 20.67
C LEU A 95 -26.42 -38.10 20.69
N ASN A 96 -27.23 -38.69 21.53
CA ASN A 96 -28.55 -38.14 21.68
C ASN A 96 -29.22 -38.11 20.32
N PRO A 97 -29.54 -39.26 19.75
CA PRO A 97 -30.06 -39.27 18.39
C PRO A 97 -31.42 -38.69 18.29
N THR A 98 -32.10 -38.73 19.39
CA THR A 98 -33.28 -37.90 19.55
C THR A 98 -32.92 -36.41 19.59
N ALA A 99 -31.68 -36.06 19.92
CA ALA A 99 -31.31 -34.66 19.81
C ALA A 99 -31.74 -34.16 18.43
N LYS A 100 -32.76 -33.34 18.47
CA LYS A 100 -33.41 -32.80 17.29
C LYS A 100 -32.48 -32.04 16.38
N ARG A 101 -31.42 -31.46 16.91
CA ARG A 101 -30.42 -30.73 16.15
C ARG A 101 -29.06 -31.33 16.40
N HIS A 102 -28.22 -31.42 15.38
CA HIS A 102 -26.89 -31.92 15.57
C HIS A 102 -25.87 -31.12 14.79
N LEU A 103 -24.71 -30.93 15.39
CA LEU A 103 -23.56 -30.48 14.65
C LEU A 103 -22.81 -31.69 14.20
N VAL A 104 -22.39 -31.73 12.96
CA VAL A 104 -21.79 -32.93 12.37
C VAL A 104 -20.38 -32.70 11.97
N LEU A 105 -19.52 -33.59 12.39
CA LEU A 105 -18.13 -33.72 11.95
C LEU A 105 -17.94 -34.94 11.11
N ALA A 106 -17.32 -34.79 9.98
CA ALA A 106 -17.25 -35.91 9.10
C ALA A 106 -15.94 -35.99 8.40
N CYS A 107 -15.47 -37.19 8.10
CA CYS A 107 -14.37 -37.36 7.16
C CYS A 107 -14.70 -38.52 6.33
N HIS A 108 -13.77 -39.00 5.59
CA HIS A 108 -13.95 -40.24 4.86
C HIS A 108 -12.89 -41.24 5.28
N TYR A 109 -13.23 -42.54 5.34
CA TYR A 109 -12.27 -43.49 5.86
C TYR A 109 -11.87 -44.55 4.86
N ASP A 110 -12.43 -44.54 3.68
CA ASP A 110 -11.81 -45.37 2.69
C ASP A 110 -10.45 -44.81 2.33
N SER A 111 -9.70 -45.59 1.57
CA SER A 111 -8.45 -45.20 0.97
C SER A 111 -8.57 -45.46 -0.51
N LYS A 112 -7.97 -44.66 -1.34
CA LYS A 112 -8.16 -44.84 -2.76
C LYS A 112 -7.62 -46.18 -3.18
N TYR A 113 -8.27 -46.80 -4.14
CA TYR A 113 -7.75 -48.02 -4.67
C TYR A 113 -6.63 -47.72 -5.60
N PHE A 114 -5.53 -48.37 -5.34
CA PHE A 114 -4.37 -48.33 -6.18
C PHE A 114 -3.80 -49.73 -6.13
N SER A 115 -3.26 -50.18 -7.24
CA SER A 115 -2.40 -51.32 -7.25
C SER A 115 -1.08 -50.98 -6.58
N HIS A 116 -0.40 -51.96 -6.06
CA HIS A 116 0.89 -51.70 -5.44
C HIS A 116 1.95 -51.51 -6.48
N TRP A 117 2.84 -50.61 -6.20
CA TRP A 117 3.94 -50.32 -7.06
C TRP A 117 5.23 -50.25 -6.25
N ASN A 118 6.31 -50.84 -6.77
CA ASN A 118 7.53 -50.99 -6.00
C ASN A 118 7.21 -51.51 -4.62
N ASN A 119 6.19 -52.32 -4.54
CA ASN A 119 5.84 -52.85 -3.26
C ASN A 119 5.51 -51.80 -2.25
N ARG A 120 5.09 -50.63 -2.68
CA ARG A 120 4.51 -49.74 -1.71
C ARG A 120 3.02 -49.78 -1.87
N VAL A 121 2.35 -49.49 -0.79
CA VAL A 121 0.91 -49.42 -0.76
C VAL A 121 0.35 -48.03 -0.47
N PHE A 122 -0.67 -47.62 -1.15
CA PHE A 122 -1.30 -46.33 -0.82
C PHE A 122 -2.17 -46.43 0.40
N VAL A 123 -1.96 -45.57 1.38
CA VAL A 123 -2.64 -45.67 2.65
C VAL A 123 -3.38 -44.42 3.07
N GLY A 124 -3.11 -43.30 2.44
CA GLY A 124 -3.83 -42.08 2.66
C GLY A 124 -3.66 -41.41 3.98
N ALA A 125 -2.49 -40.88 4.21
CA ALA A 125 -2.20 -40.37 5.53
C ALA A 125 -2.91 -39.09 5.73
N THR A 126 -2.90 -38.24 4.77
CA THR A 126 -3.76 -37.07 4.84
C THR A 126 -5.10 -37.25 4.18
N ASP A 127 -5.26 -38.19 3.27
CA ASP A 127 -6.45 -38.47 2.48
C ASP A 127 -7.03 -39.76 2.93
N SER A 128 -7.62 -39.93 4.10
CA SER A 128 -7.98 -39.01 5.10
C SER A 128 -7.90 -39.64 6.43
N ALA A 129 -6.77 -40.27 6.75
CA ALA A 129 -6.61 -40.89 8.05
C ALA A 129 -6.38 -39.89 9.14
N VAL A 130 -5.74 -38.78 8.87
CA VAL A 130 -5.58 -37.79 9.89
C VAL A 130 -6.92 -37.22 10.29
N PRO A 131 -7.67 -36.77 9.43
CA PRO A 131 -9.03 -36.47 9.75
C PRO A 131 -9.76 -37.49 10.56
N CYS A 132 -9.63 -38.78 10.29
CA CYS A 132 -10.30 -39.73 11.14
C CYS A 132 -9.72 -39.68 12.53
N ALA A 133 -8.42 -39.66 12.62
CA ALA A 133 -7.88 -39.58 13.97
C ALA A 133 -8.19 -38.25 14.62
N MET A 134 -8.20 -37.18 13.88
CA MET A 134 -8.64 -35.91 14.46
C MET A 134 -9.99 -36.03 15.09
N MET A 135 -10.93 -36.56 14.36
CA MET A 135 -12.27 -36.77 14.88
C MET A 135 -12.31 -37.74 15.98
N LEU A 136 -11.39 -38.69 15.99
CA LEU A 136 -11.34 -39.65 17.06
C LEU A 136 -10.67 -39.09 18.28
N GLU A 137 -9.58 -38.35 18.10
CA GLU A 137 -8.99 -37.66 19.21
C GLU A 137 -9.90 -36.64 19.82
N LEU A 138 -10.80 -36.04 19.05
CA LEU A 138 -11.64 -34.99 19.61
C LEU A 138 -12.63 -35.55 20.57
N ALA A 139 -13.16 -36.71 20.27
CA ALA A 139 -14.13 -37.32 21.16
C ALA A 139 -13.50 -37.86 22.41
N ARG A 140 -12.28 -38.37 22.30
CA ARG A 140 -11.57 -38.67 23.52
C ARG A 140 -11.40 -37.40 24.32
N ALA A 141 -10.67 -36.45 23.79
CA ALA A 141 -10.32 -35.29 24.58
C ALA A 141 -11.54 -34.68 25.21
N LEU A 142 -12.61 -34.55 24.47
CA LEU A 142 -13.76 -33.86 24.97
C LEU A 142 -14.74 -34.76 25.67
N ASP A 143 -14.36 -35.98 25.92
CA ASP A 143 -15.32 -36.94 26.42
C ASP A 143 -16.06 -36.43 27.63
N LYS A 144 -15.41 -36.33 28.76
CA LYS A 144 -16.08 -35.80 29.93
C LYS A 144 -16.93 -34.59 29.59
N LYS A 145 -16.47 -33.66 28.78
CA LYS A 145 -17.34 -32.53 28.58
C LYS A 145 -18.56 -32.89 27.78
N LEU A 146 -18.61 -34.08 27.21
CA LEU A 146 -19.73 -34.50 26.39
C LEU A 146 -20.71 -35.44 27.06
N LEU A 147 -20.46 -35.86 28.28
CA LEU A 147 -21.48 -36.60 29.01
C LEU A 147 -22.66 -35.71 29.32
N SER A 148 -22.40 -34.44 29.46
CA SER A 148 -23.34 -33.42 29.86
C SER A 148 -24.41 -33.21 28.87
N LEU A 149 -24.33 -33.84 27.74
CA LEU A 149 -25.52 -33.83 26.91
C LEU A 149 -26.47 -34.95 27.29
N LYS A 150 -26.74 -35.10 28.59
CA LYS A 150 -27.58 -36.17 29.07
C LYS A 150 -27.03 -37.48 28.55
N PRO A 157 -30.95 -25.42 24.80
CA PRO A 157 -31.18 -25.77 23.38
C PRO A 157 -30.98 -27.28 23.10
N ASP A 158 -31.65 -27.78 22.07
CA ASP A 158 -31.63 -29.20 21.82
C ASP A 158 -30.67 -29.44 20.67
N LEU A 159 -29.42 -29.61 21.02
CA LEU A 159 -28.34 -29.70 20.08
C LEU A 159 -27.41 -30.79 20.52
N SER A 160 -26.93 -31.63 19.63
CA SER A 160 -25.89 -32.55 20.03
C SER A 160 -24.90 -32.73 18.88
N LEU A 161 -24.00 -33.66 19.05
CA LEU A 161 -22.87 -33.84 18.16
C LEU A 161 -22.94 -35.18 17.48
N GLN A 162 -22.68 -35.21 16.19
CA GLN A 162 -22.63 -36.45 15.47
C GLN A 162 -21.36 -36.45 14.65
N LEU A 163 -20.56 -37.49 14.77
CA LEU A 163 -19.49 -37.79 13.86
C LEU A 163 -19.90 -38.78 12.81
N ILE A 164 -19.36 -38.63 11.61
CA ILE A 164 -19.64 -39.55 10.50
C ILE A 164 -18.39 -39.88 9.72
N PHE A 165 -18.14 -41.10 9.51
CA PHE A 165 -16.99 -41.55 8.74
C PHE A 165 -17.49 -42.18 7.43
N PHE A 166 -17.28 -41.51 6.33
CA PHE A 166 -17.88 -41.94 5.12
C PHE A 166 -17.03 -42.99 4.46
N ASP A 167 -17.70 -43.87 3.74
CA ASP A 167 -17.03 -44.86 2.94
C ASP A 167 -17.14 -44.57 1.46
N GLY A 168 -16.30 -45.20 0.70
CA GLY A 168 -16.33 -45.00 -0.69
C GLY A 168 -16.23 -43.63 -1.18
N GLU A 169 -15.65 -42.71 -0.43
CA GLU A 169 -15.47 -41.37 -0.95
C GLU A 169 -14.71 -41.39 -2.23
N GLU A 170 -13.64 -42.15 -2.32
CA GLU A 170 -12.80 -41.95 -3.48
C GLU A 170 -13.30 -42.74 -4.64
N ALA A 171 -12.89 -42.30 -5.81
CA ALA A 171 -13.26 -42.98 -7.03
C ALA A 171 -12.53 -44.29 -7.14
N PHE A 172 -13.10 -45.18 -7.92
CA PHE A 172 -12.51 -46.50 -8.10
C PHE A 172 -11.58 -46.44 -9.26
N LEU A 173 -12.07 -45.95 -10.32
CA LEU A 173 -11.27 -45.92 -11.50
C LEU A 173 -11.10 -44.54 -12.04
N HIS A 174 -12.15 -43.74 -12.09
CA HIS A 174 -11.96 -42.50 -12.79
C HIS A 174 -12.99 -41.47 -12.35
N TRP A 175 -12.53 -40.49 -11.58
CA TRP A 175 -13.26 -39.37 -11.01
C TRP A 175 -14.45 -38.89 -11.78
N SER A 176 -15.63 -39.09 -11.25
CA SER A 176 -16.83 -38.76 -11.99
C SER A 176 -18.00 -38.90 -11.08
N PRO A 177 -19.09 -38.25 -11.40
CA PRO A 177 -20.26 -38.38 -10.55
C PRO A 177 -20.76 -39.76 -10.43
N GLN A 178 -20.53 -40.60 -11.38
CA GLN A 178 -21.00 -41.96 -11.20
C GLN A 178 -20.10 -42.75 -10.27
N ASP A 179 -18.83 -42.38 -10.24
CA ASP A 179 -17.75 -43.08 -9.53
C ASP A 179 -17.10 -42.12 -8.53
N SER A 180 -17.76 -41.86 -7.41
CA SER A 180 -17.14 -41.09 -6.37
C SER A 180 -18.15 -40.85 -5.28
N LEU A 181 -17.78 -40.64 -4.06
CA LEU A 181 -18.76 -40.33 -3.05
C LEU A 181 -19.82 -41.39 -2.96
N TYR A 182 -19.42 -42.60 -2.85
CA TYR A 182 -20.45 -43.59 -2.86
C TYR A 182 -21.19 -43.62 -1.55
N GLY A 183 -20.59 -43.27 -0.51
CA GLY A 183 -21.22 -43.42 0.78
C GLY A 183 -21.94 -42.21 1.25
N SER A 184 -21.81 -41.09 0.56
CA SER A 184 -22.41 -39.85 1.01
C SER A 184 -23.51 -39.44 0.07
N ARG A 185 -23.47 -39.94 -1.14
CA ARG A 185 -24.65 -39.85 -1.92
C ARG A 185 -25.71 -40.69 -1.28
N HIS A 186 -25.34 -41.69 -0.62
CA HIS A 186 -26.28 -42.63 -0.10
C HIS A 186 -26.86 -42.12 1.16
N LEU A 187 -26.08 -41.41 1.91
CA LEU A 187 -26.50 -41.08 3.24
C LEU A 187 -27.23 -39.78 3.26
N ALA A 188 -26.83 -38.89 2.41
CA ALA A 188 -27.66 -37.78 2.16
C ALA A 188 -29.01 -38.32 1.93
N ALA A 189 -29.21 -38.89 0.78
CA ALA A 189 -30.54 -39.36 0.41
C ALA A 189 -31.15 -40.15 1.50
N LYS A 190 -30.42 -40.96 2.16
CA LYS A 190 -31.10 -41.68 3.20
C LYS A 190 -31.63 -40.73 4.20
N MET A 191 -30.77 -39.89 4.78
CA MET A 191 -31.22 -38.92 5.76
C MET A 191 -32.21 -37.95 5.18
N ALA A 192 -31.98 -37.46 3.98
CA ALA A 192 -32.98 -36.58 3.40
C ALA A 192 -34.39 -37.10 3.51
N SER A 193 -34.59 -38.38 3.75
CA SER A 193 -35.91 -38.95 3.72
C SER A 193 -36.14 -39.79 4.94
N THR A 194 -35.86 -39.25 6.12
CA THR A 194 -36.03 -39.97 7.36
C THR A 194 -36.57 -39.03 8.41
N PRO A 195 -37.83 -39.06 8.71
CA PRO A 195 -38.37 -38.03 9.62
C PRO A 195 -37.51 -37.80 10.83
N HIS A 196 -37.40 -36.53 11.24
CA HIS A 196 -36.72 -36.19 12.45
C HIS A 196 -37.44 -35.04 13.09
N PRO A 197 -37.64 -35.10 14.37
CA PRO A 197 -37.37 -36.27 15.18
C PRO A 197 -38.32 -37.34 14.80
N PRO A 198 -38.26 -38.48 15.45
CA PRO A 198 -39.24 -39.51 15.21
C PRO A 198 -40.62 -38.92 15.32
N GLY A 199 -41.52 -39.41 14.50
CA GLY A 199 -42.84 -38.95 14.59
C GLY A 199 -43.05 -37.73 13.75
N ALA A 200 -42.02 -36.94 13.60
CA ALA A 200 -42.16 -35.80 12.74
C ALA A 200 -42.82 -36.15 11.43
N ARG A 201 -43.28 -35.13 10.77
CA ARG A 201 -44.10 -35.24 9.60
C ARG A 201 -43.61 -34.41 8.44
N GLY A 202 -42.80 -33.39 8.65
CA GLY A 202 -42.40 -32.57 7.54
C GLY A 202 -40.93 -32.34 7.51
N THR A 203 -40.24 -32.83 8.55
CA THR A 203 -38.86 -32.51 8.81
C THR A 203 -38.02 -33.77 8.73
N SER A 204 -36.98 -33.74 7.91
CA SER A 204 -36.02 -34.79 7.69
C SER A 204 -34.82 -34.65 8.60
N GLN A 205 -34.03 -35.67 8.61
CA GLN A 205 -32.84 -35.54 9.38
C GLN A 205 -31.88 -34.52 8.84
N LEU A 206 -32.02 -34.08 7.62
CA LEU A 206 -31.16 -33.03 7.13
C LEU A 206 -31.54 -31.67 7.73
N HIS A 207 -32.82 -31.32 7.81
CA HIS A 207 -33.21 -30.24 8.70
C HIS A 207 -32.38 -30.24 9.96
N GLY A 208 -32.29 -31.32 10.64
CA GLY A 208 -31.68 -31.22 11.91
C GLY A 208 -30.20 -31.12 11.85
N MET A 209 -29.64 -31.14 10.69
CA MET A 209 -28.20 -30.96 10.56
C MET A 209 -27.88 -29.50 10.54
N ASP A 210 -27.37 -29.03 11.67
CA ASP A 210 -27.03 -27.63 11.85
C ASP A 210 -25.96 -27.21 10.90
N LEU A 211 -24.84 -27.84 10.97
CA LEU A 211 -23.70 -27.51 10.16
C LEU A 211 -22.90 -28.76 10.06
N LEU A 212 -22.41 -29.02 8.87
CA LEU A 212 -21.54 -30.15 8.57
C LEU A 212 -20.14 -29.68 8.36
N VAL A 213 -19.25 -30.06 9.26
CA VAL A 213 -17.83 -29.76 9.20
C VAL A 213 -17.14 -30.92 8.49
N LEU A 214 -16.72 -30.71 7.30
CA LEU A 214 -16.04 -31.74 6.60
C LEU A 214 -14.54 -31.54 6.65
N LEU A 215 -13.85 -32.45 7.30
CA LEU A 215 -12.40 -32.55 7.31
C LEU A 215 -11.88 -33.41 6.20
N ASP A 216 -10.82 -32.99 5.54
CA ASP A 216 -10.34 -33.76 4.43
C ASP A 216 -9.04 -33.18 4.05
N LEU A 217 -8.07 -34.01 3.77
CA LEU A 217 -6.77 -33.68 3.22
C LEU A 217 -5.91 -32.90 4.20
N ILE A 218 -5.98 -33.25 5.45
CA ILE A 218 -5.34 -32.54 6.52
C ILE A 218 -4.19 -33.33 7.04
N GLY A 219 -3.05 -32.67 7.22
CA GLY A 219 -1.88 -33.28 7.82
C GLY A 219 -0.59 -32.91 7.19
N ALA A 220 -0.59 -32.21 6.09
CA ALA A 220 0.60 -31.64 5.51
C ALA A 220 0.94 -30.30 6.12
N PRO A 221 2.14 -29.82 5.85
CA PRO A 221 2.57 -28.55 6.40
C PRO A 221 2.02 -27.41 5.60
N ASN A 222 1.87 -26.23 6.29
CA ASN A 222 1.50 -24.97 5.75
C ASN A 222 0.17 -25.00 5.02
N PRO A 223 -0.85 -25.51 5.64
CA PRO A 223 -2.14 -25.53 5.02
C PRO A 223 -2.88 -24.18 5.03
N THR A 224 -3.71 -23.99 4.02
CA THR A 224 -4.50 -22.80 3.86
C THR A 224 -5.93 -23.19 3.64
N PHE A 225 -6.75 -23.02 4.52
CA PHE A 225 -8.12 -23.35 4.27
C PHE A 225 -8.91 -22.16 3.80
N PRO A 226 -9.67 -22.27 2.75
CA PRO A 226 -10.47 -21.14 2.30
C PRO A 226 -11.81 -21.09 2.99
N ASN A 227 -12.49 -19.98 2.79
CA ASN A 227 -13.87 -19.88 3.15
C ASN A 227 -14.65 -20.02 1.87
N PHE A 228 -15.33 -21.12 1.75
CA PHE A 228 -15.95 -21.56 0.54
C PHE A 228 -17.39 -21.13 0.43
N PHE A 229 -18.16 -21.06 1.51
CA PHE A 229 -19.55 -20.88 1.39
C PHE A 229 -20.17 -19.81 2.29
N PRO A 230 -20.99 -18.94 1.74
CA PRO A 230 -21.48 -17.81 2.54
C PRO A 230 -22.39 -18.15 3.65
N ASN A 231 -23.09 -19.22 3.64
CA ASN A 231 -23.91 -19.50 4.78
C ASN A 231 -23.20 -20.06 5.88
N SER A 232 -21.87 -20.11 5.80
CA SER A 232 -21.09 -20.66 6.90
C SER A 232 -19.89 -19.79 7.21
N ALA A 233 -19.69 -18.73 6.47
CA ALA A 233 -18.64 -17.82 6.77
C ALA A 233 -18.59 -17.48 8.22
N ARG A 234 -19.72 -17.27 8.84
CA ARG A 234 -19.60 -16.83 10.20
C ARG A 234 -18.97 -17.86 11.02
N TRP A 235 -18.99 -19.09 10.58
CA TRP A 235 -18.39 -20.15 11.35
C TRP A 235 -16.95 -20.28 11.01
N PHE A 236 -16.62 -20.02 9.78
CA PHE A 236 -15.25 -19.86 9.42
C PHE A 236 -14.61 -18.76 10.21
N GLU A 237 -15.28 -17.65 10.30
CA GLU A 237 -14.72 -16.53 11.02
C GLU A 237 -14.41 -16.90 12.45
N ARG A 238 -15.19 -17.76 13.04
CA ARG A 238 -14.87 -18.21 14.37
C ARG A 238 -13.68 -19.14 14.38
N LEU A 239 -13.46 -19.82 13.30
CA LEU A 239 -12.25 -20.58 13.26
C LEU A 239 -11.04 -19.65 13.16
N GLN A 240 -11.20 -18.56 12.42
CA GLN A 240 -10.17 -17.54 12.34
C GLN A 240 -9.85 -17.02 13.69
N ALA A 241 -10.86 -16.74 14.46
CA ALA A 241 -10.67 -16.03 15.71
C ALA A 241 -10.10 -16.91 16.76
N ILE A 242 -10.54 -18.16 16.78
CA ILE A 242 -9.91 -19.16 17.62
C ILE A 242 -8.44 -19.30 17.26
N GLU A 243 -8.12 -19.28 16.00
CA GLU A 243 -6.74 -19.55 15.65
C GLU A 243 -5.89 -18.47 16.19
N HIS A 244 -6.34 -17.25 15.99
CA HIS A 244 -5.72 -16.03 16.54
C HIS A 244 -5.61 -16.10 18.03
N GLU A 245 -6.67 -16.44 18.71
CA GLU A 245 -6.58 -16.40 20.15
C GLU A 245 -5.70 -17.48 20.68
N LEU A 246 -5.86 -18.69 20.25
CA LEU A 246 -4.90 -19.68 20.71
C LEU A 246 -3.45 -19.30 20.48
N HIS A 247 -3.15 -18.64 19.38
CA HIS A 247 -1.84 -18.05 19.16
C HIS A 247 -1.48 -17.00 20.18
N GLU A 248 -2.34 -16.03 20.41
CA GLU A 248 -1.85 -14.94 21.23
C GLU A 248 -1.67 -15.37 22.67
N LEU A 249 -2.28 -16.45 23.08
CA LEU A 249 -1.94 -17.10 24.32
C LEU A 249 -0.81 -18.10 24.21
N GLY A 250 -0.19 -18.28 23.11
CA GLY A 250 0.97 -19.11 23.21
C GLY A 250 0.73 -20.60 23.13
N LEU A 251 -0.46 -21.04 22.75
CA LEU A 251 -0.77 -22.45 22.85
C LEU A 251 -0.88 -23.13 21.50
N LEU A 252 -0.36 -22.53 20.47
CA LEU A 252 -0.06 -23.23 19.26
C LEU A 252 1.45 -23.47 19.24
N LYS A 253 1.96 -24.21 18.27
CA LYS A 253 3.36 -24.57 18.27
C LYS A 253 3.92 -24.36 16.88
N ASP A 254 5.19 -24.04 16.80
CA ASP A 254 5.75 -23.51 15.59
C ASP A 254 4.69 -22.83 14.79
N HIS A 255 4.02 -21.85 15.30
CA HIS A 255 2.95 -21.23 14.57
C HIS A 255 3.17 -19.75 14.50
N SER A 256 3.03 -19.17 13.34
CA SER A 256 3.16 -17.75 13.12
C SER A 256 1.92 -17.21 12.43
N LEU A 257 1.50 -16.02 12.79
CA LEU A 257 0.36 -15.53 12.04
C LEU A 257 0.67 -15.12 10.63
N GLU A 258 1.85 -15.16 10.10
CA GLU A 258 1.95 -14.88 8.70
C GLU A 258 1.83 -16.15 7.89
N GLY A 259 1.59 -17.26 8.57
CA GLY A 259 1.14 -18.46 7.98
C GLY A 259 -0.01 -18.95 8.79
N ARG A 260 -1.06 -18.19 8.88
CA ARG A 260 -2.25 -18.73 9.46
C ARG A 260 -2.72 -19.83 8.59
N TYR A 261 -3.66 -20.58 9.11
CA TYR A 261 -4.31 -21.65 8.41
C TYR A 261 -5.58 -21.15 7.81
N PHE A 262 -6.35 -20.44 8.54
CA PHE A 262 -7.59 -19.90 8.05
C PHE A 262 -7.38 -18.47 7.62
N GLN A 263 -7.39 -18.22 6.33
CA GLN A 263 -7.06 -16.90 5.82
C GLN A 263 -8.27 -16.35 5.10
N ASN A 264 -8.70 -15.15 5.46
CA ASN A 264 -9.93 -14.69 4.84
C ASN A 264 -9.61 -14.47 3.39
N TYR A 265 -9.88 -15.52 2.63
CA TYR A 265 -9.70 -15.53 1.20
C TYR A 265 -10.85 -16.37 0.69
N SER A 266 -11.62 -15.82 -0.22
CA SER A 266 -12.73 -16.59 -0.77
C SER A 266 -12.22 -17.39 -1.94
N TYR A 267 -12.94 -18.46 -2.24
CA TYR A 267 -12.54 -19.37 -3.31
C TYR A 267 -13.62 -19.28 -4.37
N GLY A 268 -13.22 -19.54 -5.61
CA GLY A 268 -14.14 -19.48 -6.73
C GLY A 268 -14.91 -20.77 -6.89
N GLY A 269 -14.29 -21.73 -7.57
CA GLY A 269 -14.91 -22.98 -7.94
C GLY A 269 -15.18 -23.87 -6.74
N VAL A 270 -15.60 -25.11 -7.03
CA VAL A 270 -15.87 -26.02 -5.93
C VAL A 270 -15.03 -27.29 -6.05
N ILE A 271 -14.52 -27.72 -4.94
CA ILE A 271 -13.91 -29.00 -4.78
C ILE A 271 -15.06 -29.97 -4.70
N GLN A 272 -14.98 -31.13 -5.35
CA GLN A 272 -15.99 -32.14 -5.08
C GLN A 272 -15.47 -33.02 -3.98
N ASP A 273 -16.32 -33.38 -3.08
CA ASP A 273 -15.90 -34.03 -1.86
C ASP A 273 -17.20 -34.43 -1.24
N ASP A 274 -17.19 -35.04 -0.09
CA ASP A 274 -18.41 -35.63 0.43
C ASP A 274 -19.40 -34.61 0.90
N HIS A 275 -19.14 -33.36 0.80
CA HIS A 275 -20.16 -32.44 1.23
C HIS A 275 -21.23 -32.27 0.19
N ILE A 276 -20.91 -32.54 -1.08
CA ILE A 276 -21.75 -32.10 -2.17
C ILE A 276 -23.14 -32.65 -2.04
N PRO A 277 -23.35 -33.87 -1.62
CA PRO A 277 -24.70 -34.33 -1.54
C PRO A 277 -25.47 -33.70 -0.41
N PHE A 278 -24.82 -33.08 0.55
CA PHE A 278 -25.56 -32.40 1.58
C PHE A 278 -25.77 -30.94 1.29
N LEU A 279 -24.83 -30.33 0.61
CA LEU A 279 -24.93 -28.95 0.21
C LEU A 279 -26.06 -28.74 -0.79
N ARG A 280 -26.07 -29.45 -1.86
CA ARG A 280 -27.22 -29.26 -2.71
C ARG A 280 -28.42 -29.89 -2.16
N ARG A 281 -28.48 -30.11 -0.89
CA ARG A 281 -29.71 -30.34 -0.16
C ARG A 281 -29.97 -29.22 0.85
N GLY A 282 -29.17 -28.16 0.80
CA GLY A 282 -29.32 -27.00 1.63
C GLY A 282 -28.82 -27.15 3.01
N VAL A 283 -27.91 -28.07 3.22
CA VAL A 283 -27.20 -28.15 4.48
C VAL A 283 -26.03 -27.18 4.51
N PRO A 284 -25.75 -26.54 5.63
CA PRO A 284 -24.62 -25.63 5.66
C PRO A 284 -23.35 -26.42 5.84
N VAL A 285 -22.38 -26.16 4.98
CA VAL A 285 -21.14 -26.91 5.02
C VAL A 285 -19.97 -26.00 5.38
N LEU A 286 -19.15 -26.48 6.29
CA LEU A 286 -17.83 -25.94 6.57
C LEU A 286 -16.83 -26.99 6.14
N HIS A 287 -16.25 -26.76 5.01
CA HIS A 287 -15.39 -27.64 4.31
C HIS A 287 -13.95 -27.35 4.59
N LEU A 288 -13.43 -28.01 5.60
CA LEU A 288 -12.03 -27.90 5.98
C LEU A 288 -11.15 -28.80 5.14
N ILE A 289 -11.04 -28.39 3.89
CA ILE A 289 -10.15 -29.01 2.93
C ILE A 289 -9.25 -27.90 2.38
N PRO A 290 -7.96 -28.07 2.35
CA PRO A 290 -7.08 -26.97 1.99
C PRO A 290 -6.88 -26.79 0.52
N SER A 291 -6.39 -25.63 0.19
CA SER A 291 -6.25 -25.28 -1.16
C SER A 291 -5.03 -24.53 -1.21
N PRO A 292 -4.03 -25.00 -1.96
CA PRO A 292 -3.84 -26.15 -2.83
C PRO A 292 -3.86 -27.42 -2.08
N PHE A 293 -4.01 -28.59 -2.71
CA PHE A 293 -3.97 -29.85 -1.99
C PHE A 293 -2.55 -30.11 -1.57
N PRO A 294 -2.32 -31.05 -0.68
CA PRO A 294 -0.95 -31.38 -0.37
C PRO A 294 -0.15 -31.86 -1.55
N GLU A 295 1.15 -31.83 -1.39
CA GLU A 295 2.02 -32.16 -2.49
C GLU A 295 2.05 -33.60 -2.71
N VAL A 296 1.72 -34.35 -1.69
CA VAL A 296 1.75 -35.78 -1.75
C VAL A 296 0.42 -36.35 -2.11
N TRP A 297 -0.53 -35.53 -2.45
CA TRP A 297 -1.81 -36.01 -2.85
C TRP A 297 -1.70 -37.10 -3.87
N HIS A 298 -2.43 -38.15 -3.60
CA HIS A 298 -2.61 -39.29 -4.45
C HIS A 298 -1.26 -39.77 -4.98
N THR A 299 -0.37 -39.98 -4.07
CA THR A 299 0.93 -40.51 -4.37
C THR A 299 1.23 -41.49 -3.29
N MET A 300 2.19 -42.32 -3.49
CA MET A 300 2.52 -43.21 -2.41
C MET A 300 3.20 -42.45 -1.29
N ASP A 301 3.61 -41.26 -1.57
CA ASP A 301 4.26 -40.46 -0.59
C ASP A 301 3.31 -39.84 0.38
N ASP A 302 2.04 -40.16 0.34
CA ASP A 302 1.11 -39.67 1.35
C ASP A 302 1.09 -40.62 2.51
N ASN A 303 2.23 -40.68 3.11
CA ASN A 303 2.52 -41.51 4.25
C ASN A 303 2.69 -40.72 5.52
N GLU A 304 3.07 -41.44 6.54
CA GLU A 304 3.38 -40.90 7.84
C GLU A 304 4.66 -40.08 7.81
N GLU A 305 5.56 -40.40 6.96
CA GLU A 305 6.81 -39.72 7.06
C GLU A 305 6.62 -38.25 6.75
N ASN A 306 5.59 -37.90 6.02
CA ASN A 306 5.47 -36.61 5.46
C ASN A 306 4.38 -35.83 6.11
N LEU A 307 3.91 -36.27 7.24
CA LEU A 307 2.98 -35.55 8.07
C LEU A 307 3.66 -34.59 9.02
N ASP A 308 2.99 -33.44 9.31
CA ASP A 308 3.40 -32.40 10.30
C ASP A 308 2.58 -32.56 11.56
N GLU A 309 3.18 -33.13 12.56
CA GLU A 309 2.56 -33.34 13.84
C GLU A 309 2.17 -32.03 14.50
N SER A 310 2.98 -30.98 14.34
CA SER A 310 2.68 -29.68 14.93
C SER A 310 1.40 -29.10 14.35
N THR A 311 1.32 -28.97 13.05
CA THR A 311 0.09 -28.55 12.46
C THR A 311 -1.11 -29.40 12.90
N ILE A 312 -0.99 -30.69 13.08
CA ILE A 312 -2.18 -31.37 13.50
C ILE A 312 -2.48 -31.18 14.94
N ASP A 313 -1.53 -31.08 15.80
CA ASP A 313 -1.87 -30.69 17.17
C ASP A 313 -2.62 -29.37 17.12
N ASN A 314 -2.18 -28.50 16.25
CA ASN A 314 -2.75 -27.19 16.26
C ASN A 314 -4.20 -27.23 15.79
N LEU A 315 -4.46 -27.88 14.68
CA LEU A 315 -5.79 -27.90 14.19
C LEU A 315 -6.66 -28.68 15.05
N ASN A 316 -6.10 -29.57 15.79
CA ASN A 316 -6.90 -30.27 16.76
C ASN A 316 -7.33 -29.38 17.87
N LYS A 317 -6.43 -28.58 18.39
CA LYS A 317 -6.83 -27.72 19.47
C LYS A 317 -7.89 -26.79 19.00
N ILE A 318 -7.68 -26.18 17.87
CA ILE A 318 -8.66 -25.26 17.30
C ILE A 318 -10.01 -25.93 17.15
N LEU A 319 -10.06 -27.03 16.41
CA LEU A 319 -11.31 -27.73 16.17
C LEU A 319 -11.99 -28.14 17.45
N GLN A 320 -11.26 -28.65 18.40
CA GLN A 320 -11.87 -28.97 19.66
C GLN A 320 -12.53 -27.75 20.26
N VAL A 321 -11.87 -26.62 20.23
CA VAL A 321 -12.43 -25.42 20.76
C VAL A 321 -13.67 -25.06 19.98
N PHE A 322 -13.52 -24.90 18.69
CA PHE A 322 -14.67 -24.59 17.86
C PHE A 322 -15.86 -25.37 18.32
N VAL A 323 -15.65 -26.59 18.70
CA VAL A 323 -16.75 -27.48 18.88
C VAL A 323 -17.34 -27.34 20.24
N LEU A 324 -16.59 -26.94 21.21
CA LEU A 324 -17.18 -26.73 22.50
C LEU A 324 -17.89 -25.43 22.56
N GLU A 325 -17.49 -24.50 21.75
CA GLU A 325 -18.23 -23.28 21.73
C GLU A 325 -19.46 -23.48 20.97
N TYR A 326 -19.44 -24.21 19.86
CA TYR A 326 -20.71 -24.43 19.17
C TYR A 326 -21.74 -25.01 20.12
N LEU A 327 -21.38 -26.02 20.86
CA LEU A 327 -22.32 -26.70 21.71
C LEU A 327 -22.57 -26.00 23.03
N HIS A 328 -22.12 -24.77 23.23
CA HIS A 328 -22.18 -24.16 24.53
C HIS A 328 -21.74 -25.14 25.59
N LEU A 329 -20.59 -25.75 25.40
CA LEU A 329 -19.98 -26.45 26.50
C LEU A 329 -18.59 -25.87 26.76
N ALA B 1 18.90 3.14 41.81
CA ALA B 1 18.34 3.71 40.58
C ALA B 1 16.95 3.16 40.20
N SER B 2 16.10 4.05 39.68
CA SER B 2 14.77 3.68 39.23
C SER B 2 14.79 3.31 37.76
N ALA B 3 14.05 2.27 37.43
CA ALA B 3 13.93 1.82 36.07
C ALA B 3 12.55 2.13 35.51
N TRP B 4 11.95 3.25 35.91
CA TRP B 4 10.59 3.51 35.48
C TRP B 4 10.55 3.82 34.00
N PRO B 5 11.63 4.24 33.37
CA PRO B 5 11.55 4.46 31.94
C PRO B 5 11.40 3.18 31.15
N GLU B 6 11.51 2.05 31.78
CA GLU B 6 11.28 0.78 31.09
C GLU B 6 9.84 0.31 31.23
N GLU B 7 9.11 0.78 32.22
CA GLU B 7 7.74 0.35 32.41
C GLU B 7 6.93 0.35 31.14
N LYS B 8 7.43 0.93 30.08
CA LYS B 8 6.62 1.15 28.90
C LYS B 8 6.61 -0.05 27.98
N ASN B 9 7.66 -0.85 28.04
CA ASN B 9 7.74 -2.08 27.27
C ASN B 9 6.88 -3.14 27.83
N TYR B 10 6.61 -3.08 29.10
CA TYR B 10 5.81 -4.11 29.68
C TYR B 10 4.40 -3.64 29.89
N HIS B 11 4.00 -2.59 29.22
CA HIS B 11 2.74 -1.98 29.56
C HIS B 11 1.67 -2.69 28.78
N GLN B 12 0.58 -3.02 29.48
CA GLN B 12 -0.51 -3.69 28.82
C GLN B 12 -1.79 -2.91 28.94
N PRO B 13 -2.62 -2.94 27.92
CA PRO B 13 -3.90 -2.28 28.01
C PRO B 13 -4.84 -3.04 28.88
N ALA B 14 -5.83 -2.36 29.35
CA ALA B 14 -6.89 -2.98 30.10
C ALA B 14 -8.07 -2.90 29.16
N ILE B 15 -8.27 -3.97 28.49
CA ILE B 15 -9.19 -4.03 27.41
C ILE B 15 -10.64 -4.00 27.94
N LEU B 16 -11.53 -3.56 27.09
CA LEU B 16 -12.86 -3.15 27.50
C LEU B 16 -13.91 -4.13 27.03
N ASN B 17 -15.06 -4.04 27.63
CA ASN B 17 -16.08 -5.01 27.35
C ASN B 17 -17.17 -4.45 26.43
N SER B 18 -18.10 -5.29 26.08
CA SER B 18 -19.02 -4.84 25.06
C SER B 18 -20.00 -3.80 25.59
N SER B 19 -20.26 -3.78 26.89
CA SER B 19 -20.96 -2.61 27.42
C SER B 19 -20.13 -1.37 27.25
N ALA B 20 -18.91 -1.39 27.75
CA ALA B 20 -18.03 -0.25 27.61
C ALA B 20 -17.96 0.21 26.17
N LEU B 21 -17.62 -0.66 25.28
CA LEU B 21 -17.53 -0.25 23.89
C LEU B 21 -18.82 0.39 23.45
N ARG B 22 -19.96 -0.22 23.74
CA ARG B 22 -21.18 0.41 23.27
C ARG B 22 -21.29 1.75 23.85
N GLN B 23 -20.74 1.94 25.03
CA GLN B 23 -20.96 3.21 25.66
C GLN B 23 -20.14 4.28 24.99
N ILE B 24 -18.92 3.93 24.62
CA ILE B 24 -18.05 4.87 23.94
C ILE B 24 -18.62 5.25 22.61
N ALA B 25 -18.81 4.28 21.78
CA ALA B 25 -19.41 4.56 20.51
C ALA B 25 -20.62 5.43 20.70
N GLU B 26 -21.22 5.35 21.84
CA GLU B 26 -22.39 6.14 22.04
C GLU B 26 -22.01 7.57 22.30
N GLY B 27 -21.02 7.82 23.14
CA GLY B 27 -20.82 9.16 23.54
C GLY B 27 -19.81 9.89 22.74
N THR B 28 -19.76 9.69 21.45
CA THR B 28 -18.95 10.51 20.59
C THR B 28 -19.88 10.90 19.48
N SER B 29 -19.84 12.16 19.10
CA SER B 29 -20.79 12.71 18.18
C SER B 29 -20.07 13.33 17.02
N ILE B 30 -19.94 12.63 15.94
CA ILE B 30 -19.27 13.22 14.80
C ILE B 30 -19.86 14.54 14.40
N SER B 31 -21.11 14.82 14.73
CA SER B 31 -21.77 16.02 14.19
C SER B 31 -21.52 17.23 15.05
N GLU B 32 -21.53 17.10 16.36
CA GLU B 32 -21.03 18.15 17.22
C GLU B 32 -19.62 18.45 16.77
N MET B 33 -18.64 17.59 17.04
CA MET B 33 -17.30 17.75 16.51
C MET B 33 -17.22 18.37 15.15
N TRP B 34 -18.04 18.05 14.24
CA TRP B 34 -17.89 18.69 12.96
C TRP B 34 -18.21 20.14 13.07
N GLN B 35 -19.20 20.48 13.84
CA GLN B 35 -19.58 21.89 13.90
C GLN B 35 -18.73 22.63 14.90
N ASN B 36 -18.62 22.09 16.07
CA ASN B 36 -18.00 22.81 17.15
C ASN B 36 -16.47 22.84 17.05
N ASP B 37 -15.82 21.74 16.61
CA ASP B 37 -14.37 21.62 16.64
C ASP B 37 -13.71 21.76 15.30
N LEU B 38 -14.26 21.23 14.25
CA LEU B 38 -13.51 21.26 13.03
C LEU B 38 -13.91 22.35 12.11
N GLN B 39 -15.07 22.82 12.17
CA GLN B 39 -15.34 23.81 11.14
C GLN B 39 -14.55 25.07 11.41
N PRO B 40 -14.33 25.47 12.65
CA PRO B 40 -13.41 26.59 12.88
C PRO B 40 -12.01 26.41 12.33
N LEU B 41 -11.42 25.20 12.31
CA LEU B 41 -10.07 25.02 11.87
C LEU B 41 -9.86 25.05 10.41
N LEU B 42 -10.83 25.40 9.61
CA LEU B 42 -10.69 25.15 8.21
C LEU B 42 -10.42 26.40 7.45
N ILE B 43 -9.27 26.96 7.73
CA ILE B 43 -8.89 28.25 7.21
C ILE B 43 -7.42 28.22 6.91
N GLU B 44 -6.99 29.12 6.08
CA GLU B 44 -5.62 29.28 5.79
C GLU B 44 -5.02 29.52 7.12
N ARG B 45 -4.11 28.67 7.57
CA ARG B 45 -3.49 28.81 8.85
C ARG B 45 -2.01 28.51 8.91
N TYR B 46 -1.25 28.99 7.94
CA TYR B 46 0.17 28.79 7.92
C TYR B 46 0.80 29.63 9.01
N PRO B 47 1.92 29.22 9.55
CA PRO B 47 2.50 29.95 10.66
C PRO B 47 2.69 31.41 10.35
N GLY B 48 2.48 32.24 11.33
CA GLY B 48 2.36 33.65 11.05
C GLY B 48 0.90 34.00 11.12
N SER B 49 0.32 33.99 9.99
CA SER B 49 -1.05 34.15 9.63
C SER B 49 -2.04 34.40 10.76
N PRO B 50 -3.12 35.05 10.40
CA PRO B 50 -4.20 35.21 11.33
C PRO B 50 -4.93 33.95 11.61
N GLY B 51 -5.19 33.15 10.58
CA GLY B 51 -5.56 31.74 10.76
C GLY B 51 -4.86 30.99 11.87
N SER B 52 -3.54 31.09 11.91
CA SER B 52 -2.77 30.42 12.93
C SER B 52 -3.16 30.86 14.31
N TYR B 53 -3.31 32.14 14.53
CA TYR B 53 -3.67 32.60 15.86
C TYR B 53 -5.10 32.22 16.18
N ALA B 54 -5.98 32.34 15.20
CA ALA B 54 -7.33 31.87 15.39
C ALA B 54 -7.39 30.44 15.81
N ALA B 55 -6.71 29.57 15.05
CA ALA B 55 -6.68 28.14 15.32
C ALA B 55 -6.06 27.83 16.63
N ARG B 56 -4.86 28.33 16.86
CA ARG B 56 -4.23 28.24 18.17
C ARG B 56 -5.24 28.51 19.22
N GLN B 57 -5.98 29.57 19.01
CA GLN B 57 -6.91 30.13 19.97
C GLN B 57 -8.11 29.26 20.14
N HIS B 58 -8.78 28.95 19.04
CA HIS B 58 -9.80 27.90 18.99
C HIS B 58 -9.46 26.70 19.76
N ILE B 59 -8.30 26.15 19.48
CA ILE B 59 -7.89 24.91 20.10
C ILE B 59 -7.90 25.05 21.59
N MET B 60 -7.34 26.12 22.10
CA MET B 60 -7.25 26.29 23.55
C MET B 60 -8.57 26.56 24.21
N GLN B 61 -9.40 27.37 23.59
CA GLN B 61 -10.75 27.52 24.10
C GLN B 61 -11.45 26.19 24.27
N ARG B 62 -11.49 25.34 23.24
CA ARG B 62 -12.31 24.15 23.41
C ARG B 62 -11.73 23.18 24.39
N ILE B 63 -10.47 23.30 24.76
CA ILE B 63 -9.90 22.51 25.83
C ILE B 63 -10.15 23.13 27.16
N GLN B 64 -10.07 24.45 27.20
CA GLN B 64 -10.22 25.18 28.44
C GLN B 64 -11.61 24.99 29.02
N ARG B 65 -12.57 24.70 28.18
CA ARG B 65 -13.94 24.54 28.62
C ARG B 65 -14.28 23.16 29.13
N LEU B 66 -13.38 22.23 29.15
CA LEU B 66 -13.73 20.92 29.63
C LEU B 66 -13.36 20.85 31.07
N GLN B 67 -13.89 19.88 31.75
CA GLN B 67 -13.71 19.78 33.18
C GLN B 67 -12.35 19.26 33.62
N ALA B 68 -11.61 18.52 32.83
CA ALA B 68 -10.47 17.87 33.46
C ALA B 68 -9.32 18.85 33.53
N ASP B 69 -8.33 18.55 34.35
CA ASP B 69 -7.36 19.56 34.65
C ASP B 69 -6.24 19.64 33.62
N TRP B 70 -6.58 20.13 32.45
CA TRP B 70 -5.61 20.30 31.41
C TRP B 70 -4.78 21.54 31.66
N VAL B 71 -3.54 21.48 31.25
CA VAL B 71 -2.62 22.53 31.42
C VAL B 71 -2.12 22.82 30.03
N LEU B 72 -2.51 23.91 29.44
CA LEU B 72 -2.01 24.31 28.15
C LEU B 72 -0.84 25.25 28.22
N GLU B 73 0.11 25.08 27.30
CA GLU B 73 1.34 25.86 27.19
C GLU B 73 1.38 26.33 25.76
N ILE B 74 2.14 27.36 25.49
CA ILE B 74 2.30 27.87 24.15
C ILE B 74 3.77 28.11 23.92
N ASP B 75 4.46 27.13 23.51
CA ASP B 75 5.84 27.29 23.33
C ASP B 75 5.93 28.12 22.09
N THR B 76 6.20 29.39 22.21
CA THR B 76 6.42 30.24 21.03
C THR B 76 7.89 30.48 20.92
N PHE B 77 8.43 30.42 19.72
CA PHE B 77 9.85 30.36 19.57
C PHE B 77 10.24 30.84 18.21
N LEU B 78 11.48 31.17 18.05
CA LEU B 78 11.95 31.66 16.77
C LEU B 78 12.70 30.58 16.03
N SER B 79 12.65 30.57 14.72
CA SER B 79 13.55 29.68 14.04
C SER B 79 13.76 30.11 12.60
N GLN B 80 14.90 29.74 12.03
CA GLN B 80 15.28 30.32 10.74
C GLN B 80 14.52 29.62 9.66
N THR B 81 14.37 30.29 8.53
CA THR B 81 13.67 29.73 7.40
C THR B 81 14.33 30.22 6.13
N PRO B 82 13.91 29.68 4.99
CA PRO B 82 14.26 30.30 3.72
C PRO B 82 13.78 31.72 3.55
N TYR B 83 12.76 32.16 4.26
CA TYR B 83 12.30 33.52 4.14
C TYR B 83 12.75 34.34 5.33
N GLY B 84 13.83 33.96 5.96
CA GLY B 84 14.32 34.67 7.10
C GLY B 84 13.75 34.08 8.36
N TYR B 85 14.01 34.74 9.48
CA TYR B 85 13.54 34.28 10.78
C TYR B 85 12.04 34.39 10.93
N ARG B 86 11.45 33.48 11.69
CA ARG B 86 10.02 33.43 11.87
C ARG B 86 9.69 32.72 13.15
N SER B 87 8.43 32.73 13.47
CA SER B 87 7.95 32.48 14.82
C SER B 87 6.90 31.40 14.77
N PHE B 88 6.95 30.45 15.71
CA PHE B 88 6.13 29.29 15.73
C PHE B 88 5.64 29.16 17.15
N SER B 89 4.49 28.56 17.35
CA SER B 89 3.94 28.39 18.67
C SER B 89 3.34 27.02 18.63
N ASN B 90 3.85 26.14 19.39
CA ASN B 90 3.32 24.82 19.51
C ASN B 90 2.35 24.89 20.61
N ILE B 91 1.40 23.95 20.64
CA ILE B 91 0.39 23.89 21.68
C ILE B 91 0.54 22.58 22.35
N ILE B 92 0.68 22.59 23.64
CA ILE B 92 0.87 21.42 24.43
C ILE B 92 -0.18 21.41 25.50
N SER B 93 -1.08 20.49 25.46
CA SER B 93 -1.96 20.28 26.57
C SER B 93 -1.57 19.01 27.29
N THR B 94 -1.70 19.01 28.60
CA THR B 94 -1.15 17.97 29.42
C THR B 94 -1.97 17.72 30.64
N LEU B 95 -2.33 16.49 30.92
CA LEU B 95 -2.87 16.16 32.20
C LEU B 95 -1.82 15.54 33.08
N ASN B 96 -1.69 16.05 34.24
CA ASN B 96 -0.87 15.54 35.31
C ASN B 96 0.59 15.71 35.03
N PRO B 97 1.04 16.89 34.82
CA PRO B 97 2.35 17.07 34.22
C PRO B 97 3.49 16.58 35.07
N THR B 98 3.16 16.12 36.24
CA THR B 98 3.96 15.17 36.96
C THR B 98 3.58 13.70 36.67
N ALA B 99 2.53 13.40 35.93
CA ALA B 99 2.41 12.02 35.49
C ALA B 99 3.67 11.57 34.76
N LYS B 100 4.76 11.47 35.50
CA LYS B 100 5.99 10.75 35.13
C LYS B 100 6.00 10.12 33.76
N ARG B 101 5.04 9.25 33.50
CA ARG B 101 4.85 8.64 32.21
C ARG B 101 3.65 9.28 31.54
N HIS B 102 3.72 9.53 30.24
CA HIS B 102 2.60 10.08 29.49
C HIS B 102 2.41 9.37 28.16
N LEU B 103 1.17 9.06 27.84
CA LEU B 103 0.84 8.72 26.47
C LEU B 103 0.56 10.03 25.77
N VAL B 104 0.96 10.15 24.54
CA VAL B 104 0.93 11.39 23.83
C VAL B 104 0.26 11.22 22.49
N LEU B 105 -0.74 12.03 22.21
CA LEU B 105 -1.35 12.13 20.90
C LEU B 105 -0.98 13.47 20.39
N ALA B 106 -0.94 13.66 19.08
CA ALA B 106 -0.24 14.76 18.51
C ALA B 106 -0.63 14.87 17.09
N CYS B 107 -0.45 16.03 16.52
CA CYS B 107 -0.72 16.32 15.11
C CYS B 107 -0.09 17.68 14.87
N HIS B 108 -0.20 18.19 13.70
CA HIS B 108 0.17 19.55 13.43
C HIS B 108 -1.01 20.48 13.08
N TYR B 109 -0.98 21.72 13.64
CA TYR B 109 -2.12 22.58 13.42
C TYR B 109 -1.90 23.61 12.37
N ASP B 110 -0.76 23.68 11.76
CA ASP B 110 -0.66 24.56 10.64
C ASP B 110 -1.19 23.93 9.39
N SER B 111 -1.13 24.70 8.38
CA SER B 111 -1.64 24.42 7.10
C SER B 111 -0.55 24.89 6.23
N LYS B 112 -0.42 24.36 5.08
CA LYS B 112 0.74 24.69 4.32
C LYS B 112 0.50 26.03 3.65
N TYR B 113 1.54 26.77 3.34
CA TYR B 113 1.37 28.05 2.72
C TYR B 113 1.30 27.82 1.24
N PHE B 114 0.22 28.27 0.63
CA PHE B 114 0.10 28.29 -0.82
C PHE B 114 -0.48 29.62 -1.19
N SER B 115 0.06 30.23 -2.21
CA SER B 115 -0.65 31.33 -2.83
C SER B 115 -2.10 30.99 -3.12
N HIS B 116 -2.76 31.93 -3.70
CA HIS B 116 -4.19 31.82 -3.84
C HIS B 116 -4.33 31.51 -5.29
N TRP B 117 -5.23 30.60 -5.60
CA TRP B 117 -5.41 30.18 -6.96
C TRP B 117 -6.88 30.22 -7.24
N ASN B 118 -7.24 30.80 -8.38
CA ASN B 118 -8.63 30.95 -8.80
C ASN B 118 -9.50 31.27 -7.61
N ASN B 119 -9.02 32.20 -6.81
CA ASN B 119 -9.67 32.59 -5.58
C ASN B 119 -10.06 31.34 -4.79
N ARG B 120 -9.18 30.36 -4.80
CA ARG B 120 -9.25 29.21 -3.93
C ARG B 120 -8.13 29.30 -2.91
N VAL B 121 -8.35 28.72 -1.75
CA VAL B 121 -7.43 28.78 -0.62
C VAL B 121 -7.13 27.38 -0.11
N PHE B 122 -5.88 27.07 0.16
CA PHE B 122 -5.54 25.75 0.69
C PHE B 122 -5.78 25.72 2.18
N VAL B 123 -6.69 24.89 2.68
CA VAL B 123 -7.07 24.88 4.06
C VAL B 123 -6.77 23.60 4.79
N GLY B 124 -6.23 22.60 4.13
CA GLY B 124 -5.79 21.37 4.72
C GLY B 124 -6.76 20.67 5.58
N ALA B 125 -7.78 20.07 5.03
CA ALA B 125 -8.74 19.51 5.94
C ALA B 125 -8.33 18.18 6.49
N THR B 126 -7.59 17.37 5.72
CA THR B 126 -6.98 16.14 6.21
C THR B 126 -5.58 16.35 6.67
N ASP B 127 -4.85 17.29 6.07
CA ASP B 127 -3.44 17.73 6.32
C ASP B 127 -3.54 19.11 7.02
N SER B 128 -4.03 19.26 8.23
CA SER B 128 -4.36 18.30 9.18
C SER B 128 -5.39 18.76 10.10
N ALA B 129 -6.38 19.42 9.57
CA ALA B 129 -7.41 19.94 10.43
C ALA B 129 -8.17 18.82 11.05
N VAL B 130 -8.52 17.78 10.27
CA VAL B 130 -9.29 16.69 10.83
C VAL B 130 -8.56 16.03 11.98
N PRO B 131 -7.35 15.66 11.86
CA PRO B 131 -6.71 15.15 13.05
C PRO B 131 -6.82 16.11 14.23
N CYS B 132 -6.77 17.44 14.02
CA CYS B 132 -6.84 18.33 15.17
C CYS B 132 -8.19 18.28 15.80
N ALA B 133 -9.22 18.30 14.99
CA ALA B 133 -10.57 18.14 15.49
C ALA B 133 -10.80 16.84 16.16
N MET B 134 -10.19 15.79 15.65
CA MET B 134 -10.33 14.47 16.23
C MET B 134 -9.81 14.42 17.62
N MET B 135 -8.66 15.06 17.82
CA MET B 135 -8.03 15.10 19.10
C MET B 135 -8.86 15.87 20.07
N LEU B 136 -9.33 17.06 19.67
CA LEU B 136 -10.17 17.87 20.53
C LEU B 136 -11.46 17.17 20.89
N GLU B 137 -12.11 16.48 19.92
CA GLU B 137 -13.28 15.68 20.26
C GLU B 137 -12.97 14.56 21.20
N LEU B 138 -11.76 14.06 21.21
CA LEU B 138 -11.55 12.93 22.09
C LEU B 138 -11.43 13.31 23.53
N ALA B 139 -10.82 14.46 23.76
CA ALA B 139 -10.80 15.08 25.07
C ALA B 139 -12.19 15.42 25.53
N ARG B 140 -13.00 16.02 24.66
CA ARG B 140 -14.37 16.20 25.02
C ARG B 140 -14.98 14.87 25.39
N ALA B 141 -15.08 13.96 24.48
CA ALA B 141 -15.86 12.79 24.78
C ALA B 141 -15.31 12.01 25.96
N LEU B 142 -14.04 12.07 26.24
CA LEU B 142 -13.59 11.22 27.31
C LEU B 142 -13.56 11.92 28.63
N ASP B 143 -13.79 13.22 28.63
CA ASP B 143 -13.65 14.13 29.76
C ASP B 143 -13.97 13.50 31.08
N LYS B 144 -15.19 13.07 31.29
CA LYS B 144 -15.52 12.58 32.61
C LYS B 144 -14.63 11.45 33.02
N LYS B 145 -14.10 10.70 32.09
CA LYS B 145 -13.25 9.60 32.50
C LYS B 145 -11.83 10.07 32.73
N LEU B 146 -11.37 11.05 31.96
CA LEU B 146 -10.04 11.62 32.19
C LEU B 146 -9.91 12.31 33.54
N LEU B 147 -11.00 12.86 34.05
CA LEU B 147 -11.03 13.39 35.40
C LEU B 147 -10.39 12.45 36.39
N SER B 148 -10.80 11.20 36.41
CA SER B 148 -10.17 10.16 37.22
C SER B 148 -8.69 10.30 37.47
N LEU B 149 -7.94 10.99 36.62
CA LEU B 149 -6.50 11.08 36.83
C LEU B 149 -6.15 12.22 37.75
N LYS B 150 -6.94 12.34 38.82
CA LYS B 150 -6.85 13.38 39.84
C LYS B 150 -6.84 14.74 39.25
N PRO B 157 0.56 2.36 38.56
CA PRO B 157 1.18 3.01 37.42
C PRO B 157 0.88 4.48 37.28
N ASP B 158 1.93 5.29 37.14
CA ASP B 158 1.84 6.74 37.23
C ASP B 158 1.82 7.27 35.82
N LEU B 159 0.66 7.25 35.20
CA LEU B 159 0.57 7.58 33.79
C LEU B 159 -0.66 8.42 33.46
N SER B 160 -0.48 9.31 32.51
CA SER B 160 -1.54 10.17 32.12
C SER B 160 -1.36 10.46 30.64
N LEU B 161 -2.13 11.41 30.16
CA LEU B 161 -2.25 11.70 28.76
C LEU B 161 -1.82 13.10 28.46
N GLN B 162 -1.41 13.35 27.24
CA GLN B 162 -0.88 14.63 26.89
C GLN B 162 -1.15 14.83 25.44
N LEU B 163 -1.45 16.03 25.02
CA LEU B 163 -1.64 16.32 23.63
C LEU B 163 -0.61 17.32 23.15
N ILE B 164 -0.38 17.34 21.85
CA ILE B 164 0.50 18.31 21.27
C ILE B 164 -0.04 18.67 19.91
N PHE B 165 0.02 19.93 19.56
CA PHE B 165 -0.44 20.41 18.28
C PHE B 165 0.78 21.18 17.81
N PHE B 166 1.50 20.64 16.87
CA PHE B 166 2.74 21.19 16.41
C PHE B 166 2.46 22.26 15.42
N ASP B 167 3.30 23.28 15.42
CA ASP B 167 3.21 24.27 14.37
C ASP B 167 4.42 24.13 13.49
N GLY B 168 4.36 24.69 12.35
CA GLY B 168 5.34 24.54 11.34
C GLY B 168 5.85 23.18 10.94
N GLU B 169 4.94 22.23 10.72
CA GLU B 169 5.28 20.92 10.18
C GLU B 169 5.64 21.02 8.70
N GLU B 170 4.91 21.81 7.95
CA GLU B 170 5.04 21.86 6.53
C GLU B 170 6.21 22.70 6.12
N ALA B 171 6.61 22.56 4.92
CA ALA B 171 7.73 23.29 4.45
C ALA B 171 7.23 24.59 3.96
N PHE B 172 8.03 25.62 4.15
CA PHE B 172 7.69 26.93 3.63
C PHE B 172 7.93 26.92 2.15
N LEU B 173 9.07 26.47 1.73
CA LEU B 173 9.31 26.50 0.31
C LEU B 173 9.30 25.07 -0.12
N HIS B 174 10.36 24.33 0.16
CA HIS B 174 10.51 23.00 -0.43
C HIS B 174 11.13 22.04 0.55
N TRP B 175 10.41 20.94 0.78
CA TRP B 175 10.74 19.80 1.62
C TRP B 175 12.21 19.60 1.81
N SER B 176 12.66 19.38 3.03
CA SER B 176 14.06 19.21 3.36
C SER B 176 14.28 19.13 4.86
N PRO B 177 15.40 18.58 5.34
CA PRO B 177 15.65 18.61 6.79
C PRO B 177 15.59 19.98 7.38
N GLN B 178 15.95 20.95 6.57
CA GLN B 178 16.17 22.27 7.07
C GLN B 178 14.94 23.16 6.91
N ASP B 179 14.07 22.81 5.97
CA ASP B 179 12.83 23.52 5.69
C ASP B 179 11.65 22.62 6.03
N SER B 180 11.46 22.33 7.30
CA SER B 180 10.37 21.49 7.73
C SER B 180 10.41 21.14 9.20
N LEU B 181 9.41 20.49 9.67
CA LEU B 181 9.28 20.15 11.06
C LEU B 181 9.89 21.14 12.01
N TYR B 182 9.64 22.43 11.84
CA TYR B 182 10.12 23.43 12.78
C TYR B 182 9.57 23.21 14.16
N GLY B 183 8.28 23.03 14.27
CA GLY B 183 7.70 22.78 15.56
C GLY B 183 8.25 21.58 16.30
N SER B 184 8.33 20.44 15.63
CA SER B 184 8.66 19.21 16.35
C SER B 184 10.14 19.07 16.56
N ARG B 185 10.92 19.52 15.62
CA ARG B 185 12.33 19.51 15.85
C ARG B 185 12.64 20.30 17.10
N HIS B 186 12.02 21.45 17.21
CA HIS B 186 12.20 22.28 18.37
C HIS B 186 11.76 21.60 19.64
N LEU B 187 10.66 20.91 19.61
CA LEU B 187 10.12 20.47 20.88
C LEU B 187 10.80 19.24 21.35
N ALA B 188 11.18 18.39 20.41
CA ALA B 188 11.96 17.20 20.72
C ALA B 188 13.26 17.52 21.41
N ALA B 189 14.02 18.50 20.91
CA ALA B 189 15.19 18.97 21.65
C ALA B 189 14.82 19.50 23.02
N LYS B 190 14.00 20.51 23.11
CA LYS B 190 13.70 21.01 24.44
C LYS B 190 13.25 19.93 25.39
N MET B 191 12.58 18.91 24.91
CA MET B 191 12.18 17.81 25.80
C MET B 191 13.33 16.87 26.10
N ALA B 192 14.26 16.70 25.19
CA ALA B 192 15.35 15.84 25.54
C ALA B 192 16.17 16.43 26.62
N SER B 193 16.07 17.73 26.82
CA SER B 193 16.94 18.41 27.74
C SER B 193 16.25 18.84 29.00
N THR B 194 15.08 18.32 29.30
CA THR B 194 14.35 18.76 30.43
C THR B 194 14.23 17.65 31.43
N PRO B 195 14.79 17.73 32.61
CA PRO B 195 14.65 16.61 33.50
C PRO B 195 13.18 16.34 33.68
N HIS B 196 12.81 15.08 33.56
CA HIS B 196 11.54 14.63 34.05
C HIS B 196 11.86 13.49 34.95
N PRO B 197 11.29 13.49 36.10
CA PRO B 197 10.45 14.49 36.70
C PRO B 197 11.28 15.55 37.39
N PRO B 198 10.77 16.74 37.58
CA PRO B 198 11.55 17.78 38.25
C PRO B 198 12.54 17.25 39.29
N GLY B 199 13.81 17.56 39.16
CA GLY B 199 14.79 17.07 40.08
C GLY B 199 15.53 15.88 39.56
N ALA B 200 14.89 15.06 38.76
CA ALA B 200 15.57 13.95 38.16
C ALA B 200 16.87 14.47 37.65
N ARG B 201 17.78 13.54 37.53
CA ARG B 201 19.16 13.73 37.22
C ARG B 201 19.53 13.08 35.92
N GLY B 202 19.02 11.92 35.61
CA GLY B 202 19.41 11.34 34.37
C GLY B 202 18.35 11.12 33.33
N THR B 203 17.09 11.41 33.61
CA THR B 203 16.00 11.09 32.72
C THR B 203 15.24 12.34 32.29
N SER B 204 14.92 12.41 31.02
CA SER B 204 14.41 13.61 30.42
C SER B 204 12.94 13.42 30.17
N GLN B 205 12.28 14.41 29.62
CA GLN B 205 10.88 14.17 29.48
C GLN B 205 10.61 13.09 28.44
N LEU B 206 11.49 12.91 27.48
CA LEU B 206 11.27 11.85 26.53
C LEU B 206 11.17 10.50 27.20
N HIS B 207 11.93 10.26 28.22
CA HIS B 207 11.78 9.05 28.95
C HIS B 207 10.35 8.83 29.36
N GLY B 208 9.60 9.88 29.46
CA GLY B 208 8.28 9.79 29.96
C GLY B 208 7.26 9.65 28.92
N MET B 209 7.65 9.80 27.69
CA MET B 209 6.75 9.58 26.59
C MET B 209 6.66 8.11 26.34
N ASP B 210 5.55 7.50 26.71
CA ASP B 210 5.30 6.13 26.30
C ASP B 210 5.44 5.88 24.85
N LEU B 211 4.44 6.32 24.17
CA LEU B 211 4.13 6.04 22.83
C LEU B 211 3.64 7.35 22.35
N LEU B 212 4.12 7.73 21.23
CA LEU B 212 3.65 8.89 20.55
C LEU B 212 2.73 8.42 19.45
N VAL B 213 1.46 8.74 19.53
CA VAL B 213 0.51 8.46 18.48
C VAL B 213 0.41 9.72 17.70
N LEU B 214 0.80 9.72 16.47
CA LEU B 214 0.81 10.89 15.67
C LEU B 214 -0.15 10.71 14.56
N LEU B 215 -1.11 11.66 14.41
CA LEU B 215 -2.15 11.66 13.41
C LEU B 215 -1.83 12.60 12.27
N ASP B 216 -1.79 12.09 11.08
CA ASP B 216 -1.58 12.92 9.94
C ASP B 216 -2.43 12.35 8.85
N LEU B 217 -2.92 13.22 8.01
CA LEU B 217 -3.61 12.94 6.76
C LEU B 217 -4.85 12.06 6.88
N ILE B 218 -5.55 12.23 7.92
CA ILE B 218 -6.80 11.55 8.14
C ILE B 218 -8.01 12.30 7.64
N GLY B 219 -9.06 11.54 7.29
CA GLY B 219 -10.31 12.04 6.72
C GLY B 219 -10.66 11.67 5.30
N ALA B 220 -9.81 11.07 4.59
CA ALA B 220 -10.22 10.71 3.26
C ALA B 220 -10.81 9.33 3.23
N PRO B 221 -11.48 8.97 2.18
CA PRO B 221 -12.05 7.64 2.10
C PRO B 221 -11.03 6.53 1.86
N ASN B 222 -11.34 5.40 2.43
CA ASN B 222 -10.58 4.20 2.27
C ASN B 222 -9.15 4.32 2.71
N PRO B 223 -8.91 4.94 3.84
CA PRO B 223 -7.57 4.95 4.37
C PRO B 223 -7.11 3.53 4.63
N THR B 224 -5.79 3.37 4.62
CA THR B 224 -5.09 2.13 4.91
C THR B 224 -3.83 2.51 5.62
N PHE B 225 -3.69 2.08 6.85
CA PHE B 225 -2.65 2.55 7.69
C PHE B 225 -1.68 1.42 7.83
N PRO B 226 -0.46 1.60 7.42
CA PRO B 226 0.52 0.57 7.57
C PRO B 226 1.00 0.46 9.00
N ASN B 227 1.67 -0.65 9.26
CA ASN B 227 2.38 -0.87 10.50
C ASN B 227 3.82 -0.53 10.31
N PHE B 228 4.24 0.59 10.80
CA PHE B 228 5.49 1.15 10.37
C PHE B 228 6.66 0.74 11.23
N PHE B 229 6.47 0.49 12.51
CA PHE B 229 7.58 0.26 13.38
C PHE B 229 7.40 -0.96 14.26
N PRO B 230 8.41 -1.81 14.35
CA PRO B 230 8.31 -2.97 15.17
C PRO B 230 8.29 -2.72 16.64
N ASN B 231 8.74 -1.61 17.14
CA ASN B 231 8.65 -1.35 18.59
C ASN B 231 7.37 -0.69 19.03
N SER B 232 6.45 -0.37 18.12
CA SER B 232 5.07 -0.10 18.44
C SER B 232 4.10 -1.08 17.85
N ALA B 233 4.54 -2.22 17.32
CA ALA B 233 3.60 -3.04 16.57
C ALA B 233 2.59 -3.78 17.40
N ARG B 234 2.84 -4.13 18.65
CA ARG B 234 1.71 -4.65 19.40
C ARG B 234 0.63 -3.60 19.60
N TRP B 235 0.97 -2.32 19.62
CA TRP B 235 -0.05 -1.30 19.70
C TRP B 235 -0.78 -1.20 18.41
N PHE B 236 -0.12 -1.34 17.31
CA PHE B 236 -0.90 -1.36 16.08
C PHE B 236 -1.79 -2.57 16.03
N GLU B 237 -1.43 -3.63 16.69
CA GLU B 237 -2.32 -4.74 16.75
C GLU B 237 -3.54 -4.41 17.53
N ARG B 238 -3.45 -3.58 18.50
CA ARG B 238 -4.63 -3.28 19.25
C ARG B 238 -5.56 -2.46 18.43
N LEU B 239 -5.08 -1.69 17.48
CA LEU B 239 -6.04 -0.97 16.67
C LEU B 239 -6.77 -1.90 15.77
N GLN B 240 -6.07 -2.77 15.11
CA GLN B 240 -6.66 -3.89 14.41
C GLN B 240 -7.76 -4.59 15.17
N ALA B 241 -7.54 -4.79 16.45
CA ALA B 241 -8.42 -5.59 17.28
C ALA B 241 -9.60 -4.81 17.77
N ILE B 242 -9.37 -3.56 18.13
CA ILE B 242 -10.44 -2.62 18.37
C ILE B 242 -11.27 -2.48 17.13
N GLU B 243 -10.66 -2.18 16.00
CA GLU B 243 -11.46 -2.04 14.82
C GLU B 243 -12.31 -3.24 14.62
N HIS B 244 -11.83 -4.40 14.97
CA HIS B 244 -12.54 -5.63 14.64
C HIS B 244 -13.77 -5.73 15.48
N GLU B 245 -13.62 -5.57 16.77
CA GLU B 245 -14.73 -5.77 17.66
C GLU B 245 -15.75 -4.68 17.47
N LEU B 246 -15.34 -3.46 17.45
CA LEU B 246 -16.32 -2.47 17.15
C LEU B 246 -17.04 -2.79 15.88
N HIS B 247 -16.54 -3.66 15.08
CA HIS B 247 -17.27 -3.92 13.89
C HIS B 247 -18.16 -5.11 14.07
N GLU B 248 -17.63 -6.18 14.58
CA GLU B 248 -18.47 -7.32 14.78
C GLU B 248 -19.60 -6.95 15.71
N LEU B 249 -19.47 -5.90 16.49
CA LEU B 249 -20.56 -5.48 17.35
C LEU B 249 -21.40 -4.45 16.71
N GLY B 250 -21.15 -4.13 15.47
CA GLY B 250 -22.01 -3.23 14.74
C GLY B 250 -21.96 -1.78 15.14
N LEU B 251 -20.80 -1.30 15.58
CA LEU B 251 -20.73 0.07 16.01
C LEU B 251 -19.91 0.93 15.08
N LEU B 252 -19.72 0.51 13.87
CA LEU B 252 -19.08 1.36 12.91
C LEU B 252 -20.06 1.53 11.78
N LYS B 253 -19.85 2.53 10.98
CA LYS B 253 -20.77 2.97 9.99
C LYS B 253 -20.11 2.78 8.66
N ASP B 254 -20.89 2.39 7.67
CA ASP B 254 -20.43 2.05 6.33
C ASP B 254 -19.13 1.25 6.27
N HIS B 255 -19.02 0.24 7.11
CA HIS B 255 -17.74 -0.37 7.32
C HIS B 255 -17.74 -1.86 7.02
N SER B 256 -16.71 -2.32 6.34
CA SER B 256 -16.53 -3.71 6.03
C SER B 256 -15.10 -4.12 6.24
N LEU B 257 -14.93 -5.38 6.55
CA LEU B 257 -13.59 -5.86 6.72
C LEU B 257 -12.85 -5.98 5.42
N GLU B 258 -13.47 -5.83 4.30
CA GLU B 258 -12.65 -5.91 3.13
C GLU B 258 -12.06 -4.61 2.80
N GLY B 259 -12.31 -3.63 3.61
CA GLY B 259 -11.70 -2.36 3.48
C GLY B 259 -11.36 -1.95 4.88
N ARG B 260 -10.66 -2.79 5.61
CA ARG B 260 -10.22 -2.41 6.92
C ARG B 260 -9.35 -1.23 6.77
N TYR B 261 -9.11 -0.56 7.85
CA TYR B 261 -8.20 0.55 7.79
C TYR B 261 -6.82 0.13 8.22
N PHE B 262 -6.73 -0.64 9.25
CA PHE B 262 -5.47 -1.20 9.69
C PHE B 262 -5.31 -2.57 9.06
N GLN B 263 -4.57 -2.66 8.00
CA GLN B 263 -4.31 -3.92 7.38
C GLN B 263 -2.93 -4.34 7.80
N ASN B 264 -2.76 -5.61 8.19
CA ASN B 264 -1.45 -6.09 8.61
C ASN B 264 -0.55 -6.13 7.41
N TYR B 265 -0.10 -4.97 7.04
CA TYR B 265 0.82 -4.82 5.95
C TYR B 265 1.93 -3.94 6.51
N SER B 266 3.15 -4.24 6.10
CA SER B 266 4.33 -3.55 6.58
C SER B 266 4.84 -2.65 5.47
N TYR B 267 5.32 -1.49 5.87
CA TYR B 267 5.69 -0.45 4.93
C TYR B 267 7.18 -0.34 4.80
N GLY B 268 7.64 -0.23 3.57
CA GLY B 268 9.04 -0.16 3.31
C GLY B 268 9.71 0.93 4.13
N GLY B 269 9.67 2.15 3.60
CA GLY B 269 10.58 3.20 4.01
C GLY B 269 10.16 3.90 5.28
N VAL B 270 10.59 5.13 5.39
CA VAL B 270 10.08 6.00 6.43
C VAL B 270 9.46 7.18 5.71
N ILE B 271 8.31 7.54 6.16
CA ILE B 271 7.74 8.84 5.86
C ILE B 271 8.39 9.86 6.76
N GLN B 272 8.58 11.05 6.24
CA GLN B 272 9.06 12.14 7.06
C GLN B 272 7.88 12.90 7.68
N ASP B 273 7.98 13.22 8.96
CA ASP B 273 6.91 13.87 9.67
C ASP B 273 7.33 14.14 11.12
N ASP B 274 6.39 14.60 11.96
CA ASP B 274 6.72 15.19 13.25
C ASP B 274 7.20 14.17 14.25
N HIS B 275 7.06 12.91 13.93
CA HIS B 275 7.61 11.83 14.70
C HIS B 275 9.12 11.73 14.52
N ILE B 276 9.69 12.24 13.44
CA ILE B 276 11.10 12.00 13.19
C ILE B 276 11.98 12.42 14.33
N PRO B 277 11.86 13.62 14.88
CA PRO B 277 12.74 14.04 15.91
C PRO B 277 12.60 13.28 17.15
N PHE B 278 11.48 12.60 17.34
CA PHE B 278 11.26 11.78 18.51
C PHE B 278 11.62 10.31 18.21
N LEU B 279 11.55 9.90 16.99
CA LEU B 279 12.07 8.58 16.74
C LEU B 279 13.57 8.62 16.88
N ARG B 280 14.22 9.58 16.27
CA ARG B 280 15.63 9.32 16.34
C ARG B 280 16.20 9.53 17.66
N ARG B 281 15.39 9.75 18.65
CA ARG B 281 15.82 9.83 20.00
C ARG B 281 15.21 8.75 20.85
N GLY B 282 14.46 7.83 20.27
CA GLY B 282 14.11 6.66 20.97
C GLY B 282 12.80 6.65 21.65
N VAL B 283 11.84 7.40 21.14
CA VAL B 283 10.47 7.35 21.55
C VAL B 283 9.73 6.45 20.58
N PRO B 284 8.88 5.59 21.04
CA PRO B 284 8.11 4.81 20.10
C PRO B 284 7.01 5.63 19.47
N VAL B 285 6.75 5.35 18.25
CA VAL B 285 5.83 6.10 17.44
C VAL B 285 4.83 5.12 16.84
N LEU B 286 3.60 5.52 16.82
CA LEU B 286 2.53 4.87 16.18
C LEU B 286 2.05 5.85 15.18
N HIS B 287 2.52 5.76 14.01
CA HIS B 287 2.32 6.79 13.06
C HIS B 287 1.03 6.57 12.32
N LEU B 288 -0.05 7.20 12.75
CA LEU B 288 -1.28 7.02 12.03
C LEU B 288 -1.33 7.98 10.88
N ILE B 289 -0.50 7.68 9.92
CA ILE B 289 -0.66 8.27 8.60
C ILE B 289 -0.97 7.23 7.52
N PRO B 290 -1.81 7.46 6.56
CA PRO B 290 -2.19 6.41 5.65
C PRO B 290 -1.18 6.22 4.55
N SER B 291 -1.32 5.13 3.82
CA SER B 291 -0.56 4.95 2.62
C SER B 291 -1.28 4.25 1.56
N PRO B 292 -1.38 4.83 0.40
CA PRO B 292 -0.96 6.10 -0.12
C PRO B 292 -1.63 7.29 0.55
N PHE B 293 -1.09 8.48 0.35
CA PHE B 293 -1.68 9.67 0.92
C PHE B 293 -3.01 9.86 0.23
N PRO B 294 -3.85 10.81 0.65
CA PRO B 294 -5.17 10.97 0.04
C PRO B 294 -5.09 11.56 -1.32
N GLU B 295 -5.98 11.17 -2.24
CA GLU B 295 -5.79 11.74 -3.58
C GLU B 295 -5.76 13.28 -3.57
N VAL B 296 -6.45 13.92 -2.66
CA VAL B 296 -6.49 15.38 -2.67
C VAL B 296 -5.28 16.03 -2.08
N TRP B 297 -4.33 15.26 -1.59
CA TRP B 297 -3.17 15.74 -0.85
C TRP B 297 -2.62 16.95 -1.50
N HIS B 298 -2.39 18.01 -0.70
CA HIS B 298 -1.62 19.18 -1.12
C HIS B 298 -2.18 19.77 -2.40
N THR B 299 -3.48 19.68 -2.55
CA THR B 299 -4.25 20.38 -3.54
C THR B 299 -5.30 21.17 -2.81
N MET B 300 -5.90 22.09 -3.55
CA MET B 300 -6.98 22.88 -3.02
C MET B 300 -8.18 22.08 -2.78
N ASP B 301 -8.14 20.81 -3.08
CA ASP B 301 -9.26 19.94 -2.86
C ASP B 301 -9.17 19.32 -1.51
N ASP B 302 -8.11 19.52 -0.79
CA ASP B 302 -8.12 19.03 0.55
C ASP B 302 -9.05 19.82 1.42
N ASN B 303 -10.33 19.76 1.07
CA ASN B 303 -11.33 20.63 1.64
C ASN B 303 -12.35 19.81 2.40
N GLU B 304 -13.36 20.46 2.90
CA GLU B 304 -14.35 19.75 3.65
C GLU B 304 -15.26 18.89 2.77
N GLU B 305 -15.51 19.31 1.55
CA GLU B 305 -16.42 18.60 0.70
C GLU B 305 -15.88 17.20 0.43
N ASN B 306 -14.61 17.01 0.63
CA ASN B 306 -14.03 15.72 0.37
C ASN B 306 -13.63 14.99 1.59
N LEU B 307 -14.30 15.19 2.64
CA LEU B 307 -14.08 14.42 3.82
C LEU B 307 -15.18 13.39 3.91
N ASP B 308 -14.88 12.24 4.51
CA ASP B 308 -15.82 11.17 4.70
C ASP B 308 -16.10 11.13 6.19
N GLU B 309 -17.14 11.82 6.57
CA GLU B 309 -17.78 11.76 7.86
C GLU B 309 -17.72 10.40 8.51
N SER B 310 -18.16 9.39 7.78
CA SER B 310 -18.33 8.06 8.35
C SER B 310 -16.98 7.51 8.79
N THR B 311 -15.99 7.59 7.93
CA THR B 311 -14.66 7.15 8.29
C THR B 311 -14.09 7.93 9.47
N ILE B 312 -14.21 9.25 9.46
CA ILE B 312 -13.68 9.98 10.59
C ILE B 312 -14.32 9.52 11.88
N ASP B 313 -15.62 9.32 11.86
CA ASP B 313 -16.37 8.87 13.03
C ASP B 313 -15.95 7.50 13.49
N ASN B 314 -15.64 6.61 12.54
CA ASN B 314 -15.13 5.29 12.85
C ASN B 314 -13.80 5.38 13.53
N LEU B 315 -12.89 6.16 13.00
CA LEU B 315 -11.63 6.34 13.68
C LEU B 315 -11.71 7.03 15.02
N ASN B 316 -12.64 7.92 15.24
CA ASN B 316 -12.83 8.42 16.59
C ASN B 316 -13.06 7.30 17.57
N LYS B 317 -14.09 6.55 17.35
CA LYS B 317 -14.34 5.39 18.20
C LYS B 317 -13.08 4.57 18.41
N ILE B 318 -12.44 4.17 17.34
CA ILE B 318 -11.22 3.40 17.46
C ILE B 318 -10.19 4.14 18.31
N LEU B 319 -9.85 5.36 17.99
CA LEU B 319 -8.86 6.06 18.82
C LEU B 319 -9.31 6.22 20.26
N GLN B 320 -10.52 6.62 20.49
CA GLN B 320 -11.01 6.78 21.84
C GLN B 320 -10.89 5.52 22.66
N VAL B 321 -11.17 4.38 22.08
CA VAL B 321 -11.02 3.12 22.77
C VAL B 321 -9.57 2.71 22.96
N PHE B 322 -8.77 2.78 21.93
CA PHE B 322 -7.32 2.69 22.17
C PHE B 322 -6.88 3.42 23.38
N VAL B 323 -7.31 4.69 23.52
CA VAL B 323 -6.75 5.57 24.53
C VAL B 323 -7.29 5.24 25.86
N LEU B 324 -8.52 4.87 25.97
CA LEU B 324 -8.94 4.42 27.27
C LEU B 324 -8.27 3.13 27.68
N GLU B 325 -8.04 2.22 26.78
CA GLU B 325 -7.44 0.99 27.17
C GLU B 325 -6.02 1.20 27.59
N TYR B 326 -5.36 2.18 27.03
CA TYR B 326 -3.99 2.45 27.38
C TYR B 326 -3.86 2.95 28.81
N LEU B 327 -4.77 3.77 29.24
CA LEU B 327 -4.76 4.44 30.50
C LEU B 327 -5.44 3.67 31.59
N HIS B 328 -6.15 2.65 31.27
CA HIS B 328 -6.82 1.77 32.20
C HIS B 328 -8.07 2.39 32.72
N LEU B 329 -8.55 3.38 32.05
CA LEU B 329 -9.83 3.98 32.39
C LEU B 329 -10.89 3.17 31.64
N ALA C 1 45.84 -1.38 -10.35
CA ALA C 1 46.47 -2.52 -9.71
C ALA C 1 45.97 -3.81 -10.35
N SER C 2 46.23 -4.94 -9.69
CA SER C 2 45.77 -6.22 -10.19
C SER C 2 44.27 -6.08 -10.18
N ALA C 3 43.55 -6.97 -10.86
CA ALA C 3 42.12 -6.86 -10.91
C ALA C 3 41.44 -7.85 -10.02
N TRP C 4 42.18 -8.58 -9.24
CA TRP C 4 41.46 -9.57 -8.45
C TRP C 4 40.27 -9.01 -7.70
N PRO C 5 40.20 -7.73 -7.37
CA PRO C 5 39.02 -7.26 -6.65
C PRO C 5 37.78 -7.33 -7.45
N GLU C 6 37.86 -7.43 -8.77
CA GLU C 6 36.68 -7.63 -9.58
C GLU C 6 36.28 -9.07 -9.71
N GLU C 7 37.13 -10.01 -9.33
CA GLU C 7 36.78 -11.42 -9.48
C GLU C 7 35.43 -11.73 -8.90
N LYS C 8 35.15 -11.26 -7.70
CA LYS C 8 33.87 -11.48 -7.08
C LYS C 8 32.68 -11.20 -7.98
N ASN C 9 32.86 -10.42 -9.01
CA ASN C 9 31.77 -9.98 -9.85
C ASN C 9 31.45 -10.98 -10.92
N TYR C 10 32.27 -11.98 -11.04
CA TYR C 10 32.10 -12.99 -12.07
C TYR C 10 32.10 -14.42 -11.54
N HIS C 11 32.02 -14.62 -10.25
CA HIS C 11 32.28 -15.87 -9.62
C HIS C 11 31.05 -16.71 -9.51
N GLN C 12 31.17 -18.02 -9.99
CA GLN C 12 30.00 -18.80 -10.11
C GLN C 12 30.04 -19.92 -9.13
N PRO C 13 28.91 -20.35 -8.65
CA PRO C 13 28.90 -21.51 -7.78
C PRO C 13 29.25 -22.76 -8.56
N ALA C 14 29.65 -23.76 -7.82
CA ALA C 14 29.92 -25.07 -8.35
C ALA C 14 28.74 -25.83 -7.82
N ILE C 15 27.69 -25.82 -8.60
CA ILE C 15 26.48 -26.46 -8.16
C ILE C 15 26.74 -27.93 -7.91
N LEU C 16 26.01 -28.48 -6.94
CA LEU C 16 26.16 -29.83 -6.45
C LEU C 16 25.05 -30.73 -6.96
N ASN C 17 25.36 -31.99 -7.17
CA ASN C 17 24.36 -32.92 -7.63
C ASN C 17 23.70 -33.65 -6.48
N SER C 18 22.55 -34.21 -6.77
CA SER C 18 21.69 -34.86 -5.79
C SER C 18 22.36 -35.63 -4.72
N SER C 19 23.30 -36.46 -5.12
CA SER C 19 24.00 -37.27 -4.14
C SER C 19 24.82 -36.40 -3.23
N ALA C 20 25.50 -35.40 -3.77
CA ALA C 20 26.16 -34.44 -2.91
C ALA C 20 25.20 -33.84 -1.89
N LEU C 21 24.10 -33.28 -2.35
CA LEU C 21 23.11 -32.73 -1.43
C LEU C 21 22.57 -33.76 -0.45
N ARG C 22 22.26 -34.97 -0.84
CA ARG C 22 21.91 -35.92 0.21
C ARG C 22 23.02 -36.01 1.26
N GLN C 23 24.28 -35.86 0.89
CA GLN C 23 25.30 -36.05 1.89
C GLN C 23 25.24 -34.94 2.87
N ILE C 24 25.13 -33.71 2.36
CA ILE C 24 25.21 -32.53 3.20
C ILE C 24 24.10 -32.54 4.21
N ALA C 25 22.94 -32.90 3.76
CA ALA C 25 21.77 -33.00 4.59
C ALA C 25 21.94 -33.94 5.71
N GLU C 26 22.65 -35.00 5.46
CA GLU C 26 22.85 -36.01 6.47
C GLU C 26 24.02 -35.66 7.37
N GLY C 27 24.88 -34.78 6.92
CA GLY C 27 26.04 -34.37 7.67
C GLY C 27 25.85 -33.40 8.79
N THR C 28 24.79 -32.64 8.80
CA THR C 28 24.53 -31.66 9.85
C THR C 28 23.54 -32.25 10.81
N SER C 29 23.74 -32.05 12.10
CA SER C 29 22.78 -32.51 13.09
C SER C 29 22.12 -31.38 13.88
N ILE C 30 20.81 -31.24 13.77
CA ILE C 30 20.28 -30.13 14.49
C ILE C 30 20.36 -30.32 15.98
N SER C 31 20.58 -31.50 16.49
CA SER C 31 20.44 -31.65 17.94
C SER C 31 21.74 -31.48 18.64
N GLU C 32 22.77 -32.00 18.02
CA GLU C 32 24.12 -31.63 18.35
C GLU C 32 24.28 -30.13 18.38
N MET C 33 23.92 -29.47 17.29
CA MET C 33 23.92 -28.01 17.31
C MET C 33 23.16 -27.47 18.48
N TRP C 34 22.04 -28.05 18.78
CA TRP C 34 21.20 -27.47 19.80
C TRP C 34 21.77 -27.70 21.17
N GLN C 35 22.37 -28.85 21.36
CA GLN C 35 22.91 -29.21 22.66
C GLN C 35 24.24 -28.55 22.85
N ASN C 36 25.12 -28.65 21.88
CA ASN C 36 26.50 -28.30 22.18
C ASN C 36 26.90 -26.96 21.65
N ASP C 37 26.23 -26.48 20.61
CA ASP C 37 26.48 -25.15 20.06
C ASP C 37 25.60 -24.05 20.63
N LEU C 38 24.35 -24.30 20.98
CA LEU C 38 23.44 -23.19 21.15
C LEU C 38 22.98 -22.99 22.55
N GLN C 39 22.93 -24.02 23.37
CA GLN C 39 22.40 -23.85 24.71
C GLN C 39 23.39 -23.10 25.60
N PRO C 40 24.64 -23.30 25.40
CA PRO C 40 25.60 -22.43 26.07
C PRO C 40 25.30 -20.98 25.85
N LEU C 41 24.86 -20.57 24.68
CA LEU C 41 24.73 -19.17 24.35
C LEU C 41 23.46 -18.51 24.86
N LEU C 42 22.52 -19.25 25.40
CA LEU C 42 21.26 -18.63 25.77
C LEU C 42 21.40 -18.14 27.18
N ILE C 43 22.21 -17.10 27.28
CA ILE C 43 22.43 -16.37 28.51
C ILE C 43 22.40 -14.90 28.25
N GLU C 44 22.19 -14.12 29.29
CA GLU C 44 22.35 -12.67 29.23
C GLU C 44 23.78 -12.35 28.87
N ARG C 45 24.04 -11.84 27.67
CA ARG C 45 25.41 -11.68 27.22
C ARG C 45 25.62 -10.34 26.51
N TYR C 46 25.39 -9.34 27.15
CA TYR C 46 25.54 -8.00 26.64
C TYR C 46 26.92 -7.50 26.95
N PRO C 47 27.38 -6.49 26.25
CA PRO C 47 28.79 -6.16 26.31
C PRO C 47 29.20 -5.76 27.70
N GLY C 48 30.38 -6.22 28.09
CA GLY C 48 30.76 -6.16 29.46
C GLY C 48 30.66 -7.53 30.10
N SER C 49 29.46 -7.91 30.35
CA SER C 49 29.05 -9.01 31.21
C SER C 49 29.93 -10.25 31.31
N PRO C 50 29.74 -10.98 32.38
CA PRO C 50 30.24 -12.34 32.40
C PRO C 50 29.73 -13.15 31.24
N GLY C 51 28.47 -12.94 30.88
CA GLY C 51 27.95 -13.54 29.68
C GLY C 51 28.84 -13.32 28.47
N SER C 52 29.19 -12.08 28.21
CA SER C 52 29.93 -11.77 27.00
C SER C 52 31.20 -12.58 26.92
N TYR C 53 31.88 -12.77 28.05
CA TYR C 53 33.13 -13.51 28.04
C TYR C 53 32.82 -14.97 27.97
N ALA C 54 31.83 -15.41 28.70
CA ALA C 54 31.56 -16.82 28.60
C ALA C 54 31.16 -17.15 27.18
N ALA C 55 30.29 -16.36 26.61
CA ALA C 55 29.91 -16.56 25.22
C ALA C 55 31.12 -16.54 24.32
N ARG C 56 32.02 -15.62 24.56
CA ARG C 56 33.15 -15.46 23.66
C ARG C 56 34.03 -16.67 23.74
N GLN C 57 34.30 -17.14 24.94
CA GLN C 57 35.12 -18.33 25.08
C GLN C 57 34.47 -19.46 24.36
N HIS C 58 33.19 -19.63 24.59
CA HIS C 58 32.45 -20.73 24.02
C HIS C 58 32.57 -20.78 22.52
N ILE C 59 32.54 -19.65 21.89
CA ILE C 59 32.60 -19.67 20.47
C ILE C 59 33.93 -20.20 20.04
N MET C 60 35.00 -19.61 20.56
CA MET C 60 36.33 -20.01 20.12
C MET C 60 36.63 -21.43 20.49
N GLN C 61 36.35 -21.81 21.71
CA GLN C 61 36.49 -23.20 22.05
C GLN C 61 35.97 -24.03 20.90
N ARG C 62 34.69 -23.90 20.63
CA ARG C 62 34.03 -24.75 19.67
C ARG C 62 34.65 -24.64 18.32
N ILE C 63 35.14 -23.47 17.98
CA ILE C 63 35.90 -23.42 16.76
C ILE C 63 37.21 -24.09 16.98
N GLN C 64 37.84 -23.86 18.13
CA GLN C 64 39.22 -24.26 18.28
C GLN C 64 39.37 -25.72 17.95
N ARG C 65 38.41 -26.51 18.36
CA ARG C 65 38.61 -27.94 18.31
C ARG C 65 38.38 -28.55 16.95
N LEU C 66 38.32 -27.79 15.88
CA LEU C 66 38.09 -28.40 14.60
C LEU C 66 39.39 -28.61 13.84
N GLN C 67 39.30 -29.47 12.85
CA GLN C 67 40.46 -29.90 12.12
C GLN C 67 40.98 -28.85 11.16
N ALA C 68 40.16 -27.91 10.71
CA ALA C 68 40.63 -26.96 9.72
C ALA C 68 41.37 -25.83 10.40
N ASP C 69 42.32 -25.26 9.68
CA ASP C 69 43.29 -24.39 10.33
C ASP C 69 42.72 -23.00 10.40
N TRP C 70 41.73 -22.91 11.29
CA TRP C 70 40.99 -21.69 11.58
C TRP C 70 41.83 -20.75 12.41
N VAL C 71 41.81 -19.49 12.05
CA VAL C 71 42.59 -18.53 12.79
C VAL C 71 41.72 -17.56 13.54
N LEU C 72 41.46 -17.87 14.80
CA LEU C 72 40.67 -17.00 15.65
C LEU C 72 41.49 -15.82 16.08
N GLU C 73 40.93 -14.65 15.96
CA GLU C 73 41.48 -13.44 16.56
C GLU C 73 40.43 -12.80 17.44
N ILE C 74 40.86 -12.06 18.44
CA ILE C 74 39.94 -11.19 19.15
C ILE C 74 40.31 -9.82 18.69
N ASP C 75 39.43 -8.88 18.91
CA ASP C 75 39.75 -7.54 18.48
C ASP C 75 39.02 -6.71 19.48
N THR C 76 39.63 -6.60 20.63
CA THR C 76 39.04 -5.77 21.66
C THR C 76 39.27 -4.31 21.38
N PHE C 77 38.27 -3.51 21.61
CA PHE C 77 38.40 -2.12 21.36
C PHE C 77 37.52 -1.41 22.36
N LEU C 78 37.47 -0.10 22.22
CA LEU C 78 36.80 0.72 23.16
C LEU C 78 36.07 1.74 22.32
N SER C 79 34.84 2.08 22.72
CA SER C 79 34.01 3.04 22.00
C SER C 79 33.08 3.73 22.97
N GLN C 80 32.67 4.93 22.61
CA GLN C 80 31.88 5.75 23.49
C GLN C 80 30.46 5.27 23.33
N THR C 81 29.68 5.34 24.42
CA THR C 81 28.29 4.97 24.49
C THR C 81 27.56 5.99 25.34
N PRO C 82 26.28 5.97 25.36
CA PRO C 82 25.56 6.92 26.18
C PRO C 82 25.68 6.69 27.65
N TYR C 83 26.58 5.84 28.06
CA TYR C 83 26.92 5.63 29.45
C TYR C 83 28.42 5.77 29.60
N GLY C 84 29.11 6.20 28.58
CA GLY C 84 30.55 6.36 28.65
C GLY C 84 31.27 5.41 27.70
N TYR C 85 32.59 5.32 27.89
CA TYR C 85 33.41 4.38 27.14
C TYR C 85 33.29 3.00 27.70
N ARG C 86 32.80 2.09 26.89
CA ARG C 86 32.73 0.70 27.28
C ARG C 86 33.59 -0.09 26.31
N SER C 87 33.93 -1.31 26.68
CA SER C 87 34.89 -2.13 25.98
C SER C 87 34.19 -3.30 25.31
N PHE C 88 34.56 -3.58 24.07
CA PHE C 88 33.87 -4.51 23.20
C PHE C 88 34.85 -5.58 22.73
N SER C 89 34.38 -6.67 22.12
CA SER C 89 35.32 -7.63 21.53
C SER C 89 34.66 -8.42 20.41
N ASN C 90 35.09 -8.16 19.19
CA ASN C 90 34.70 -8.86 18.00
C ASN C 90 35.45 -10.17 17.89
N ILE C 91 34.84 -11.15 17.23
CA ILE C 91 35.49 -12.41 16.96
C ILE C 91 35.66 -12.61 15.49
N ILE C 92 36.82 -12.87 15.08
CA ILE C 92 37.01 -13.20 13.71
C ILE C 92 37.55 -14.60 13.70
N SER C 93 37.25 -15.34 12.67
CA SER C 93 37.76 -16.67 12.55
C SER C 93 38.06 -16.82 11.09
N THR C 94 39.30 -17.01 10.77
CA THR C 94 39.67 -16.97 9.40
C THR C 94 40.34 -18.28 9.02
N LEU C 95 40.04 -18.69 7.80
CA LEU C 95 40.77 -19.72 7.13
C LEU C 95 41.63 -19.01 6.11
N ASN C 96 42.90 -19.33 6.13
CA ASN C 96 43.84 -18.87 5.10
C ASN C 96 43.82 -17.35 4.97
N PRO C 97 44.18 -16.65 6.03
CA PRO C 97 44.12 -15.21 6.02
C PRO C 97 44.88 -14.56 4.92
N THR C 98 45.72 -15.30 4.25
CA THR C 98 46.35 -14.82 3.04
C THR C 98 45.45 -14.99 1.86
N ALA C 99 44.37 -15.75 2.00
CA ALA C 99 43.38 -15.87 0.94
C ALA C 99 42.88 -14.46 0.65
N LYS C 100 43.37 -13.94 -0.46
CA LYS C 100 43.03 -12.62 -0.96
C LYS C 100 41.54 -12.35 -0.98
N ARG C 101 40.73 -13.37 -1.15
CA ARG C 101 39.30 -13.19 -1.24
C ARG C 101 38.72 -14.06 -0.19
N HIS C 102 37.74 -13.56 0.52
CA HIS C 102 37.08 -14.39 1.47
C HIS C 102 35.61 -14.19 1.29
N LEU C 103 34.88 -15.23 1.56
CA LEU C 103 33.45 -15.19 1.67
C LEU C 103 33.19 -15.13 3.13
N VAL C 104 32.30 -14.29 3.57
CA VAL C 104 32.24 -14.01 4.98
C VAL C 104 30.88 -14.33 5.44
N LEU C 105 30.79 -14.97 6.53
CA LEU C 105 29.55 -15.20 7.23
C LEU C 105 29.64 -14.55 8.58
N ALA C 106 28.59 -13.84 9.00
CA ALA C 106 28.70 -13.03 10.18
C ALA C 106 27.34 -12.87 10.77
N CYS C 107 27.30 -12.59 12.06
CA CYS C 107 26.12 -12.46 12.88
C CYS C 107 26.50 -11.65 14.08
N HIS C 108 25.72 -11.69 15.14
CA HIS C 108 26.02 -10.85 16.30
C HIS C 108 25.82 -11.58 17.62
N TYR C 109 26.89 -11.70 18.37
CA TYR C 109 26.90 -12.44 19.61
C TYR C 109 26.48 -11.65 20.83
N ASP C 110 26.42 -10.32 20.81
CA ASP C 110 25.87 -9.63 21.95
C ASP C 110 24.36 -9.77 22.05
N SER C 111 23.88 -9.65 23.27
CA SER C 111 22.49 -9.67 23.63
C SER C 111 22.11 -8.27 24.07
N LYS C 112 20.95 -7.80 23.63
CA LYS C 112 20.49 -6.49 24.06
C LYS C 112 20.38 -6.46 25.57
N TYR C 113 20.48 -5.27 26.15
CA TYR C 113 20.52 -5.11 27.59
C TYR C 113 19.15 -4.71 28.03
N PHE C 114 18.65 -5.38 29.06
CA PHE C 114 17.35 -5.13 29.66
C PHE C 114 17.48 -5.31 31.16
N SER C 115 16.73 -4.54 31.90
CA SER C 115 16.58 -4.84 33.31
C SER C 115 15.83 -6.15 33.45
N HIS C 116 16.30 -7.01 34.35
CA HIS C 116 15.50 -8.17 34.71
C HIS C 116 14.12 -7.69 35.06
N TRP C 117 13.14 -8.48 34.74
CA TRP C 117 11.80 -8.04 35.01
C TRP C 117 10.99 -9.28 35.30
N ASN C 118 10.31 -9.29 36.41
CA ASN C 118 9.60 -10.49 36.78
C ASN C 118 10.53 -11.63 36.92
N ASN C 119 11.79 -11.33 37.15
CA ASN C 119 12.79 -12.35 37.31
C ASN C 119 13.01 -13.11 36.04
N ARG C 120 12.83 -12.47 34.90
CA ARG C 120 13.21 -13.03 33.63
C ARG C 120 14.39 -12.28 33.08
N VAL C 121 14.97 -12.80 32.04
CA VAL C 121 16.16 -12.22 31.47
C VAL C 121 16.02 -12.27 29.97
N PHE C 122 16.37 -11.22 29.29
CA PHE C 122 16.49 -11.33 27.86
C PHE C 122 17.73 -12.09 27.49
N VAL C 123 17.58 -13.17 26.72
CA VAL C 123 18.69 -13.97 26.22
C VAL C 123 18.74 -14.06 24.72
N GLY C 124 17.84 -13.45 24.00
CA GLY C 124 18.01 -13.25 22.57
C GLY C 124 18.21 -14.47 21.72
N ALA C 125 17.31 -15.43 21.81
CA ALA C 125 17.47 -16.68 21.10
C ALA C 125 17.60 -16.49 19.63
N THR C 126 16.74 -15.73 19.01
CA THR C 126 16.84 -15.47 17.58
C THR C 126 17.67 -14.25 17.29
N ASP C 127 17.80 -13.39 18.28
CA ASP C 127 18.48 -12.13 18.20
C ASP C 127 19.66 -12.08 19.13
N SER C 128 20.74 -12.77 18.80
CA SER C 128 20.89 -13.57 17.61
C SER C 128 21.68 -14.83 17.98
N ALA C 129 21.21 -15.57 18.98
CA ALA C 129 21.89 -16.73 19.46
C ALA C 129 21.87 -17.87 18.48
N VAL C 130 20.76 -18.05 17.75
CA VAL C 130 20.60 -19.10 16.78
C VAL C 130 21.56 -18.83 15.64
N PRO C 131 21.62 -17.67 15.07
CA PRO C 131 22.57 -17.52 13.99
C PRO C 131 23.97 -17.80 14.38
N CYS C 132 24.33 -17.63 15.65
CA CYS C 132 25.70 -17.96 16.06
C CYS C 132 25.93 -19.45 16.00
N ALA C 133 24.98 -20.19 16.50
CA ALA C 133 24.99 -21.61 16.45
C ALA C 133 24.91 -22.14 15.07
N MET C 134 24.40 -21.44 14.12
CA MET C 134 24.34 -22.06 12.82
C MET C 134 25.68 -21.99 12.19
N MET C 135 26.37 -20.90 12.43
CA MET C 135 27.68 -20.72 11.85
C MET C 135 28.65 -21.68 12.47
N LEU C 136 28.50 -21.88 13.75
CA LEU C 136 29.17 -22.93 14.44
C LEU C 136 28.88 -24.27 13.80
N GLU C 137 27.62 -24.66 13.79
CA GLU C 137 27.25 -25.93 13.21
C GLU C 137 27.63 -26.04 11.77
N LEU C 138 27.91 -24.99 11.08
CA LEU C 138 28.43 -25.17 9.74
C LEU C 138 29.91 -25.38 9.73
N ALA C 139 30.60 -24.94 10.74
CA ALA C 139 32.00 -25.13 10.67
C ALA C 139 32.34 -26.57 10.94
N ARG C 140 31.43 -27.25 11.58
CA ARG C 140 31.59 -28.60 12.05
C ARG C 140 31.17 -29.51 10.95
N ALA C 141 29.97 -29.36 10.55
CA ALA C 141 29.46 -30.20 9.55
C ALA C 141 30.28 -30.16 8.29
N LEU C 142 30.93 -29.05 8.00
CA LEU C 142 31.69 -28.96 6.76
C LEU C 142 33.18 -29.10 6.94
N ASP C 143 33.63 -29.55 8.09
CA ASP C 143 35.05 -29.50 8.44
C ASP C 143 35.91 -30.34 7.51
N LYS C 144 35.55 -31.58 7.31
CA LYS C 144 36.32 -32.37 6.39
C LYS C 144 36.46 -31.62 5.08
N LYS C 145 35.40 -31.06 4.54
CA LYS C 145 35.60 -30.40 3.27
C LYS C 145 36.40 -29.15 3.47
N LEU C 146 36.16 -28.44 4.56
CA LEU C 146 36.85 -27.17 4.69
C LEU C 146 38.33 -27.32 4.91
N LEU C 147 38.77 -28.50 5.23
CA LEU C 147 40.19 -28.79 5.40
C LEU C 147 40.96 -28.73 4.08
N SER C 148 40.39 -29.21 3.01
CA SER C 148 41.00 -29.14 1.69
C SER C 148 41.71 -27.89 1.33
N LEU C 149 41.47 -26.79 2.04
CA LEU C 149 42.06 -25.50 1.74
C LEU C 149 43.38 -25.27 2.46
N LYS C 150 44.06 -26.35 2.85
CA LYS C 150 45.40 -26.34 3.47
C LYS C 150 45.37 -25.49 4.69
N PRO C 157 41.29 -20.88 -7.56
CA PRO C 157 40.86 -19.55 -7.12
C PRO C 157 41.23 -19.24 -5.67
N ASP C 158 41.81 -18.06 -5.44
CA ASP C 158 42.31 -17.60 -4.15
C ASP C 158 41.16 -17.04 -3.34
N LEU C 159 40.53 -17.89 -2.54
CA LEU C 159 39.24 -17.66 -1.96
C LEU C 159 38.98 -18.64 -0.84
N SER C 160 38.65 -18.18 0.34
CA SER C 160 38.35 -19.07 1.41
C SER C 160 37.28 -18.39 2.24
N LEU C 161 37.11 -18.78 3.48
CA LEU C 161 35.97 -18.45 4.29
C LEU C 161 36.37 -17.82 5.59
N GLN C 162 35.71 -16.73 5.95
CA GLN C 162 35.85 -16.10 7.23
C GLN C 162 34.53 -16.12 7.93
N LEU C 163 34.49 -16.37 9.21
CA LEU C 163 33.33 -16.09 10.04
C LEU C 163 33.61 -14.90 10.91
N ILE C 164 32.62 -14.01 11.09
CA ILE C 164 32.66 -12.90 12.03
C ILE C 164 31.50 -12.91 12.99
N PHE C 165 31.77 -12.95 14.26
CA PHE C 165 30.81 -12.70 15.32
C PHE C 165 30.90 -11.28 15.95
N PHE C 166 30.00 -10.39 15.63
CA PHE C 166 30.16 -9.01 16.02
C PHE C 166 29.65 -8.79 17.41
N ASP C 167 30.23 -7.81 18.11
CA ASP C 167 29.80 -7.42 19.43
C ASP C 167 29.21 -6.03 19.38
N GLY C 168 28.26 -5.79 20.26
CA GLY C 168 27.66 -4.53 20.45
C GLY C 168 26.86 -4.16 19.28
N GLU C 169 26.06 -5.07 18.79
CA GLU C 169 25.22 -4.70 17.69
C GLU C 169 24.08 -3.79 18.16
N GLU C 170 23.46 -4.12 19.29
CA GLU C 170 22.22 -3.50 19.72
C GLU C 170 22.47 -2.17 20.46
N ALA C 171 21.47 -1.34 20.50
CA ALA C 171 21.57 -0.09 21.18
C ALA C 171 21.71 -0.31 22.65
N PHE C 172 22.31 0.67 23.33
CA PHE C 172 22.44 0.50 24.77
C PHE C 172 21.20 1.05 25.41
N LEU C 173 20.83 2.25 24.99
CA LEU C 173 19.54 2.79 25.33
C LEU C 173 18.67 2.80 24.08
N HIS C 174 18.95 3.61 23.10
CA HIS C 174 17.97 3.80 22.07
C HIS C 174 18.62 3.84 20.71
N TRP C 175 18.27 2.82 19.95
CA TRP C 175 18.63 2.70 18.56
C TRP C 175 18.77 4.02 17.88
N SER C 176 20.01 4.33 17.60
CA SER C 176 20.34 5.46 16.77
C SER C 176 21.68 5.19 16.17
N PRO C 177 22.04 5.90 15.13
CA PRO C 177 23.37 5.77 14.58
C PRO C 177 24.44 5.94 15.55
N GLN C 178 24.17 6.61 16.63
CA GLN C 178 25.25 6.79 17.54
C GLN C 178 25.33 5.67 18.52
N ASP C 179 24.21 5.04 18.83
CA ASP C 179 24.18 4.04 19.87
C ASP C 179 23.81 2.64 19.30
N SER C 180 24.69 2.05 18.50
CA SER C 180 24.35 0.87 17.72
C SER C 180 25.51 0.45 16.81
N LEU C 181 25.73 -0.85 16.62
CA LEU C 181 26.71 -1.42 15.66
C LEU C 181 28.15 -1.08 16.06
N TYR C 182 28.39 -1.13 17.34
CA TYR C 182 29.70 -0.78 17.80
C TYR C 182 30.71 -1.69 17.15
N GLY C 183 30.39 -2.97 17.09
CA GLY C 183 31.35 -3.93 16.61
C GLY C 183 31.55 -3.84 15.12
N SER C 184 30.49 -3.66 14.38
CA SER C 184 30.70 -3.63 12.97
C SER C 184 31.17 -2.31 12.47
N ARG C 185 30.87 -1.20 13.11
CA ARG C 185 31.46 0.04 12.59
C ARG C 185 32.93 0.10 12.89
N HIS C 186 33.35 -0.51 13.97
CA HIS C 186 34.76 -0.67 14.23
C HIS C 186 35.45 -1.44 13.14
N LEU C 187 34.92 -2.57 12.77
CA LEU C 187 35.67 -3.46 11.94
C LEU C 187 35.50 -3.12 10.51
N ALA C 188 34.39 -2.55 10.13
CA ALA C 188 34.37 -2.02 8.80
C ALA C 188 35.59 -1.18 8.57
N ALA C 189 35.81 -0.17 9.43
CA ALA C 189 36.95 0.76 9.35
C ALA C 189 38.26 0.07 9.44
N LYS C 190 38.46 -0.68 10.50
CA LYS C 190 39.71 -1.36 10.62
C LYS C 190 40.06 -2.03 9.33
N MET C 191 39.11 -2.71 8.73
CA MET C 191 39.45 -3.42 7.52
C MET C 191 39.57 -2.49 6.37
N ALA C 192 38.78 -1.44 6.31
CA ALA C 192 38.99 -0.62 5.14
C ALA C 192 40.34 0.02 5.15
N SER C 193 41.05 -0.06 6.25
CA SER C 193 42.35 0.55 6.30
C SER C 193 43.45 -0.43 6.48
N THR C 194 43.18 -1.71 6.44
CA THR C 194 44.24 -2.70 6.51
C THR C 194 44.54 -3.14 5.10
N PRO C 195 45.69 -2.87 4.54
CA PRO C 195 45.90 -3.30 3.17
C PRO C 195 45.85 -4.80 3.09
N HIS C 196 45.35 -5.30 1.96
CA HIS C 196 45.25 -6.76 1.66
C HIS C 196 45.51 -6.98 0.20
N PRO C 197 46.31 -7.95 -0.11
CA PRO C 197 47.05 -8.85 0.77
C PRO C 197 48.15 -8.06 1.41
N PRO C 198 48.72 -8.50 2.50
CA PRO C 198 49.82 -7.75 3.05
C PRO C 198 50.63 -7.12 1.96
N GLY C 199 51.27 -6.06 2.25
CA GLY C 199 52.07 -5.52 1.20
C GLY C 199 51.34 -4.67 0.21
N ALA C 200 50.14 -4.99 -0.16
CA ALA C 200 49.53 -4.24 -1.25
C ALA C 200 49.53 -2.77 -0.94
N ARG C 201 49.11 -1.99 -1.90
CA ARG C 201 49.26 -0.55 -1.88
C ARG C 201 47.98 0.14 -2.28
N GLY C 202 46.94 -0.58 -2.67
CA GLY C 202 45.71 0.08 -3.08
C GLY C 202 44.43 -0.61 -2.67
N THR C 203 44.55 -1.76 -2.04
CA THR C 203 43.46 -2.68 -1.82
C THR C 203 43.40 -2.97 -0.35
N SER C 204 42.20 -3.07 0.18
CA SER C 204 42.00 -3.23 1.61
C SER C 204 41.47 -4.60 1.92
N GLN C 205 41.34 -4.85 3.19
CA GLN C 205 40.70 -6.05 3.58
C GLN C 205 39.27 -6.11 3.11
N LEU C 206 38.71 -5.04 2.64
CA LEU C 206 37.35 -5.08 2.13
C LEU C 206 37.33 -5.35 0.68
N HIS C 207 38.38 -5.09 -0.02
CA HIS C 207 38.29 -5.46 -1.40
C HIS C 207 38.23 -6.95 -1.54
N GLY C 208 38.52 -7.68 -0.48
CA GLY C 208 38.68 -9.09 -0.50
C GLY C 208 37.54 -9.74 0.24
N MET C 209 36.50 -8.99 0.53
CA MET C 209 35.18 -9.53 0.81
C MET C 209 34.47 -9.66 -0.50
N ASP C 210 34.27 -10.90 -0.89
CA ASP C 210 33.44 -11.24 -2.03
C ASP C 210 32.02 -10.91 -1.72
N LEU C 211 31.60 -11.31 -0.54
CA LEU C 211 30.23 -11.29 -0.18
C LEU C 211 30.16 -11.46 1.31
N LEU C 212 29.30 -10.70 1.90
CA LEU C 212 29.04 -10.79 3.31
C LEU C 212 27.66 -11.35 3.51
N VAL C 213 27.56 -12.46 4.15
CA VAL C 213 26.30 -13.07 4.44
C VAL C 213 26.02 -12.73 5.87
N LEU C 214 25.06 -11.87 6.12
CA LEU C 214 24.71 -11.53 7.47
C LEU C 214 23.44 -12.26 7.92
N LEU C 215 23.59 -13.09 8.92
CA LEU C 215 22.54 -13.83 9.54
C LEU C 215 22.06 -13.12 10.79
N ASP C 216 20.77 -12.81 10.83
CA ASP C 216 20.23 -12.01 11.95
C ASP C 216 18.78 -12.43 12.14
N LEU C 217 18.41 -12.77 13.36
CA LEU C 217 17.02 -12.98 13.68
C LEU C 217 16.44 -14.24 13.03
N ILE C 218 17.21 -15.24 12.98
CA ILE C 218 16.79 -16.48 12.41
C ILE C 218 16.35 -17.36 13.53
N GLY C 219 15.27 -18.11 13.35
CA GLY C 219 14.91 -18.93 14.46
C GLY C 219 13.49 -19.18 14.70
N ALA C 220 12.67 -18.51 14.03
CA ALA C 220 11.27 -18.52 14.33
C ALA C 220 10.47 -19.14 13.25
N PRO C 221 9.24 -19.50 13.49
CA PRO C 221 8.47 -20.18 12.48
C PRO C 221 8.07 -19.24 11.38
N ASN C 222 8.27 -19.64 10.20
CA ASN C 222 7.71 -19.15 8.98
C ASN C 222 8.41 -17.94 8.43
N PRO C 223 9.70 -17.82 8.58
CA PRO C 223 10.38 -16.68 8.02
C PRO C 223 10.16 -16.54 6.53
N THR C 224 10.44 -15.38 6.02
CA THR C 224 10.44 -15.08 4.61
C THR C 224 11.59 -14.11 4.53
N PHE C 225 12.54 -14.29 3.66
CA PHE C 225 13.69 -13.44 3.56
C PHE C 225 13.58 -12.64 2.28
N PRO C 226 13.68 -11.34 2.29
CA PRO C 226 13.53 -10.59 1.07
C PRO C 226 14.83 -10.48 0.33
N ASN C 227 14.74 -10.07 -0.92
CA ASN C 227 15.88 -9.85 -1.76
C ASN C 227 16.23 -8.38 -1.70
N PHE C 228 17.08 -8.05 -0.77
CA PHE C 228 17.36 -6.69 -0.46
C PHE C 228 18.16 -6.01 -1.56
N PHE C 229 19.19 -6.62 -2.11
CA PHE C 229 20.04 -5.87 -2.99
C PHE C 229 20.27 -6.46 -4.37
N PRO C 230 20.16 -5.66 -5.39
CA PRO C 230 20.50 -6.11 -6.71
C PRO C 230 21.92 -6.56 -6.94
N ASN C 231 22.84 -6.27 -6.11
CA ASN C 231 24.20 -6.57 -6.39
C ASN C 231 24.56 -7.90 -5.78
N SER C 232 23.64 -8.44 -5.01
CA SER C 232 23.72 -9.77 -4.48
C SER C 232 22.52 -10.63 -4.84
N ALA C 233 21.77 -10.28 -5.86
CA ALA C 233 20.55 -10.97 -6.12
C ALA C 233 20.78 -12.34 -6.70
N ARG C 234 21.71 -12.46 -7.61
CA ARG C 234 22.09 -13.75 -8.12
C ARG C 234 22.36 -14.74 -7.06
N TRP C 235 22.96 -14.36 -6.01
CA TRP C 235 23.14 -15.22 -4.90
C TRP C 235 21.88 -15.40 -4.09
N PHE C 236 20.97 -14.49 -4.09
CA PHE C 236 19.71 -14.81 -3.45
C PHE C 236 18.97 -15.88 -4.24
N GLU C 237 18.94 -15.75 -5.56
CA GLU C 237 18.37 -16.74 -6.43
C GLU C 237 18.91 -18.11 -6.15
N ARG C 238 20.19 -18.22 -5.86
CA ARG C 238 20.76 -19.53 -5.58
C ARG C 238 20.23 -20.14 -4.33
N LEU C 239 19.96 -19.36 -3.29
CA LEU C 239 19.28 -19.91 -2.16
C LEU C 239 17.83 -20.23 -2.50
N GLN C 240 17.28 -19.58 -3.48
CA GLN C 240 15.99 -20.02 -3.92
C GLN C 240 16.10 -21.40 -4.57
N ALA C 241 17.03 -21.57 -5.46
CA ALA C 241 17.30 -22.82 -6.11
C ALA C 241 17.74 -23.89 -5.16
N ILE C 242 18.51 -23.57 -4.19
CA ILE C 242 18.86 -24.62 -3.26
C ILE C 242 17.65 -25.04 -2.48
N GLU C 243 16.89 -24.09 -1.97
CA GLU C 243 15.68 -24.39 -1.21
C GLU C 243 14.79 -25.31 -1.99
N HIS C 244 14.63 -25.03 -3.26
CA HIS C 244 13.75 -25.81 -4.09
C HIS C 244 14.24 -27.24 -4.22
N GLU C 245 15.46 -27.42 -4.71
CA GLU C 245 16.02 -28.72 -4.96
C GLU C 245 16.13 -29.56 -3.70
N LEU C 246 16.47 -28.97 -2.62
CA LEU C 246 16.45 -29.78 -1.43
C LEU C 246 15.08 -30.20 -1.01
N HIS C 247 14.05 -29.57 -1.55
CA HIS C 247 12.66 -29.92 -1.31
C HIS C 247 12.25 -31.00 -2.26
N GLU C 248 12.62 -30.84 -3.49
CA GLU C 248 12.25 -31.73 -4.50
C GLU C 248 12.87 -33.08 -4.26
N LEU C 249 13.76 -33.19 -3.32
CA LEU C 249 14.54 -34.36 -3.11
C LEU C 249 14.29 -34.99 -1.78
N GLY C 250 13.37 -34.47 -1.03
CA GLY C 250 13.02 -35.03 0.25
C GLY C 250 13.75 -34.47 1.44
N LEU C 251 14.67 -33.57 1.25
CA LEU C 251 15.66 -33.36 2.26
C LEU C 251 15.33 -32.29 3.29
N LEU C 252 14.24 -31.60 3.17
CA LEU C 252 13.67 -30.66 4.11
C LEU C 252 12.54 -31.26 4.92
N LYS C 253 12.35 -30.77 6.12
CA LYS C 253 11.30 -31.17 7.05
C LYS C 253 10.21 -30.12 7.28
N ASP C 254 9.00 -30.61 7.53
CA ASP C 254 7.78 -29.82 7.62
C ASP C 254 7.80 -28.58 6.74
N HIS C 255 7.95 -28.72 5.45
CA HIS C 255 8.24 -27.72 4.46
C HIS C 255 7.32 -27.74 3.25
N SER C 256 6.94 -26.64 2.71
CA SER C 256 6.15 -26.63 1.51
C SER C 256 6.56 -25.45 0.70
N LEU C 257 6.41 -25.50 -0.58
CA LEU C 257 6.85 -24.40 -1.37
C LEU C 257 5.91 -23.24 -1.33
N GLU C 258 4.82 -23.34 -0.63
CA GLU C 258 3.88 -22.26 -0.50
C GLU C 258 4.14 -21.52 0.77
N GLY C 259 5.25 -21.79 1.38
CA GLY C 259 5.76 -21.30 2.62
C GLY C 259 7.25 -21.33 2.45
N ARG C 260 7.71 -21.07 1.25
CA ARG C 260 9.12 -20.86 1.02
C ARG C 260 9.71 -19.80 1.95
N TYR C 261 10.98 -19.94 2.25
CA TYR C 261 11.78 -18.97 2.98
C TYR C 261 12.23 -17.83 2.11
N PHE C 262 12.69 -18.12 0.96
CA PHE C 262 13.24 -17.15 0.07
C PHE C 262 12.29 -16.88 -1.06
N GLN C 263 11.54 -15.83 -1.00
CA GLN C 263 10.62 -15.63 -2.08
C GLN C 263 10.95 -14.38 -2.83
N ASN C 264 10.71 -14.38 -4.13
CA ASN C 264 11.20 -13.27 -4.90
C ASN C 264 10.28 -12.15 -4.52
N TYR C 265 10.70 -11.44 -3.51
CA TYR C 265 9.97 -10.30 -2.99
C TYR C 265 11.10 -9.35 -2.63
N SER C 266 11.20 -8.26 -3.37
CA SER C 266 12.16 -7.24 -3.01
C SER C 266 11.56 -6.33 -1.93
N TYR C 267 12.41 -5.57 -1.27
CA TYR C 267 11.99 -4.83 -0.09
C TYR C 267 12.17 -3.33 -0.26
N GLY C 268 11.37 -2.58 0.48
CA GLY C 268 11.33 -1.14 0.34
C GLY C 268 12.53 -0.41 0.93
N GLY C 269 12.42 -0.01 2.21
CA GLY C 269 13.48 0.75 2.85
C GLY C 269 14.47 -0.14 3.57
N VAL C 270 15.51 0.44 3.97
CA VAL C 270 16.65 -0.35 4.41
C VAL C 270 16.48 -0.69 5.87
N ILE C 271 16.97 -1.84 6.22
CA ILE C 271 17.04 -2.23 7.61
C ILE C 271 18.46 -1.94 8.10
N GLN C 272 18.58 -1.48 9.32
CA GLN C 272 19.87 -1.17 9.86
C GLN C 272 20.38 -2.39 10.63
N ASP C 273 21.62 -2.73 10.41
CA ASP C 273 22.14 -3.96 10.98
C ASP C 273 23.64 -3.96 10.74
N ASP C 274 24.32 -4.84 11.38
CA ASP C 274 25.77 -4.89 11.23
C ASP C 274 26.26 -4.88 9.80
N HIS C 275 25.43 -4.81 8.81
CA HIS C 275 25.97 -4.86 7.49
C HIS C 275 26.26 -3.50 6.91
N ILE C 276 25.79 -2.46 7.54
CA ILE C 276 25.69 -1.14 6.94
C ILE C 276 27.06 -0.52 6.83
N PRO C 277 27.88 -0.60 7.86
CA PRO C 277 29.23 -0.17 7.75
C PRO C 277 29.98 -0.83 6.63
N PHE C 278 29.49 -1.96 6.13
CA PHE C 278 30.10 -2.62 4.99
C PHE C 278 29.38 -2.31 3.69
N LEU C 279 28.08 -2.33 3.70
CA LEU C 279 27.34 -2.00 2.50
C LEU C 279 27.79 -0.70 1.86
N ARG C 280 27.94 0.34 2.63
CA ARG C 280 28.22 1.67 2.10
C ARG C 280 29.68 1.88 1.79
N ARG C 281 30.51 0.93 2.13
CA ARG C 281 31.83 0.91 1.60
C ARG C 281 31.97 0.02 0.41
N GLY C 282 30.90 -0.59 -0.03
CA GLY C 282 30.88 -1.26 -1.30
C GLY C 282 30.95 -2.77 -1.28
N VAL C 283 30.80 -3.38 -0.12
CA VAL C 283 30.85 -4.84 -0.02
C VAL C 283 29.47 -5.39 -0.33
N PRO C 284 29.35 -6.32 -1.26
CA PRO C 284 28.04 -6.85 -1.58
C PRO C 284 27.55 -7.67 -0.45
N VAL C 285 26.30 -7.54 -0.17
CA VAL C 285 25.73 -8.07 1.03
C VAL C 285 24.52 -8.92 0.75
N LEU C 286 24.27 -9.85 1.62
CA LEU C 286 23.19 -10.76 1.49
C LEU C 286 22.57 -10.76 2.82
N HIS C 287 21.50 -10.19 3.00
CA HIS C 287 21.13 -9.92 4.35
C HIS C 287 20.06 -10.89 4.74
N LEU C 288 20.45 -11.97 5.37
CA LEU C 288 19.53 -12.99 5.70
C LEU C 288 18.92 -12.61 7.01
N ILE C 289 17.99 -11.69 6.92
CA ILE C 289 17.21 -11.32 8.07
C ILE C 289 15.80 -11.43 7.54
N PRO C 290 14.84 -11.78 8.32
CA PRO C 290 13.49 -11.85 7.83
C PRO C 290 12.71 -10.56 7.86
N SER C 291 11.74 -10.46 6.95
CA SER C 291 10.70 -9.47 7.03
C SER C 291 9.34 -10.02 6.95
N PRO C 292 8.61 -9.93 8.00
CA PRO C 292 8.59 -9.28 9.25
C PRO C 292 9.45 -9.90 10.20
N PHE C 293 9.83 -9.24 11.26
CA PHE C 293 10.69 -9.73 12.22
C PHE C 293 9.92 -10.73 12.96
N PRO C 294 10.54 -11.48 13.85
CA PRO C 294 9.81 -12.43 14.61
C PRO C 294 8.86 -11.83 15.57
N GLU C 295 7.82 -12.51 15.93
CA GLU C 295 6.80 -11.90 16.76
C GLU C 295 7.32 -11.62 18.13
N VAL C 296 8.38 -12.30 18.50
CA VAL C 296 8.99 -12.15 19.81
C VAL C 296 10.13 -11.16 19.84
N TRP C 297 10.47 -10.52 18.75
CA TRP C 297 11.46 -9.47 18.74
C TRP C 297 11.45 -8.60 19.98
N HIS C 298 12.59 -8.56 20.63
CA HIS C 298 12.87 -7.72 21.76
C HIS C 298 11.78 -7.83 22.80
N THR C 299 11.50 -9.05 23.16
CA THR C 299 10.60 -9.42 24.22
C THR C 299 11.32 -10.47 25.01
N MET C 300 10.82 -10.70 26.18
CA MET C 300 11.49 -11.66 27.00
C MET C 300 11.29 -13.03 26.48
N ASP C 301 10.16 -13.23 25.72
CA ASP C 301 9.67 -14.39 25.04
C ASP C 301 10.55 -14.78 23.90
N ASP C 302 11.69 -14.15 23.67
CA ASP C 302 12.58 -14.58 22.62
C ASP C 302 13.54 -15.63 23.16
N ASN C 303 12.99 -16.77 23.48
CA ASN C 303 13.71 -17.74 24.26
C ASN C 303 13.79 -19.07 23.51
N GLU C 304 14.22 -20.12 24.18
CA GLU C 304 14.38 -21.40 23.51
C GLU C 304 13.07 -22.00 23.12
N GLU C 305 12.10 -21.86 23.99
CA GLU C 305 10.76 -22.41 23.81
C GLU C 305 10.09 -21.99 22.51
N ASN C 306 10.46 -20.88 21.92
CA ASN C 306 9.74 -20.38 20.76
C ASN C 306 10.53 -20.46 19.50
N LEU C 307 11.48 -21.33 19.43
CA LEU C 307 12.26 -21.58 18.26
C LEU C 307 11.78 -22.85 17.60
N ASP C 308 11.66 -22.82 16.28
CA ASP C 308 11.25 -23.98 15.49
C ASP C 308 12.54 -24.69 15.06
N GLU C 309 13.01 -25.59 15.89
CA GLU C 309 14.07 -26.48 15.52
C GLU C 309 13.97 -26.94 14.07
N SER C 310 12.76 -27.12 13.53
CA SER C 310 12.63 -27.78 12.23
C SER C 310 12.98 -26.84 11.12
N THR C 311 12.63 -25.57 11.29
CA THR C 311 13.03 -24.54 10.33
C THR C 311 14.50 -24.31 10.40
N ILE C 312 15.07 -24.33 11.57
CA ILE C 312 16.46 -23.99 11.68
C ILE C 312 17.28 -25.02 11.02
N ASP C 313 16.97 -26.27 11.25
CA ASP C 313 17.49 -27.38 10.46
C ASP C 313 17.40 -27.18 8.97
N ASN C 314 16.26 -26.83 8.47
CA ASN C 314 16.19 -26.55 7.05
C ASN C 314 17.09 -25.41 6.64
N LEU C 315 17.24 -24.39 7.44
CA LEU C 315 18.17 -23.36 7.02
C LEU C 315 19.60 -23.76 7.18
N ASN C 316 19.93 -24.51 8.21
CA ASN C 316 21.28 -25.06 8.29
C ASN C 316 21.66 -25.72 7.01
N LYS C 317 20.81 -26.56 6.46
CA LYS C 317 21.15 -27.26 5.23
C LYS C 317 21.29 -26.37 4.06
N ILE C 318 20.50 -25.33 3.96
CA ILE C 318 20.46 -24.48 2.77
C ILE C 318 21.68 -23.69 2.73
N LEU C 319 22.10 -23.29 3.88
CA LEU C 319 23.22 -22.43 4.00
C LEU C 319 24.48 -23.22 3.80
N GLN C 320 24.59 -24.39 4.45
CA GLN C 320 25.74 -25.23 4.24
C GLN C 320 25.93 -25.52 2.78
N VAL C 321 24.89 -25.78 2.04
CA VAL C 321 25.10 -26.00 0.63
C VAL C 321 25.59 -24.75 -0.07
N PHE C 322 24.92 -23.61 0.16
CA PHE C 322 25.27 -22.30 -0.43
C PHE C 322 26.75 -22.03 -0.41
N VAL C 323 27.40 -22.44 0.67
CA VAL C 323 28.80 -22.18 0.92
C VAL C 323 29.72 -23.12 0.14
N LEU C 324 29.53 -24.42 0.28
CA LEU C 324 30.24 -25.35 -0.58
C LEU C 324 30.08 -24.97 -2.02
N GLU C 325 28.94 -24.49 -2.40
CA GLU C 325 28.85 -24.13 -3.78
C GLU C 325 29.63 -22.92 -4.12
N TYR C 326 29.85 -21.99 -3.19
CA TYR C 326 30.60 -20.75 -3.45
C TYR C 326 32.06 -21.05 -3.48
N LEU C 327 32.45 -21.87 -2.55
CA LEU C 327 33.81 -22.26 -2.33
C LEU C 327 34.25 -23.40 -3.21
N HIS C 328 33.38 -23.96 -4.02
CA HIS C 328 33.72 -25.01 -4.95
C HIS C 328 34.25 -26.23 -4.23
N LEU C 329 33.70 -26.54 -3.07
CA LEU C 329 33.95 -27.79 -2.47
C LEU C 329 32.77 -28.66 -2.75
N ALA D 1 8.88 37.71 -3.63
CA ALA D 1 8.67 36.64 -4.60
C ALA D 1 7.59 37.10 -5.56
N SER D 2 7.40 36.33 -6.63
CA SER D 2 6.23 36.47 -7.47
C SER D 2 5.38 35.23 -7.24
N ALA D 3 4.80 34.66 -8.28
CA ALA D 3 4.00 33.46 -8.07
C ALA D 3 4.05 32.54 -9.27
N TRP D 4 4.89 32.76 -10.24
CA TRP D 4 5.03 31.79 -11.32
C TRP D 4 5.77 30.54 -10.91
N PRO D 5 6.53 30.53 -9.82
CA PRO D 5 7.04 29.27 -9.32
C PRO D 5 5.98 28.32 -8.89
N GLU D 6 4.72 28.73 -8.84
CA GLU D 6 3.66 27.85 -8.43
C GLU D 6 2.78 27.44 -9.57
N GLU D 7 3.04 27.90 -10.78
CA GLU D 7 2.15 27.54 -11.84
C GLU D 7 2.18 26.04 -12.06
N LYS D 8 3.28 25.43 -11.69
CA LYS D 8 3.48 24.05 -11.96
C LYS D 8 2.54 23.16 -11.20
N ASN D 9 1.96 23.63 -10.15
CA ASN D 9 1.04 22.84 -9.37
C ASN D 9 -0.34 22.83 -9.92
N TYR D 10 -0.59 23.58 -10.94
CA TYR D 10 -1.92 23.76 -11.43
C TYR D 10 -1.95 23.49 -12.89
N HIS D 11 -0.79 23.27 -13.45
CA HIS D 11 -0.67 22.97 -14.85
C HIS D 11 -1.29 21.69 -15.24
N GLN D 12 -2.11 21.75 -16.22
CA GLN D 12 -2.78 20.58 -16.65
C GLN D 12 -2.46 20.39 -18.09
N PRO D 13 -2.52 19.17 -18.59
CA PRO D 13 -2.12 18.91 -19.95
C PRO D 13 -3.29 19.06 -20.89
N ALA D 14 -2.98 19.16 -22.13
CA ALA D 14 -3.97 19.19 -23.20
C ALA D 14 -4.05 17.83 -23.88
N ILE D 15 -5.02 17.00 -23.48
CA ILE D 15 -5.05 15.63 -23.96
C ILE D 15 -5.38 15.59 -25.43
N LEU D 16 -4.95 14.52 -26.07
CA LEU D 16 -5.05 14.38 -27.50
C LEU D 16 -6.15 13.46 -27.88
N ASN D 17 -6.61 13.65 -29.08
CA ASN D 17 -7.71 12.88 -29.59
C ASN D 17 -7.18 11.81 -30.50
N SER D 18 -7.92 10.74 -30.55
CA SER D 18 -7.49 9.56 -31.27
C SER D 18 -6.74 9.89 -32.51
N SER D 19 -7.30 10.76 -33.30
CA SER D 19 -6.65 11.11 -34.56
C SER D 19 -5.22 11.61 -34.34
N ALA D 20 -5.01 12.32 -33.26
CA ALA D 20 -3.73 12.90 -33.07
C ALA D 20 -2.80 11.92 -32.41
N LEU D 21 -3.32 11.04 -31.62
CA LEU D 21 -2.50 9.95 -31.16
C LEU D 21 -2.04 9.10 -32.33
N ARG D 22 -2.90 8.85 -33.29
CA ARG D 22 -2.43 8.13 -34.46
C ARG D 22 -1.20 8.78 -35.10
N GLN D 23 -1.16 10.11 -35.18
CA GLN D 23 -0.08 10.75 -35.90
C GLN D 23 1.22 10.50 -35.17
N ILE D 24 1.23 10.70 -33.87
CA ILE D 24 2.45 10.51 -33.07
C ILE D 24 3.00 9.12 -33.22
N ALA D 25 2.15 8.13 -33.05
CA ALA D 25 2.58 6.74 -33.16
C ALA D 25 3.19 6.45 -34.51
N GLU D 26 2.52 6.87 -35.55
CA GLU D 26 3.12 6.78 -36.86
C GLU D 26 4.38 7.60 -36.94
N GLY D 27 4.45 8.67 -36.16
CA GLY D 27 5.48 9.67 -36.33
C GLY D 27 6.85 9.27 -35.89
N THR D 28 6.97 8.30 -35.01
CA THR D 28 8.25 7.80 -34.52
C THR D 28 8.65 6.50 -35.22
N SER D 29 9.94 6.31 -35.39
CA SER D 29 10.44 5.10 -35.97
C SER D 29 11.43 4.45 -35.03
N ILE D 30 11.19 3.20 -34.68
CA ILE D 30 12.13 2.54 -33.82
C ILE D 30 13.31 2.11 -34.62
N SER D 31 13.21 2.04 -35.92
CA SER D 31 14.33 1.45 -36.61
C SER D 31 15.31 2.52 -37.03
N GLU D 32 14.82 3.72 -37.28
CA GLU D 32 15.70 4.85 -37.37
C GLU D 32 16.35 5.12 -36.03
N MET D 33 15.67 4.87 -34.94
CA MET D 33 16.34 5.09 -33.69
C MET D 33 17.40 4.05 -33.46
N TRP D 34 17.06 2.79 -33.60
CA TRP D 34 18.03 1.77 -33.30
C TRP D 34 19.30 2.08 -34.01
N GLN D 35 19.21 2.72 -35.13
CA GLN D 35 20.30 2.78 -36.04
C GLN D 35 21.02 4.11 -35.98
N ASN D 36 20.31 5.20 -36.01
CA ASN D 36 20.93 6.49 -36.09
C ASN D 36 21.21 7.07 -34.74
N ASP D 37 20.36 6.79 -33.79
CA ASP D 37 20.48 7.30 -32.46
C ASP D 37 21.17 6.32 -31.53
N LEU D 38 20.75 5.09 -31.47
CA LEU D 38 21.22 4.17 -30.46
C LEU D 38 22.51 3.46 -30.78
N GLN D 39 22.71 3.06 -31.97
CA GLN D 39 23.73 2.04 -32.16
C GLN D 39 25.06 2.66 -31.99
N PRO D 40 25.23 3.94 -32.27
CA PRO D 40 26.47 4.62 -31.94
C PRO D 40 26.69 4.83 -30.48
N LEU D 41 25.74 4.62 -29.63
CA LEU D 41 25.95 4.84 -28.21
C LEU D 41 26.42 3.59 -27.52
N LEU D 42 26.42 2.45 -28.19
CA LEU D 42 26.73 1.19 -27.55
C LEU D 42 28.23 0.95 -27.58
N ILE D 43 28.93 1.82 -26.86
CA ILE D 43 30.37 1.77 -26.71
C ILE D 43 30.66 1.91 -25.25
N GLU D 44 31.81 1.45 -24.83
CA GLU D 44 32.37 1.92 -23.57
C GLU D 44 32.30 3.42 -23.60
N ARG D 45 31.84 4.02 -22.53
CA ARG D 45 31.81 5.45 -22.50
C ARG D 45 31.91 5.97 -21.08
N TYR D 46 32.92 5.55 -20.36
CA TYR D 46 33.07 5.97 -19.03
C TYR D 46 33.78 7.31 -19.01
N PRO D 47 33.67 8.02 -17.93
CA PRO D 47 34.18 9.38 -17.88
C PRO D 47 35.62 9.51 -18.29
N GLY D 48 35.87 10.36 -19.22
CA GLY D 48 37.20 10.64 -19.65
C GLY D 48 37.69 9.72 -20.71
N SER D 49 36.93 8.74 -21.02
CA SER D 49 37.27 7.85 -22.05
C SER D 49 37.08 8.50 -23.39
N PRO D 50 37.61 7.89 -24.43
CA PRO D 50 37.31 8.37 -25.77
C PRO D 50 35.88 8.13 -26.16
N GLY D 51 35.21 7.21 -25.49
CA GLY D 51 33.78 7.06 -25.68
C GLY D 51 32.95 8.19 -25.09
N SER D 52 33.31 8.68 -23.90
CA SER D 52 32.61 9.85 -23.39
C SER D 52 32.61 10.91 -24.44
N TYR D 53 33.71 11.09 -25.13
CA TYR D 53 33.78 12.12 -26.14
C TYR D 53 32.98 11.77 -27.38
N ALA D 54 33.09 10.57 -27.86
CA ALA D 54 32.41 10.33 -29.12
C ALA D 54 30.94 10.23 -28.91
N ALA D 55 30.54 9.73 -27.76
CA ALA D 55 29.16 9.81 -27.41
C ALA D 55 28.72 11.23 -27.26
N ARG D 56 29.46 12.00 -26.49
CA ARG D 56 29.16 13.42 -26.37
C ARG D 56 29.01 14.05 -27.71
N GLN D 57 29.95 13.86 -28.59
CA GLN D 57 29.79 14.45 -29.89
C GLN D 57 28.57 13.95 -30.59
N HIS D 58 28.40 12.63 -30.62
CA HIS D 58 27.25 12.04 -31.27
C HIS D 58 25.97 12.70 -30.85
N ILE D 59 25.79 12.83 -29.56
CA ILE D 59 24.54 13.35 -29.07
C ILE D 59 24.31 14.69 -29.70
N MET D 60 25.33 15.52 -29.70
CA MET D 60 25.13 16.85 -30.25
C MET D 60 24.82 16.79 -31.72
N GLN D 61 25.64 16.08 -32.48
CA GLN D 61 25.45 16.10 -33.91
C GLN D 61 24.00 15.84 -34.26
N ARG D 62 23.36 15.00 -33.46
CA ARG D 62 22.02 14.57 -33.80
C ARG D 62 20.98 15.57 -33.40
N ILE D 63 21.22 16.31 -32.34
CA ILE D 63 20.35 17.42 -32.04
C ILE D 63 20.68 18.56 -32.96
N GLN D 64 21.95 18.91 -33.02
CA GLN D 64 22.34 20.04 -33.81
C GLN D 64 21.77 19.98 -35.17
N ARG D 65 21.26 18.86 -35.61
CA ARG D 65 20.77 18.78 -36.97
C ARG D 65 19.26 18.86 -37.09
N LEU D 66 18.54 19.00 -36.00
CA LEU D 66 17.12 19.21 -36.14
C LEU D 66 16.83 20.69 -36.41
N GLN D 67 15.60 21.00 -36.69
CA GLN D 67 15.35 22.37 -37.06
C GLN D 67 15.05 23.22 -35.85
N ALA D 68 14.35 22.68 -34.87
CA ALA D 68 14.11 23.46 -33.69
C ALA D 68 15.40 24.05 -33.16
N ASP D 69 15.26 25.06 -32.32
CA ASP D 69 16.36 25.94 -31.99
C ASP D 69 16.98 25.50 -30.66
N TRP D 70 17.67 24.36 -30.71
CA TRP D 70 18.15 23.75 -29.50
C TRP D 70 19.44 24.45 -29.16
N VAL D 71 19.50 25.00 -27.96
CA VAL D 71 20.67 25.64 -27.42
C VAL D 71 21.42 24.61 -26.63
N LEU D 72 22.68 24.38 -26.97
CA LEU D 72 23.49 23.30 -26.40
C LEU D 72 24.66 23.77 -25.57
N GLU D 73 24.60 23.52 -24.28
CA GLU D 73 25.67 23.80 -23.35
C GLU D 73 26.43 22.52 -23.07
N ILE D 74 27.74 22.63 -22.88
CA ILE D 74 28.55 21.57 -22.28
C ILE D 74 29.09 22.12 -20.99
N ASP D 75 28.58 21.62 -19.90
CA ASP D 75 29.03 21.95 -18.57
C ASP D 75 30.18 21.00 -18.25
N THR D 76 31.34 21.27 -18.81
CA THR D 76 32.49 20.55 -18.37
C THR D 76 33.01 21.08 -17.05
N PHE D 77 33.58 20.20 -16.26
CA PHE D 77 33.73 20.50 -14.86
C PHE D 77 34.54 19.39 -14.21
N LEU D 78 34.93 19.62 -12.98
CA LEU D 78 35.95 18.83 -12.35
C LEU D 78 35.43 18.40 -11.02
N SER D 79 35.59 17.13 -10.67
CA SER D 79 35.09 16.69 -9.39
C SER D 79 36.02 15.62 -8.86
N GLN D 80 36.07 15.49 -7.55
CA GLN D 80 36.97 14.52 -6.96
C GLN D 80 36.29 13.20 -6.87
N THR D 81 37.10 12.16 -6.82
CA THR D 81 36.67 10.79 -6.99
C THR D 81 37.66 9.92 -6.26
N PRO D 82 37.38 8.63 -6.14
CA PRO D 82 38.34 7.74 -5.50
C PRO D 82 39.67 7.67 -6.21
N TYR D 83 39.72 7.86 -7.52
CA TYR D 83 40.97 7.90 -8.24
C TYR D 83 41.42 9.32 -8.53
N GLY D 84 40.93 10.30 -7.79
CA GLY D 84 41.42 11.64 -7.92
C GLY D 84 40.50 12.49 -8.76
N TYR D 85 40.92 13.74 -8.96
CA TYR D 85 40.12 14.69 -9.71
C TYR D 85 40.03 14.29 -11.13
N ARG D 86 38.85 14.45 -11.69
CA ARG D 86 38.61 13.96 -13.03
C ARG D 86 37.55 14.86 -13.66
N SER D 87 37.48 14.84 -14.96
CA SER D 87 36.75 15.81 -15.72
C SER D 87 35.51 15.16 -16.30
N PHE D 88 34.38 15.82 -16.14
CA PHE D 88 33.07 15.36 -16.49
C PHE D 88 32.43 16.32 -17.45
N SER D 89 31.40 15.90 -18.19
CA SER D 89 30.79 16.82 -19.14
C SER D 89 29.30 16.55 -19.28
N ASN D 90 28.48 17.33 -18.57
CA ASN D 90 27.06 17.33 -18.77
C ASN D 90 26.74 17.98 -20.07
N ILE D 91 25.62 17.58 -20.63
CA ILE D 91 25.09 18.12 -21.86
C ILE D 91 23.73 18.61 -21.54
N ILE D 92 23.52 19.87 -21.73
CA ILE D 92 22.21 20.43 -21.62
C ILE D 92 21.83 20.88 -22.99
N SER D 93 20.62 20.53 -23.40
CA SER D 93 20.03 21.02 -24.61
C SER D 93 18.69 21.63 -24.26
N THR D 94 18.46 22.85 -24.69
CA THR D 94 17.35 23.66 -24.21
C THR D 94 16.59 24.30 -25.34
N LEU D 95 15.30 24.29 -25.25
CA LEU D 95 14.56 25.19 -26.07
C LEU D 95 14.20 26.35 -25.20
N ASN D 96 14.33 27.58 -25.76
CA ASN D 96 13.92 28.79 -25.12
C ASN D 96 14.54 28.93 -23.74
N PRO D 97 15.81 29.23 -23.67
CA PRO D 97 16.47 29.22 -22.37
C PRO D 97 15.93 30.26 -21.44
N THR D 98 15.26 31.27 -21.98
CA THR D 98 14.41 32.10 -21.16
C THR D 98 13.02 31.51 -20.95
N ALA D 99 12.58 30.52 -21.72
CA ALA D 99 11.33 29.86 -21.32
C ALA D 99 11.32 29.57 -19.82
N LYS D 100 11.16 30.65 -19.08
CA LYS D 100 10.98 30.73 -17.63
C LYS D 100 10.70 29.43 -16.90
N ARG D 101 9.66 28.77 -17.33
CA ARG D 101 9.34 27.40 -16.97
C ARG D 101 9.85 26.39 -18.00
N HIS D 102 10.28 25.22 -17.53
CA HIS D 102 10.72 24.14 -18.40
C HIS D 102 10.31 22.77 -17.87
N LEU D 103 9.86 21.89 -18.77
CA LEU D 103 9.83 20.45 -18.50
C LEU D 103 11.14 19.81 -18.89
N VAL D 104 11.65 18.98 -18.04
CA VAL D 104 12.99 18.47 -18.27
C VAL D 104 12.94 16.99 -18.42
N LEU D 105 13.49 16.50 -19.49
CA LEU D 105 13.78 15.09 -19.66
C LEU D 105 15.24 14.78 -19.41
N ALA D 106 15.53 13.74 -18.68
CA ALA D 106 16.94 13.47 -18.47
C ALA D 106 17.29 12.02 -18.37
N CYS D 107 18.49 11.67 -18.81
CA CYS D 107 19.18 10.42 -18.57
C CYS D 107 20.65 10.68 -18.26
N HIS D 108 21.37 9.61 -17.95
CA HIS D 108 22.82 9.62 -18.03
C HIS D 108 23.40 8.99 -19.28
N TYR D 109 24.37 9.65 -19.86
CA TYR D 109 25.06 9.14 -21.02
C TYR D 109 26.36 8.43 -20.68
N ASP D 110 26.79 8.39 -19.43
CA ASP D 110 27.94 7.55 -19.17
C ASP D 110 27.53 6.10 -18.95
N SER D 111 28.54 5.28 -18.94
CA SER D 111 28.46 3.87 -18.72
C SER D 111 29.40 3.50 -17.60
N LYS D 112 29.04 2.55 -16.76
CA LYS D 112 29.88 2.21 -15.65
C LYS D 112 31.23 1.87 -16.18
N TYR D 113 32.25 1.95 -15.33
CA TYR D 113 33.54 1.41 -15.68
C TYR D 113 33.71 0.03 -15.09
N PHE D 114 34.17 -0.90 -15.93
CA PHE D 114 34.55 -2.25 -15.62
C PHE D 114 35.81 -2.58 -16.40
N SER D 115 36.74 -3.28 -15.81
CA SER D 115 37.75 -3.90 -16.67
C SER D 115 37.11 -4.88 -17.62
N HIS D 116 37.70 -5.00 -18.82
CA HIS D 116 37.36 -6.05 -19.75
C HIS D 116 37.59 -7.40 -19.11
N TRP D 117 36.71 -8.34 -19.39
CA TRP D 117 36.76 -9.64 -18.75
C TRP D 117 36.48 -10.68 -19.81
N ASN D 118 37.46 -11.53 -20.10
CA ASN D 118 37.35 -12.48 -21.21
C ASN D 118 36.86 -11.77 -22.46
N ASN D 119 37.49 -10.66 -22.74
CA ASN D 119 37.28 -9.95 -23.98
C ASN D 119 35.94 -9.28 -24.07
N ARG D 120 35.18 -9.31 -23.04
CA ARG D 120 33.92 -8.63 -23.04
C ARG D 120 34.01 -7.27 -22.37
N VAL D 121 33.36 -6.33 -22.99
CA VAL D 121 33.23 -4.96 -22.57
C VAL D 121 31.80 -4.62 -22.21
N PHE D 122 31.61 -3.84 -21.13
CA PHE D 122 30.33 -3.25 -20.69
C PHE D 122 29.95 -2.02 -21.46
N VAL D 123 28.72 -1.96 -21.96
CA VAL D 123 28.20 -0.84 -22.75
C VAL D 123 26.88 -0.33 -22.22
N GLY D 124 26.38 -0.85 -21.15
CA GLY D 124 25.07 -0.52 -20.75
C GLY D 124 24.10 -0.23 -21.82
N ALA D 125 23.39 -1.20 -22.36
CA ALA D 125 22.37 -0.84 -23.31
C ALA D 125 21.13 -0.40 -22.63
N THR D 126 20.83 -0.91 -21.47
CA THR D 126 19.79 -0.28 -20.67
C THR D 126 20.24 0.83 -19.72
N ASP D 127 21.52 0.88 -19.30
CA ASP D 127 22.13 1.64 -18.14
C ASP D 127 23.18 2.50 -18.75
N SER D 128 22.86 3.44 -19.62
CA SER D 128 21.50 3.96 -19.94
C SER D 128 21.50 4.44 -21.34
N ALA D 129 21.92 3.62 -22.25
CA ALA D 129 22.00 4.03 -23.62
C ALA D 129 20.63 4.11 -24.29
N VAL D 130 19.71 3.25 -23.95
CA VAL D 130 18.41 3.32 -24.58
C VAL D 130 17.73 4.61 -24.23
N PRO D 131 17.74 5.06 -22.99
CA PRO D 131 17.28 6.38 -22.64
C PRO D 131 17.91 7.51 -23.35
N CYS D 132 19.19 7.53 -23.58
CA CYS D 132 19.73 8.60 -24.37
C CYS D 132 19.08 8.66 -25.72
N ALA D 133 19.08 7.57 -26.44
CA ALA D 133 18.47 7.50 -27.76
C ALA D 133 17.01 7.71 -27.73
N MET D 134 16.35 7.25 -26.73
CA MET D 134 14.92 7.55 -26.67
C MET D 134 14.67 9.03 -26.70
N MET D 135 15.50 9.79 -25.99
CA MET D 135 15.42 11.23 -25.96
C MET D 135 15.78 11.81 -27.29
N LEU D 136 16.85 11.33 -27.87
CA LEU D 136 17.18 11.76 -29.19
C LEU D 136 16.03 11.59 -30.15
N GLU D 137 15.42 10.40 -30.18
CA GLU D 137 14.28 10.14 -31.03
C GLU D 137 13.12 11.09 -30.77
N LEU D 138 12.86 11.39 -29.52
CA LEU D 138 11.77 12.28 -29.20
C LEU D 138 11.96 13.66 -29.78
N ALA D 139 13.15 14.21 -29.63
CA ALA D 139 13.44 15.44 -30.31
C ALA D 139 13.17 15.28 -31.78
N ARG D 140 13.66 14.21 -32.36
CA ARG D 140 13.51 14.06 -33.80
C ARG D 140 12.04 14.05 -34.18
N ALA D 141 11.25 13.28 -33.49
CA ALA D 141 9.90 13.07 -33.99
C ALA D 141 9.04 14.25 -33.69
N LEU D 142 9.21 14.84 -32.56
CA LEU D 142 8.46 16.02 -32.25
C LEU D 142 8.98 17.28 -32.91
N ASP D 143 10.06 17.21 -33.67
CA ASP D 143 10.72 18.41 -34.15
C ASP D 143 9.75 19.41 -34.73
N LYS D 144 8.86 18.97 -35.60
CA LYS D 144 8.01 19.92 -36.28
C LYS D 144 7.00 20.54 -35.33
N LYS D 145 6.49 19.77 -34.38
CA LYS D 145 5.60 20.42 -33.46
C LYS D 145 6.35 21.31 -32.51
N LEU D 146 7.62 21.05 -32.29
CA LEU D 146 8.42 21.81 -31.35
C LEU D 146 8.90 23.13 -31.92
N LEU D 147 8.80 23.30 -33.21
CA LEU D 147 9.11 24.58 -33.79
C LEU D 147 8.20 25.65 -33.24
N SER D 148 6.92 25.35 -33.10
CA SER D 148 5.93 26.32 -32.63
C SER D 148 6.25 26.95 -31.29
N LEU D 149 7.49 26.89 -30.82
CA LEU D 149 7.90 27.68 -29.68
C LEU D 149 9.01 28.66 -30.06
N LYS D 150 8.89 29.25 -31.24
CA LYS D 150 9.71 30.37 -31.64
C LYS D 150 11.17 30.03 -31.49
N PRO D 157 1.30 30.07 -21.72
CA PRO D 157 2.20 29.67 -20.63
C PRO D 157 3.60 29.82 -21.14
N ASP D 158 4.48 30.30 -20.28
CA ASP D 158 5.86 30.57 -20.66
C ASP D 158 6.66 29.34 -20.26
N LEU D 159 6.63 28.31 -21.11
CA LEU D 159 6.99 26.92 -20.78
C LEU D 159 7.51 26.20 -22.01
N SER D 160 8.74 25.69 -21.98
CA SER D 160 9.31 24.96 -23.09
C SER D 160 9.91 23.64 -22.60
N LEU D 161 10.80 23.06 -23.37
CA LEU D 161 11.33 21.75 -23.04
C LEU D 161 12.84 21.76 -22.87
N GLN D 162 13.31 21.00 -21.90
CA GLN D 162 14.75 20.85 -21.80
C GLN D 162 15.21 19.41 -21.63
N LEU D 163 16.28 19.05 -22.31
CA LEU D 163 16.89 17.75 -22.22
C LEU D 163 18.23 17.82 -21.54
N ILE D 164 18.54 16.83 -20.72
CA ILE D 164 19.79 16.76 -19.98
C ILE D 164 20.33 15.36 -20.09
N PHE D 165 21.54 15.24 -20.51
CA PHE D 165 22.30 14.00 -20.47
C PHE D 165 23.44 14.16 -19.46
N PHE D 166 23.26 13.68 -18.27
CA PHE D 166 24.24 13.79 -17.24
C PHE D 166 25.41 12.91 -17.52
N ASP D 167 26.58 13.32 -17.08
CA ASP D 167 27.78 12.49 -17.06
C ASP D 167 28.03 12.01 -15.66
N GLY D 168 28.78 10.97 -15.56
CA GLY D 168 29.16 10.62 -14.24
C GLY D 168 28.14 10.15 -13.30
N GLU D 169 27.20 9.33 -13.74
CA GLU D 169 26.21 8.86 -12.82
C GLU D 169 26.70 7.71 -12.03
N GLU D 170 27.49 6.87 -12.63
CA GLU D 170 27.76 5.62 -11.98
C GLU D 170 28.93 5.86 -11.09
N ALA D 171 29.01 5.12 -10.02
CA ALA D 171 30.18 5.22 -9.19
C ALA D 171 31.37 4.76 -10.00
N PHE D 172 32.55 5.26 -9.66
CA PHE D 172 33.75 4.71 -10.26
C PHE D 172 34.11 3.38 -9.62
N LEU D 173 34.26 3.37 -8.31
CA LEU D 173 34.63 2.17 -7.62
C LEU D 173 33.44 1.54 -6.96
N HIS D 174 32.78 2.22 -6.05
CA HIS D 174 31.78 1.51 -5.31
C HIS D 174 30.89 2.55 -4.64
N TRP D 175 29.81 2.86 -5.33
CA TRP D 175 28.56 3.35 -4.83
C TRP D 175 28.61 3.88 -3.43
N SER D 176 28.21 5.06 -3.32
CA SER D 176 28.26 5.78 -2.10
C SER D 176 27.98 7.17 -2.52
N PRO D 177 27.52 7.97 -1.60
CA PRO D 177 27.26 9.35 -1.92
C PRO D 177 28.48 10.10 -2.41
N GLN D 178 29.65 9.78 -1.86
CA GLN D 178 30.82 10.52 -2.23
C GLN D 178 31.28 10.16 -3.61
N ASP D 179 30.80 9.04 -4.14
CA ASP D 179 31.29 8.48 -5.41
C ASP D 179 30.07 8.04 -6.20
N SER D 180 29.49 8.95 -6.98
CA SER D 180 28.24 8.79 -7.70
C SER D 180 27.53 10.11 -7.91
N LEU D 181 26.86 10.20 -9.02
CA LEU D 181 26.07 11.35 -9.35
C LEU D 181 26.92 12.59 -9.39
N TYR D 182 28.05 12.46 -10.03
CA TYR D 182 28.93 13.60 -10.23
C TYR D 182 28.26 14.68 -11.06
N GLY D 183 27.64 14.33 -12.18
CA GLY D 183 27.15 15.36 -13.06
C GLY D 183 25.91 16.03 -12.57
N SER D 184 25.09 15.32 -11.82
CA SER D 184 23.83 15.86 -11.36
C SER D 184 23.95 16.42 -10.01
N ARG D 185 24.97 16.08 -9.28
CA ARG D 185 25.19 16.81 -8.06
C ARG D 185 25.70 18.21 -8.38
N HIS D 186 26.53 18.33 -9.36
CA HIS D 186 27.01 19.60 -9.82
C HIS D 186 25.88 20.45 -10.33
N LEU D 187 25.10 19.92 -11.24
CA LEU D 187 24.15 20.74 -11.94
C LEU D 187 23.02 21.13 -11.04
N ALA D 188 22.50 20.20 -10.31
CA ALA D 188 21.53 20.56 -9.33
C ALA D 188 21.96 21.80 -8.61
N ALA D 189 23.22 21.89 -8.22
CA ALA D 189 23.62 23.00 -7.38
C ALA D 189 24.02 24.21 -8.19
N LYS D 190 24.71 24.06 -9.27
CA LYS D 190 24.92 25.20 -10.11
C LYS D 190 23.64 25.80 -10.54
N MET D 191 22.56 25.06 -10.52
CA MET D 191 21.29 25.57 -10.99
C MET D 191 20.56 26.26 -9.89
N ALA D 192 20.68 25.80 -8.70
CA ALA D 192 19.98 26.41 -7.64
C ALA D 192 20.50 27.79 -7.33
N SER D 193 21.61 28.16 -7.94
CA SER D 193 22.29 29.40 -7.74
C SER D 193 22.58 30.05 -9.06
N THR D 194 21.79 29.77 -10.03
CA THR D 194 21.66 30.61 -11.18
C THR D 194 20.29 31.24 -11.18
N PRO D 195 20.17 32.54 -11.25
CA PRO D 195 18.84 33.13 -11.25
C PRO D 195 18.15 33.02 -12.59
N HIS D 196 16.84 32.82 -12.50
CA HIS D 196 16.05 32.63 -13.67
C HIS D 196 14.75 33.32 -13.42
N PRO D 197 14.34 34.09 -14.37
CA PRO D 197 14.97 34.36 -15.62
C PRO D 197 16.06 35.31 -15.44
N PRO D 198 16.79 35.58 -16.45
CA PRO D 198 17.89 36.49 -16.24
C PRO D 198 17.42 37.77 -15.62
N GLY D 199 17.98 38.08 -14.52
CA GLY D 199 17.64 39.26 -13.78
C GLY D 199 16.92 38.93 -12.52
N ALA D 200 16.29 37.81 -12.47
CA ALA D 200 15.60 37.50 -11.24
C ALA D 200 16.43 37.79 -10.02
N ARG D 201 15.83 37.70 -8.90
CA ARG D 201 16.40 38.13 -7.65
C ARG D 201 16.15 37.17 -6.51
N GLY D 202 15.09 36.40 -6.52
CA GLY D 202 14.97 35.36 -5.52
C GLY D 202 14.60 34.00 -6.09
N THR D 203 14.70 33.82 -7.40
CA THR D 203 14.36 32.58 -8.05
C THR D 203 15.51 32.09 -8.89
N SER D 204 15.64 30.77 -8.91
CA SER D 204 16.72 30.06 -9.56
C SER D 204 16.16 29.25 -10.69
N GLN D 205 17.09 28.71 -11.47
CA GLN D 205 16.76 27.79 -12.52
C GLN D 205 16.03 26.58 -11.98
N LEU D 206 16.11 26.32 -10.70
CA LEU D 206 15.38 25.20 -10.16
C LEU D 206 13.94 25.50 -9.97
N HIS D 207 13.60 26.75 -9.84
CA HIS D 207 12.20 27.09 -9.72
C HIS D 207 11.46 26.86 -11.04
N GLY D 208 12.16 26.92 -12.15
CA GLY D 208 11.57 26.71 -13.45
C GLY D 208 11.63 25.29 -13.98
N MET D 209 11.99 24.33 -13.16
CA MET D 209 11.90 22.95 -13.53
C MET D 209 10.56 22.54 -13.00
N ASP D 210 9.63 22.37 -13.93
CA ASP D 210 8.30 21.95 -13.58
C ASP D 210 8.32 20.50 -13.17
N LEU D 211 8.91 19.70 -13.99
CA LEU D 211 8.96 18.32 -13.66
C LEU D 211 10.22 17.82 -14.30
N LEU D 212 10.96 17.06 -13.52
CA LEU D 212 12.09 16.32 -14.01
C LEU D 212 11.68 14.88 -14.30
N VAL D 213 11.80 14.50 -15.53
CA VAL D 213 11.44 13.19 -15.99
C VAL D 213 12.70 12.47 -16.32
N LEU D 214 13.05 11.51 -15.49
CA LEU D 214 14.30 10.80 -15.55
C LEU D 214 14.10 9.38 -16.10
N LEU D 215 14.91 9.02 -17.08
CA LEU D 215 14.89 7.76 -17.76
C LEU D 215 16.07 6.94 -17.34
N ASP D 216 15.83 5.80 -16.75
CA ASP D 216 16.96 5.02 -16.33
C ASP D 216 16.57 3.60 -16.47
N LEU D 217 17.46 2.80 -17.06
CA LEU D 217 17.38 1.34 -17.03
C LEU D 217 16.23 0.81 -17.87
N ILE D 218 16.16 1.23 -19.11
CA ILE D 218 14.97 1.06 -19.91
C ILE D 218 15.35 0.29 -21.14
N GLY D 219 14.53 -0.69 -21.52
CA GLY D 219 14.84 -1.49 -22.68
C GLY D 219 14.76 -2.98 -22.54
N ALA D 220 14.71 -3.46 -21.38
CA ALA D 220 14.40 -4.81 -21.06
C ALA D 220 12.94 -5.19 -21.21
N PRO D 221 12.65 -6.45 -21.24
CA PRO D 221 11.27 -6.84 -21.43
C PRO D 221 10.50 -6.69 -20.14
N ASN D 222 9.18 -6.53 -20.24
CA ASN D 222 8.28 -6.56 -19.10
C ASN D 222 8.69 -5.58 -18.01
N PRO D 223 8.96 -4.36 -18.35
CA PRO D 223 9.33 -3.40 -17.36
C PRO D 223 8.13 -2.95 -16.55
N THR D 224 8.32 -2.63 -15.31
CA THR D 224 7.22 -2.14 -14.50
C THR D 224 7.68 -0.96 -13.66
N PHE D 225 7.10 0.20 -13.88
CA PHE D 225 7.48 1.41 -13.20
C PHE D 225 6.56 1.74 -12.04
N PRO D 226 7.06 1.88 -10.85
CA PRO D 226 6.28 2.41 -9.77
C PRO D 226 6.05 3.93 -9.80
N ASN D 227 5.03 4.34 -9.07
CA ASN D 227 4.76 5.71 -8.71
C ASN D 227 5.49 6.05 -7.45
N PHE D 228 6.54 6.75 -7.62
CA PHE D 228 7.47 6.95 -6.55
C PHE D 228 7.04 8.12 -5.67
N PHE D 229 6.83 9.23 -6.21
CA PHE D 229 6.56 10.39 -5.36
C PHE D 229 5.12 10.87 -5.47
N PRO D 230 4.52 11.27 -4.35
CA PRO D 230 3.16 11.76 -4.37
C PRO D 230 2.95 13.04 -5.09
N ASN D 231 3.96 13.83 -5.33
CA ASN D 231 3.77 15.09 -5.97
C ASN D 231 4.05 15.04 -7.41
N SER D 232 4.24 13.88 -7.99
CA SER D 232 4.15 13.72 -9.41
C SER D 232 3.20 12.61 -9.77
N ALA D 233 2.58 12.05 -8.80
CA ALA D 233 1.62 11.03 -9.04
C ALA D 233 0.65 11.38 -10.14
N ARG D 234 0.17 12.59 -10.21
CA ARG D 234 -0.87 12.88 -11.20
C ARG D 234 -0.34 12.78 -12.58
N TRP D 235 0.96 13.03 -12.76
CA TRP D 235 1.56 12.85 -14.04
C TRP D 235 1.85 11.38 -14.29
N PHE D 236 1.96 10.60 -13.26
CA PHE D 236 2.14 9.21 -13.50
C PHE D 236 0.86 8.64 -13.98
N GLU D 237 -0.21 9.12 -13.39
CA GLU D 237 -1.54 8.70 -13.72
C GLU D 237 -1.82 9.07 -15.14
N ARG D 238 -1.13 10.07 -15.65
CA ARG D 238 -1.25 10.38 -17.06
C ARG D 238 -0.53 9.40 -17.91
N LEU D 239 0.46 8.77 -17.37
CA LEU D 239 1.26 7.93 -18.17
C LEU D 239 0.55 6.64 -18.33
N GLN D 240 -0.05 6.25 -17.22
CA GLN D 240 -1.03 5.21 -17.21
C GLN D 240 -2.04 5.43 -18.30
N ALA D 241 -2.69 6.53 -18.28
CA ALA D 241 -3.79 6.68 -19.18
C ALA D 241 -3.33 6.76 -20.59
N ILE D 242 -2.22 7.36 -20.85
CA ILE D 242 -1.71 7.38 -22.20
C ILE D 242 -1.38 6.00 -22.68
N GLU D 243 -0.88 5.13 -21.81
CA GLU D 243 -0.65 3.73 -22.17
C GLU D 243 -1.94 3.00 -22.44
N HIS D 244 -2.86 3.09 -21.51
CA HIS D 244 -4.12 2.47 -21.72
C HIS D 244 -4.78 2.90 -23.01
N GLU D 245 -4.62 4.11 -23.41
CA GLU D 245 -5.39 4.51 -24.57
C GLU D 245 -4.66 4.27 -25.85
N LEU D 246 -3.38 4.47 -25.88
CA LEU D 246 -2.65 4.00 -27.01
C LEU D 246 -2.92 2.54 -27.20
N HIS D 247 -3.05 1.81 -26.14
CA HIS D 247 -3.47 0.45 -26.27
C HIS D 247 -4.85 0.32 -26.89
N GLU D 248 -5.89 0.71 -26.20
CA GLU D 248 -7.26 0.49 -26.67
C GLU D 248 -7.52 0.90 -28.11
N LEU D 249 -6.53 1.46 -28.76
CA LEU D 249 -6.61 1.97 -30.10
C LEU D 249 -5.64 1.24 -30.98
N GLY D 250 -5.04 0.20 -30.48
CA GLY D 250 -4.21 -0.63 -31.29
C GLY D 250 -2.91 -0.07 -31.77
N LEU D 251 -2.26 0.73 -30.99
CA LEU D 251 -1.12 1.44 -31.49
C LEU D 251 0.13 1.09 -30.76
N LEU D 252 0.05 0.14 -29.85
CA LEU D 252 1.13 -0.54 -29.18
C LEU D 252 1.42 -1.90 -29.83
N LYS D 253 2.62 -2.42 -29.64
CA LYS D 253 3.02 -3.70 -30.25
C LYS D 253 3.38 -4.71 -29.19
N ASP D 254 2.80 -5.92 -29.27
CA ASP D 254 3.02 -7.06 -28.34
C ASP D 254 2.59 -6.73 -26.92
N HIS D 255 1.52 -5.97 -26.78
CA HIS D 255 1.23 -5.31 -25.52
C HIS D 255 -0.13 -5.68 -24.97
N SER D 256 -0.19 -5.86 -23.67
CA SER D 256 -1.46 -6.17 -23.07
C SER D 256 -1.59 -5.56 -21.69
N LEU D 257 -2.80 -5.24 -21.33
CA LEU D 257 -3.08 -4.58 -20.09
C LEU D 257 -2.72 -5.40 -18.90
N GLU D 258 -2.44 -6.66 -19.06
CA GLU D 258 -2.03 -7.43 -17.93
C GLU D 258 -0.54 -7.50 -17.86
N GLY D 259 0.13 -6.88 -18.80
CA GLY D 259 1.52 -6.61 -18.73
C GLY D 259 1.79 -5.15 -18.96
N ARG D 260 1.15 -4.29 -18.18
CA ARG D 260 1.26 -2.87 -18.37
C ARG D 260 2.55 -2.49 -17.81
N TYR D 261 2.99 -1.29 -18.16
CA TYR D 261 4.23 -0.78 -17.65
C TYR D 261 4.04 0.08 -16.42
N PHE D 262 2.99 0.83 -16.39
CA PHE D 262 2.71 1.74 -15.31
C PHE D 262 1.58 1.18 -14.54
N GLN D 263 1.87 0.54 -13.45
CA GLN D 263 0.84 -0.03 -12.62
C GLN D 263 0.61 0.78 -11.36
N ASN D 264 -0.65 0.96 -10.99
CA ASN D 264 -0.96 1.84 -9.87
C ASN D 264 -0.61 1.14 -8.57
N TYR D 265 0.64 0.75 -8.51
CA TYR D 265 1.21 0.37 -7.26
C TYR D 265 2.30 1.39 -6.99
N SER D 266 2.47 1.72 -5.74
CA SER D 266 3.44 2.69 -5.33
C SER D 266 4.71 1.98 -4.89
N TYR D 267 5.68 2.72 -4.43
CA TYR D 267 6.92 2.11 -4.03
C TYR D 267 7.33 2.57 -2.66
N GLY D 268 7.94 1.67 -1.90
CA GLY D 268 8.26 1.94 -0.53
C GLY D 268 9.39 2.93 -0.42
N GLY D 269 10.61 2.45 -0.66
CA GLY D 269 11.81 3.23 -0.45
C GLY D 269 12.21 4.04 -1.65
N VAL D 270 13.46 4.51 -1.62
CA VAL D 270 13.98 5.34 -2.70
C VAL D 270 15.16 4.65 -3.32
N ILE D 271 15.27 4.85 -4.56
CA ILE D 271 16.40 4.56 -5.41
C ILE D 271 17.24 5.82 -5.50
N GLN D 272 18.54 5.68 -5.45
CA GLN D 272 19.36 6.84 -5.68
C GLN D 272 19.60 6.97 -7.15
N ASP D 273 19.79 8.17 -7.63
CA ASP D 273 19.92 8.42 -9.04
C ASP D 273 20.03 9.92 -9.24
N ASP D 274 20.25 10.35 -10.46
CA ASP D 274 20.47 11.72 -10.78
C ASP D 274 19.25 12.59 -10.44
N HIS D 275 18.19 12.03 -9.96
CA HIS D 275 17.09 12.82 -9.50
C HIS D 275 17.28 13.26 -8.08
N ILE D 276 18.07 12.57 -7.32
CA ILE D 276 18.19 12.89 -5.92
C ILE D 276 18.70 14.29 -5.69
N PRO D 277 19.72 14.78 -6.37
CA PRO D 277 20.17 16.11 -6.09
C PRO D 277 19.10 17.13 -6.28
N PHE D 278 18.14 16.82 -7.12
CA PHE D 278 17.10 17.73 -7.41
C PHE D 278 15.94 17.49 -6.48
N LEU D 279 15.52 16.27 -6.37
CA LEU D 279 14.49 15.97 -5.42
C LEU D 279 14.76 16.70 -4.11
N ARG D 280 15.99 16.67 -3.61
CA ARG D 280 16.26 17.08 -2.24
C ARG D 280 16.14 18.60 -2.10
N ARG D 281 16.21 19.31 -3.20
CA ARG D 281 15.99 20.71 -3.34
C ARG D 281 14.56 21.04 -3.83
N GLY D 282 13.65 20.08 -3.86
CA GLY D 282 12.26 20.34 -4.02
C GLY D 282 11.70 20.32 -5.41
N VAL D 283 12.46 19.94 -6.43
CA VAL D 283 11.95 19.74 -7.79
C VAL D 283 11.06 18.51 -7.84
N PRO D 284 9.97 18.51 -8.59
CA PRO D 284 9.14 17.31 -8.70
C PRO D 284 9.65 16.37 -9.74
N VAL D 285 9.75 15.13 -9.38
CA VAL D 285 10.46 14.17 -10.19
C VAL D 285 9.55 13.06 -10.62
N LEU D 286 9.55 12.78 -11.87
CA LEU D 286 8.86 11.60 -12.35
C LEU D 286 9.91 10.58 -12.74
N HIS D 287 10.08 9.59 -11.93
CA HIS D 287 11.30 8.77 -12.02
C HIS D 287 10.99 7.47 -12.74
N LEU D 288 11.26 7.43 -14.02
CA LEU D 288 10.93 6.31 -14.84
C LEU D 288 12.10 5.35 -14.87
N ILE D 289 12.19 4.61 -13.79
CA ILE D 289 13.16 3.56 -13.60
C ILE D 289 12.32 2.37 -13.23
N PRO D 290 12.60 1.21 -13.75
CA PRO D 290 11.70 0.09 -13.54
C PRO D 290 12.07 -0.59 -12.25
N SER D 291 11.12 -1.28 -11.66
CA SER D 291 11.40 -1.98 -10.48
C SER D 291 10.67 -3.25 -10.57
N PRO D 292 11.39 -4.37 -10.60
CA PRO D 292 12.79 -4.65 -10.43
C PRO D 292 13.68 -4.22 -11.58
N PHE D 293 14.94 -4.00 -11.33
CA PHE D 293 15.85 -3.69 -12.38
C PHE D 293 15.88 -4.77 -13.43
N PRO D 294 16.47 -4.52 -14.56
CA PRO D 294 16.63 -5.55 -15.53
C PRO D 294 17.54 -6.63 -15.09
N GLU D 295 17.35 -7.84 -15.58
CA GLU D 295 18.13 -8.91 -15.06
C GLU D 295 19.58 -8.71 -15.41
N VAL D 296 19.84 -8.04 -16.48
CA VAL D 296 21.17 -7.87 -16.99
C VAL D 296 21.89 -6.71 -16.34
N TRP D 297 21.31 -6.20 -15.28
CA TRP D 297 21.81 -5.05 -14.65
C TRP D 297 23.25 -5.29 -14.31
N HIS D 298 24.10 -4.40 -14.78
CA HIS D 298 25.47 -4.32 -14.33
C HIS D 298 26.19 -5.61 -14.56
N THR D 299 26.03 -6.13 -15.75
CA THR D 299 26.67 -7.30 -16.29
C THR D 299 26.97 -7.03 -17.76
N MET D 300 27.89 -7.79 -18.32
CA MET D 300 28.25 -7.60 -19.71
C MET D 300 27.15 -8.01 -20.67
N ASP D 301 26.15 -8.72 -20.24
CA ASP D 301 24.94 -8.99 -20.98
C ASP D 301 23.96 -7.81 -21.12
N ASP D 302 24.19 -6.65 -20.56
CA ASP D 302 23.38 -5.52 -20.83
C ASP D 302 23.83 -5.00 -22.15
N ASN D 303 23.41 -5.71 -23.18
CA ASN D 303 23.75 -5.44 -24.55
C ASN D 303 22.52 -5.32 -25.44
N GLU D 304 22.78 -5.02 -26.70
CA GLU D 304 21.76 -4.96 -27.72
C GLU D 304 21.03 -6.30 -27.90
N GLU D 305 21.71 -7.39 -27.76
CA GLU D 305 21.07 -8.66 -27.97
C GLU D 305 19.89 -8.82 -27.05
N ASN D 306 19.95 -8.28 -25.85
CA ASN D 306 18.92 -8.51 -24.87
C ASN D 306 18.00 -7.35 -24.70
N LEU D 307 17.95 -6.47 -25.65
CA LEU D 307 16.94 -5.44 -25.60
C LEU D 307 15.71 -5.91 -26.26
N ASP D 308 14.59 -5.28 -25.92
CA ASP D 308 13.27 -5.69 -26.38
C ASP D 308 12.78 -4.54 -27.20
N GLU D 309 12.89 -4.70 -28.50
CA GLU D 309 12.58 -3.67 -29.46
C GLU D 309 11.18 -3.14 -29.28
N SER D 310 10.21 -3.99 -28.99
CA SER D 310 8.82 -3.60 -29.03
C SER D 310 8.43 -2.79 -27.83
N THR D 311 9.08 -3.08 -26.71
CA THR D 311 8.83 -2.31 -25.52
C THR D 311 9.46 -0.90 -25.60
N ILE D 312 10.59 -0.78 -26.22
CA ILE D 312 11.10 0.54 -26.42
C ILE D 312 10.18 1.30 -27.30
N ASP D 313 9.82 0.71 -28.41
CA ASP D 313 8.91 1.42 -29.30
C ASP D 313 7.64 1.80 -28.58
N ASN D 314 7.16 1.00 -27.67
CA ASN D 314 5.94 1.45 -27.11
C ASN D 314 6.23 2.59 -26.19
N LEU D 315 7.37 2.61 -25.60
CA LEU D 315 7.54 3.68 -24.67
C LEU D 315 7.84 4.95 -25.39
N ASN D 316 8.65 4.94 -26.41
CA ASN D 316 8.67 6.12 -27.25
C ASN D 316 7.26 6.69 -27.46
N LYS D 317 6.30 5.91 -27.88
CA LYS D 317 5.01 6.53 -28.16
C LYS D 317 4.38 7.09 -26.91
N ILE D 318 4.42 6.38 -25.80
CA ILE D 318 3.93 6.88 -24.53
C ILE D 318 4.67 8.14 -24.13
N LEU D 319 5.97 8.16 -24.31
CA LEU D 319 6.69 9.33 -23.84
C LEU D 319 6.43 10.51 -24.71
N GLN D 320 6.46 10.35 -26.01
CA GLN D 320 6.15 11.46 -26.89
C GLN D 320 4.76 12.01 -26.67
N VAL D 321 3.83 11.22 -26.26
CA VAL D 321 2.52 11.77 -26.03
C VAL D 321 2.54 12.57 -24.76
N PHE D 322 3.02 12.01 -23.69
CA PHE D 322 3.00 12.72 -22.43
C PHE D 322 3.52 14.13 -22.56
N VAL D 323 4.49 14.33 -23.44
CA VAL D 323 5.20 15.57 -23.55
C VAL D 323 4.36 16.57 -24.26
N LEU D 324 3.99 16.24 -25.47
CA LEU D 324 3.11 17.12 -26.19
C LEU D 324 1.92 17.43 -25.35
N GLU D 325 1.42 16.48 -24.65
CA GLU D 325 0.28 16.82 -23.86
C GLU D 325 0.64 17.86 -22.84
N TYR D 326 1.80 17.74 -22.18
CA TYR D 326 2.22 18.65 -21.11
C TYR D 326 2.46 20.03 -21.67
N LEU D 327 3.19 20.13 -22.73
CA LEU D 327 3.41 21.37 -23.42
C LEU D 327 2.26 21.86 -24.23
N HIS D 328 1.10 21.24 -24.26
CA HIS D 328 0.04 21.75 -25.12
C HIS D 328 0.56 21.95 -26.54
N LEU D 329 1.16 20.95 -27.08
CA LEU D 329 1.35 20.92 -28.50
C LEU D 329 0.64 19.73 -29.04
N ALA E 1 -8.76 -56.28 -14.70
CA ALA E 1 -7.81 -55.29 -15.19
C ALA E 1 -6.41 -55.87 -15.23
N SER E 2 -5.50 -55.11 -15.81
CA SER E 2 -4.09 -55.35 -15.64
C SER E 2 -3.53 -54.22 -14.82
N ALA E 3 -2.22 -54.13 -14.81
CA ALA E 3 -1.51 -53.06 -14.13
C ALA E 3 -1.22 -51.90 -15.04
N TRP E 4 -1.14 -52.12 -16.35
CA TRP E 4 -0.59 -51.06 -17.20
C TRP E 4 -1.38 -49.79 -17.10
N PRO E 5 -2.71 -49.80 -16.94
CA PRO E 5 -3.43 -48.54 -16.91
C PRO E 5 -2.92 -47.60 -15.88
N GLU E 6 -2.27 -48.08 -14.84
CA GLU E 6 -1.75 -47.20 -13.82
C GLU E 6 -0.29 -46.87 -14.01
N GLU E 7 0.41 -47.39 -15.00
CA GLU E 7 1.79 -46.97 -15.10
C GLU E 7 1.90 -45.47 -15.17
N LYS E 8 0.97 -44.79 -15.79
CA LYS E 8 1.08 -43.33 -15.97
C LYS E 8 1.29 -42.56 -14.69
N ASN E 9 0.84 -43.08 -13.56
CA ASN E 9 0.90 -42.44 -12.29
C ASN E 9 2.30 -42.32 -11.75
N TYR E 10 3.23 -42.94 -12.36
CA TYR E 10 4.53 -43.11 -11.78
C TYR E 10 5.58 -42.74 -12.79
N HIS E 11 5.15 -42.31 -13.95
CA HIS E 11 6.03 -41.94 -15.00
C HIS E 11 6.81 -40.73 -14.58
N GLN E 12 8.10 -40.81 -14.69
CA GLN E 12 8.96 -39.71 -14.51
C GLN E 12 9.60 -39.39 -15.83
N PRO E 13 10.07 -38.25 -16.00
CA PRO E 13 10.67 -37.88 -17.25
C PRO E 13 12.18 -37.97 -17.29
N ALA E 14 12.70 -37.91 -18.48
CA ALA E 14 14.11 -37.96 -18.71
C ALA E 14 14.54 -36.55 -18.93
N ILE E 15 15.01 -35.93 -17.89
CA ILE E 15 15.27 -34.53 -18.00
C ILE E 15 16.48 -34.35 -18.86
N LEU E 16 16.49 -33.34 -19.70
CA LEU E 16 17.61 -33.05 -20.56
C LEU E 16 18.68 -32.18 -19.93
N ASN E 17 19.94 -32.48 -20.21
CA ASN E 17 21.03 -31.61 -19.79
C ASN E 17 21.08 -30.36 -20.67
N SER E 18 21.99 -29.47 -20.32
CA SER E 18 22.04 -28.17 -20.94
C SER E 18 22.27 -28.28 -22.43
N SER E 19 23.40 -28.81 -22.83
CA SER E 19 23.75 -28.98 -24.22
C SER E 19 22.57 -29.39 -25.10
N ALA E 20 21.71 -30.20 -24.51
CA ALA E 20 20.62 -30.77 -25.23
C ALA E 20 19.57 -29.75 -25.51
N LEU E 21 19.09 -29.15 -24.43
CA LEU E 21 18.19 -28.04 -24.39
C LEU E 21 18.58 -26.98 -25.39
N ARG E 22 19.87 -26.71 -25.57
CA ARG E 22 20.26 -25.83 -26.66
C ARG E 22 19.94 -26.47 -27.98
N GLN E 23 20.30 -27.72 -28.12
CA GLN E 23 20.10 -28.35 -29.40
C GLN E 23 18.66 -28.39 -29.77
N ILE E 24 17.77 -28.30 -28.81
CA ILE E 24 16.36 -28.28 -29.15
C ILE E 24 15.97 -26.92 -29.55
N ALA E 25 16.54 -25.96 -28.88
CA ALA E 25 16.16 -24.60 -29.11
C ALA E 25 16.67 -24.09 -30.42
N GLU E 26 17.79 -24.57 -30.91
CA GLU E 26 18.13 -24.25 -32.29
C GLU E 26 17.22 -25.01 -33.27
N GLY E 27 16.67 -26.15 -32.84
CA GLY E 27 15.95 -27.01 -33.72
C GLY E 27 14.71 -26.43 -34.34
N THR E 28 14.20 -25.31 -33.82
CA THR E 28 12.86 -24.90 -34.18
C THR E 28 12.88 -23.50 -34.73
N SER E 29 12.45 -23.37 -35.94
CA SER E 29 12.33 -22.11 -36.60
C SER E 29 10.89 -21.71 -36.47
N ILE E 30 10.68 -20.55 -35.87
CA ILE E 30 9.38 -19.97 -35.83
C ILE E 30 9.02 -19.42 -37.17
N SER E 31 10.00 -19.08 -37.97
CA SER E 31 9.72 -18.58 -39.29
C SER E 31 9.21 -19.69 -40.20
N GLU E 32 9.93 -20.80 -40.26
CA GLU E 32 9.43 -21.95 -41.00
C GLU E 32 8.01 -22.28 -40.60
N MET E 33 7.76 -22.53 -39.33
CA MET E 33 6.38 -22.75 -38.91
C MET E 33 5.49 -21.65 -39.44
N TRP E 34 5.85 -20.40 -39.17
CA TRP E 34 4.95 -19.30 -39.44
C TRP E 34 4.42 -19.33 -40.83
N GLN E 35 5.25 -19.61 -41.80
CA GLN E 35 4.93 -19.51 -43.20
C GLN E 35 4.47 -20.85 -43.75
N ASN E 36 5.08 -21.96 -43.31
CA ASN E 36 4.70 -23.26 -43.84
C ASN E 36 3.50 -23.87 -43.09
N ASP E 37 3.45 -23.80 -41.76
CA ASP E 37 2.49 -24.58 -40.97
C ASP E 37 1.30 -23.77 -40.54
N LEU E 38 1.43 -22.46 -40.40
CA LEU E 38 0.34 -21.64 -39.88
C LEU E 38 -0.38 -20.78 -40.90
N GLN E 39 0.31 -20.15 -41.80
CA GLN E 39 -0.38 -19.24 -42.68
C GLN E 39 -1.44 -19.93 -43.51
N PRO E 40 -1.28 -21.17 -43.95
CA PRO E 40 -2.37 -21.83 -44.64
C PRO E 40 -3.64 -21.90 -43.87
N LEU E 41 -3.61 -21.90 -42.56
CA LEU E 41 -4.80 -22.14 -41.76
C LEU E 41 -5.60 -20.90 -41.42
N LEU E 42 -5.22 -19.73 -41.94
CA LEU E 42 -5.79 -18.44 -41.52
C LEU E 42 -6.97 -18.09 -42.34
N ILE E 43 -7.87 -19.04 -42.44
CA ILE E 43 -8.93 -18.95 -43.39
C ILE E 43 -10.16 -19.26 -42.64
N GLU E 44 -11.27 -18.78 -43.14
CA GLU E 44 -12.54 -19.15 -42.56
C GLU E 44 -12.66 -20.64 -42.72
N ARG E 45 -13.05 -21.32 -41.66
CA ARG E 45 -12.92 -22.75 -41.64
C ARG E 45 -13.85 -23.37 -40.64
N TYR E 46 -15.04 -22.92 -40.64
CA TYR E 46 -16.01 -23.53 -39.80
C TYR E 46 -16.50 -24.79 -40.47
N PRO E 47 -17.11 -25.66 -39.69
CA PRO E 47 -17.32 -27.01 -40.14
C PRO E 47 -18.23 -27.06 -41.33
N GLY E 48 -17.95 -27.98 -42.22
CA GLY E 48 -18.61 -28.09 -43.46
C GLY E 48 -17.92 -27.30 -44.53
N SER E 49 -17.29 -26.24 -44.15
CA SER E 49 -16.92 -25.24 -45.09
C SER E 49 -15.69 -25.62 -45.85
N PRO E 50 -15.50 -25.04 -46.99
CA PRO E 50 -14.31 -25.32 -47.77
C PRO E 50 -13.03 -25.11 -47.05
N GLY E 51 -12.93 -24.13 -46.17
CA GLY E 51 -11.72 -24.02 -45.41
C GLY E 51 -11.61 -25.13 -44.42
N SER E 52 -12.74 -25.72 -44.07
CA SER E 52 -12.73 -26.91 -43.26
C SER E 52 -12.05 -28.02 -44.00
N TYR E 53 -12.37 -28.22 -45.25
CA TYR E 53 -11.69 -29.28 -45.97
C TYR E 53 -10.29 -28.87 -46.38
N ALA E 54 -10.07 -27.62 -46.70
CA ALA E 54 -8.71 -27.20 -47.02
C ALA E 54 -7.82 -27.24 -45.81
N ALA E 55 -8.39 -26.98 -44.66
CA ALA E 55 -7.60 -27.01 -43.45
C ALA E 55 -7.16 -28.41 -43.18
N ARG E 56 -8.14 -29.29 -43.03
CA ARG E 56 -7.92 -30.71 -42.93
C ARG E 56 -6.85 -31.18 -43.87
N GLN E 57 -7.00 -30.88 -45.14
CA GLN E 57 -6.04 -31.33 -46.12
C GLN E 57 -4.67 -30.83 -45.80
N HIS E 58 -4.56 -29.54 -45.56
CA HIS E 58 -3.26 -28.97 -45.30
C HIS E 58 -2.55 -29.66 -44.15
N ILE E 59 -3.25 -29.83 -43.05
CA ILE E 59 -2.65 -30.46 -41.90
C ILE E 59 -2.02 -31.75 -42.32
N MET E 60 -2.85 -32.65 -42.82
CA MET E 60 -2.38 -33.96 -43.26
C MET E 60 -1.13 -33.87 -44.09
N GLN E 61 -1.18 -33.07 -45.14
CA GLN E 61 -0.03 -32.97 -46.02
C GLN E 61 1.25 -32.77 -45.24
N ARG E 62 1.19 -32.07 -44.11
CA ARG E 62 2.43 -31.63 -43.48
C ARG E 62 2.97 -32.72 -42.60
N ILE E 63 2.07 -33.57 -42.13
CA ILE E 63 2.43 -34.79 -41.44
C ILE E 63 2.91 -35.84 -42.42
N GLN E 64 2.21 -35.98 -43.53
CA GLN E 64 2.54 -37.03 -44.47
C GLN E 64 3.99 -36.94 -44.88
N ARG E 65 4.45 -35.74 -45.13
CA ARG E 65 5.81 -35.50 -45.56
C ARG E 65 6.82 -35.59 -44.46
N LEU E 66 6.48 -36.10 -43.30
CA LEU E 66 7.50 -36.40 -42.32
C LEU E 66 7.87 -37.87 -42.33
N GLN E 67 9.11 -38.12 -41.96
CA GLN E 67 9.60 -39.47 -41.90
C GLN E 67 8.75 -40.34 -41.01
N ALA E 68 8.89 -40.19 -39.72
CA ALA E 68 8.10 -40.87 -38.72
C ALA E 68 6.79 -41.45 -39.19
N ASP E 69 6.40 -42.53 -38.53
CA ASP E 69 5.30 -43.38 -38.96
C ASP E 69 3.97 -42.80 -38.55
N TRP E 70 3.69 -41.60 -38.92
CA TRP E 70 2.43 -41.05 -38.47
C TRP E 70 1.32 -41.81 -39.18
N VAL E 71 0.39 -42.33 -38.41
CA VAL E 71 -0.77 -42.99 -38.96
C VAL E 71 -1.90 -42.02 -38.85
N LEU E 72 -2.31 -41.42 -39.95
CA LEU E 72 -3.46 -40.52 -39.95
C LEU E 72 -4.80 -41.23 -39.95
N GLU E 73 -5.80 -40.52 -39.57
CA GLU E 73 -7.14 -41.05 -39.61
C GLU E 73 -8.05 -39.86 -39.75
N ILE E 74 -9.08 -39.97 -40.51
CA ILE E 74 -10.20 -39.07 -40.40
C ILE E 74 -11.30 -39.77 -39.66
N ASP E 75 -12.00 -39.06 -38.89
CA ASP E 75 -13.12 -39.59 -38.21
C ASP E 75 -14.24 -38.63 -38.57
N THR E 76 -14.76 -38.78 -39.79
CA THR E 76 -15.92 -38.01 -40.19
C THR E 76 -17.10 -38.53 -39.43
N PHE E 77 -17.99 -37.65 -39.01
CA PHE E 77 -19.14 -38.11 -38.29
C PHE E 77 -20.23 -37.09 -38.49
N LEU E 78 -21.23 -37.13 -37.64
CA LEU E 78 -22.43 -36.39 -37.88
C LEU E 78 -23.17 -36.25 -36.58
N SER E 79 -23.58 -35.05 -36.25
CA SER E 79 -24.27 -34.83 -35.01
C SER E 79 -25.32 -33.79 -35.23
N GLN E 80 -26.31 -33.82 -34.35
CA GLN E 80 -27.36 -32.85 -34.37
C GLN E 80 -26.83 -31.52 -33.90
N THR E 81 -27.39 -30.43 -34.44
CA THR E 81 -27.01 -29.07 -34.12
C THR E 81 -28.20 -28.12 -34.13
N PRO E 82 -28.02 -26.84 -33.84
CA PRO E 82 -29.12 -25.92 -33.95
C PRO E 82 -29.43 -25.50 -35.37
N TYR E 83 -28.60 -25.83 -36.32
CA TYR E 83 -28.93 -25.65 -37.72
C TYR E 83 -29.11 -26.97 -38.43
N GLY E 84 -29.59 -28.00 -37.72
CA GLY E 84 -29.76 -29.32 -38.29
C GLY E 84 -28.54 -30.16 -38.10
N TYR E 85 -28.62 -31.40 -38.55
CA TYR E 85 -27.44 -32.22 -38.53
C TYR E 85 -26.40 -31.59 -39.44
N ARG E 86 -25.13 -31.91 -39.19
CA ARG E 86 -24.03 -31.47 -40.03
C ARG E 86 -22.93 -32.48 -39.78
N SER E 87 -21.94 -32.47 -40.64
CA SER E 87 -20.85 -33.41 -40.66
C SER E 87 -19.52 -32.79 -40.24
N PHE E 88 -18.82 -33.46 -39.33
CA PHE E 88 -17.55 -33.06 -38.79
C PHE E 88 -16.46 -33.98 -39.26
N SER E 89 -15.27 -33.80 -38.78
CA SER E 89 -14.14 -34.60 -39.24
C SER E 89 -12.88 -34.37 -38.41
N ASN E 90 -12.75 -35.11 -37.34
CA ASN E 90 -11.58 -35.03 -36.52
C ASN E 90 -10.40 -35.61 -37.27
N ILE E 91 -9.23 -35.15 -36.92
CA ILE E 91 -7.99 -35.69 -37.44
C ILE E 91 -7.21 -36.26 -36.28
N ILE E 92 -6.74 -37.49 -36.40
CA ILE E 92 -5.92 -38.11 -35.36
C ILE E 92 -4.66 -38.56 -36.02
N SER E 93 -3.54 -38.27 -35.45
CA SER E 93 -2.34 -38.81 -36.04
C SER E 93 -1.56 -39.53 -34.99
N THR E 94 -1.26 -40.78 -35.22
CA THR E 94 -0.66 -41.62 -34.21
C THR E 94 0.61 -42.26 -34.70
N LEU E 95 1.57 -42.28 -33.79
CA LEU E 95 2.75 -43.10 -33.85
C LEU E 95 2.47 -44.30 -33.01
N ASN E 96 2.66 -45.42 -33.59
CA ASN E 96 2.62 -46.70 -33.01
C ASN E 96 1.24 -47.31 -32.96
N PRO E 97 1.07 -48.43 -33.65
CA PRO E 97 -0.23 -49.07 -33.61
C PRO E 97 -0.51 -49.39 -32.14
N THR E 98 0.33 -50.27 -31.59
CA THR E 98 0.20 -50.82 -30.26
C THR E 98 0.63 -49.84 -29.15
N ALA E 99 1.39 -48.79 -29.40
CA ALA E 99 1.77 -48.01 -28.23
C ALA E 99 0.62 -47.88 -27.21
N LYS E 100 0.50 -48.93 -26.41
CA LYS E 100 -0.39 -49.11 -25.24
C LYS E 100 -0.81 -47.81 -24.53
N ARG E 101 0.20 -47.01 -24.29
CA ARG E 101 0.15 -45.74 -23.60
C ARG E 101 0.48 -44.68 -24.62
N HIS E 102 -0.24 -43.55 -24.59
CA HIS E 102 0.15 -42.44 -25.45
C HIS E 102 0.12 -41.11 -24.69
N LEU E 103 1.08 -40.27 -24.95
CA LEU E 103 0.93 -38.90 -24.68
C LEU E 103 0.17 -38.31 -25.82
N VAL E 104 -0.81 -37.52 -25.53
CA VAL E 104 -1.58 -36.85 -26.58
C VAL E 104 -1.43 -35.35 -26.52
N LEU E 105 -1.28 -34.73 -27.65
CA LEU E 105 -1.42 -33.31 -27.75
C LEU E 105 -2.63 -33.07 -28.58
N ALA E 106 -3.28 -31.96 -28.39
CA ALA E 106 -4.57 -31.86 -28.96
C ALA E 106 -4.88 -30.43 -29.14
N CYS E 107 -5.79 -30.11 -30.02
CA CYS E 107 -6.12 -28.78 -30.36
C CYS E 107 -7.24 -28.84 -31.35
N HIS E 108 -7.94 -27.75 -31.51
CA HIS E 108 -9.14 -27.75 -32.28
C HIS E 108 -8.92 -26.91 -33.52
N TYR E 109 -9.35 -27.41 -34.69
CA TYR E 109 -8.98 -26.83 -35.96
C TYR E 109 -10.12 -26.14 -36.63
N ASP E 110 -11.28 -26.16 -36.08
CA ASP E 110 -12.31 -25.31 -36.64
C ASP E 110 -12.09 -23.88 -36.17
N SER E 111 -13.06 -23.07 -36.50
CA SER E 111 -13.11 -21.64 -36.42
C SER E 111 -14.55 -21.30 -36.19
N LYS E 112 -14.81 -20.37 -35.31
CA LYS E 112 -16.19 -20.09 -35.01
C LYS E 112 -16.88 -19.48 -36.21
N TYR E 113 -18.15 -19.79 -36.31
CA TYR E 113 -18.90 -19.30 -37.44
C TYR E 113 -19.36 -17.90 -37.13
N PHE E 114 -19.05 -16.99 -38.04
CA PHE E 114 -19.47 -15.61 -37.95
C PHE E 114 -19.77 -15.12 -39.34
N SER E 115 -20.96 -14.58 -39.52
CA SER E 115 -21.27 -13.81 -40.69
C SER E 115 -20.27 -12.69 -40.87
N HIS E 116 -20.19 -12.18 -42.07
CA HIS E 116 -19.19 -11.18 -42.37
C HIS E 116 -19.67 -9.79 -41.99
N TRP E 117 -18.69 -8.95 -41.73
CA TRP E 117 -18.91 -7.66 -41.12
C TRP E 117 -17.82 -6.75 -41.66
N ASN E 118 -18.22 -5.54 -42.03
CA ASN E 118 -17.34 -4.57 -42.66
C ASN E 118 -16.39 -5.21 -43.65
N ASN E 119 -16.76 -6.38 -44.18
CA ASN E 119 -15.94 -7.11 -45.12
C ASN E 119 -14.84 -7.86 -44.41
N ARG E 120 -15.05 -8.12 -43.14
CA ARG E 120 -14.10 -8.82 -42.30
C ARG E 120 -14.54 -10.27 -42.06
N VAL E 121 -13.57 -11.14 -41.77
CA VAL E 121 -13.84 -12.57 -41.61
C VAL E 121 -13.02 -13.17 -40.49
N PHE E 122 -13.70 -13.85 -39.61
CA PHE E 122 -13.07 -14.45 -38.45
C PHE E 122 -12.26 -15.64 -38.84
N VAL E 123 -11.02 -15.66 -38.47
CA VAL E 123 -10.15 -16.77 -38.79
C VAL E 123 -9.44 -17.36 -37.61
N GLY E 124 -9.88 -17.09 -36.41
CA GLY E 124 -9.20 -17.46 -35.19
C GLY E 124 -7.75 -17.70 -35.14
N ALA E 125 -6.92 -16.71 -35.30
CA ALA E 125 -5.48 -16.91 -35.19
C ALA E 125 -5.06 -17.57 -33.92
N THR E 126 -5.58 -17.17 -32.78
CA THR E 126 -5.15 -17.87 -31.60
C THR E 126 -6.17 -18.94 -31.27
N ASP E 127 -7.37 -18.83 -31.81
CA ASP E 127 -8.46 -19.73 -31.54
C ASP E 127 -8.92 -20.61 -32.69
N SER E 128 -8.18 -21.64 -33.05
CA SER E 128 -6.98 -22.02 -32.39
C SER E 128 -5.90 -22.31 -33.40
N ALA E 129 -5.88 -21.62 -34.50
CA ALA E 129 -4.89 -21.86 -35.53
C ALA E 129 -3.45 -21.88 -35.08
N VAL E 130 -3.09 -21.19 -34.02
CA VAL E 130 -1.68 -21.21 -33.66
C VAL E 130 -1.36 -22.51 -32.95
N PRO E 131 -2.12 -22.90 -31.99
CA PRO E 131 -1.98 -24.24 -31.45
C PRO E 131 -1.79 -25.37 -32.47
N CYS E 132 -2.63 -25.49 -33.46
CA CYS E 132 -2.39 -26.36 -34.58
C CYS E 132 -0.98 -26.25 -35.08
N ALA E 133 -0.68 -25.14 -35.68
CA ALA E 133 0.63 -24.81 -36.21
C ALA E 133 1.70 -25.19 -35.26
N MET E 134 1.41 -25.00 -34.00
CA MET E 134 2.41 -25.35 -33.01
C MET E 134 2.66 -26.83 -33.00
N MET E 135 1.63 -27.60 -33.27
CA MET E 135 1.70 -29.02 -33.09
C MET E 135 2.38 -29.58 -34.29
N LEU E 136 1.96 -29.19 -35.45
CA LEU E 136 2.71 -29.42 -36.64
C LEU E 136 4.15 -29.15 -36.38
N GLU E 137 4.53 -27.92 -36.17
CA GLU E 137 5.94 -27.63 -36.01
C GLU E 137 6.62 -28.54 -35.02
N LEU E 138 5.96 -29.00 -34.00
CA LEU E 138 6.64 -29.90 -33.08
C LEU E 138 6.81 -31.27 -33.68
N ALA E 139 5.84 -31.73 -34.42
CA ALA E 139 6.08 -32.82 -35.32
C ALA E 139 7.29 -32.55 -36.14
N ARG E 140 7.34 -31.44 -36.81
CA ARG E 140 8.48 -31.27 -37.71
C ARG E 140 9.78 -31.30 -36.95
N ALA E 141 9.84 -30.67 -35.83
CA ALA E 141 11.16 -30.38 -35.36
C ALA E 141 11.70 -31.47 -34.56
N LEU E 142 10.86 -32.41 -34.25
CA LEU E 142 11.24 -33.57 -33.50
C LEU E 142 11.10 -34.84 -34.27
N ASP E 143 10.99 -34.77 -35.59
CA ASP E 143 10.88 -35.98 -36.39
C ASP E 143 12.02 -36.91 -36.04
N LYS E 144 13.18 -36.68 -36.61
CA LYS E 144 14.30 -37.56 -36.37
C LYS E 144 14.26 -38.17 -35.00
N LYS E 145 13.93 -37.44 -33.96
CA LYS E 145 13.93 -38.16 -32.70
C LYS E 145 12.69 -39.05 -32.60
N LEU E 146 11.63 -38.70 -33.27
CA LEU E 146 10.40 -39.45 -33.12
C LEU E 146 10.42 -40.72 -33.94
N LEU E 147 11.34 -40.77 -34.91
CA LEU E 147 11.74 -41.99 -35.59
C LEU E 147 12.11 -43.09 -34.60
N SER E 148 13.07 -42.86 -33.73
CA SER E 148 13.47 -43.81 -32.72
C SER E 148 12.37 -44.56 -32.04
N LEU E 149 11.16 -44.50 -32.54
CA LEU E 149 10.08 -45.33 -32.05
C LEU E 149 9.64 -46.27 -33.14
N LYS E 150 10.59 -46.71 -33.94
CA LYS E 150 10.33 -47.82 -34.84
C LYS E 150 9.36 -47.42 -35.94
N PRO E 157 9.65 -48.90 -21.75
CA PRO E 157 8.30 -48.36 -21.58
C PRO E 157 7.56 -48.21 -22.88
N ASP E 158 6.36 -48.76 -22.94
CA ASP E 158 5.65 -48.90 -24.21
C ASP E 158 4.74 -47.71 -24.39
N LEU E 159 5.30 -46.61 -24.83
CA LEU E 159 4.62 -45.33 -24.87
C LEU E 159 5.04 -44.52 -26.06
N SER E 160 4.11 -43.82 -26.66
CA SER E 160 4.38 -42.99 -27.82
C SER E 160 3.50 -41.75 -27.78
N LEU E 161 3.48 -41.03 -28.88
CA LEU E 161 2.79 -39.79 -29.09
C LEU E 161 1.56 -39.88 -29.97
N GLN E 162 0.64 -38.95 -29.78
CA GLN E 162 -0.52 -38.85 -30.64
C GLN E 162 -0.95 -37.42 -30.71
N LEU E 163 -1.36 -37.00 -31.87
CA LEU E 163 -1.84 -35.67 -32.08
C LEU E 163 -3.27 -35.73 -32.51
N ILE E 164 -4.12 -35.03 -31.84
CA ILE E 164 -5.49 -34.90 -32.24
C ILE E 164 -5.78 -33.47 -32.57
N PHE E 165 -6.53 -33.25 -33.62
CA PHE E 165 -6.99 -31.97 -34.06
C PHE E 165 -8.52 -31.98 -34.07
N PHE E 166 -9.16 -31.74 -32.94
CA PHE E 166 -10.63 -31.79 -32.93
C PHE E 166 -11.26 -30.80 -33.86
N ASP E 167 -12.42 -31.19 -34.36
CA ASP E 167 -13.34 -30.37 -35.13
C ASP E 167 -14.54 -30.14 -34.28
N GLY E 168 -15.25 -29.08 -34.56
CA GLY E 168 -16.43 -28.77 -33.84
C GLY E 168 -16.27 -28.26 -32.45
N GLU E 169 -15.19 -27.58 -32.16
CA GLU E 169 -15.04 -27.06 -30.81
C GLU E 169 -16.05 -25.96 -30.53
N GLU E 170 -16.12 -24.95 -31.39
CA GLU E 170 -16.88 -23.79 -30.98
C GLU E 170 -18.33 -24.06 -31.23
N ALA E 171 -19.19 -23.26 -30.64
CA ALA E 171 -20.61 -23.41 -30.87
C ALA E 171 -20.97 -22.81 -32.20
N PHE E 172 -22.11 -23.27 -32.71
CA PHE E 172 -22.64 -22.85 -33.99
C PHE E 172 -23.52 -21.66 -33.80
N LEU E 173 -24.15 -21.63 -32.67
CA LEU E 173 -24.96 -20.54 -32.27
C LEU E 173 -24.40 -20.20 -30.92
N HIS E 174 -24.91 -20.83 -29.88
CA HIS E 174 -24.79 -20.26 -28.55
C HIS E 174 -24.34 -21.32 -27.55
N TRP E 175 -23.13 -21.11 -27.04
CA TRP E 175 -22.43 -21.98 -26.10
C TRP E 175 -23.31 -22.69 -25.13
N SER E 176 -23.20 -24.00 -25.12
CA SER E 176 -24.04 -24.84 -24.30
C SER E 176 -23.54 -26.23 -24.44
N PRO E 177 -23.88 -27.09 -23.53
CA PRO E 177 -23.51 -28.49 -23.67
C PRO E 177 -23.95 -29.12 -24.97
N GLN E 178 -25.14 -28.83 -25.43
CA GLN E 178 -25.63 -29.46 -26.61
C GLN E 178 -25.10 -28.83 -27.88
N ASP E 179 -24.44 -27.68 -27.79
CA ASP E 179 -24.04 -26.89 -28.95
C ASP E 179 -22.60 -26.50 -28.78
N SER E 180 -21.74 -27.50 -28.63
CA SER E 180 -20.32 -27.19 -28.44
C SER E 180 -19.60 -28.48 -28.25
N LEU E 181 -18.41 -28.57 -28.76
CA LEU E 181 -17.53 -29.65 -28.35
C LEU E 181 -17.88 -30.88 -29.11
N TYR E 182 -18.00 -30.77 -30.41
CA TYR E 182 -18.67 -31.79 -31.20
C TYR E 182 -17.72 -32.91 -31.50
N GLY E 183 -16.55 -32.56 -31.99
CA GLY E 183 -15.54 -33.59 -32.24
C GLY E 183 -15.12 -34.36 -31.01
N SER E 184 -15.10 -33.72 -29.87
CA SER E 184 -14.43 -34.29 -28.74
C SER E 184 -15.35 -35.07 -27.87
N ARG E 185 -16.61 -34.75 -27.87
CA ARG E 185 -17.58 -35.53 -27.12
C ARG E 185 -17.78 -36.87 -27.81
N HIS E 186 -17.59 -36.85 -29.08
CA HIS E 186 -17.65 -37.98 -29.94
C HIS E 186 -16.39 -38.79 -29.91
N LEU E 187 -15.27 -38.14 -29.78
CA LEU E 187 -14.08 -38.93 -29.80
C LEU E 187 -13.79 -39.49 -28.46
N ALA E 188 -14.34 -38.97 -27.43
CA ALA E 188 -14.06 -39.56 -26.15
C ALA E 188 -14.98 -40.68 -25.85
N ALA E 189 -16.15 -40.67 -26.43
CA ALA E 189 -17.07 -41.77 -26.24
C ALA E 189 -16.67 -42.97 -27.07
N LYS E 190 -16.10 -42.73 -28.19
CA LYS E 190 -15.73 -43.75 -29.11
C LYS E 190 -14.52 -44.47 -28.61
N MET E 191 -13.57 -43.72 -28.10
CA MET E 191 -12.41 -44.34 -27.47
C MET E 191 -12.77 -44.96 -26.14
N ALA E 192 -13.71 -44.45 -25.44
CA ALA E 192 -14.10 -45.07 -24.21
C ALA E 192 -14.80 -46.38 -24.38
N SER E 193 -14.90 -46.85 -25.60
CA SER E 193 -15.67 -48.02 -25.98
C SER E 193 -14.92 -48.80 -27.04
N THR E 194 -13.69 -48.49 -27.28
CA THR E 194 -12.78 -49.25 -28.05
C THR E 194 -11.73 -49.92 -27.18
N PRO E 195 -11.49 -51.20 -27.27
CA PRO E 195 -10.54 -51.79 -26.36
C PRO E 195 -9.14 -51.42 -26.74
N HIS E 196 -8.28 -51.28 -25.76
CA HIS E 196 -6.91 -51.09 -26.09
C HIS E 196 -6.21 -51.82 -24.99
N PRO E 197 -5.16 -52.54 -25.37
CA PRO E 197 -4.80 -52.75 -26.75
C PRO E 197 -5.72 -53.74 -27.42
N PRO E 198 -5.60 -53.84 -28.70
CA PRO E 198 -6.50 -54.68 -29.48
C PRO E 198 -6.60 -56.10 -28.99
N GLY E 199 -7.76 -56.53 -28.62
CA GLY E 199 -7.87 -57.78 -27.95
C GLY E 199 -8.16 -57.67 -26.53
N ALA E 200 -8.21 -56.51 -25.97
CA ALA E 200 -8.28 -56.42 -24.54
C ALA E 200 -9.67 -56.69 -24.07
N ARG E 201 -9.77 -57.26 -22.90
CA ARG E 201 -11.06 -57.61 -22.40
C ARG E 201 -11.58 -56.63 -21.41
N GLY E 202 -10.76 -55.70 -20.94
CA GLY E 202 -11.17 -54.80 -19.89
C GLY E 202 -10.89 -53.34 -20.09
N THR E 203 -10.12 -52.93 -21.08
CA THR E 203 -9.53 -51.59 -21.03
C THR E 203 -9.57 -50.86 -22.36
N SER E 204 -9.81 -49.53 -22.27
CA SER E 204 -10.14 -48.71 -23.42
C SER E 204 -8.91 -48.05 -23.91
N GLN E 205 -9.03 -47.41 -25.06
CA GLN E 205 -7.97 -46.50 -25.46
C GLN E 205 -7.84 -45.32 -24.52
N LEU E 206 -8.91 -44.92 -23.81
CA LEU E 206 -8.77 -43.95 -22.74
C LEU E 206 -7.85 -44.43 -21.64
N HIS E 207 -8.01 -45.64 -21.19
CA HIS E 207 -7.07 -46.15 -20.21
C HIS E 207 -5.68 -45.98 -20.69
N GLY E 208 -5.50 -45.77 -21.96
CA GLY E 208 -4.20 -45.59 -22.51
C GLY E 208 -3.75 -44.21 -22.69
N MET E 209 -4.61 -43.24 -22.48
CA MET E 209 -4.23 -41.85 -22.61
C MET E 209 -3.56 -41.40 -21.34
N ASP E 210 -2.27 -41.13 -21.43
CA ASP E 210 -1.47 -40.83 -20.29
C ASP E 210 -1.76 -39.46 -19.74
N LEU E 211 -1.90 -38.54 -20.66
CA LEU E 211 -2.04 -37.17 -20.39
C LEU E 211 -2.49 -36.62 -21.67
N LEU E 212 -3.51 -35.86 -21.61
CA LEU E 212 -3.95 -35.08 -22.73
C LEU E 212 -3.53 -33.62 -22.56
N VAL E 213 -2.58 -33.19 -23.36
CA VAL E 213 -2.18 -31.82 -23.36
C VAL E 213 -3.01 -31.06 -24.35
N LEU E 214 -3.96 -30.27 -23.87
CA LEU E 214 -4.79 -29.48 -24.74
C LEU E 214 -4.30 -28.07 -24.84
N LEU E 215 -3.96 -27.66 -26.03
CA LEU E 215 -3.57 -26.31 -26.36
C LEU E 215 -4.66 -25.56 -27.00
N ASP E 216 -5.19 -24.63 -26.30
CA ASP E 216 -6.16 -23.69 -26.84
C ASP E 216 -5.73 -22.26 -26.51
N LEU E 217 -6.20 -21.32 -27.33
CA LEU E 217 -6.10 -19.87 -27.13
C LEU E 217 -4.69 -19.36 -26.91
N ILE E 218 -3.82 -19.66 -27.83
CA ILE E 218 -2.42 -19.41 -27.65
C ILE E 218 -1.94 -18.48 -28.73
N GLY E 219 -1.27 -17.40 -28.34
CA GLY E 219 -0.62 -16.60 -29.35
C GLY E 219 -0.63 -15.17 -29.05
N ALA E 220 -1.17 -14.82 -27.97
CA ALA E 220 -1.22 -13.46 -27.52
C ALA E 220 -0.04 -13.08 -26.65
N PRO E 221 0.21 -11.79 -26.45
CA PRO E 221 1.29 -11.40 -25.56
C PRO E 221 0.95 -11.62 -24.12
N ASN E 222 1.92 -12.00 -23.37
CA ASN E 222 1.80 -12.07 -21.95
C ASN E 222 0.71 -13.00 -21.49
N PRO E 223 0.69 -14.27 -21.87
CA PRO E 223 -0.30 -15.17 -21.31
C PRO E 223 0.17 -15.81 -20.04
N THR E 224 -0.75 -16.14 -19.19
CA THR E 224 -0.43 -16.87 -18.02
C THR E 224 -1.26 -18.13 -17.99
N PHE E 225 -0.65 -19.21 -17.81
CA PHE E 225 -1.37 -20.43 -17.74
C PHE E 225 -1.46 -20.92 -16.33
N PRO E 226 -2.61 -21.25 -15.82
CA PRO E 226 -2.73 -21.75 -14.46
C PRO E 226 -2.65 -23.25 -14.35
N ASN E 227 -2.58 -23.71 -13.11
CA ASN E 227 -2.47 -25.12 -12.75
C ASN E 227 -3.89 -25.56 -12.47
N PHE E 228 -4.56 -25.97 -13.51
CA PHE E 228 -5.98 -26.20 -13.39
C PHE E 228 -6.29 -27.43 -12.56
N PHE E 229 -5.53 -28.47 -12.68
CA PHE E 229 -5.93 -29.75 -12.18
C PHE E 229 -4.84 -30.43 -11.37
N PRO E 230 -5.16 -31.05 -10.25
CA PRO E 230 -4.10 -31.58 -9.39
C PRO E 230 -3.53 -32.93 -9.80
N ASN E 231 -4.20 -33.62 -10.69
CA ASN E 231 -3.72 -34.85 -11.22
C ASN E 231 -2.85 -34.63 -12.41
N SER E 232 -2.61 -33.40 -12.75
CA SER E 232 -1.56 -33.07 -13.68
C SER E 232 -0.68 -31.94 -13.19
N ALA E 233 -0.69 -31.64 -11.93
CA ALA E 233 0.17 -30.58 -11.44
C ALA E 233 1.64 -30.87 -11.56
N ARG E 234 2.09 -32.10 -11.43
CA ARG E 234 3.51 -32.31 -11.57
C ARG E 234 4.00 -32.04 -12.96
N TRP E 235 3.20 -32.26 -13.96
CA TRP E 235 3.52 -31.88 -15.30
C TRP E 235 3.43 -30.39 -15.52
N PHE E 236 2.50 -29.70 -14.88
CA PHE E 236 2.57 -28.26 -14.85
C PHE E 236 3.90 -27.81 -14.27
N GLU E 237 4.27 -28.32 -13.09
CA GLU E 237 5.55 -27.94 -12.50
C GLU E 237 6.68 -28.14 -13.45
N ARG E 238 6.59 -29.09 -14.35
CA ARG E 238 7.70 -29.32 -15.19
C ARG E 238 7.75 -28.33 -16.29
N LEU E 239 6.64 -27.89 -16.75
CA LEU E 239 6.66 -26.79 -17.68
C LEU E 239 7.25 -25.56 -17.07
N GLN E 240 7.18 -25.45 -15.79
CA GLN E 240 7.75 -24.30 -15.16
C GLN E 240 9.24 -24.49 -15.08
N ALA E 241 9.66 -25.61 -14.56
CA ALA E 241 11.08 -25.88 -14.52
C ALA E 241 11.72 -25.72 -15.89
N ILE E 242 11.03 -26.07 -16.93
CA ILE E 242 11.58 -25.93 -18.25
C ILE E 242 11.73 -24.49 -18.61
N GLU E 243 10.79 -23.68 -18.19
CA GLU E 243 10.74 -22.30 -18.63
C GLU E 243 11.76 -21.53 -17.85
N HIS E 244 11.84 -21.76 -16.58
CA HIS E 244 12.98 -21.25 -15.85
C HIS E 244 14.28 -21.69 -16.50
N GLU E 245 14.49 -22.98 -16.70
CA GLU E 245 15.79 -23.38 -17.21
C GLU E 245 16.03 -22.90 -18.62
N LEU E 246 15.05 -22.94 -19.48
CA LEU E 246 15.34 -22.41 -20.79
C LEU E 246 15.63 -20.94 -20.71
N HIS E 247 15.11 -20.29 -19.69
CA HIS E 247 15.34 -18.87 -19.47
C HIS E 247 16.76 -18.60 -19.09
N GLU E 248 17.20 -19.26 -18.05
CA GLU E 248 18.43 -18.89 -17.41
C GLU E 248 19.58 -19.31 -18.25
N LEU E 249 19.33 -19.96 -19.37
CA LEU E 249 20.36 -20.37 -20.30
C LEU E 249 20.34 -19.54 -21.54
N GLY E 250 19.49 -18.56 -21.58
CA GLY E 250 19.51 -17.65 -22.63
C GLY E 250 18.70 -17.99 -23.81
N LEU E 251 17.83 -18.97 -23.71
CA LEU E 251 17.27 -19.59 -24.89
C LEU E 251 15.91 -19.03 -25.29
N LEU E 252 15.33 -18.15 -24.49
CA LEU E 252 14.03 -17.54 -24.71
C LEU E 252 14.20 -16.09 -25.14
N LYS E 253 13.23 -15.53 -25.81
CA LYS E 253 13.32 -14.19 -26.39
C LYS E 253 12.27 -13.24 -25.83
N ASP E 254 12.74 -12.08 -25.32
CA ASP E 254 11.91 -10.99 -24.77
C ASP E 254 11.18 -11.45 -23.53
N HIS E 255 11.84 -12.18 -22.68
CA HIS E 255 11.18 -12.97 -21.67
C HIS E 255 11.80 -12.64 -20.35
N SER E 256 11.01 -12.36 -19.35
CA SER E 256 11.60 -12.25 -18.04
C SER E 256 10.81 -13.15 -17.14
N LEU E 257 11.40 -13.48 -16.00
CA LEU E 257 10.72 -14.27 -15.01
C LEU E 257 9.73 -13.46 -14.26
N GLU E 258 9.76 -12.20 -14.44
CA GLU E 258 8.68 -11.38 -13.92
C GLU E 258 7.49 -11.42 -14.84
N GLY E 259 7.67 -11.96 -16.02
CA GLY E 259 6.65 -12.10 -16.98
C GLY E 259 6.53 -13.51 -17.48
N ARG E 260 6.61 -14.50 -16.58
CA ARG E 260 6.47 -15.92 -16.88
C ARG E 260 5.07 -16.29 -17.33
N TYR E 261 4.99 -17.34 -18.07
CA TYR E 261 3.76 -17.94 -18.49
C TYR E 261 3.21 -18.91 -17.46
N PHE E 262 4.03 -19.66 -16.78
CA PHE E 262 3.51 -20.75 -15.98
C PHE E 262 3.75 -20.37 -14.56
N GLN E 263 2.70 -19.87 -13.91
CA GLN E 263 2.84 -19.25 -12.59
C GLN E 263 2.08 -20.07 -11.57
N ASN E 264 2.57 -20.16 -10.35
CA ASN E 264 1.86 -21.10 -9.50
C ASN E 264 0.68 -20.37 -8.94
N TYR E 265 -0.38 -20.54 -9.67
CA TYR E 265 -1.61 -19.81 -9.45
C TYR E 265 -2.67 -20.81 -9.86
N SER E 266 -3.19 -21.53 -8.88
CA SER E 266 -4.23 -22.49 -9.18
C SER E 266 -5.42 -21.70 -9.73
N TYR E 267 -6.49 -22.37 -10.07
CA TYR E 267 -7.68 -21.71 -10.56
C TYR E 267 -8.89 -22.28 -9.84
N GLY E 268 -9.97 -21.53 -9.76
CA GLY E 268 -11.10 -21.99 -8.98
C GLY E 268 -11.99 -23.04 -9.62
N GLY E 269 -12.77 -22.62 -10.62
CA GLY E 269 -13.66 -23.47 -11.37
C GLY E 269 -13.16 -23.63 -12.79
N VAL E 270 -13.97 -24.23 -13.61
CA VAL E 270 -13.44 -24.84 -14.80
C VAL E 270 -13.83 -24.05 -16.02
N ILE E 271 -12.99 -24.12 -16.96
CA ILE E 271 -13.22 -23.67 -18.30
C ILE E 271 -13.79 -24.83 -19.07
N GLN E 272 -14.78 -24.60 -19.90
CA GLN E 272 -15.26 -25.65 -20.78
C GLN E 272 -14.49 -25.61 -22.07
N ASP E 273 -13.86 -26.72 -22.43
CA ASP E 273 -13.05 -26.83 -23.64
C ASP E 273 -13.07 -28.30 -23.97
N ASP E 274 -12.40 -28.67 -25.04
CA ASP E 274 -12.38 -30.02 -25.55
C ASP E 274 -11.79 -31.05 -24.62
N HIS E 275 -11.56 -30.75 -23.40
CA HIS E 275 -10.90 -31.73 -22.56
C HIS E 275 -11.93 -32.36 -21.68
N ILE E 276 -13.09 -31.74 -21.66
CA ILE E 276 -14.09 -32.13 -20.72
C ILE E 276 -14.54 -33.54 -21.00
N PRO E 277 -14.94 -33.88 -22.19
CA PRO E 277 -15.30 -35.23 -22.49
C PRO E 277 -14.30 -36.22 -22.01
N PHE E 278 -13.02 -35.90 -22.09
CA PHE E 278 -11.99 -36.80 -21.59
C PHE E 278 -11.83 -36.66 -20.12
N LEU E 279 -12.03 -35.49 -19.56
CA LEU E 279 -11.74 -35.32 -18.15
C LEU E 279 -12.72 -36.08 -17.29
N ARG E 280 -14.01 -36.03 -17.59
CA ARG E 280 -14.95 -36.76 -16.76
C ARG E 280 -14.77 -38.25 -16.90
N ARG E 281 -14.17 -38.71 -17.96
CA ARG E 281 -13.86 -40.10 -18.14
C ARG E 281 -12.52 -40.45 -17.55
N GLY E 282 -11.94 -39.58 -16.79
CA GLY E 282 -10.84 -39.93 -15.95
C GLY E 282 -9.52 -39.80 -16.56
N VAL E 283 -9.42 -39.16 -17.68
CA VAL E 283 -8.14 -38.80 -18.29
C VAL E 283 -7.51 -37.60 -17.61
N PRO E 284 -6.18 -37.58 -17.43
CA PRO E 284 -5.59 -36.44 -16.83
C PRO E 284 -5.20 -35.49 -17.92
N VAL E 285 -5.39 -34.21 -17.61
CA VAL E 285 -5.43 -33.12 -18.55
C VAL E 285 -4.47 -32.04 -18.11
N LEU E 286 -3.75 -31.53 -19.04
CA LEU E 286 -2.89 -30.40 -18.86
C LEU E 286 -3.41 -29.36 -19.83
N HIS E 287 -4.19 -28.44 -19.36
CA HIS E 287 -4.97 -27.61 -20.23
C HIS E 287 -4.19 -26.34 -20.48
N LEU E 288 -3.43 -26.27 -21.57
CA LEU E 288 -2.71 -25.04 -21.84
C LEU E 288 -3.65 -24.10 -22.58
N ILE E 289 -4.49 -23.50 -21.77
CA ILE E 289 -5.30 -22.36 -22.08
C ILE E 289 -4.97 -21.22 -21.13
N PRO E 290 -4.93 -19.96 -21.57
CA PRO E 290 -4.53 -18.87 -20.69
C PRO E 290 -5.66 -18.27 -19.92
N SER E 291 -5.39 -17.84 -18.74
CA SER E 291 -6.40 -17.02 -18.06
C SER E 291 -5.87 -15.68 -17.60
N PRO E 292 -6.38 -14.61 -18.09
CA PRO E 292 -7.49 -14.35 -18.99
C PRO E 292 -7.26 -14.73 -20.41
N PHE E 293 -8.34 -14.96 -21.11
CA PHE E 293 -8.32 -15.25 -22.52
C PHE E 293 -7.66 -14.10 -23.21
N PRO E 294 -7.21 -14.26 -24.41
CA PRO E 294 -6.73 -13.11 -25.15
C PRO E 294 -7.72 -11.96 -25.35
N GLU E 295 -7.21 -10.76 -25.49
CA GLU E 295 -8.06 -9.61 -25.69
C GLU E 295 -8.90 -9.73 -26.96
N VAL E 296 -8.33 -10.27 -28.02
CA VAL E 296 -9.08 -10.45 -29.26
C VAL E 296 -10.07 -11.62 -29.25
N TRP E 297 -10.09 -12.42 -28.20
CA TRP E 297 -11.03 -13.50 -28.12
C TRP E 297 -12.35 -13.12 -28.77
N HIS E 298 -12.81 -14.01 -29.64
CA HIS E 298 -13.98 -13.96 -30.50
C HIS E 298 -14.29 -12.64 -31.17
N THR E 299 -13.30 -11.97 -31.69
CA THR E 299 -13.46 -10.73 -32.43
C THR E 299 -12.72 -10.84 -33.73
N MET E 300 -13.17 -10.13 -34.73
CA MET E 300 -12.47 -10.18 -35.99
C MET E 300 -11.02 -9.85 -35.83
N ASP E 301 -10.67 -9.28 -34.71
CA ASP E 301 -9.33 -8.81 -34.49
C ASP E 301 -8.36 -9.93 -34.11
N ASP E 302 -8.84 -11.15 -33.97
CA ASP E 302 -8.03 -12.31 -33.71
C ASP E 302 -7.37 -12.74 -34.99
N ASN E 303 -6.35 -12.00 -35.40
CA ASN E 303 -5.63 -12.28 -36.61
C ASN E 303 -4.14 -12.42 -36.38
N GLU E 304 -3.41 -12.35 -37.46
CA GLU E 304 -1.98 -12.46 -37.45
C GLU E 304 -1.33 -11.21 -36.91
N GLU E 305 -1.92 -10.07 -37.17
CA GLU E 305 -1.26 -8.84 -36.81
C GLU E 305 -1.16 -8.71 -35.31
N ASN E 306 -1.98 -9.44 -34.59
CA ASN E 306 -2.03 -9.38 -33.16
C ASN E 306 -1.39 -10.56 -32.49
N LEU E 307 -0.63 -11.33 -33.18
CA LEU E 307 0.06 -12.46 -32.58
C LEU E 307 1.48 -12.08 -32.21
N ASP E 308 1.97 -12.56 -31.07
CA ASP E 308 3.32 -12.24 -30.64
C ASP E 308 4.19 -13.44 -31.00
N GLU E 309 4.70 -13.43 -32.19
CA GLU E 309 5.75 -14.29 -32.64
C GLU E 309 6.80 -14.66 -31.63
N SER E 310 7.18 -13.75 -30.75
CA SER E 310 8.19 -14.09 -29.77
C SER E 310 7.63 -15.05 -28.73
N THR E 311 6.39 -14.90 -28.37
CA THR E 311 5.90 -15.76 -27.33
C THR E 311 5.75 -17.18 -27.83
N ILE E 312 5.41 -17.31 -29.11
CA ILE E 312 5.18 -18.59 -29.73
C ILE E 312 6.48 -19.35 -29.90
N ASP E 313 7.47 -18.74 -30.51
CA ASP E 313 8.78 -19.37 -30.50
C ASP E 313 9.05 -19.93 -29.12
N ASN E 314 8.90 -19.13 -28.10
CA ASN E 314 9.28 -19.57 -26.78
C ASN E 314 8.48 -20.77 -26.33
N LEU E 315 7.21 -20.78 -26.65
CA LEU E 315 6.39 -21.88 -26.21
C LEU E 315 6.63 -23.12 -27.02
N ASN E 316 6.97 -22.98 -28.30
CA ASN E 316 7.48 -24.12 -29.06
C ASN E 316 8.62 -24.78 -28.35
N LYS E 317 9.67 -24.07 -28.15
CA LYS E 317 10.71 -24.57 -27.30
C LYS E 317 10.20 -25.24 -26.04
N ILE E 318 9.35 -24.62 -25.28
CA ILE E 318 9.04 -25.19 -23.99
C ILE E 318 8.36 -26.52 -24.19
N LEU E 319 7.43 -26.56 -25.10
CA LEU E 319 6.64 -27.77 -25.30
C LEU E 319 7.48 -28.91 -25.84
N GLN E 320 8.17 -28.68 -26.93
CA GLN E 320 8.95 -29.71 -27.54
C GLN E 320 9.88 -30.33 -26.52
N VAL E 321 10.40 -29.54 -25.64
CA VAL E 321 11.11 -30.11 -24.54
C VAL E 321 10.20 -30.94 -23.69
N PHE E 322 8.97 -30.51 -23.46
CA PHE E 322 8.18 -31.17 -22.43
C PHE E 322 7.98 -32.57 -22.86
N VAL E 323 7.86 -32.69 -24.15
CA VAL E 323 7.51 -33.91 -24.83
C VAL E 323 8.71 -34.80 -24.95
N LEU E 324 9.84 -34.27 -25.35
CA LEU E 324 11.01 -35.12 -25.38
C LEU E 324 11.31 -35.67 -24.03
N GLU E 325 10.84 -35.09 -23.00
CA GLU E 325 11.19 -35.57 -21.69
C GLU E 325 10.16 -36.51 -21.14
N TYR E 326 8.90 -36.39 -21.58
CA TYR E 326 7.87 -37.37 -21.22
C TYR E 326 8.18 -38.69 -21.89
N LEU E 327 8.58 -38.62 -23.14
CA LEU E 327 8.91 -39.72 -23.98
C LEU E 327 10.32 -40.29 -23.75
N HIS E 328 11.01 -39.91 -22.70
CA HIS E 328 12.40 -40.28 -22.54
C HIS E 328 13.13 -40.33 -23.85
N LEU E 329 12.86 -39.41 -24.73
CA LEU E 329 13.69 -39.28 -25.85
C LEU E 329 14.64 -38.24 -25.56
N ALA F 1 13.43 44.61 9.90
CA ALA F 1 14.57 44.61 10.81
C ALA F 1 14.58 45.85 11.59
N SER F 2 14.25 45.88 12.86
CA SER F 2 14.23 47.21 13.43
C SER F 2 15.63 47.60 13.73
N ALA F 3 15.78 48.66 14.51
CA ALA F 3 17.11 49.10 14.84
C ALA F 3 17.46 49.02 16.29
N TRP F 4 16.51 48.93 17.21
CA TRP F 4 16.94 48.94 18.60
C TRP F 4 18.09 47.98 18.82
N PRO F 5 18.12 46.82 18.21
CA PRO F 5 19.36 46.07 18.12
C PRO F 5 20.62 46.84 17.80
N GLU F 6 20.62 47.72 16.83
CA GLU F 6 21.85 48.42 16.52
C GLU F 6 22.17 49.52 17.50
N GLU F 7 21.38 49.75 18.50
CA GLU F 7 21.72 50.86 19.37
C GLU F 7 22.93 50.52 20.16
N LYS F 8 23.13 49.27 20.50
CA LYS F 8 24.37 48.92 21.14
C LYS F 8 25.56 49.50 20.40
N ASN F 9 25.43 49.68 19.12
CA ASN F 9 26.57 50.04 18.33
C ASN F 9 27.01 51.47 18.54
N TYR F 10 26.19 52.30 19.10
CA TYR F 10 26.52 53.70 19.23
C TYR F 10 26.51 54.13 20.63
N HIS F 11 26.06 53.28 21.53
CA HIS F 11 26.01 53.61 22.92
C HIS F 11 27.34 54.11 23.37
N GLN F 12 27.31 55.18 24.12
CA GLN F 12 28.51 55.80 24.62
C GLN F 12 28.36 55.92 26.11
N PRO F 13 29.47 56.00 26.80
CA PRO F 13 29.45 55.98 28.25
C PRO F 13 29.26 57.34 28.86
N ALA F 14 28.72 57.34 30.06
CA ALA F 14 28.64 58.49 30.95
C ALA F 14 29.84 58.47 31.87
N ILE F 15 30.88 59.17 31.46
CA ILE F 15 32.12 59.15 32.21
C ILE F 15 31.95 59.86 33.55
N LEU F 16 32.49 59.28 34.60
CA LEU F 16 32.49 59.81 35.93
C LEU F 16 33.66 60.74 36.22
N ASN F 17 33.36 61.87 36.88
CA ASN F 17 34.37 62.81 37.31
C ASN F 17 35.22 62.18 38.42
N SER F 18 36.32 62.87 38.73
CA SER F 18 37.24 62.42 39.75
C SER F 18 36.55 62.11 41.08
N SER F 19 35.62 62.92 41.53
CA SER F 19 35.15 62.67 42.88
C SER F 19 34.31 61.43 42.93
N ALA F 20 33.48 61.27 41.93
CA ALA F 20 32.63 60.09 41.85
C ALA F 20 33.48 58.85 42.03
N LEU F 21 34.51 58.76 41.20
CA LEU F 21 35.52 57.74 41.35
C LEU F 21 35.94 57.54 42.82
N ARG F 22 36.29 58.61 43.53
CA ARG F 22 36.65 58.44 44.94
C ARG F 22 35.55 57.73 45.69
N GLN F 23 34.28 58.05 45.37
CA GLN F 23 33.14 57.41 46.02
C GLN F 23 33.09 55.92 45.70
N ILE F 24 33.11 55.63 44.40
CA ILE F 24 33.09 54.24 43.99
C ILE F 24 34.19 53.52 44.69
N ALA F 25 35.40 54.00 44.52
CA ALA F 25 36.53 53.29 45.05
C ALA F 25 36.41 53.09 46.53
N GLU F 26 35.76 54.01 47.24
CA GLU F 26 35.59 53.85 48.67
C GLU F 26 34.40 53.00 49.00
N GLY F 27 33.47 52.85 48.08
CA GLY F 27 32.28 52.07 48.31
C GLY F 27 32.34 50.58 48.03
N THR F 28 33.48 50.02 47.63
CA THR F 28 33.62 48.58 47.51
C THR F 28 34.63 48.08 48.51
N SER F 29 34.25 47.10 49.29
CA SER F 29 35.12 46.54 50.31
C SER F 29 35.62 45.14 49.98
N ILE F 30 36.87 45.05 49.54
CA ILE F 30 37.48 43.77 49.23
C ILE F 30 37.34 42.82 50.37
N SER F 31 37.40 43.29 51.60
CA SER F 31 37.40 42.31 52.65
C SER F 31 36.00 41.88 53.01
N GLU F 32 34.98 42.62 52.63
CA GLU F 32 33.66 42.07 52.82
C GLU F 32 33.39 40.95 51.84
N MET F 33 33.88 41.08 50.61
CA MET F 33 33.66 40.05 49.62
C MET F 33 34.36 38.78 50.03
N TRP F 34 35.58 38.88 50.48
CA TRP F 34 36.36 37.70 50.78
C TRP F 34 35.72 36.88 51.84
N GLN F 35 34.82 37.42 52.55
CA GLN F 35 34.37 36.76 53.73
C GLN F 35 32.92 36.44 53.63
N ASN F 36 32.22 37.19 52.83
CA ASN F 36 30.79 37.05 52.70
C ASN F 36 30.35 36.49 51.34
N ASP F 37 30.95 36.94 50.22
CA ASP F 37 30.63 36.44 48.88
C ASP F 37 31.55 35.32 48.41
N LEU F 38 32.84 35.40 48.64
CA LEU F 38 33.78 34.49 48.04
C LEU F 38 34.14 33.33 48.93
N GLN F 39 34.13 33.50 50.19
CA GLN F 39 34.78 32.44 50.91
C GLN F 39 33.87 31.21 50.95
N PRO F 40 32.58 31.37 50.89
CA PRO F 40 31.72 30.19 50.87
C PRO F 40 31.73 29.44 49.57
N LEU F 41 32.31 30.01 48.52
CA LEU F 41 32.43 29.39 47.22
C LEU F 41 33.67 28.59 47.09
N LEU F 42 34.50 28.56 48.10
CA LEU F 42 35.79 27.90 47.98
C LEU F 42 35.60 26.44 48.39
N ILE F 43 34.80 25.79 47.56
CA ILE F 43 34.42 24.41 47.77
C ILE F 43 34.47 23.69 46.44
N GLU F 44 34.27 22.37 46.53
CA GLU F 44 34.21 21.49 45.39
C GLU F 44 32.83 21.73 44.93
N ARG F 45 32.69 22.21 43.70
CA ARG F 45 31.40 22.49 43.12
C ARG F 45 31.31 22.00 41.69
N TYR F 46 31.48 20.71 41.51
CA TYR F 46 31.42 20.14 40.18
C TYR F 46 29.99 19.79 40.02
N PRO F 47 29.51 19.86 38.81
CA PRO F 47 28.11 19.71 38.52
C PRO F 47 27.50 18.52 39.16
N GLY F 48 26.39 18.75 39.79
CA GLY F 48 25.72 17.73 40.52
C GLY F 48 26.24 17.49 41.87
N SER F 49 27.36 18.07 42.20
CA SER F 49 27.94 17.81 43.49
C SER F 49 27.21 18.56 44.55
N PRO F 50 27.27 18.07 45.76
CA PRO F 50 26.80 18.86 46.88
C PRO F 50 27.28 20.28 46.83
N GLY F 51 28.51 20.48 46.41
CA GLY F 51 28.94 21.84 46.30
C GLY F 51 28.26 22.60 45.21
N SER F 52 27.67 21.94 44.23
CA SER F 52 27.10 22.68 43.12
C SER F 52 25.79 23.27 43.53
N TYR F 53 25.21 22.76 44.59
CA TYR F 53 23.92 23.20 45.03
C TYR F 53 24.10 24.24 46.09
N ALA F 54 24.99 23.93 47.00
CA ALA F 54 25.45 24.93 47.95
C ALA F 54 25.86 26.22 47.24
N ALA F 55 26.72 26.15 46.24
CA ALA F 55 27.09 27.36 45.53
C ALA F 55 25.90 27.97 44.86
N ARG F 56 24.93 27.19 44.47
CA ARG F 56 23.83 27.79 43.77
C ARG F 56 23.05 28.68 44.70
N GLN F 57 22.93 28.27 45.94
CA GLN F 57 22.07 28.94 46.89
C GLN F 57 22.74 30.18 47.47
N HIS F 58 24.01 30.05 47.83
CA HIS F 58 24.82 31.18 48.26
C HIS F 58 24.74 32.31 47.28
N ILE F 59 25.11 32.05 46.03
CA ILE F 59 24.94 33.06 45.01
C ILE F 59 23.57 33.66 45.12
N MET F 60 22.55 32.83 45.29
CA MET F 60 21.21 33.38 45.34
C MET F 60 20.94 34.15 46.61
N GLN F 61 21.27 33.60 47.76
CA GLN F 61 21.02 34.31 49.01
C GLN F 61 21.52 35.73 48.92
N ARG F 62 22.75 35.91 48.49
CA ARG F 62 23.35 37.22 48.55
C ARG F 62 22.82 38.17 47.52
N ILE F 63 22.10 37.68 46.54
CA ILE F 63 21.44 38.56 45.61
C ILE F 63 20.04 38.82 46.07
N GLN F 64 19.53 37.97 46.89
CA GLN F 64 18.19 38.16 47.34
C GLN F 64 18.16 39.28 48.38
N ARG F 65 19.16 39.33 49.23
CA ARG F 65 19.15 40.35 50.25
C ARG F 65 19.42 41.73 49.72
N LEU F 66 19.86 41.88 48.50
CA LEU F 66 20.07 43.23 48.08
C LEU F 66 18.72 43.87 47.83
N GLN F 67 18.72 45.17 47.69
CA GLN F 67 17.46 45.88 47.59
C GLN F 67 16.99 45.95 46.16
N ALA F 68 17.86 46.00 45.17
CA ALA F 68 17.34 46.17 43.83
C ALA F 68 16.47 44.97 43.50
N ASP F 69 15.64 45.16 42.47
CA ASP F 69 14.61 44.17 42.14
C ASP F 69 15.22 43.23 41.11
N TRP F 70 16.00 42.30 41.63
CA TRP F 70 16.67 41.30 40.84
C TRP F 70 15.74 40.13 40.64
N VAL F 71 15.60 39.69 39.41
CA VAL F 71 14.85 38.48 39.10
C VAL F 71 15.78 37.30 38.84
N LEU F 72 15.86 36.38 39.79
CA LEU F 72 16.55 35.10 39.66
C LEU F 72 15.73 33.97 39.04
N GLU F 73 16.16 33.47 37.88
CA GLU F 73 15.82 32.15 37.32
C GLU F 73 16.87 31.08 37.62
N ILE F 74 16.45 29.83 37.63
CA ILE F 74 17.31 28.64 37.60
C ILE F 74 16.98 27.85 36.37
N ASP F 75 17.84 27.93 35.40
CA ASP F 75 17.60 27.28 34.14
C ASP F 75 18.23 25.90 34.26
N THR F 76 17.55 25.02 34.96
CA THR F 76 18.04 23.65 35.06
C THR F 76 17.74 22.84 33.81
N PHE F 77 18.72 22.10 33.34
CA PHE F 77 18.62 21.46 32.08
C PHE F 77 19.43 20.17 32.06
N LEU F 78 19.57 19.56 30.91
CA LEU F 78 20.09 18.22 30.83
C LEU F 78 20.95 18.07 29.61
N SER F 79 22.16 17.59 29.78
CA SER F 79 23.01 17.50 28.61
C SER F 79 23.87 16.25 28.69
N GLN F 80 24.22 15.72 27.53
CA GLN F 80 24.95 14.49 27.48
C GLN F 80 26.40 14.79 27.69
N THR F 81 27.03 14.04 28.53
CA THR F 81 28.44 14.10 28.82
C THR F 81 29.08 12.77 28.52
N PRO F 82 30.42 12.68 28.59
CA PRO F 82 31.07 11.38 28.60
C PRO F 82 30.43 10.40 29.55
N TYR F 83 30.37 10.71 30.82
CA TYR F 83 29.76 9.77 31.74
C TYR F 83 28.27 9.52 31.51
N GLY F 84 27.66 10.05 30.45
CA GLY F 84 26.22 9.95 30.36
C GLY F 84 25.48 11.26 30.55
N TYR F 85 24.16 11.16 30.66
CA TYR F 85 23.32 12.33 30.88
C TYR F 85 23.44 12.85 32.27
N ARG F 86 23.59 14.16 32.37
CA ARG F 86 23.78 14.77 33.65
C ARG F 86 23.07 16.09 33.59
N SER F 87 22.78 16.60 34.76
CA SER F 87 21.95 17.77 34.98
C SER F 87 22.78 18.96 35.46
N PHE F 88 22.50 20.14 34.90
CA PHE F 88 23.16 21.41 35.13
C PHE F 88 22.16 22.47 35.57
N SER F 89 22.62 23.59 36.11
CA SER F 89 21.70 24.69 36.49
C SER F 89 22.44 26.00 36.38
N ASN F 90 22.22 26.68 35.29
CA ASN F 90 22.61 28.06 35.16
C ASN F 90 21.84 28.99 36.08
N ILE F 91 22.46 30.12 36.40
CA ILE F 91 21.81 31.09 37.25
C ILE F 91 21.79 32.42 36.56
N ILE F 92 20.65 32.83 36.08
CA ILE F 92 20.46 34.15 35.50
C ILE F 92 19.77 35.03 36.51
N SER F 93 20.17 36.27 36.54
CA SER F 93 19.71 37.23 37.55
C SER F 93 19.51 38.50 36.80
N THR F 94 18.27 38.90 36.65
CA THR F 94 17.96 40.02 35.82
C THR F 94 17.21 41.13 36.58
N LEU F 95 17.62 42.38 36.31
CA LEU F 95 16.89 43.57 36.66
C LEU F 95 16.20 44.01 35.41
N ASN F 96 14.88 44.20 35.50
CA ASN F 96 14.15 44.84 34.44
C ASN F 96 13.90 43.98 33.25
N PRO F 97 13.47 42.79 33.44
CA PRO F 97 13.38 41.81 32.35
C PRO F 97 12.86 42.39 31.11
N THR F 98 11.99 43.31 31.31
CA THR F 98 11.31 43.90 30.19
C THR F 98 12.27 44.77 29.41
N ALA F 99 13.16 45.47 30.10
CA ALA F 99 14.13 46.20 29.33
C ALA F 99 14.57 45.34 28.16
N LYS F 100 14.51 45.95 27.00
CA LYS F 100 14.89 45.31 25.78
C LYS F 100 16.34 44.91 25.80
N ARG F 101 17.19 45.87 26.05
CA ARG F 101 18.62 45.72 26.02
C ARG F 101 19.19 45.44 27.41
N HIS F 102 20.14 44.51 27.49
CA HIS F 102 20.93 44.38 28.68
C HIS F 102 22.41 44.29 28.40
N LEU F 103 23.13 44.56 29.46
CA LEU F 103 24.56 44.37 29.60
C LEU F 103 24.74 43.20 30.53
N VAL F 104 25.66 42.31 30.19
CA VAL F 104 25.70 41.03 30.83
C VAL F 104 27.06 40.88 31.39
N LEU F 105 27.13 40.46 32.60
CA LEU F 105 28.35 40.09 33.23
C LEU F 105 28.23 38.62 33.48
N ALA F 106 29.25 37.86 33.12
CA ALA F 106 29.02 36.47 33.40
C ALA F 106 30.31 35.78 33.70
N CYS F 107 30.18 34.74 34.46
CA CYS F 107 31.27 33.95 34.87
C CYS F 107 30.74 32.54 35.02
N HIS F 108 31.59 31.60 35.41
CA HIS F 108 31.13 30.26 35.65
C HIS F 108 31.33 29.84 37.07
N TYR F 109 30.32 29.24 37.64
CA TYR F 109 30.35 28.88 39.02
C TYR F 109 30.55 27.39 39.25
N ASP F 110 30.85 26.60 38.25
CA ASP F 110 31.33 25.25 38.54
C ASP F 110 32.81 25.25 38.69
N SER F 111 33.31 24.31 39.45
CA SER F 111 34.72 23.98 39.50
C SER F 111 35.00 22.68 38.78
N LYS F 112 36.12 22.58 38.10
CA LYS F 112 36.41 21.34 37.39
C LYS F 112 36.52 20.16 38.31
N TYR F 113 35.95 19.05 37.89
CA TYR F 113 36.09 17.81 38.62
C TYR F 113 37.54 17.35 38.64
N PHE F 114 38.01 16.99 39.83
CA PHE F 114 39.31 16.37 40.01
C PHE F 114 39.19 15.40 41.16
N SER F 115 39.83 14.25 41.00
CA SER F 115 40.01 13.33 42.11
C SER F 115 40.65 14.02 43.28
N HIS F 116 40.56 13.45 44.46
CA HIS F 116 41.34 13.92 45.57
C HIS F 116 42.76 13.43 45.45
N TRP F 117 43.69 14.36 45.30
CA TRP F 117 45.10 14.03 45.23
C TRP F 117 45.72 14.33 46.57
N ASN F 118 46.41 13.37 47.13
CA ASN F 118 47.10 13.65 48.35
C ASN F 118 46.13 14.11 49.39
N ASN F 119 44.86 13.77 49.24
CA ASN F 119 43.87 14.27 50.14
C ASN F 119 43.56 15.75 49.95
N ARG F 120 44.19 16.44 49.01
CA ARG F 120 43.79 17.81 48.71
C ARG F 120 42.64 17.85 47.67
N VAL F 121 42.14 19.07 47.40
CA VAL F 121 40.90 19.29 46.67
C VAL F 121 40.94 20.57 45.86
N PHE F 122 40.40 20.53 44.66
CA PHE F 122 40.39 21.67 43.74
C PHE F 122 39.15 22.52 43.92
N VAL F 123 39.37 23.84 44.05
CA VAL F 123 38.35 24.84 44.34
C VAL F 123 38.45 26.01 43.37
N GLY F 124 39.30 25.89 42.37
CA GLY F 124 39.43 26.93 41.39
C GLY F 124 39.10 28.31 41.92
N ALA F 125 40.03 28.88 42.64
CA ALA F 125 39.78 30.16 43.25
C ALA F 125 39.81 31.25 42.24
N THR F 126 40.56 31.05 41.19
CA THR F 126 40.55 31.99 40.10
C THR F 126 39.68 31.42 38.99
N ASP F 127 39.35 30.15 39.08
CA ASP F 127 38.59 29.42 38.09
C ASP F 127 37.38 28.78 38.72
N SER F 128 36.35 29.55 39.03
CA SER F 128 36.28 30.95 38.78
C SER F 128 35.51 31.61 39.92
N ALA F 129 35.79 31.24 41.14
CA ALA F 129 35.11 31.79 42.29
C ALA F 129 35.29 33.26 42.42
N VAL F 130 36.47 33.78 42.14
CA VAL F 130 36.68 35.21 42.28
C VAL F 130 35.75 35.95 41.35
N PRO F 131 35.76 35.72 40.06
CA PRO F 131 34.72 36.28 39.23
C PRO F 131 33.37 36.17 39.87
N CYS F 132 33.09 35.08 40.49
CA CYS F 132 31.78 34.94 41.08
C CYS F 132 31.64 35.89 42.20
N ALA F 133 32.66 36.04 42.95
CA ALA F 133 32.61 36.93 44.05
C ALA F 133 32.59 38.35 43.54
N MET F 134 33.41 38.64 42.57
CA MET F 134 33.42 39.99 42.06
C MET F 134 32.06 40.40 41.69
N MET F 135 31.32 39.53 41.03
CA MET F 135 30.04 39.91 40.46
C MET F 135 29.01 40.07 41.51
N LEU F 136 29.15 39.38 42.62
CA LEU F 136 28.20 39.62 43.69
C LEU F 136 28.44 40.99 44.27
N GLU F 137 29.67 41.22 44.74
CA GLU F 137 30.08 42.51 45.23
C GLU F 137 29.77 43.62 44.28
N LEU F 138 29.78 43.40 43.03
CA LEU F 138 29.39 44.52 42.25
C LEU F 138 27.92 44.71 42.39
N ALA F 139 27.18 43.69 42.72
CA ALA F 139 25.79 43.94 42.94
C ALA F 139 25.58 44.65 44.26
N ARG F 140 26.30 44.27 45.29
CA ARG F 140 26.01 44.83 46.61
C ARG F 140 26.50 46.26 46.73
N ALA F 141 27.60 46.57 46.08
CA ALA F 141 28.27 47.84 46.20
C ALA F 141 27.67 48.87 45.30
N LEU F 142 26.97 48.46 44.25
CA LEU F 142 26.31 49.42 43.40
C LEU F 142 24.82 49.30 43.51
N ASP F 143 24.32 48.72 44.59
CA ASP F 143 22.90 48.51 44.74
C ASP F 143 22.16 49.81 44.49
N LYS F 144 22.25 50.73 45.46
CA LYS F 144 21.52 51.98 45.41
C LYS F 144 21.51 52.52 44.01
N LYS F 145 22.66 52.66 43.41
CA LYS F 145 22.61 53.21 42.07
C LYS F 145 21.73 52.37 41.15
N LEU F 146 21.52 51.08 41.47
CA LEU F 146 20.81 50.17 40.57
C LEU F 146 19.29 50.25 40.73
N LEU F 147 18.80 50.18 41.95
CA LEU F 147 17.44 50.58 42.34
C LEU F 147 16.83 51.67 41.47
N SER F 148 17.65 52.57 40.99
CA SER F 148 17.19 53.64 40.13
C SER F 148 16.35 53.13 38.98
N LEU F 149 16.61 51.91 38.54
CA LEU F 149 16.06 51.44 37.30
C LEU F 149 14.62 50.99 37.40
N LYS F 150 14.15 50.62 38.58
CA LYS F 150 12.71 50.63 38.93
C LYS F 150 12.34 49.36 39.71
N PRO F 157 16.80 55.71 27.48
CA PRO F 157 17.43 54.47 26.97
C PRO F 157 17.03 53.22 27.74
N ASP F 158 16.41 52.22 27.09
CA ASP F 158 15.81 51.07 27.77
C ASP F 158 16.86 50.00 27.89
N LEU F 159 17.55 49.97 29.02
CA LEU F 159 18.77 49.22 29.17
C LEU F 159 18.91 48.91 30.64
N SER F 160 19.42 47.74 30.99
CA SER F 160 19.55 47.40 32.38
C SER F 160 20.69 46.41 32.51
N LEU F 161 20.72 45.63 33.55
CA LEU F 161 21.82 44.77 33.84
C LEU F 161 21.38 43.34 33.97
N GLN F 162 22.06 42.43 33.28
CA GLN F 162 21.96 40.99 33.57
C GLN F 162 23.28 40.47 34.16
N LEU F 163 23.17 39.55 35.09
CA LEU F 163 24.25 38.70 35.49
C LEU F 163 23.92 37.25 35.23
N ILE F 164 24.79 36.52 34.54
CA ILE F 164 24.68 35.08 34.32
C ILE F 164 25.86 34.38 34.96
N PHE F 165 25.58 33.42 35.82
CA PHE F 165 26.52 32.44 36.38
C PHE F 165 26.27 31.10 35.70
N PHE F 166 27.11 30.66 34.77
CA PHE F 166 26.90 29.45 33.96
C PHE F 166 27.18 28.18 34.73
N ASP F 167 26.49 27.08 34.44
CA ASP F 167 27.04 25.79 34.87
C ASP F 167 27.84 25.12 33.76
N GLY F 168 28.53 24.10 34.15
CA GLY F 168 29.20 23.21 33.21
C GLY F 168 30.17 23.76 32.21
N GLU F 169 31.12 24.45 32.73
CA GLU F 169 32.03 25.06 31.83
C GLU F 169 33.24 24.20 31.71
N GLU F 170 33.74 23.76 32.83
CA GLU F 170 34.91 22.97 32.74
C GLU F 170 34.47 21.64 32.12
N ALA F 171 35.42 20.99 31.46
CA ALA F 171 35.21 19.67 30.95
C ALA F 171 35.10 18.63 32.07
N PHE F 172 34.40 17.54 31.76
CA PHE F 172 34.30 16.43 32.66
C PHE F 172 35.49 15.52 32.50
N LEU F 173 35.91 15.40 31.28
CA LEU F 173 36.99 14.54 30.95
C LEU F 173 37.99 15.39 30.27
N HIS F 174 37.89 15.53 28.97
CA HIS F 174 39.01 16.04 28.19
C HIS F 174 38.51 17.13 27.27
N TRP F 175 38.61 18.34 27.72
CA TRP F 175 38.28 19.54 26.97
C TRP F 175 38.19 19.31 25.50
N SER F 176 37.07 19.56 24.96
CA SER F 176 36.78 19.26 23.59
C SER F 176 35.42 19.86 23.33
N PRO F 177 35.12 20.21 22.10
CA PRO F 177 33.80 20.75 21.82
C PRO F 177 32.68 20.01 22.45
N GLN F 178 32.71 18.70 22.38
CA GLN F 178 31.58 17.97 22.89
C GLN F 178 31.56 17.91 24.41
N ASP F 179 32.66 18.23 25.07
CA ASP F 179 32.83 18.04 26.51
C ASP F 179 33.38 19.32 27.11
N SER F 180 32.57 20.38 27.24
CA SER F 180 32.92 21.74 27.60
C SER F 180 31.77 22.68 27.27
N LEU F 181 31.42 23.62 28.17
CA LEU F 181 30.59 24.75 27.85
C LEU F 181 29.14 24.35 27.89
N TYR F 182 28.81 23.51 28.83
CA TYR F 182 27.52 22.91 28.72
C TYR F 182 26.43 23.91 29.01
N GLY F 183 26.61 24.72 30.02
CA GLY F 183 25.62 25.71 30.33
C GLY F 183 25.61 26.83 29.33
N SER F 184 26.71 27.24 28.84
CA SER F 184 26.63 28.36 27.96
C SER F 184 26.18 27.99 26.57
N ARG F 185 26.32 26.75 26.18
CA ARG F 185 25.85 26.33 24.88
C ARG F 185 24.32 26.22 24.88
N HIS F 186 23.78 25.73 25.97
CA HIS F 186 22.37 25.72 26.23
C HIS F 186 21.75 27.06 26.11
N LEU F 187 22.24 27.96 26.91
CA LEU F 187 21.65 29.26 27.02
C LEU F 187 21.86 30.05 25.78
N ALA F 188 22.99 29.95 25.17
CA ALA F 188 23.08 30.73 23.98
C ALA F 188 22.05 30.28 22.99
N ALA F 189 21.49 29.11 23.21
CA ALA F 189 20.70 28.47 22.20
C ALA F 189 19.27 28.66 22.48
N LYS F 190 18.91 28.55 23.70
CA LYS F 190 17.67 29.09 24.18
C LYS F 190 17.55 30.50 23.67
N MET F 191 18.35 31.43 24.19
CA MET F 191 18.16 32.84 23.92
C MET F 191 18.01 33.11 22.44
N ALA F 192 18.79 32.52 21.64
CA ALA F 192 18.57 32.82 20.23
C ALA F 192 17.25 32.33 19.63
N SER F 193 16.42 31.67 20.38
CA SER F 193 15.16 31.22 19.86
C SER F 193 14.05 31.71 20.72
N THR F 194 14.37 32.37 21.79
CA THR F 194 13.36 33.06 22.51
C THR F 194 13.15 34.45 21.90
N PRO F 195 11.93 34.94 21.81
CA PRO F 195 11.76 36.27 21.23
C PRO F 195 11.83 37.38 22.25
N HIS F 196 12.47 38.44 21.85
CA HIS F 196 12.57 39.62 22.73
C HIS F 196 12.30 40.76 21.83
N PRO F 197 11.33 41.55 22.20
CA PRO F 197 10.68 41.35 23.46
C PRO F 197 9.56 40.37 23.32
N PRO F 198 9.02 39.91 24.41
CA PRO F 198 7.94 38.97 24.32
C PRO F 198 7.07 39.56 23.30
N GLY F 199 6.60 38.78 22.41
CA GLY F 199 5.79 39.28 21.37
C GLY F 199 6.50 39.48 20.05
N ALA F 200 7.80 39.60 20.05
CA ALA F 200 8.40 39.92 18.78
C ALA F 200 8.44 38.73 17.82
N ARG F 201 8.68 39.04 16.58
CA ARG F 201 8.68 38.03 15.54
C ARG F 201 9.99 37.99 14.83
N GLY F 202 10.90 38.88 15.13
CA GLY F 202 12.21 38.70 14.53
C GLY F 202 13.42 39.08 15.34
N THR F 203 13.31 39.15 16.67
CA THR F 203 14.41 39.59 17.52
C THR F 203 14.40 38.80 18.81
N SER F 204 15.53 38.19 19.09
CA SER F 204 15.66 37.20 20.15
C SER F 204 16.20 37.87 21.37
N GLN F 205 16.11 37.20 22.50
CA GLN F 205 16.86 37.64 23.67
C GLN F 205 18.33 37.97 23.38
N LEU F 206 18.91 37.46 22.32
CA LEU F 206 20.31 37.65 22.07
C LEU F 206 20.61 38.90 21.36
N HIS F 207 19.80 39.23 20.38
CA HIS F 207 19.75 40.60 19.83
C HIS F 207 19.85 41.63 20.93
N GLY F 208 19.22 41.40 22.06
CA GLY F 208 19.18 42.28 23.17
C GLY F 208 20.26 42.13 24.19
N MET F 209 21.37 41.55 23.80
CA MET F 209 22.60 41.62 24.55
C MET F 209 23.50 42.59 23.84
N ASP F 210 23.82 43.66 24.52
CA ASP F 210 24.66 44.72 24.02
C ASP F 210 26.10 44.29 24.05
N LEU F 211 26.49 43.68 25.14
CA LEU F 211 27.84 43.26 25.29
C LEU F 211 27.85 42.25 26.39
N LEU F 212 28.56 41.16 26.14
CA LEU F 212 28.82 40.18 27.15
C LEU F 212 30.23 40.39 27.65
N VAL F 213 30.32 40.68 28.92
CA VAL F 213 31.56 40.86 29.60
C VAL F 213 31.69 39.66 30.45
N LEU F 214 32.65 38.83 30.09
CA LEU F 214 32.82 37.52 30.65
C LEU F 214 34.05 37.54 31.46
N LEU F 215 33.94 37.06 32.68
CA LEU F 215 35.05 37.06 33.59
C LEU F 215 35.58 35.67 33.80
N ASP F 216 36.87 35.53 33.68
CA ASP F 216 37.41 34.22 33.93
C ASP F 216 38.83 34.33 34.43
N LEU F 217 39.10 33.64 35.51
CA LEU F 217 40.47 33.32 35.82
C LEU F 217 41.15 34.54 36.35
N ILE F 218 40.50 35.16 37.31
CA ILE F 218 40.90 36.44 37.83
C ILE F 218 41.29 36.26 39.28
N GLY F 219 42.42 36.81 39.66
CA GLY F 219 42.76 36.76 41.02
C GLY F 219 44.17 36.43 41.27
N ALA F 220 45.02 36.52 40.28
CA ALA F 220 46.43 36.41 40.59
C ALA F 220 47.14 37.73 40.36
N PRO F 221 48.36 37.81 40.77
CA PRO F 221 49.10 39.03 40.57
C PRO F 221 49.34 39.35 39.10
N ASN F 222 49.58 40.56 38.84
CA ASN F 222 50.09 40.95 37.54
C ASN F 222 49.42 40.29 36.35
N PRO F 223 48.10 40.26 36.29
CA PRO F 223 47.43 39.85 35.09
C PRO F 223 47.62 40.82 33.98
N THR F 224 47.45 40.37 32.76
CA THR F 224 47.46 41.18 31.58
C THR F 224 46.31 40.73 30.75
N PHE F 225 45.35 41.58 30.47
CA PHE F 225 44.27 41.14 29.67
C PHE F 225 44.44 41.71 28.29
N PRO F 226 44.30 40.93 27.23
CA PRO F 226 44.40 41.46 25.88
C PRO F 226 43.06 41.86 25.31
N ASN F 227 43.11 42.63 24.25
CA ASN F 227 41.94 43.01 23.54
C ASN F 227 41.66 41.99 22.46
N PHE F 228 40.64 41.18 22.69
CA PHE F 228 40.40 40.05 21.84
C PHE F 228 39.62 40.42 20.61
N PHE F 229 38.70 41.33 20.69
CA PHE F 229 37.81 41.48 19.55
C PHE F 229 37.71 42.91 19.07
N PRO F 230 37.60 43.13 17.77
CA PRO F 230 37.48 44.46 17.26
C PRO F 230 36.17 45.13 17.55
N ASN F 231 35.15 44.38 17.82
CA ASN F 231 33.85 44.94 17.99
C ASN F 231 33.64 45.30 19.43
N SER F 232 34.50 44.81 20.28
CA SER F 232 34.43 45.23 21.65
C SER F 232 35.66 46.07 22.05
N ALA F 233 36.39 46.62 21.11
CA ALA F 233 37.66 47.28 21.44
C ALA F 233 37.41 48.63 22.06
N ARG F 234 36.38 49.32 21.60
CA ARG F 234 36.12 50.64 22.12
C ARG F 234 35.82 50.59 23.58
N TRP F 235 35.21 49.53 24.01
CA TRP F 235 34.98 49.26 25.41
C TRP F 235 36.15 48.69 26.15
N PHE F 236 37.16 48.22 25.46
CA PHE F 236 38.34 47.74 26.15
C PHE F 236 39.19 48.94 26.47
N GLU F 237 39.30 49.82 25.50
CA GLU F 237 39.91 51.11 25.70
C GLU F 237 39.24 51.83 26.84
N ARG F 238 37.97 51.67 27.08
CA ARG F 238 37.49 52.36 28.25
C ARG F 238 38.07 51.77 29.50
N LEU F 239 38.48 50.55 29.43
CA LEU F 239 39.01 49.94 30.61
C LEU F 239 40.46 50.36 30.80
N GLN F 240 41.12 50.66 29.71
CA GLN F 240 42.48 51.12 29.76
C GLN F 240 42.52 52.44 30.50
N ALA F 241 41.55 53.30 30.20
CA ALA F 241 41.45 54.64 30.70
C ALA F 241 40.98 54.66 32.13
N ILE F 242 39.95 53.91 32.45
CA ILE F 242 39.62 53.77 33.84
C ILE F 242 40.78 53.26 34.64
N GLU F 243 41.74 52.62 34.02
CA GLU F 243 42.78 51.98 34.79
C GLU F 243 43.79 53.01 35.17
N HIS F 244 44.08 53.82 34.18
CA HIS F 244 45.02 54.90 34.28
C HIS F 244 44.51 55.95 35.25
N GLU F 245 43.35 56.52 34.94
CA GLU F 245 42.82 57.51 35.84
C GLU F 245 42.72 56.99 37.26
N LEU F 246 42.24 55.79 37.46
CA LEU F 246 42.22 55.35 38.84
C LEU F 246 43.59 55.17 39.44
N HIS F 247 44.60 55.16 38.59
CA HIS F 247 45.95 55.14 39.09
C HIS F 247 46.35 56.53 39.47
N GLU F 248 46.19 57.43 38.52
CA GLU F 248 46.68 58.76 38.69
C GLU F 248 46.07 59.37 39.92
N LEU F 249 44.83 59.07 40.18
CA LEU F 249 44.18 59.58 41.36
C LEU F 249 44.50 58.79 42.63
N GLY F 250 45.47 57.89 42.61
CA GLY F 250 45.90 57.26 43.82
C GLY F 250 44.96 56.24 44.41
N LEU F 251 44.01 55.74 43.65
CA LEU F 251 42.96 54.93 44.22
C LEU F 251 43.18 53.46 43.99
N LEU F 252 44.20 53.11 43.25
CA LEU F 252 44.71 51.75 43.15
C LEU F 252 45.92 51.54 44.04
N LYS F 253 46.12 50.30 44.41
CA LYS F 253 46.98 49.93 45.53
C LYS F 253 47.87 48.79 45.12
N ASP F 254 49.15 49.07 45.00
CA ASP F 254 50.12 48.12 44.51
C ASP F 254 49.85 48.03 43.04
N HIS F 255 50.27 49.03 42.28
CA HIS F 255 49.85 49.07 40.90
C HIS F 255 50.73 50.03 40.14
N SER F 256 51.40 49.55 39.12
CA SER F 256 52.29 50.39 38.34
C SER F 256 51.90 50.41 36.89
N LEU F 257 52.01 51.58 36.28
CA LEU F 257 51.63 51.71 34.90
C LEU F 257 52.59 51.02 33.98
N GLU F 258 53.60 50.42 34.54
CA GLU F 258 54.43 49.58 33.72
C GLU F 258 53.77 48.24 33.52
N GLY F 259 53.50 47.57 34.63
CA GLY F 259 52.63 46.41 34.62
C GLY F 259 51.17 46.74 34.91
N ARG F 260 50.49 47.29 33.91
CA ARG F 260 49.05 47.48 33.95
C ARG F 260 48.33 46.22 33.52
N TYR F 261 47.09 46.10 33.95
CA TYR F 261 46.30 44.95 33.59
C TYR F 261 45.84 44.99 32.13
N PHE F 262 45.43 46.13 31.58
CA PHE F 262 44.94 46.21 30.22
C PHE F 262 45.87 46.93 29.27
N GLN F 263 46.65 46.23 28.49
CA GLN F 263 47.67 46.87 27.65
C GLN F 263 47.34 46.71 26.18
N ASN F 264 47.61 47.74 25.38
CA ASN F 264 47.13 47.67 23.99
C ASN F 264 48.05 46.74 23.20
N TYR F 265 47.89 45.45 23.48
CA TYR F 265 48.57 44.37 22.76
C TYR F 265 47.53 43.37 22.29
N SER F 266 47.52 43.08 21.00
CA SER F 266 46.50 42.22 20.44
C SER F 266 46.87 40.76 20.68
N TYR F 267 45.87 39.92 20.57
CA TYR F 267 46.05 38.48 20.58
C TYR F 267 45.72 37.95 19.21
N GLY F 268 45.89 36.66 19.04
CA GLY F 268 45.77 36.12 17.70
C GLY F 268 44.60 35.20 17.56
N GLY F 269 44.72 34.06 18.24
CA GLY F 269 43.68 33.05 18.23
C GLY F 269 42.66 33.33 19.29
N VAL F 270 41.81 32.36 19.51
CA VAL F 270 40.73 32.52 20.45
C VAL F 270 40.91 31.49 21.54
N ILE F 271 40.53 31.88 22.70
CA ILE F 271 40.32 31.00 23.82
C ILE F 271 38.91 30.45 23.75
N GLN F 272 38.71 29.23 24.17
CA GLN F 272 37.38 28.70 24.26
C GLN F 272 36.86 29.03 25.64
N ASP F 273 35.82 29.79 25.70
CA ASP F 273 35.11 29.93 26.96
C ASP F 273 33.60 30.03 26.68
N ASP F 274 32.84 30.25 27.74
CA ASP F 274 31.41 30.47 27.69
C ASP F 274 30.98 31.61 26.75
N HIS F 275 31.85 32.45 26.29
CA HIS F 275 31.44 33.42 25.31
C HIS F 275 31.28 32.88 23.92
N ILE F 276 31.73 31.67 23.65
CA ILE F 276 31.87 31.17 22.29
C ILE F 276 30.52 30.94 21.67
N PRO F 277 29.66 30.22 22.31
CA PRO F 277 28.31 30.09 21.87
C PRO F 277 27.59 31.37 21.54
N PHE F 278 27.92 32.49 22.22
CA PHE F 278 27.41 33.83 22.05
C PHE F 278 28.19 34.57 21.01
N LEU F 279 29.49 34.52 21.10
CA LEU F 279 30.27 35.12 20.06
C LEU F 279 29.79 34.63 18.71
N ARG F 280 29.75 33.34 18.52
CA ARG F 280 29.57 32.88 17.16
C ARG F 280 28.20 33.13 16.68
N ARG F 281 27.33 33.65 17.55
CA ARG F 281 25.96 34.04 17.22
C ARG F 281 25.76 35.53 17.07
N GLY F 282 26.73 36.36 17.41
CA GLY F 282 26.66 37.78 17.10
C GLY F 282 26.83 38.71 18.26
N VAL F 283 26.73 38.24 19.48
CA VAL F 283 26.84 39.05 20.69
C VAL F 283 28.25 39.60 20.83
N PRO F 284 28.43 40.88 21.11
CA PRO F 284 29.79 41.41 21.23
C PRO F 284 30.37 41.14 22.59
N VAL F 285 31.63 40.79 22.62
CA VAL F 285 32.18 40.20 23.81
C VAL F 285 33.38 41.00 24.24
N LEU F 286 33.48 41.13 25.54
CA LEU F 286 34.65 41.60 26.20
C LEU F 286 35.07 40.46 27.08
N HIS F 287 36.20 39.92 26.80
CA HIS F 287 36.51 38.67 27.38
C HIS F 287 37.59 38.95 28.37
N LEU F 288 37.20 39.10 29.61
CA LEU F 288 38.17 39.43 30.59
C LEU F 288 38.79 38.18 31.14
N ILE F 289 39.70 37.69 30.36
CA ILE F 289 40.53 36.58 30.75
C ILE F 289 41.97 36.96 30.49
N PRO F 290 42.92 36.50 31.27
CA PRO F 290 44.30 36.95 31.11
C PRO F 290 45.10 36.04 30.22
N SER F 291 46.02 36.60 29.50
CA SER F 291 46.98 35.77 28.85
C SER F 291 48.39 36.19 29.23
N PRO F 292 49.01 35.40 30.07
CA PRO F 292 48.71 34.02 30.44
C PRO F 292 47.82 33.70 31.55
N PHE F 293 47.27 32.61 31.42
CA PHE F 293 46.62 32.00 32.53
C PHE F 293 47.46 32.06 33.79
N PRO F 294 46.86 32.09 34.96
CA PRO F 294 47.60 31.95 36.19
C PRO F 294 48.55 30.76 36.22
N GLU F 295 49.65 30.91 36.96
CA GLU F 295 50.54 29.78 37.21
C GLU F 295 49.77 28.63 37.78
N VAL F 296 48.86 28.93 38.66
CA VAL F 296 48.23 27.88 39.43
C VAL F 296 47.04 27.38 38.68
N TRP F 297 46.99 27.57 37.38
CA TRP F 297 45.96 26.95 36.56
C TRP F 297 45.73 25.52 36.96
N HIS F 298 44.89 24.82 36.28
CA HIS F 298 44.27 23.69 36.93
C HIS F 298 45.08 22.91 37.93
N THR F 299 45.52 23.56 38.99
CA THR F 299 46.32 22.98 40.07
C THR F 299 45.62 23.13 41.41
N MET F 300 45.72 22.12 42.23
CA MET F 300 45.27 22.26 43.59
C MET F 300 45.78 23.53 44.31
N ASP F 301 46.74 24.23 43.74
CA ASP F 301 47.27 25.49 44.26
C ASP F 301 46.50 26.66 43.72
N ASP F 302 45.32 26.40 43.22
CA ASP F 302 44.42 27.47 42.81
C ASP F 302 43.49 27.72 43.95
N ASN F 303 44.10 27.92 45.09
CA ASN F 303 43.44 28.19 46.33
C ASN F 303 43.41 29.69 46.67
N GLU F 304 42.95 29.98 47.88
CA GLU F 304 42.90 31.33 48.43
C GLU F 304 44.29 31.87 48.67
N GLU F 305 45.13 31.07 49.29
CA GLU F 305 46.45 31.51 49.68
C GLU F 305 47.18 32.14 48.54
N ASN F 306 46.89 31.72 47.34
CA ASN F 306 47.58 32.20 46.17
C ASN F 306 46.88 33.33 45.47
N LEU F 307 45.76 33.79 45.97
CA LEU F 307 45.13 34.99 45.44
C LEU F 307 45.75 36.25 45.99
N ASP F 308 45.91 37.26 45.16
CA ASP F 308 46.34 38.60 45.56
C ASP F 308 45.13 39.43 45.88
N GLU F 309 44.87 39.66 47.16
CA GLU F 309 43.89 40.63 47.59
C GLU F 309 43.97 41.96 46.87
N SER F 310 45.12 42.40 46.46
CA SER F 310 45.14 43.79 46.03
C SER F 310 44.68 43.89 44.61
N THR F 311 45.04 42.89 43.82
CA THR F 311 44.66 42.90 42.41
C THR F 311 43.16 42.73 42.24
N ILE F 312 42.49 42.10 43.19
CA ILE F 312 41.07 41.91 42.99
C ILE F 312 40.31 43.14 43.34
N ASP F 313 40.55 43.69 44.52
CA ASP F 313 40.10 45.05 44.86
C ASP F 313 40.38 45.97 43.71
N ASN F 314 41.57 45.97 43.20
CA ASN F 314 41.81 46.86 42.09
C ASN F 314 40.83 46.66 40.93
N LEU F 315 40.48 45.43 40.60
CA LEU F 315 39.64 45.23 39.44
C LEU F 315 38.19 45.42 39.78
N ASN F 316 37.82 45.09 40.99
CA ASN F 316 36.50 45.45 41.44
C ASN F 316 36.25 46.92 41.19
N LYS F 317 37.24 47.75 41.39
CA LYS F 317 37.05 49.17 41.14
C LYS F 317 36.87 49.45 39.66
N ILE F 318 37.77 48.97 38.86
CA ILE F 318 37.70 49.22 37.43
C ILE F 318 36.40 48.69 36.86
N LEU F 319 35.95 47.55 37.35
CA LEU F 319 34.72 47.01 36.82
C LEU F 319 33.57 47.91 37.17
N GLN F 320 33.40 48.17 38.46
CA GLN F 320 32.27 48.93 38.97
C GLN F 320 32.10 50.24 38.22
N VAL F 321 33.16 50.97 38.04
CA VAL F 321 33.09 52.09 37.14
C VAL F 321 32.55 51.67 35.80
N PHE F 322 33.21 50.75 35.15
CA PHE F 322 32.89 50.48 33.75
C PHE F 322 31.43 50.30 33.55
N VAL F 323 30.82 49.58 34.44
CA VAL F 323 29.43 49.26 34.33
C VAL F 323 28.62 50.52 34.46
N LEU F 324 28.66 51.09 35.66
CA LEU F 324 28.07 52.39 35.98
C LEU F 324 28.18 53.31 34.82
N GLU F 325 29.34 53.37 34.23
CA GLU F 325 29.49 54.27 33.12
C GLU F 325 28.75 53.77 31.93
N TYR F 326 28.55 52.46 31.80
CA TYR F 326 27.84 51.97 30.61
C TYR F 326 26.38 52.35 30.69
N LEU F 327 25.80 52.16 31.85
CA LEU F 327 24.46 52.36 32.24
C LEU F 327 24.09 53.80 32.56
N HIS F 328 24.96 54.76 32.31
CA HIS F 328 24.71 56.15 32.64
C HIS F 328 24.17 56.26 34.03
N LEU F 329 24.88 55.65 34.94
CA LEU F 329 24.63 55.86 36.33
C LEU F 329 25.84 56.47 36.89
N ALA G 1 -19.72 -64.57 -10.28
CA ALA G 1 -21.11 -64.98 -10.29
C ALA G 1 -21.53 -65.39 -8.90
N SER G 2 -22.79 -65.80 -8.79
CA SER G 2 -23.36 -66.29 -7.54
C SER G 2 -24.35 -67.38 -7.91
N ALA G 3 -24.50 -68.37 -7.04
CA ALA G 3 -25.30 -69.51 -7.43
C ALA G 3 -26.76 -69.31 -7.11
N TRP G 4 -27.08 -69.10 -5.83
CA TRP G 4 -28.45 -69.25 -5.37
C TRP G 4 -29.44 -68.33 -6.08
N PRO G 5 -29.08 -67.14 -6.48
CA PRO G 5 -30.07 -66.27 -7.12
C PRO G 5 -30.73 -66.89 -8.33
N GLU G 6 -30.07 -67.81 -9.01
CA GLU G 6 -30.69 -68.42 -10.17
C GLU G 6 -31.72 -69.46 -9.78
N GLU G 7 -31.70 -69.92 -8.53
CA GLU G 7 -32.63 -70.95 -8.11
C GLU G 7 -34.04 -70.58 -8.52
N LYS G 8 -34.33 -69.37 -8.57
CA LYS G 8 -35.69 -69.01 -8.87
C LYS G 8 -36.07 -69.32 -10.27
N ASN G 9 -35.23 -69.98 -11.06
CA ASN G 9 -35.58 -70.33 -12.41
C ASN G 9 -35.99 -71.79 -12.51
N TYR G 10 -35.77 -72.50 -11.45
CA TYR G 10 -35.77 -73.93 -11.43
C TYR G 10 -36.73 -74.44 -10.43
N HIS G 11 -37.29 -73.56 -9.67
CA HIS G 11 -38.22 -73.93 -8.65
C HIS G 11 -39.47 -74.46 -9.30
N GLN G 12 -39.98 -75.54 -8.75
CA GLN G 12 -41.31 -76.02 -9.13
C GLN G 12 -42.04 -76.28 -7.83
N PRO G 13 -43.36 -76.42 -7.89
CA PRO G 13 -44.17 -76.63 -6.70
C PRO G 13 -44.31 -78.07 -6.26
N ALA G 14 -44.62 -78.21 -4.98
CA ALA G 14 -44.98 -79.48 -4.39
C ALA G 14 -46.48 -79.45 -4.27
N ILE G 15 -47.16 -79.90 -5.32
CA ILE G 15 -48.61 -79.77 -5.40
C ILE G 15 -49.26 -80.86 -4.55
N LEU G 16 -50.45 -80.53 -4.10
CA LEU G 16 -51.17 -81.33 -3.14
C LEU G 16 -52.19 -82.23 -3.82
N ASN G 17 -52.62 -83.22 -3.07
CA ASN G 17 -53.63 -84.16 -3.51
C ASN G 17 -55.00 -83.53 -3.45
N SER G 18 -55.88 -84.00 -4.30
CA SER G 18 -57.26 -83.57 -4.23
C SER G 18 -57.83 -83.66 -2.83
N SER G 19 -57.32 -84.51 -1.96
CA SER G 19 -57.92 -84.60 -0.63
C SER G 19 -57.42 -83.52 0.30
N ALA G 20 -56.23 -82.98 0.02
CA ALA G 20 -55.69 -81.91 0.85
C ALA G 20 -56.35 -80.59 0.49
N LEU G 21 -56.60 -80.37 -0.79
CA LEU G 21 -57.27 -79.15 -1.19
C LEU G 21 -58.59 -79.01 -0.46
N ARG G 22 -59.28 -80.12 -0.25
CA ARG G 22 -60.52 -80.06 0.51
C ARG G 22 -60.27 -79.52 1.91
N GLN G 23 -59.21 -79.96 2.58
CA GLN G 23 -58.93 -79.40 3.91
C GLN G 23 -58.81 -77.91 3.84
N ILE G 24 -57.96 -77.45 2.95
CA ILE G 24 -57.81 -76.02 2.79
C ILE G 24 -59.19 -75.40 2.65
N ALA G 25 -60.05 -75.96 1.78
CA ALA G 25 -61.29 -75.26 1.43
C ALA G 25 -62.17 -75.00 2.63
N GLU G 26 -62.03 -75.82 3.64
CA GLU G 26 -62.72 -75.66 4.90
C GLU G 26 -61.93 -74.78 5.82
N GLY G 27 -60.60 -74.93 5.76
CA GLY G 27 -59.69 -74.21 6.62
C GLY G 27 -59.70 -72.70 6.42
N THR G 28 -60.38 -72.19 5.40
CA THR G 28 -60.57 -70.77 5.25
C THR G 28 -62.01 -70.43 5.58
N SER G 29 -62.20 -69.19 6.05
CA SER G 29 -63.47 -68.71 6.55
C SER G 29 -63.74 -67.36 5.93
N ILE G 30 -64.47 -67.34 4.81
CA ILE G 30 -64.78 -66.07 4.21
C ILE G 30 -65.45 -65.12 5.18
N SER G 31 -66.13 -65.62 6.22
CA SER G 31 -66.85 -64.70 7.08
C SER G 31 -65.92 -64.11 8.13
N GLU G 32 -65.17 -64.95 8.86
CA GLU G 32 -64.24 -64.47 9.87
C GLU G 32 -63.23 -63.51 9.27
N MET G 33 -62.94 -63.66 7.98
CA MET G 33 -62.22 -62.60 7.32
C MET G 33 -63.04 -61.33 7.32
N TRP G 34 -64.23 -61.40 6.74
CA TRP G 34 -64.99 -60.22 6.43
C TRP G 34 -65.19 -59.30 7.61
N GLN G 35 -65.32 -59.84 8.81
CA GLN G 35 -65.63 -59.02 9.96
C GLN G 35 -64.44 -58.83 10.89
N ASN G 36 -63.40 -59.61 10.75
CA ASN G 36 -62.27 -59.52 11.65
C ASN G 36 -60.98 -59.23 10.90
N ASP G 37 -61.07 -58.99 9.60
CA ASP G 37 -59.88 -58.71 8.80
C ASP G 37 -60.06 -57.54 7.87
N LEU G 38 -61.26 -57.30 7.40
CA LEU G 38 -61.51 -56.31 6.38
C LEU G 38 -62.40 -55.19 6.85
N GLN G 39 -63.10 -55.37 7.91
CA GLN G 39 -64.04 -54.31 8.21
C GLN G 39 -63.27 -53.21 8.87
N PRO G 40 -62.42 -53.50 9.81
CA PRO G 40 -61.52 -52.48 10.34
C PRO G 40 -60.88 -51.58 9.32
N LEU G 41 -60.67 -52.04 8.10
CA LEU G 41 -59.83 -51.34 7.17
C LEU G 41 -60.56 -50.44 6.22
N LEU G 42 -61.85 -50.32 6.32
CA LEU G 42 -62.59 -49.62 5.28
C LEU G 42 -62.90 -48.22 5.73
N ILE G 43 -61.86 -47.40 5.75
CA ILE G 43 -61.93 -46.09 6.36
C ILE G 43 -61.13 -45.16 5.47
N GLU G 44 -61.46 -43.89 5.47
CA GLU G 44 -60.51 -42.93 4.92
C GLU G 44 -59.19 -43.23 5.61
N ARG G 45 -58.20 -43.55 4.79
CA ARG G 45 -56.89 -43.96 5.28
C ARG G 45 -55.85 -43.51 4.30
N TYR G 46 -56.04 -42.36 3.70
CA TYR G 46 -54.99 -41.86 2.89
C TYR G 46 -53.82 -41.58 3.80
N PRO G 47 -52.63 -41.38 3.24
CA PRO G 47 -51.44 -41.38 4.07
C PRO G 47 -51.44 -40.17 4.97
N GLY G 48 -51.15 -40.42 6.23
CA GLY G 48 -51.14 -39.37 7.21
C GLY G 48 -52.37 -39.45 8.06
N SER G 49 -53.48 -39.45 7.39
CA SER G 49 -54.81 -39.47 7.97
C SER G 49 -54.89 -40.34 9.20
N PRO G 50 -55.68 -39.95 10.17
CA PRO G 50 -55.78 -40.78 11.37
C PRO G 50 -56.17 -42.16 11.03
N GLY G 51 -56.79 -42.33 9.88
CA GLY G 51 -57.16 -43.67 9.47
C GLY G 51 -55.96 -44.51 9.13
N SER G 52 -55.00 -43.92 8.42
CA SER G 52 -53.80 -44.66 8.09
C SER G 52 -53.21 -45.29 9.33
N TYR G 53 -52.94 -44.47 10.33
CA TYR G 53 -52.41 -45.07 11.54
C TYR G 53 -53.35 -46.15 12.03
N ALA G 54 -54.64 -45.88 12.01
CA ALA G 54 -55.56 -46.89 12.47
C ALA G 54 -55.33 -48.17 11.71
N ALA G 55 -55.35 -48.08 10.38
CA ALA G 55 -55.11 -49.23 9.52
C ALA G 55 -53.80 -49.91 9.83
N ARG G 56 -52.70 -49.20 9.62
CA ARG G 56 -51.42 -49.78 9.94
C ARG G 56 -51.47 -50.37 11.31
N GLN G 57 -52.16 -49.71 12.22
CA GLN G 57 -52.32 -50.28 13.53
C GLN G 57 -53.03 -51.61 13.43
N HIS G 58 -54.12 -51.63 12.69
CA HIS G 58 -54.98 -52.80 12.66
C HIS G 58 -54.24 -54.02 12.15
N ILE G 59 -53.69 -53.91 10.97
CA ILE G 59 -52.95 -55.00 10.36
C ILE G 59 -52.14 -55.69 11.44
N MET G 60 -50.96 -55.16 11.70
CA MET G 60 -50.09 -55.58 12.79
C MET G 60 -50.82 -56.40 13.81
N GLN G 61 -51.77 -55.76 14.46
CA GLN G 61 -52.47 -56.43 15.53
C GLN G 61 -52.78 -57.84 15.09
N ARG G 62 -53.29 -57.98 13.88
CA ARG G 62 -53.74 -59.28 13.42
C ARG G 62 -52.56 -60.17 13.14
N ILE G 63 -51.59 -59.68 12.41
CA ILE G 63 -50.41 -60.48 12.17
C ILE G 63 -49.72 -60.78 13.47
N GLN G 64 -49.86 -59.91 14.46
CA GLN G 64 -49.03 -60.01 15.64
C GLN G 64 -49.56 -61.08 16.57
N ARG G 65 -50.83 -61.39 16.45
CA ARG G 65 -51.47 -62.41 17.27
C ARG G 65 -51.42 -63.78 16.62
N LEU G 66 -50.54 -64.01 15.68
CA LEU G 66 -50.45 -65.33 15.08
C LEU G 66 -49.28 -66.08 15.68
N GLN G 67 -49.32 -67.40 15.53
CA GLN G 67 -48.31 -68.24 16.13
C GLN G 67 -46.97 -68.07 15.40
N ALA G 68 -46.99 -68.14 14.07
CA ALA G 68 -45.75 -68.00 13.33
C ALA G 68 -44.92 -66.83 13.81
N ASP G 69 -43.62 -66.88 13.54
CA ASP G 69 -42.65 -65.92 14.06
C ASP G 69 -42.35 -64.89 13.00
N TRP G 70 -43.41 -64.16 12.67
CA TRP G 70 -43.34 -63.08 11.73
C TRP G 70 -42.53 -61.91 12.26
N VAL G 71 -41.92 -61.14 11.36
CA VAL G 71 -41.17 -59.95 11.75
C VAL G 71 -41.82 -58.74 11.10
N LEU G 72 -42.46 -57.91 11.91
CA LEU G 72 -43.02 -56.67 11.42
C LEU G 72 -41.95 -55.62 11.33
N GLU G 73 -41.85 -55.00 10.17
CA GLU G 73 -40.92 -53.93 9.97
C GLU G 73 -41.77 -52.78 9.49
N ILE G 74 -41.75 -51.67 10.23
CA ILE G 74 -42.35 -50.44 9.76
C ILE G 74 -41.26 -49.55 9.21
N ASP G 75 -41.37 -49.24 7.96
CA ASP G 75 -40.37 -48.48 7.26
C ASP G 75 -41.04 -47.15 6.97
N THR G 76 -40.93 -46.24 7.92
CA THR G 76 -41.47 -44.90 7.80
C THR G 76 -40.45 -43.99 7.16
N PHE G 77 -40.83 -43.38 6.08
CA PHE G 77 -39.93 -42.57 5.34
C PHE G 77 -40.63 -41.26 5.00
N LEU G 78 -39.94 -40.37 4.29
CA LEU G 78 -40.41 -39.05 3.95
C LEU G 78 -40.27 -38.86 2.47
N SER G 79 -41.12 -38.06 1.86
CA SER G 79 -40.95 -37.88 0.44
C SER G 79 -41.78 -36.72 -0.07
N GLN G 80 -41.39 -36.22 -1.23
CA GLN G 80 -41.93 -35.00 -1.76
C GLN G 80 -43.16 -35.35 -2.53
N THR G 81 -44.15 -34.48 -2.44
CA THR G 81 -45.41 -34.65 -3.13
C THR G 81 -45.92 -33.34 -3.66
N PRO G 82 -47.04 -33.37 -4.32
CA PRO G 82 -47.62 -32.11 -4.78
C PRO G 82 -48.23 -31.28 -3.67
N TYR G 83 -48.09 -31.68 -2.43
CA TYR G 83 -48.45 -30.82 -1.32
C TYR G 83 -47.29 -30.58 -0.37
N GLY G 84 -46.07 -30.88 -0.78
CA GLY G 84 -44.93 -30.81 0.12
C GLY G 84 -44.54 -32.17 0.66
N TYR G 85 -43.59 -32.16 1.58
CA TYR G 85 -43.15 -33.42 2.18
C TYR G 85 -44.23 -34.02 3.05
N ARG G 86 -44.43 -35.33 2.91
CA ARG G 86 -45.36 -36.06 3.76
C ARG G 86 -44.69 -37.34 4.17
N SER G 87 -45.16 -37.95 5.23
CA SER G 87 -44.52 -39.13 5.82
C SER G 87 -45.31 -40.41 5.59
N PHE G 88 -44.66 -41.40 5.05
CA PHE G 88 -45.30 -42.65 4.73
C PHE G 88 -44.77 -43.76 5.62
N SER G 89 -45.44 -44.89 5.60
CA SER G 89 -44.99 -46.05 6.36
C SER G 89 -45.40 -47.30 5.60
N ASN G 90 -44.43 -48.01 5.02
CA ASN G 90 -44.68 -49.30 4.41
C ASN G 90 -44.77 -50.33 5.51
N ILE G 91 -45.44 -51.46 5.25
CA ILE G 91 -45.50 -52.52 6.25
C ILE G 91 -44.89 -53.76 5.67
N ILE G 92 -44.03 -54.39 6.43
CA ILE G 92 -43.24 -55.50 5.96
C ILE G 92 -43.37 -56.57 6.97
N SER G 93 -44.01 -57.64 6.60
CA SER G 93 -44.10 -58.83 7.43
C SER G 93 -43.31 -59.96 6.79
N THR G 94 -42.42 -60.55 7.58
CA THR G 94 -41.45 -61.48 7.05
C THR G 94 -41.29 -62.66 7.99
N LEU G 95 -41.29 -63.87 7.42
CA LEU G 95 -40.86 -65.06 8.11
C LEU G 95 -39.39 -65.31 7.78
N ASN G 96 -38.61 -65.55 8.80
CA ASN G 96 -37.24 -65.98 8.56
C ASN G 96 -36.54 -64.91 7.74
N PRO G 97 -36.47 -63.71 8.27
CA PRO G 97 -35.78 -62.64 7.57
C PRO G 97 -34.48 -63.10 7.03
N THR G 98 -33.86 -64.09 7.66
CA THR G 98 -32.65 -64.66 7.07
C THR G 98 -33.00 -65.50 5.85
N ALA G 99 -34.15 -66.16 5.84
CA ALA G 99 -34.52 -66.98 4.70
C ALA G 99 -34.17 -66.28 3.40
N LYS G 100 -32.90 -66.35 3.06
CA LYS G 100 -32.32 -65.76 1.85
C LYS G 100 -33.31 -65.42 0.76
N ARG G 101 -33.84 -66.45 0.10
CA ARG G 101 -34.94 -66.34 -0.83
C ARG G 101 -36.26 -66.08 -0.13
N HIS G 102 -37.19 -65.48 -0.85
CA HIS G 102 -38.49 -65.23 -0.27
C HIS G 102 -39.52 -65.15 -1.38
N LEU G 103 -40.66 -65.76 -1.14
CA LEU G 103 -41.84 -65.48 -1.94
C LEU G 103 -42.56 -64.36 -1.27
N VAL G 104 -43.08 -63.46 -2.06
CA VAL G 104 -43.61 -62.23 -1.52
C VAL G 104 -45.00 -62.01 -2.05
N LEU G 105 -45.93 -61.79 -1.14
CA LEU G 105 -47.25 -61.30 -1.52
C LEU G 105 -47.34 -59.87 -1.05
N ALA G 106 -47.90 -59.03 -1.88
CA ALA G 106 -47.91 -57.63 -1.54
C ALA G 106 -49.15 -56.92 -2.03
N CYS G 107 -49.67 -56.03 -1.21
CA CYS G 107 -50.74 -55.14 -1.64
C CYS G 107 -50.46 -53.74 -1.14
N HIS G 108 -51.41 -52.84 -1.37
CA HIS G 108 -51.22 -51.45 -1.01
C HIS G 108 -52.32 -51.01 -0.10
N TYR G 109 -51.94 -50.61 1.08
CA TYR G 109 -52.87 -50.43 2.16
C TYR G 109 -53.29 -49.00 2.30
N ASP G 110 -52.97 -48.16 1.36
CA ASP G 110 -53.49 -46.83 1.40
C ASP G 110 -54.78 -46.76 0.60
N SER G 111 -55.56 -45.73 0.92
CA SER G 111 -56.71 -45.32 0.15
C SER G 111 -56.44 -43.96 -0.45
N LYS G 112 -56.85 -43.79 -1.68
CA LYS G 112 -56.60 -42.56 -2.40
C LYS G 112 -57.29 -41.38 -1.73
N TYR G 113 -56.61 -40.23 -1.73
CA TYR G 113 -57.18 -39.07 -1.04
C TYR G 113 -58.32 -38.50 -1.82
N PHE G 114 -59.45 -38.39 -1.14
CA PHE G 114 -60.61 -37.72 -1.64
C PHE G 114 -61.14 -36.82 -0.55
N SER G 115 -61.58 -35.65 -0.98
CA SER G 115 -62.34 -34.73 -0.16
C SER G 115 -63.52 -35.40 0.51
N HIS G 116 -64.61 -34.68 0.65
CA HIS G 116 -65.87 -35.31 0.92
C HIS G 116 -66.84 -34.76 -0.10
N TRP G 117 -67.48 -35.67 -0.81
CA TRP G 117 -68.48 -35.32 -1.79
C TRP G 117 -69.83 -35.79 -1.28
N ASN G 118 -70.83 -34.92 -1.39
CA ASN G 118 -72.12 -35.09 -0.74
C ASN G 118 -72.00 -35.92 0.53
N ASN G 119 -70.94 -35.70 1.29
CA ASN G 119 -70.76 -36.32 2.59
C ASN G 119 -70.35 -37.77 2.44
N ARG G 120 -69.76 -38.10 1.30
CA ARG G 120 -69.31 -39.46 1.05
C ARG G 120 -67.79 -39.53 1.16
N VAL G 121 -67.30 -40.61 1.78
CA VAL G 121 -65.89 -40.86 2.04
C VAL G 121 -65.44 -42.12 1.30
N PHE G 122 -64.36 -42.00 0.54
CA PHE G 122 -63.83 -43.10 -0.27
C PHE G 122 -62.96 -44.00 0.55
N VAL G 123 -63.37 -45.24 0.76
CA VAL G 123 -62.54 -46.16 1.52
C VAL G 123 -61.81 -47.13 0.63
N GLY G 124 -61.93 -46.99 -0.68
CA GLY G 124 -61.41 -47.99 -1.60
C GLY G 124 -61.60 -49.41 -1.10
N ALA G 125 -62.58 -50.12 -1.64
CA ALA G 125 -62.91 -51.44 -1.14
C ALA G 125 -62.18 -52.51 -1.90
N THR G 126 -62.10 -52.34 -3.18
CA THR G 126 -61.30 -53.20 -3.98
C THR G 126 -59.90 -52.65 -4.22
N ASP G 127 -59.63 -51.40 -3.84
CA ASP G 127 -58.43 -50.67 -4.25
C ASP G 127 -57.75 -50.03 -3.09
N SER G 128 -57.23 -50.80 -2.15
CA SER G 128 -57.07 -52.23 -2.22
C SER G 128 -57.30 -52.82 -0.92
N ALA G 129 -58.25 -52.32 -0.18
CA ALA G 129 -58.52 -52.94 1.11
C ALA G 129 -58.61 -54.47 1.05
N VAL G 130 -59.33 -55.01 0.08
CA VAL G 130 -59.63 -56.44 0.10
C VAL G 130 -58.36 -57.26 0.01
N PRO G 131 -57.55 -57.08 -0.96
CA PRO G 131 -56.18 -57.56 -0.90
C PRO G 131 -55.57 -57.64 0.48
N CYS G 132 -55.50 -56.58 1.25
CA CYS G 132 -54.80 -56.70 2.52
C CYS G 132 -55.43 -57.79 3.34
N ALA G 133 -56.76 -57.82 3.35
CA ALA G 133 -57.45 -58.83 4.11
C ALA G 133 -57.12 -60.19 3.56
N MET G 134 -57.30 -60.34 2.25
CA MET G 134 -56.84 -61.55 1.59
C MET G 134 -55.48 -61.92 2.12
N MET G 135 -54.54 -61.01 2.05
CA MET G 135 -53.23 -61.34 2.57
C MET G 135 -53.33 -61.69 4.03
N LEU G 136 -54.12 -60.95 4.77
CA LEU G 136 -54.13 -61.16 6.20
C LEU G 136 -54.74 -62.49 6.58
N GLU G 137 -55.89 -62.81 5.98
CA GLU G 137 -56.47 -64.14 6.11
C GLU G 137 -55.45 -65.24 5.79
N LEU G 138 -54.89 -65.18 4.58
CA LEU G 138 -53.90 -66.15 4.15
C LEU G 138 -52.99 -66.53 5.29
N ALA G 139 -52.47 -65.54 6.00
CA ALA G 139 -51.58 -65.89 7.09
C ALA G 139 -52.32 -66.52 8.23
N ARG G 140 -53.63 -66.32 8.28
CA ARG G 140 -54.42 -66.93 9.32
C ARG G 140 -54.91 -68.29 8.91
N ALA G 141 -55.06 -68.52 7.62
CA ALA G 141 -55.46 -69.85 7.20
C ALA G 141 -54.31 -70.82 7.22
N LEU G 142 -53.10 -70.39 6.91
CA LEU G 142 -51.98 -71.30 6.85
C LEU G 142 -51.11 -71.24 8.06
N ASP G 143 -51.50 -70.49 9.08
CA ASP G 143 -50.54 -70.23 10.13
C ASP G 143 -49.87 -71.52 10.58
N LYS G 144 -50.67 -72.51 10.97
CA LYS G 144 -50.10 -73.75 11.46
C LYS G 144 -49.07 -74.29 10.48
N LYS G 145 -49.36 -74.23 9.19
CA LYS G 145 -48.41 -74.78 8.24
C LYS G 145 -47.18 -73.91 8.09
N LEU G 146 -47.28 -72.64 8.46
CA LEU G 146 -46.11 -71.78 8.37
C LEU G 146 -45.14 -72.00 9.52
N LEU G 147 -45.67 -72.33 10.70
CA LEU G 147 -44.89 -72.82 11.84
C LEU G 147 -43.81 -73.84 11.49
N SER G 148 -44.08 -74.66 10.50
CA SER G 148 -43.07 -75.59 10.02
C SER G 148 -41.75 -74.92 9.83
N LEU G 149 -41.76 -73.64 9.59
CA LEU G 149 -40.54 -72.94 9.18
C LEU G 149 -39.70 -72.47 10.36
N LYS G 150 -39.60 -73.26 11.41
CA LYS G 150 -38.86 -72.85 12.62
C LYS G 150 -39.15 -71.40 12.99
N PRO G 157 -34.46 -76.96 0.75
CA PRO G 157 -34.32 -75.64 0.12
C PRO G 157 -34.75 -74.43 1.00
N ASP G 158 -33.93 -73.37 0.94
CA ASP G 158 -33.98 -72.27 1.88
C ASP G 158 -34.89 -71.17 1.38
N LEU G 159 -36.09 -71.07 1.93
CA LEU G 159 -37.08 -70.20 1.31
C LEU G 159 -38.26 -70.00 2.26
N SER G 160 -38.83 -68.80 2.27
CA SER G 160 -39.93 -68.55 3.21
C SER G 160 -40.82 -67.44 2.65
N LEU G 161 -41.55 -66.75 3.52
CA LEU G 161 -42.61 -65.89 3.06
C LEU G 161 -42.46 -64.45 3.56
N GLN G 162 -42.95 -63.53 2.75
CA GLN G 162 -42.98 -62.12 3.10
C GLN G 162 -44.22 -61.42 2.57
N LEU G 163 -44.89 -60.69 3.45
CA LEU G 163 -46.01 -59.86 3.08
C LEU G 163 -45.60 -58.41 3.16
N ILE G 164 -45.94 -57.67 2.13
CA ILE G 164 -45.69 -56.25 2.09
C ILE G 164 -47.00 -55.57 1.84
N PHE G 165 -47.34 -54.65 2.69
CA PHE G 165 -48.41 -53.72 2.44
C PHE G 165 -47.86 -52.33 2.13
N PHE G 166 -47.71 -51.97 0.89
CA PHE G 166 -47.21 -50.65 0.60
C PHE G 166 -48.12 -49.57 1.15
N ASP G 167 -47.57 -48.38 1.24
CA ASP G 167 -48.30 -47.18 1.52
C ASP G 167 -48.16 -46.26 0.33
N GLY G 168 -48.92 -45.19 0.32
CA GLY G 168 -48.69 -44.20 -0.72
C GLY G 168 -48.70 -44.72 -2.14
N GLU G 169 -49.48 -45.75 -2.40
CA GLU G 169 -49.56 -46.24 -3.76
C GLU G 169 -50.22 -45.26 -4.64
N GLU G 170 -51.27 -44.64 -4.15
CA GLU G 170 -52.12 -43.86 -5.02
C GLU G 170 -51.60 -42.44 -5.03
N ALA G 171 -51.66 -41.82 -6.18
CA ALA G 171 -51.27 -40.44 -6.35
C ALA G 171 -52.08 -39.56 -5.44
N PHE G 172 -51.59 -38.34 -5.23
CA PHE G 172 -52.28 -37.34 -4.42
C PHE G 172 -53.06 -36.37 -5.27
N LEU G 173 -52.48 -35.99 -6.39
CA LEU G 173 -53.15 -35.11 -7.30
C LEU G 173 -53.32 -35.91 -8.57
N HIS G 174 -52.39 -35.81 -9.50
CA HIS G 174 -52.63 -36.34 -10.83
C HIS G 174 -51.53 -37.28 -11.29
N TRP G 175 -51.75 -38.56 -10.97
CA TRP G 175 -50.98 -39.72 -11.41
C TRP G 175 -49.87 -39.39 -12.38
N SER G 176 -48.69 -39.77 -12.00
CA SER G 176 -47.50 -39.36 -12.68
C SER G 176 -46.33 -40.20 -12.20
N PRO G 177 -45.24 -40.20 -12.88
CA PRO G 177 -44.05 -40.76 -12.30
C PRO G 177 -43.82 -40.23 -10.93
N GLN G 178 -43.74 -38.91 -10.87
CA GLN G 178 -43.26 -38.23 -9.70
C GLN G 178 -44.28 -38.19 -8.59
N ASP G 179 -45.55 -38.52 -8.88
CA ASP G 179 -46.62 -38.50 -7.90
C ASP G 179 -47.39 -39.79 -7.96
N SER G 180 -46.96 -40.79 -7.20
CA SER G 180 -47.51 -42.13 -7.23
C SER G 180 -46.53 -43.18 -6.77
N LEU G 181 -46.98 -44.17 -6.05
CA LEU G 181 -46.13 -45.30 -5.67
C LEU G 181 -45.08 -44.83 -4.69
N TYR G 182 -45.39 -43.80 -3.95
CA TYR G 182 -44.44 -43.29 -2.98
C TYR G 182 -43.80 -44.43 -2.24
N GLY G 183 -44.52 -45.49 -1.97
CA GLY G 183 -44.08 -46.42 -0.94
C GLY G 183 -43.25 -47.55 -1.44
N SER G 184 -43.36 -47.83 -2.73
CA SER G 184 -42.68 -48.96 -3.33
C SER G 184 -41.54 -48.55 -4.22
N ARG G 185 -41.57 -47.34 -4.73
CA ARG G 185 -40.37 -46.77 -5.29
C ARG G 185 -39.27 -46.72 -4.25
N HIS G 186 -39.63 -46.34 -3.04
CA HIS G 186 -38.74 -46.24 -1.92
C HIS G 186 -38.21 -47.59 -1.53
N LEU G 187 -39.08 -48.52 -1.27
CA LEU G 187 -38.62 -49.77 -0.74
C LEU G 187 -37.93 -50.58 -1.80
N ALA G 188 -38.22 -50.36 -3.06
CA ALA G 188 -37.44 -51.03 -4.06
C ALA G 188 -36.00 -50.68 -3.89
N ALA G 189 -35.72 -49.40 -3.96
CA ALA G 189 -34.37 -48.91 -3.88
C ALA G 189 -33.76 -49.19 -2.53
N LYS G 190 -34.53 -49.13 -1.48
CA LYS G 190 -33.98 -49.53 -0.20
C LYS G 190 -33.53 -50.97 -0.28
N MET G 191 -34.24 -51.79 -1.04
CA MET G 191 -33.87 -53.19 -1.13
C MET G 191 -32.77 -53.41 -2.14
N ALA G 192 -32.84 -52.74 -3.26
CA ALA G 192 -31.83 -52.91 -4.28
C ALA G 192 -30.45 -52.68 -3.72
N SER G 193 -30.37 -52.08 -2.56
CA SER G 193 -29.06 -51.65 -2.09
C SER G 193 -28.78 -52.16 -0.71
N THR G 194 -29.51 -53.12 -0.24
CA THR G 194 -29.14 -53.80 1.00
C THR G 194 -28.58 -55.19 0.71
N PRO G 195 -27.32 -55.48 0.97
CA PRO G 195 -26.84 -56.82 0.64
C PRO G 195 -27.69 -57.83 1.36
N HIS G 196 -27.86 -58.97 0.69
CA HIS G 196 -28.57 -60.10 1.27
C HIS G 196 -27.88 -61.38 0.86
N PRO G 197 -27.77 -62.31 1.78
CA PRO G 197 -28.17 -62.20 3.17
C PRO G 197 -27.22 -61.23 3.85
N PRO G 198 -27.30 -61.07 5.12
CA PRO G 198 -26.32 -60.23 5.77
C PRO G 198 -24.94 -60.61 5.28
N GLY G 199 -23.97 -59.75 5.46
CA GLY G 199 -22.63 -60.13 5.12
C GLY G 199 -22.37 -60.19 3.64
N ALA G 200 -23.36 -60.43 2.83
CA ALA G 200 -23.03 -60.71 1.46
C ALA G 200 -22.29 -59.56 0.86
N ARG G 201 -21.85 -59.70 -0.36
CA ARG G 201 -20.94 -58.74 -0.94
C ARG G 201 -21.29 -58.32 -2.33
N GLY G 202 -22.31 -58.85 -2.92
CA GLY G 202 -22.59 -58.50 -4.30
C GLY G 202 -24.01 -58.77 -4.73
N THR G 203 -24.85 -59.15 -3.75
CA THR G 203 -26.23 -59.57 -3.90
C THR G 203 -27.15 -58.70 -3.05
N SER G 204 -28.33 -58.38 -3.61
CA SER G 204 -29.29 -57.51 -2.96
C SER G 204 -30.54 -58.24 -2.53
N GLN G 205 -31.14 -57.76 -1.47
CA GLN G 205 -32.40 -58.32 -1.03
C GLN G 205 -33.38 -58.50 -2.16
N LEU G 206 -33.21 -57.79 -3.26
CA LEU G 206 -34.04 -58.00 -4.42
C LEU G 206 -33.67 -59.28 -5.14
N HIS G 207 -32.44 -59.73 -5.05
CA HIS G 207 -32.14 -61.04 -5.58
C HIS G 207 -32.90 -62.09 -4.79
N GLY G 208 -32.82 -62.04 -3.48
CA GLY G 208 -33.60 -62.92 -2.62
C GLY G 208 -35.11 -62.89 -2.79
N MET G 209 -35.63 -62.11 -3.75
CA MET G 209 -37.07 -62.01 -3.99
C MET G 209 -37.44 -62.93 -5.12
N ASP G 210 -38.06 -64.05 -4.74
CA ASP G 210 -38.32 -65.14 -5.68
C ASP G 210 -39.37 -64.76 -6.68
N LEU G 211 -40.49 -64.32 -6.19
CA LEU G 211 -41.49 -63.76 -7.04
C LEU G 211 -42.28 -62.87 -6.14
N LEU G 212 -42.78 -61.81 -6.74
CA LEU G 212 -43.65 -60.87 -6.09
C LEU G 212 -45.05 -61.05 -6.63
N VAL G 213 -45.95 -61.48 -5.77
CA VAL G 213 -47.34 -61.54 -6.11
C VAL G 213 -48.01 -60.31 -5.60
N LEU G 214 -48.49 -59.52 -6.52
CA LEU G 214 -49.10 -58.25 -6.21
C LEU G 214 -50.59 -58.41 -6.42
N LEU G 215 -51.35 -58.16 -5.36
CA LEU G 215 -52.81 -58.22 -5.34
C LEU G 215 -53.35 -56.82 -5.38
N ASP G 216 -54.15 -56.53 -6.37
CA ASP G 216 -54.64 -55.18 -6.51
C ASP G 216 -56.01 -55.26 -7.16
N LEU G 217 -56.97 -54.48 -6.65
CA LEU G 217 -58.27 -54.22 -7.31
C LEU G 217 -59.19 -55.44 -7.32
N ILE G 218 -59.36 -56.06 -6.17
CA ILE G 218 -59.88 -57.41 -6.06
C ILE G 218 -61.11 -57.38 -5.16
N GLY G 219 -62.28 -57.63 -5.76
CA GLY G 219 -63.53 -57.79 -5.02
C GLY G 219 -64.76 -57.73 -5.89
N ALA G 220 -64.58 -57.34 -7.13
CA ALA G 220 -65.71 -57.22 -7.99
C ALA G 220 -66.10 -58.60 -8.43
N PRO G 221 -67.28 -58.74 -8.99
CA PRO G 221 -67.72 -60.03 -9.48
C PRO G 221 -67.12 -60.26 -10.85
N ASN G 222 -66.70 -61.49 -11.07
CA ASN G 222 -66.30 -61.87 -12.40
C ASN G 222 -65.08 -61.06 -12.83
N PRO G 223 -63.95 -61.25 -12.16
CA PRO G 223 -62.70 -60.67 -12.62
C PRO G 223 -62.01 -61.53 -13.66
N THR G 224 -61.34 -60.87 -14.60
CA THR G 224 -60.49 -61.52 -15.58
C THR G 224 -59.03 -61.10 -15.46
N PHE G 225 -58.19 -61.92 -14.84
CA PHE G 225 -56.79 -61.57 -14.65
C PHE G 225 -55.94 -62.01 -15.84
N PRO G 226 -55.24 -61.10 -16.52
CA PRO G 226 -54.32 -61.51 -17.59
C PRO G 226 -52.91 -61.94 -17.13
N ASN G 227 -52.23 -62.67 -18.05
CA ASN G 227 -50.80 -62.98 -17.96
C ASN G 227 -49.98 -61.82 -18.50
N PHE G 228 -49.35 -61.10 -17.59
CA PHE G 228 -48.66 -59.90 -17.96
C PHE G 228 -47.23 -60.17 -18.37
N PHE G 229 -46.57 -61.16 -17.73
CA PHE G 229 -45.15 -61.34 -17.83
C PHE G 229 -44.67 -62.77 -18.03
N PRO G 230 -43.85 -63.02 -19.06
CA PRO G 230 -43.39 -64.38 -19.38
C PRO G 230 -42.63 -65.11 -18.32
N ASN G 231 -41.97 -64.45 -17.45
CA ASN G 231 -41.19 -65.16 -16.48
C ASN G 231 -42.02 -65.54 -15.31
N SER G 232 -43.24 -65.05 -15.29
CA SER G 232 -44.24 -65.42 -14.32
C SER G 232 -45.21 -66.45 -14.88
N ALA G 233 -45.45 -66.45 -16.19
CA ALA G 233 -46.42 -67.33 -16.81
C ALA G 233 -46.45 -68.73 -16.20
N ARG G 234 -45.34 -69.44 -16.24
CA ARG G 234 -45.34 -70.74 -15.63
C ARG G 234 -46.03 -70.67 -14.30
N TRP G 235 -45.98 -69.54 -13.63
CA TRP G 235 -46.60 -69.48 -12.32
C TRP G 235 -48.00 -68.97 -12.41
N PHE G 236 -48.35 -68.34 -13.51
CA PHE G 236 -49.75 -68.07 -13.76
C PHE G 236 -50.48 -69.37 -14.00
N GLU G 237 -49.90 -70.21 -14.87
CA GLU G 237 -50.55 -71.43 -15.25
C GLU G 237 -50.78 -72.32 -14.06
N ARG G 238 -50.01 -72.15 -12.99
CA ARG G 238 -50.41 -72.80 -11.76
C ARG G 238 -51.69 -72.22 -11.26
N LEU G 239 -51.99 -71.00 -11.62
CA LEU G 239 -53.25 -70.49 -11.13
C LEU G 239 -54.38 -71.09 -11.92
N GLN G 240 -54.26 -71.10 -13.25
CA GLN G 240 -55.24 -71.77 -14.08
C GLN G 240 -55.48 -73.20 -13.58
N ALA G 241 -54.42 -73.94 -13.36
CA ALA G 241 -54.52 -75.34 -12.99
C ALA G 241 -54.93 -75.54 -11.56
N ILE G 242 -54.95 -74.49 -10.77
CA ILE G 242 -55.54 -74.57 -9.45
C ILE G 242 -56.97 -74.12 -9.52
N GLU G 243 -57.27 -73.15 -10.38
CA GLU G 243 -58.64 -72.69 -10.54
C GLU G 243 -59.48 -73.84 -11.06
N HIS G 244 -59.10 -74.35 -12.21
CA HIS G 244 -59.76 -75.49 -12.80
C HIS G 244 -59.96 -76.59 -11.77
N GLU G 245 -58.90 -77.05 -11.16
CA GLU G 245 -59.00 -78.23 -10.32
C GLU G 245 -59.90 -77.99 -9.11
N LEU G 246 -60.01 -76.77 -8.64
CA LEU G 246 -60.91 -76.54 -7.53
C LEU G 246 -62.33 -76.48 -7.99
N HIS G 247 -62.52 -76.18 -9.25
CA HIS G 247 -63.85 -76.17 -9.84
C HIS G 247 -64.36 -77.57 -10.03
N GLU G 248 -63.57 -78.38 -10.73
CA GLU G 248 -63.99 -79.73 -11.02
C GLU G 248 -64.25 -80.50 -9.75
N LEU G 249 -63.61 -80.12 -8.66
CA LEU G 249 -64.04 -80.62 -7.37
C LEU G 249 -65.11 -79.74 -6.75
N GLY G 250 -65.61 -78.77 -7.51
CA GLY G 250 -66.69 -77.87 -7.12
C GLY G 250 -66.56 -77.16 -5.81
N LEU G 251 -65.34 -76.96 -5.28
CA LEU G 251 -65.17 -76.35 -3.96
C LEU G 251 -65.29 -74.88 -3.99
N LEU G 252 -65.88 -74.32 -5.03
CA LEU G 252 -65.90 -72.89 -5.27
C LEU G 252 -67.31 -72.36 -5.04
N LYS G 253 -67.85 -71.50 -5.89
CA LYS G 253 -69.19 -70.97 -5.72
C LYS G 253 -69.48 -69.96 -6.79
N ASP G 254 -70.69 -69.94 -7.28
CA ASP G 254 -71.08 -69.14 -8.44
C ASP G 254 -70.02 -69.24 -9.51
N HIS G 255 -69.24 -70.29 -9.47
CA HIS G 255 -68.05 -70.40 -10.29
C HIS G 255 -68.33 -71.17 -11.57
N SER G 256 -68.09 -70.54 -12.70
CA SER G 256 -68.24 -71.18 -13.99
C SER G 256 -66.93 -71.20 -14.73
N LEU G 257 -66.64 -72.30 -15.40
CA LEU G 257 -65.52 -72.29 -16.31
C LEU G 257 -65.77 -71.41 -17.53
N GLU G 258 -67.00 -71.02 -17.80
CA GLU G 258 -67.20 -70.13 -18.93
C GLU G 258 -66.90 -68.70 -18.57
N GLY G 259 -66.84 -68.41 -17.29
CA GLY G 259 -66.25 -67.19 -16.78
C GLY G 259 -65.26 -67.59 -15.72
N ARG G 260 -64.09 -67.97 -16.17
CA ARG G 260 -63.00 -68.27 -15.26
C ARG G 260 -62.19 -67.01 -15.03
N TYR G 261 -61.55 -66.97 -13.88
CA TYR G 261 -60.83 -65.77 -13.52
C TYR G 261 -59.56 -65.62 -14.35
N PHE G 262 -58.81 -66.70 -14.56
CA PHE G 262 -57.47 -66.66 -15.15
C PHE G 262 -57.47 -67.22 -16.56
N GLN G 263 -57.64 -66.37 -17.55
CA GLN G 263 -57.90 -66.91 -18.87
C GLN G 263 -56.74 -66.68 -19.81
N ASN G 264 -56.55 -67.62 -20.73
CA ASN G 264 -55.46 -67.55 -21.70
C ASN G 264 -55.57 -66.32 -22.57
N TYR G 265 -55.34 -65.15 -21.99
CA TYR G 265 -55.53 -63.86 -22.66
C TYR G 265 -54.34 -62.99 -22.32
N SER G 266 -53.27 -63.11 -23.09
CA SER G 266 -52.16 -62.19 -22.88
C SER G 266 -52.61 -60.76 -23.15
N TYR G 267 -52.20 -59.89 -22.25
CA TYR G 267 -52.49 -58.48 -22.36
C TYR G 267 -51.51 -57.87 -23.36
N GLY G 268 -51.69 -56.59 -23.63
CA GLY G 268 -50.69 -55.88 -24.40
C GLY G 268 -49.61 -55.27 -23.51
N GLY G 269 -49.83 -54.01 -23.10
CA GLY G 269 -48.87 -53.18 -22.36
C GLY G 269 -48.86 -53.37 -20.87
N VAL G 270 -48.68 -52.30 -20.10
CA VAL G 270 -48.54 -52.46 -18.66
C VAL G 270 -49.40 -51.47 -17.90
N ILE G 271 -49.96 -51.98 -16.84
CA ILE G 271 -50.57 -51.19 -15.80
C ILE G 271 -49.49 -50.70 -14.86
N GLN G 272 -49.50 -49.43 -14.53
CA GLN G 272 -48.55 -48.95 -13.55
C GLN G 272 -49.05 -49.27 -12.15
N ASP G 273 -48.20 -49.84 -11.33
CA ASP G 273 -48.64 -50.15 -9.98
C ASP G 273 -47.38 -50.32 -9.17
N ASP G 274 -47.52 -50.79 -7.94
CA ASP G 274 -46.38 -50.89 -7.08
C ASP G 274 -45.35 -51.91 -7.59
N HIS G 275 -45.66 -52.66 -8.62
CA HIS G 275 -44.68 -53.60 -9.09
C HIS G 275 -43.60 -52.88 -9.89
N ILE G 276 -43.94 -51.85 -10.63
CA ILE G 276 -42.99 -51.29 -11.56
C ILE G 276 -41.63 -51.18 -10.89
N PRO G 277 -41.53 -50.62 -9.70
CA PRO G 277 -40.19 -50.43 -9.16
C PRO G 277 -39.44 -51.71 -9.13
N PHE G 278 -40.11 -52.77 -8.78
CA PHE G 278 -39.42 -54.03 -8.70
C PHE G 278 -39.23 -54.63 -10.06
N LEU G 279 -40.15 -54.43 -10.97
CA LEU G 279 -39.95 -55.05 -12.26
C LEU G 279 -38.65 -54.62 -12.91
N ARG G 280 -38.40 -53.34 -12.98
CA ARG G 280 -37.25 -52.92 -13.78
C ARG G 280 -35.94 -52.96 -12.99
N ARG G 281 -35.90 -53.70 -11.90
CA ARG G 281 -34.67 -54.19 -11.33
C ARG G 281 -34.59 -55.69 -11.49
N GLY G 282 -35.52 -56.23 -12.32
CA GLY G 282 -35.54 -57.60 -12.76
C GLY G 282 -36.21 -58.60 -11.85
N VAL G 283 -37.17 -58.18 -11.06
CA VAL G 283 -37.89 -59.13 -10.23
C VAL G 283 -38.98 -59.79 -11.08
N PRO G 284 -39.43 -60.97 -10.72
CA PRO G 284 -40.56 -61.56 -11.44
C PRO G 284 -41.87 -61.28 -10.74
N VAL G 285 -42.85 -60.82 -11.50
CA VAL G 285 -44.08 -60.29 -10.94
C VAL G 285 -45.29 -61.07 -11.41
N LEU G 286 -46.12 -61.47 -10.47
CA LEU G 286 -47.46 -61.93 -10.75
C LEU G 286 -48.36 -60.78 -10.40
N HIS G 287 -48.79 -60.07 -11.40
CA HIS G 287 -49.61 -58.89 -11.22
C HIS G 287 -51.05 -59.36 -11.21
N LEU G 288 -51.55 -59.66 -10.03
CA LEU G 288 -52.90 -60.12 -9.91
C LEU G 288 -53.82 -58.93 -9.86
N ILE G 289 -53.84 -58.20 -10.97
CA ILE G 289 -54.73 -57.09 -11.17
C ILE G 289 -55.69 -57.45 -12.28
N PRO G 290 -56.99 -57.33 -12.07
CA PRO G 290 -57.92 -57.58 -13.16
C PRO G 290 -57.77 -56.52 -14.20
N SER G 291 -58.18 -56.85 -15.41
CA SER G 291 -58.26 -55.91 -16.49
C SER G 291 -59.40 -56.34 -17.33
N PRO G 292 -60.40 -55.50 -17.47
CA PRO G 292 -60.51 -54.12 -17.02
C PRO G 292 -60.79 -53.95 -15.55
N PHE G 293 -60.54 -52.75 -15.03
CA PHE G 293 -60.68 -52.50 -13.61
C PHE G 293 -62.14 -52.47 -13.26
N PRO G 294 -62.47 -52.68 -12.03
CA PRO G 294 -63.84 -52.58 -11.61
C PRO G 294 -64.63 -51.43 -12.20
N GLU G 295 -65.92 -51.43 -11.91
CA GLU G 295 -66.73 -50.31 -12.35
C GLU G 295 -66.58 -49.16 -11.39
N VAL G 296 -66.51 -49.52 -10.12
CA VAL G 296 -66.31 -48.62 -9.02
C VAL G 296 -64.91 -48.07 -8.86
N TRP G 297 -63.99 -48.47 -9.70
CA TRP G 297 -62.64 -47.98 -9.59
C TRP G 297 -62.64 -46.46 -9.60
N HIS G 298 -62.11 -45.86 -8.52
CA HIS G 298 -62.01 -44.41 -8.34
C HIS G 298 -63.37 -43.71 -8.45
N THR G 299 -64.30 -44.21 -7.63
CA THR G 299 -65.66 -43.75 -7.45
C THR G 299 -66.11 -44.19 -6.08
N MET G 300 -67.00 -43.42 -5.48
CA MET G 300 -67.26 -43.64 -4.08
C MET G 300 -68.03 -44.92 -3.80
N ASP G 301 -68.47 -45.63 -4.83
CA ASP G 301 -69.21 -46.86 -4.62
C ASP G 301 -68.31 -48.02 -4.22
N ASP G 302 -66.99 -47.83 -4.22
CA ASP G 302 -66.02 -48.90 -3.99
C ASP G 302 -66.17 -49.27 -2.54
N ASN G 303 -67.37 -49.68 -2.17
CA ASN G 303 -67.76 -49.87 -0.81
C ASN G 303 -67.90 -51.35 -0.55
N GLU G 304 -68.45 -51.67 0.59
CA GLU G 304 -68.73 -53.04 0.95
C GLU G 304 -69.94 -53.58 0.22
N GLU G 305 -70.71 -52.70 -0.40
CA GLU G 305 -71.96 -53.04 -1.08
C GLU G 305 -71.76 -53.20 -2.56
N ASN G 306 -70.56 -53.46 -2.98
CA ASN G 306 -70.43 -53.75 -4.39
C ASN G 306 -69.32 -54.76 -4.62
N LEU G 307 -69.03 -55.56 -3.63
CA LEU G 307 -68.06 -56.63 -3.74
C LEU G 307 -68.77 -57.87 -4.26
N ASP G 308 -68.17 -59.06 -4.02
CA ASP G 308 -68.75 -60.30 -4.44
C ASP G 308 -68.26 -61.39 -3.52
N GLU G 309 -68.66 -61.30 -2.29
CA GLU G 309 -68.41 -62.29 -1.26
C GLU G 309 -67.87 -63.61 -1.79
N SER G 310 -68.32 -64.05 -2.96
CA SER G 310 -67.95 -65.37 -3.46
C SER G 310 -66.65 -65.35 -4.24
N THR G 311 -66.59 -64.59 -5.33
CA THR G 311 -65.33 -64.33 -6.00
C THR G 311 -64.15 -64.31 -5.04
N ILE G 312 -64.31 -63.72 -3.89
CA ILE G 312 -63.18 -63.52 -3.00
C ILE G 312 -62.88 -64.75 -2.21
N ASP G 313 -63.90 -65.44 -1.77
CA ASP G 313 -63.68 -66.68 -1.03
C ASP G 313 -63.09 -67.72 -1.93
N ASN G 314 -63.26 -67.56 -3.23
CA ASN G 314 -62.65 -68.45 -4.19
C ASN G 314 -61.18 -68.14 -4.33
N LEU G 315 -60.89 -66.92 -4.80
CA LEU G 315 -59.51 -66.50 -5.01
C LEU G 315 -58.70 -66.70 -3.75
N ASN G 316 -59.30 -66.46 -2.61
CA ASN G 316 -58.59 -66.72 -1.39
C ASN G 316 -58.18 -68.15 -1.29
N LYS G 317 -58.81 -69.01 -2.06
CA LYS G 317 -58.52 -70.41 -1.95
C LYS G 317 -57.50 -70.82 -2.98
N ILE G 318 -57.68 -70.35 -4.19
CA ILE G 318 -56.67 -70.48 -5.21
C ILE G 318 -55.32 -70.06 -4.67
N LEU G 319 -55.19 -68.78 -4.34
CA LEU G 319 -54.00 -68.23 -3.73
C LEU G 319 -53.48 -69.11 -2.65
N GLN G 320 -54.27 -69.28 -1.61
CA GLN G 320 -53.80 -70.02 -0.44
C GLN G 320 -53.15 -71.31 -0.85
N VAL G 321 -53.52 -71.83 -1.98
CA VAL G 321 -52.99 -73.09 -2.40
C VAL G 321 -51.61 -72.81 -2.93
N PHE G 322 -51.61 -72.14 -4.06
CA PHE G 322 -50.43 -71.74 -4.78
C PHE G 322 -49.28 -71.45 -3.86
N VAL G 323 -49.59 -70.72 -2.82
CA VAL G 323 -48.60 -70.42 -1.82
C VAL G 323 -48.04 -71.70 -1.24
N LEU G 324 -48.91 -72.61 -0.81
CA LEU G 324 -48.42 -73.85 -0.23
C LEU G 324 -47.59 -74.64 -1.21
N GLU G 325 -47.96 -74.60 -2.47
CA GLU G 325 -47.23 -75.35 -3.46
C GLU G 325 -45.89 -74.72 -3.73
N TYR G 326 -45.85 -73.41 -3.78
CA TYR G 326 -44.57 -72.72 -3.93
C TYR G 326 -43.63 -73.02 -2.78
N LEU G 327 -44.15 -73.12 -1.56
CA LEU G 327 -43.32 -73.40 -0.41
C LEU G 327 -43.40 -74.85 0.04
N HIS G 328 -43.54 -75.80 -0.88
CA HIS G 328 -43.50 -77.22 -0.57
C HIS G 328 -44.04 -77.53 0.80
N LEU G 329 -45.21 -76.98 1.11
CA LEU G 329 -45.97 -77.42 2.27
C LEU G 329 -47.29 -77.99 1.76
N ALA H 1 47.14 16.99 -15.31
CA ALA H 1 48.13 17.61 -14.43
C ALA H 1 49.55 17.24 -14.78
N SER H 2 50.42 18.24 -14.78
CA SER H 2 51.86 18.10 -15.06
C SER H 2 52.55 18.84 -13.92
N ALA H 3 53.40 19.81 -14.24
CA ALA H 3 54.10 20.56 -13.21
C ALA H 3 53.94 22.07 -13.28
N TRP H 4 53.51 22.61 -14.41
CA TRP H 4 53.39 24.06 -14.47
C TRP H 4 52.63 24.58 -13.26
N PRO H 5 51.69 23.83 -12.67
CA PRO H 5 51.10 24.29 -11.41
C PRO H 5 52.11 24.59 -10.30
N GLU H 6 53.34 24.17 -10.45
CA GLU H 6 54.32 24.39 -9.41
C GLU H 6 55.24 25.56 -9.73
N GLU H 7 55.20 26.06 -10.96
CA GLU H 7 56.03 27.18 -11.31
C GLU H 7 55.97 28.29 -10.29
N LYS H 8 54.82 28.53 -9.69
CA LYS H 8 54.74 29.62 -8.72
C LYS H 8 55.77 29.41 -7.64
N ASN H 9 55.79 28.23 -7.09
CA ASN H 9 56.57 28.00 -5.92
C ASN H 9 57.98 28.46 -6.12
N TYR H 10 58.43 28.46 -7.36
CA TYR H 10 59.79 28.79 -7.68
C TYR H 10 59.92 30.09 -8.39
N HIS H 11 58.83 30.83 -8.49
CA HIS H 11 58.81 32.06 -9.25
C HIS H 11 59.53 33.14 -8.51
N GLN H 12 60.33 33.91 -9.24
CA GLN H 12 61.09 34.99 -8.62
C GLN H 12 60.80 36.34 -9.24
N PRO H 13 60.84 37.42 -8.45
CA PRO H 13 60.64 38.77 -9.00
C PRO H 13 61.84 39.28 -9.76
N ALA H 14 61.55 40.19 -10.69
CA ALA H 14 62.55 40.90 -11.47
C ALA H 14 62.69 42.26 -10.79
N ILE H 15 63.39 42.25 -9.68
CA ILE H 15 63.56 43.42 -8.83
C ILE H 15 63.79 44.64 -9.73
N LEU H 16 63.59 45.85 -9.20
CA LEU H 16 63.63 47.04 -10.04
C LEU H 16 64.80 47.94 -9.69
N ASN H 17 65.22 48.73 -10.66
CA ASN H 17 66.29 49.73 -10.43
C ASN H 17 65.74 51.04 -9.89
N SER H 18 66.47 51.63 -8.95
CA SER H 18 66.07 52.91 -8.39
C SER H 18 65.72 53.94 -9.46
N SER H 19 66.20 53.77 -10.69
CA SER H 19 65.68 54.57 -11.79
C SER H 19 64.20 54.33 -11.96
N ALA H 20 63.83 53.06 -12.04
CA ALA H 20 62.45 52.73 -12.33
C ALA H 20 61.52 53.19 -11.20
N LEU H 21 61.90 52.92 -9.96
CA LEU H 21 61.02 53.24 -8.85
C LEU H 21 60.49 54.64 -8.97
N ARG H 22 61.37 55.62 -9.08
CA ARG H 22 60.92 56.97 -9.40
C ARG H 22 59.97 56.94 -10.58
N GLN H 23 60.44 56.39 -11.70
CA GLN H 23 59.67 56.32 -12.93
C GLN H 23 58.23 55.93 -12.61
N ILE H 24 58.10 54.96 -11.70
CA ILE H 24 56.80 54.49 -11.27
C ILE H 24 56.18 55.44 -10.29
N ALA H 25 56.86 55.67 -9.18
CA ALA H 25 56.31 56.51 -8.13
C ALA H 25 55.88 57.84 -8.70
N GLU H 26 56.59 58.33 -9.71
CA GLU H 26 56.07 59.49 -10.41
C GLU H 26 54.70 59.15 -10.96
N GLY H 27 54.59 57.97 -11.54
CA GLY H 27 53.45 57.56 -12.35
C GLY H 27 52.13 57.28 -11.67
N THR H 28 51.99 57.51 -10.37
CA THR H 28 50.69 57.42 -9.73
C THR H 28 50.38 58.74 -9.04
N SER H 29 49.12 59.13 -9.13
CA SER H 29 48.66 60.42 -8.62
C SER H 29 47.54 60.18 -7.64
N ILE H 30 47.88 60.16 -6.38
CA ILE H 30 46.87 59.93 -5.36
C ILE H 30 45.68 60.84 -5.52
N SER H 31 45.81 61.95 -6.22
CA SER H 31 44.67 62.86 -6.26
C SER H 31 43.69 62.50 -7.36
N GLU H 32 44.13 61.98 -8.50
CA GLU H 32 43.13 61.59 -9.50
C GLU H 32 42.36 60.39 -9.01
N MET H 33 43.06 59.38 -8.51
CA MET H 33 42.35 58.26 -7.91
C MET H 33 41.30 58.77 -6.95
N TRP H 34 41.56 59.91 -6.34
CA TRP H 34 40.73 60.31 -5.22
C TRP H 34 39.45 60.94 -5.68
N GLN H 35 39.46 61.51 -6.86
CA GLN H 35 38.29 62.19 -7.38
C GLN H 35 37.75 61.42 -8.56
N ASN H 36 38.55 60.54 -9.13
CA ASN H 36 38.16 59.80 -10.31
C ASN H 36 37.74 58.37 -10.02
N ASP H 37 38.40 57.66 -9.11
CA ASP H 37 37.92 56.36 -8.70
C ASP H 37 37.24 56.39 -7.34
N LEU H 38 37.92 56.95 -6.36
CA LEU H 38 37.47 56.78 -4.99
C LEU H 38 36.14 57.43 -4.71
N GLN H 39 35.90 58.57 -5.26
CA GLN H 39 34.77 59.28 -4.71
C GLN H 39 33.50 58.63 -5.21
N PRO H 40 33.42 58.28 -6.49
CA PRO H 40 32.22 57.57 -6.98
C PRO H 40 31.78 56.42 -6.11
N LEU H 41 32.71 55.67 -5.56
CA LEU H 41 32.39 54.49 -4.80
C LEU H 41 32.00 54.76 -3.38
N LEU H 42 31.90 55.99 -2.95
CA LEU H 42 31.71 56.20 -1.53
C LEU H 42 30.29 56.10 -1.10
N ILE H 43 29.55 55.24 -1.70
CA ILE H 43 28.12 55.27 -1.59
C ILE H 43 27.64 54.01 -0.92
N GLU H 44 26.50 54.09 -0.25
CA GLU H 44 25.84 52.89 0.24
C GLU H 44 25.79 51.89 -0.92
N ARG H 45 26.11 50.61 -0.66
CA ARG H 45 26.28 49.66 -1.75
C ARG H 45 26.30 48.24 -1.24
N TYR H 46 25.56 47.99 -0.25
CA TYR H 46 25.41 46.65 0.18
C TYR H 46 24.73 45.96 -0.98
N PRO H 47 24.49 44.66 -0.87
CA PRO H 47 24.10 43.90 -2.04
C PRO H 47 22.66 44.05 -2.37
N GLY H 48 22.39 44.03 -3.67
CA GLY H 48 21.07 44.20 -4.20
C GLY H 48 20.65 45.62 -4.35
N SER H 49 21.30 46.54 -3.67
CA SER H 49 20.92 47.92 -3.64
C SER H 49 21.30 48.60 -4.93
N PRO H 50 20.60 49.66 -5.25
CA PRO H 50 20.96 50.40 -6.44
C PRO H 50 22.39 50.87 -6.40
N GLY H 51 22.91 51.20 -5.21
CA GLY H 51 24.32 51.54 -5.10
C GLY H 51 25.23 50.39 -5.47
N SER H 52 24.79 49.16 -5.21
CA SER H 52 25.53 48.03 -5.72
C SER H 52 25.63 48.11 -7.22
N TYR H 53 24.54 48.35 -7.91
CA TYR H 53 24.64 48.45 -9.34
C TYR H 53 25.48 49.65 -9.73
N ALA H 54 25.22 50.75 -9.09
CA ALA H 54 25.94 51.96 -9.40
C ALA H 54 27.44 51.80 -9.26
N ALA H 55 27.87 50.99 -8.32
CA ALA H 55 29.28 50.86 -8.05
C ALA H 55 29.92 49.89 -9.01
N ARG H 56 29.27 48.75 -9.18
CA ARG H 56 29.65 47.80 -10.19
C ARG H 56 29.83 48.47 -11.50
N GLN H 57 28.88 49.29 -11.87
CA GLN H 57 28.94 49.93 -13.18
C GLN H 57 30.11 50.86 -13.26
N HIS H 58 30.41 51.51 -12.16
CA HIS H 58 31.51 52.44 -12.16
C HIS H 58 32.81 51.72 -12.35
N ILE H 59 32.94 50.58 -11.69
CA ILE H 59 34.19 49.83 -11.74
C ILE H 59 34.53 49.48 -13.17
N MET H 60 33.54 49.09 -13.93
CA MET H 60 33.86 48.60 -15.25
C MET H 60 34.16 49.72 -16.19
N GLN H 61 33.35 50.78 -16.14
CA GLN H 61 33.56 51.85 -17.09
C GLN H 61 35.02 52.22 -17.08
N ARG H 62 35.58 52.34 -15.88
CA ARG H 62 36.96 52.74 -15.78
C ARG H 62 37.88 51.71 -16.38
N ILE H 63 37.60 50.43 -16.14
CA ILE H 63 38.46 49.43 -16.75
C ILE H 63 38.21 49.36 -18.21
N GLN H 64 36.99 49.63 -18.60
CA GLN H 64 36.70 49.57 -20.01
C GLN H 64 37.57 50.57 -20.75
N ARG H 65 37.56 51.81 -20.30
CA ARG H 65 38.25 52.82 -21.08
C ARG H 65 39.74 52.60 -21.12
N LEU H 66 40.25 51.64 -20.35
CA LEU H 66 41.67 51.35 -20.39
C LEU H 66 42.08 50.57 -21.62
N GLN H 67 43.36 50.70 -21.94
CA GLN H 67 43.91 50.25 -23.21
C GLN H 67 44.03 48.74 -23.24
N ALA H 68 44.69 48.17 -22.25
CA ALA H 68 44.83 46.72 -22.18
C ALA H 68 43.54 46.03 -22.57
N ASP H 69 43.59 44.73 -22.80
CA ASP H 69 42.39 43.99 -23.18
C ASP H 69 41.86 43.23 -21.98
N TRP H 70 41.41 44.02 -21.03
CA TRP H 70 40.75 43.49 -19.86
C TRP H 70 39.43 42.85 -20.26
N VAL H 71 39.14 41.73 -19.65
CA VAL H 71 37.97 40.91 -19.98
C VAL H 71 37.11 40.84 -18.73
N LEU H 72 36.12 41.66 -18.65
CA LEU H 72 35.27 41.67 -17.48
C LEU H 72 34.20 40.62 -17.66
N GLU H 73 34.18 39.62 -16.79
CA GLU H 73 33.03 38.73 -16.62
C GLU H 73 32.12 39.34 -15.56
N ILE H 74 30.89 38.87 -15.42
CA ILE H 74 30.05 39.24 -14.28
C ILE H 74 29.41 38.00 -13.72
N ASP H 75 29.78 37.65 -12.51
CA ASP H 75 29.26 36.45 -11.89
C ASP H 75 28.06 36.74 -11.01
N THR H 76 26.94 37.03 -11.63
CA THR H 76 25.70 37.09 -10.88
C THR H 76 25.30 35.70 -10.39
N PHE H 77 24.83 35.60 -9.17
CA PHE H 77 24.62 34.31 -8.56
C PHE H 77 23.73 34.54 -7.38
N LEU H 78 23.07 33.52 -6.91
CA LEU H 78 22.04 33.63 -5.93
C LEU H 78 22.47 32.86 -4.72
N SER H 79 22.20 33.33 -3.51
CA SER H 79 22.52 32.55 -2.33
C SER H 79 21.57 32.87 -1.20
N GLN H 80 21.63 32.02 -0.18
CA GLN H 80 20.67 32.02 0.90
C GLN H 80 21.24 32.88 1.99
N THR H 81 20.37 33.57 2.69
CA THR H 81 20.77 34.52 3.70
C THR H 81 19.76 34.54 4.80
N PRO H 82 20.06 35.23 5.86
CA PRO H 82 19.08 35.39 6.90
C PRO H 82 17.90 36.19 6.51
N TYR H 83 17.96 36.98 5.46
CA TYR H 83 16.74 37.58 5.00
C TYR H 83 16.17 36.76 3.90
N GLY H 84 16.74 35.59 3.65
CA GLY H 84 16.27 34.75 2.61
C GLY H 84 17.19 34.79 1.42
N TYR H 85 16.67 34.41 0.28
CA TYR H 85 17.51 34.39 -0.88
C TYR H 85 17.82 35.80 -1.23
N ARG H 86 18.84 35.99 -2.03
CA ARG H 86 19.17 37.33 -2.48
C ARG H 86 20.25 37.12 -3.51
N SER H 87 20.36 38.05 -4.43
CA SER H 87 21.31 38.04 -5.50
C SER H 87 22.54 38.86 -5.17
N PHE H 88 23.60 38.64 -5.94
CA PHE H 88 24.98 39.03 -5.66
C PHE H 88 25.75 39.04 -6.99
N SER H 89 26.72 39.91 -7.16
CA SER H 89 27.50 39.86 -8.39
C SER H 89 28.95 40.17 -8.14
N ASN H 90 29.82 39.28 -8.55
CA ASN H 90 31.24 39.44 -8.45
C ASN H 90 31.75 40.02 -9.76
N ILE H 91 32.83 40.76 -9.71
CA ILE H 91 33.41 41.32 -10.90
C ILE H 91 34.76 40.68 -11.11
N ILE H 92 35.01 40.21 -12.32
CA ILE H 92 36.29 39.61 -12.65
C ILE H 92 36.87 40.30 -13.85
N SER H 93 37.82 41.17 -13.63
CA SER H 93 38.60 41.71 -14.70
C SER H 93 39.83 40.82 -14.88
N THR H 94 40.10 40.42 -16.11
CA THR H 94 41.21 39.52 -16.37
C THR H 94 41.98 39.93 -17.61
N LEU H 95 43.25 39.57 -17.65
CA LEU H 95 44.04 39.74 -18.85
C LEU H 95 44.63 38.42 -19.30
N ASN H 96 44.59 38.19 -20.60
CA ASN H 96 45.06 36.95 -21.19
C ASN H 96 44.42 35.77 -20.47
N PRO H 97 43.11 35.66 -20.50
CA PRO H 97 42.46 34.62 -19.69
C PRO H 97 42.96 33.24 -20.00
N THR H 98 43.65 33.06 -21.12
CA THR H 98 44.38 31.83 -21.39
C THR H 98 45.72 31.79 -20.68
N ALA H 99 46.16 32.88 -20.07
CA ALA H 99 47.33 32.80 -19.24
C ALA H 99 47.08 31.76 -18.15
N LYS H 100 47.64 30.57 -18.34
CA LYS H 100 47.59 29.53 -17.32
C LYS H 100 47.71 30.04 -15.90
N ARG H 101 48.74 30.81 -15.64
CA ARG H 101 49.07 31.28 -14.29
C ARG H 101 48.69 32.72 -14.15
N HIS H 102 48.03 33.05 -13.07
CA HIS H 102 47.70 34.44 -12.86
C HIS H 102 48.16 34.91 -11.49
N LEU H 103 48.47 36.19 -11.43
CA LEU H 103 48.53 36.91 -10.18
C LEU H 103 47.20 37.56 -9.98
N VAL H 104 46.71 37.55 -8.76
CA VAL H 104 45.35 37.99 -8.55
C VAL H 104 45.27 38.99 -7.41
N LEU H 105 44.59 40.08 -7.69
CA LEU H 105 44.37 41.18 -6.77
C LEU H 105 42.92 41.19 -6.38
N ALA H 106 42.65 41.43 -5.11
CA ALA H 106 41.24 41.44 -4.83
C ALA H 106 40.87 42.30 -3.64
N CYS H 107 39.63 42.73 -3.63
CA CYS H 107 39.04 43.38 -2.52
C CYS H 107 37.57 43.11 -2.67
N HIS H 108 36.78 43.64 -1.79
CA HIS H 108 35.35 43.54 -1.95
C HIS H 108 34.75 44.90 -2.07
N TYR H 109 33.70 44.98 -2.86
CA TYR H 109 33.14 46.23 -3.26
C TYR H 109 31.78 46.50 -2.64
N ASP H 110 31.31 45.68 -1.75
CA ASP H 110 30.01 45.91 -1.15
C ASP H 110 30.23 46.65 0.12
N SER H 111 29.18 47.17 0.69
CA SER H 111 29.29 47.84 1.97
C SER H 111 28.33 47.23 2.98
N LYS H 112 28.77 47.19 4.22
CA LYS H 112 27.93 46.54 5.19
C LYS H 112 26.59 47.22 5.28
N TYR H 113 25.61 46.50 5.68
CA TYR H 113 24.32 47.11 5.78
C TYR H 113 24.27 47.76 7.12
N PHE H 114 23.65 48.92 7.18
CA PHE H 114 23.27 49.47 8.47
C PHE H 114 21.96 50.23 8.34
N SER H 115 21.22 50.28 9.44
CA SER H 115 20.12 51.23 9.47
C SER H 115 20.70 52.62 9.37
N HIS H 116 19.84 53.62 9.37
CA HIS H 116 20.23 55.01 9.29
C HIS H 116 20.19 55.58 10.69
N TRP H 117 21.32 56.09 11.14
CA TRP H 117 21.45 56.61 12.48
C TRP H 117 21.68 58.10 12.40
N ASN H 118 20.82 58.85 13.10
CA ASN H 118 20.89 60.30 13.11
C ASN H 118 21.41 60.77 11.79
N ASN H 119 20.73 60.41 10.73
CA ASN H 119 21.00 61.03 9.46
C ASN H 119 22.41 60.73 8.99
N ARG H 120 22.93 59.58 9.35
CA ARG H 120 24.21 59.15 8.83
C ARG H 120 24.08 57.80 8.14
N VAL H 121 24.95 57.60 7.15
CA VAL H 121 24.97 56.43 6.29
C VAL H 121 26.39 55.88 6.27
N PHE H 122 26.51 54.57 6.16
CA PHE H 122 27.81 53.91 6.20
C PHE H 122 28.33 53.66 4.79
N VAL H 123 29.54 54.07 4.53
CA VAL H 123 30.09 53.86 3.21
C VAL H 123 31.47 53.20 3.22
N GLY H 124 31.80 52.46 4.28
CA GLY H 124 33.08 51.83 4.38
C GLY H 124 34.05 52.41 3.42
N ALA H 125 34.61 53.53 3.80
CA ALA H 125 35.67 54.08 2.99
C ALA H 125 36.85 53.18 3.04
N THR H 126 37.21 52.82 4.25
CA THR H 126 38.28 51.91 4.53
C THR H 126 37.86 50.60 3.97
N ASP H 127 36.66 50.26 4.33
CA ASP H 127 36.04 49.01 4.05
C ASP H 127 34.94 48.99 2.98
N SER H 128 35.31 48.83 1.73
CA SER H 128 36.68 48.70 1.30
C SER H 128 36.84 49.51 0.06
N ALA H 129 36.11 50.60 0.02
CA ALA H 129 36.12 51.53 -1.08
C ALA H 129 37.52 51.82 -1.47
N VAL H 130 38.31 52.30 -0.55
CA VAL H 130 39.65 52.61 -0.99
C VAL H 130 40.25 51.47 -1.80
N PRO H 131 40.34 50.29 -1.23
CA PRO H 131 40.77 49.15 -2.00
C PRO H 131 40.21 49.00 -3.40
N CYS H 132 38.91 49.13 -3.61
CA CYS H 132 38.48 49.10 -4.99
C CYS H 132 39.26 50.12 -5.77
N ALA H 133 39.42 51.30 -5.18
CA ALA H 133 40.15 52.39 -5.79
C ALA H 133 41.61 52.06 -5.96
N MET H 134 42.28 51.70 -4.90
CA MET H 134 43.69 51.46 -5.09
C MET H 134 43.95 50.50 -6.26
N MET H 135 43.05 49.55 -6.49
CA MET H 135 43.25 48.54 -7.53
C MET H 135 43.02 49.12 -8.90
N LEU H 136 41.87 49.72 -9.11
CA LEU H 136 41.66 50.54 -10.29
C LEU H 136 42.86 51.45 -10.62
N GLU H 137 43.32 52.22 -9.65
CA GLU H 137 44.44 53.14 -9.89
C GLU H 137 45.61 52.39 -10.46
N LEU H 138 45.99 51.28 -9.80
CA LEU H 138 47.03 50.42 -10.32
C LEU H 138 46.79 50.04 -11.78
N ALA H 139 45.56 49.68 -12.14
CA ALA H 139 45.29 49.34 -13.53
C ALA H 139 45.51 50.51 -14.43
N ARG H 140 45.18 51.70 -13.96
CA ARG H 140 45.58 52.84 -14.73
C ARG H 140 47.09 52.82 -14.73
N ALA H 141 47.65 53.35 -13.66
CA ALA H 141 49.06 53.63 -13.54
C ALA H 141 49.92 52.78 -14.44
N LEU H 142 49.57 51.51 -14.59
CA LEU H 142 50.46 50.61 -15.28
C LEU H 142 50.01 50.22 -16.66
N ASP H 143 48.92 50.73 -17.14
CA ASP H 143 48.35 50.07 -18.30
C ASP H 143 49.38 49.97 -19.39
N LYS H 144 50.10 51.04 -19.64
CA LYS H 144 51.00 50.97 -20.76
C LYS H 144 51.93 49.81 -20.59
N LYS H 145 52.25 49.46 -19.37
CA LYS H 145 53.17 48.36 -19.22
C LYS H 145 52.43 47.03 -19.20
N LEU H 146 51.19 47.02 -18.72
CA LEU H 146 50.39 45.83 -18.84
C LEU H 146 50.20 45.43 -20.27
N LEU H 147 50.02 46.41 -21.14
CA LEU H 147 49.91 46.17 -22.56
C LEU H 147 50.85 45.10 -23.08
N SER H 148 52.01 44.98 -22.47
CA SER H 148 53.05 44.10 -22.97
C SER H 148 52.76 42.64 -22.80
N LEU H 149 51.60 42.25 -22.30
CA LEU H 149 51.23 40.85 -22.22
C LEU H 149 50.28 40.45 -23.33
N LYS H 150 50.39 41.10 -24.47
CA LYS H 150 49.50 40.83 -25.59
C LYS H 150 48.06 41.04 -25.15
N PRO H 157 57.40 32.55 -19.32
CA PRO H 157 56.39 32.06 -18.38
C PRO H 157 55.04 32.51 -18.80
N ASP H 158 54.00 31.69 -18.73
CA ASP H 158 52.67 32.11 -19.16
C ASP H 158 51.94 32.58 -17.91
N LEU H 159 52.05 33.88 -17.64
CA LEU H 159 51.67 34.45 -16.35
C LEU H 159 51.05 35.79 -16.61
N SER H 160 49.95 36.09 -15.93
CA SER H 160 49.38 37.39 -16.11
C SER H 160 48.64 37.79 -14.87
N LEU H 161 47.66 38.65 -15.04
CA LEU H 161 47.09 39.41 -13.95
C LEU H 161 45.58 39.36 -14.00
N GLN H 162 44.97 39.52 -12.84
CA GLN H 162 43.53 39.42 -12.73
C GLN H 162 43.06 40.21 -11.52
N LEU H 163 42.04 41.03 -11.69
CA LEU H 163 41.45 41.75 -10.58
C LEU H 163 40.15 41.07 -10.26
N ILE H 164 39.82 41.02 -8.99
CA ILE H 164 38.55 40.51 -8.57
C ILE H 164 37.97 41.45 -7.58
N PHE H 165 36.78 41.91 -7.85
CA PHE H 165 36.00 42.61 -6.87
C PHE H 165 34.85 41.74 -6.40
N PHE H 166 34.94 41.21 -5.21
CA PHE H 166 33.88 40.42 -4.64
C PHE H 166 32.71 41.24 -4.20
N ASP H 167 31.62 40.54 -3.94
CA ASP H 167 30.37 41.07 -3.47
C ASP H 167 30.00 40.27 -2.24
N GLY H 168 28.95 40.67 -1.61
CA GLY H 168 28.58 40.07 -0.35
C GLY H 168 29.68 39.56 0.53
N GLU H 169 30.69 40.35 0.77
CA GLU H 169 31.70 39.98 1.74
C GLU H 169 31.20 40.26 3.12
N GLU H 170 30.42 41.27 3.31
CA GLU H 170 30.05 41.65 4.65
C GLU H 170 28.82 40.87 5.06
N ALA H 171 28.83 40.38 6.28
CA ALA H 171 27.64 39.74 6.79
C ALA H 171 26.43 40.60 6.51
N PHE H 172 25.27 40.00 6.47
CA PHE H 172 24.03 40.72 6.45
C PHE H 172 23.62 41.12 7.83
N LEU H 173 23.89 40.30 8.79
CA LEU H 173 23.41 40.51 10.12
C LEU H 173 24.56 40.24 11.06
N HIS H 174 24.63 39.03 11.58
CA HIS H 174 25.59 38.66 12.61
C HIS H 174 26.68 37.83 11.92
N TRP H 175 27.90 38.34 11.82
CA TRP H 175 29.00 37.63 11.13
C TRP H 175 29.14 36.22 11.60
N SER H 176 29.28 35.33 10.63
CA SER H 176 29.18 33.90 10.78
C SER H 176 29.59 33.26 9.48
N PRO H 177 30.02 32.01 9.53
CA PRO H 177 30.38 31.33 8.30
C PRO H 177 29.31 31.36 7.27
N GLN H 178 28.10 31.00 7.66
CA GLN H 178 26.95 30.93 6.78
C GLN H 178 26.50 32.28 6.31
N ASP H 179 27.00 33.37 6.92
CA ASP H 179 26.55 34.71 6.68
C ASP H 179 27.73 35.64 6.55
N SER H 180 28.46 35.51 5.48
CA SER H 180 29.59 36.37 5.20
C SER H 180 30.17 35.89 3.90
N LEU H 181 31.26 36.46 3.47
CA LEU H 181 31.90 36.01 2.26
C LEU H 181 31.01 35.32 1.21
N TYR H 182 29.78 35.76 1.03
CA TYR H 182 28.94 35.15 0.02
C TYR H 182 29.60 35.08 -1.33
N GLY H 183 30.31 36.07 -1.71
CA GLY H 183 30.70 36.07 -3.08
C GLY H 183 31.97 35.32 -3.24
N SER H 184 32.80 35.29 -2.20
CA SER H 184 34.06 34.62 -2.39
C SER H 184 33.92 33.12 -2.18
N ARG H 185 33.08 32.70 -1.28
CA ARG H 185 32.73 31.31 -1.18
C ARG H 185 32.19 30.77 -2.47
N HIS H 186 31.49 31.56 -3.22
CA HIS H 186 30.95 31.09 -4.46
C HIS H 186 31.98 31.02 -5.53
N LEU H 187 32.96 31.88 -5.52
CA LEU H 187 33.93 31.82 -6.60
C LEU H 187 35.05 30.81 -6.33
N ALA H 188 35.43 30.61 -5.10
CA ALA H 188 36.40 29.58 -4.86
C ALA H 188 35.86 28.28 -5.34
N ALA H 189 34.57 28.07 -5.16
CA ALA H 189 34.03 26.79 -5.53
C ALA H 189 33.87 26.70 -7.02
N LYS H 190 33.34 27.70 -7.64
CA LYS H 190 33.25 27.66 -9.07
C LYS H 190 34.64 27.57 -9.68
N MET H 191 35.66 28.14 -9.05
CA MET H 191 36.97 28.02 -9.70
C MET H 191 37.60 26.67 -9.45
N ALA H 192 37.29 26.09 -8.32
CA ALA H 192 37.85 24.82 -7.91
C ALA H 192 37.52 23.70 -8.88
N SER H 193 36.53 23.93 -9.73
CA SER H 193 35.82 22.95 -10.51
C SER H 193 35.76 23.35 -11.96
N THR H 194 36.75 24.07 -12.44
CA THR H 194 36.70 24.61 -13.77
C THR H 194 38.09 24.30 -14.29
N PRO H 195 38.19 23.49 -15.32
CA PRO H 195 39.51 23.09 -15.78
C PRO H 195 40.27 24.28 -16.25
N HIS H 196 41.51 24.35 -15.85
CA HIS H 196 42.33 25.35 -16.42
C HIS H 196 43.59 24.64 -16.73
N PRO H 197 44.13 24.91 -17.88
CA PRO H 197 43.49 25.73 -18.89
C PRO H 197 42.37 24.96 -19.54
N PRO H 198 41.62 25.64 -20.40
CA PRO H 198 40.56 24.95 -21.08
C PRO H 198 41.12 23.66 -21.64
N GLY H 199 40.48 22.59 -21.31
CA GLY H 199 40.81 21.29 -21.84
C GLY H 199 41.47 20.38 -20.85
N ALA H 200 42.01 20.94 -19.79
CA ALA H 200 42.83 20.12 -18.94
C ALA H 200 41.96 19.09 -18.29
N ARG H 201 42.59 18.17 -17.63
CA ARG H 201 41.92 16.98 -17.17
C ARG H 201 42.10 16.72 -15.70
N GLY H 202 42.59 17.70 -14.95
CA GLY H 202 42.87 17.52 -13.53
C GLY H 202 43.51 18.71 -12.87
N THR H 203 43.51 19.87 -13.54
CA THR H 203 44.00 21.13 -12.99
C THR H 203 42.94 22.21 -13.06
N SER H 204 42.53 22.75 -11.93
CA SER H 204 41.46 23.75 -11.90
C SER H 204 41.96 25.16 -12.13
N GLN H 205 40.99 26.07 -12.16
CA GLN H 205 41.29 27.50 -12.25
C GLN H 205 42.04 28.00 -11.03
N LEU H 206 41.80 27.40 -9.87
CA LEU H 206 42.59 27.68 -8.68
C LEU H 206 44.03 27.35 -8.86
N HIS H 207 44.32 26.30 -9.60
CA HIS H 207 45.71 25.96 -9.83
C HIS H 207 46.44 27.03 -10.56
N GLY H 208 45.74 27.91 -11.27
CA GLY H 208 46.41 29.01 -11.94
C GLY H 208 46.69 30.20 -11.05
N MET H 209 45.91 30.37 -9.98
CA MET H 209 46.15 31.41 -8.99
C MET H 209 47.48 31.19 -8.33
N ASP H 210 48.47 31.98 -8.73
CA ASP H 210 49.81 31.89 -8.16
C ASP H 210 49.86 32.49 -6.83
N LEU H 211 49.08 33.51 -6.65
CA LEU H 211 49.10 34.21 -5.39
C LEU H 211 47.91 35.15 -5.38
N LEU H 212 47.14 35.11 -4.35
CA LEU H 212 46.00 35.99 -4.25
C LEU H 212 46.34 37.16 -3.37
N VAL H 213 46.29 38.36 -3.91
CA VAL H 213 46.54 39.53 -3.08
C VAL H 213 45.21 40.18 -2.76
N LEU H 214 44.98 40.34 -1.47
CA LEU H 214 43.69 40.63 -0.91
C LEU H 214 43.80 41.88 -0.09
N LEU H 215 43.20 42.94 -0.57
CA LEU H 215 43.30 44.24 0.02
C LEU H 215 42.06 44.49 0.82
N ASP H 216 42.22 44.74 2.08
CA ASP H 216 41.03 45.02 2.85
C ASP H 216 41.39 46.01 3.93
N LEU H 217 40.51 47.00 4.12
CA LEU H 217 40.53 47.86 5.27
C LEU H 217 41.73 48.80 5.29
N ILE H 218 41.98 49.38 4.13
CA ILE H 218 43.17 50.15 3.91
C ILE H 218 42.80 51.59 3.74
N GLY H 219 43.53 52.46 4.41
CA GLY H 219 43.31 53.88 4.22
C GLY H 219 43.16 54.63 5.50
N ALA H 220 43.55 54.07 6.60
CA ALA H 220 43.70 54.89 7.77
C ALA H 220 45.18 55.17 7.93
N PRO H 221 45.57 55.87 8.94
CA PRO H 221 46.98 56.20 9.05
C PRO H 221 47.77 55.28 9.97
N ASN H 222 49.05 55.12 9.69
CA ASN H 222 49.90 54.28 10.50
C ASN H 222 49.41 52.84 10.68
N PRO H 223 49.33 52.09 9.64
CA PRO H 223 48.71 50.80 9.75
C PRO H 223 49.76 49.74 9.77
N THR H 224 49.61 48.71 10.58
CA THR H 224 50.57 47.61 10.59
C THR H 224 49.96 46.40 9.89
N PHE H 225 50.48 46.06 8.72
CA PHE H 225 50.20 44.77 8.11
C PHE H 225 51.07 43.62 8.59
N PRO H 226 50.54 42.65 9.30
CA PRO H 226 51.34 41.50 9.68
C PRO H 226 51.59 40.60 8.50
N ASN H 227 52.53 39.68 8.69
CA ASN H 227 52.80 38.63 7.73
C ASN H 227 52.11 37.37 8.21
N PHE H 228 51.12 36.96 7.46
CA PHE H 228 50.18 36.04 7.99
C PHE H 228 50.53 34.61 7.63
N PHE H 229 51.16 34.38 6.49
CA PHE H 229 51.33 33.04 6.02
C PHE H 229 52.72 32.68 5.52
N PRO H 230 53.24 31.53 5.91
CA PRO H 230 54.58 31.18 5.50
C PRO H 230 54.67 30.88 4.05
N ASN H 231 53.63 30.38 3.45
CA ASN H 231 53.69 30.12 2.05
C ASN H 231 53.79 31.37 1.25
N SER H 232 53.73 32.52 1.90
CA SER H 232 53.79 33.76 1.15
C SER H 232 54.67 34.80 1.84
N ALA H 233 55.39 34.43 2.89
CA ALA H 233 56.25 35.40 3.50
C ALA H 233 57.33 35.90 2.57
N ARG H 234 57.83 35.08 1.67
CA ARG H 234 58.81 35.61 0.78
C ARG H 234 58.23 36.68 -0.08
N TRP H 235 56.94 36.78 -0.21
CA TRP H 235 56.43 37.94 -0.91
C TRP H 235 56.04 39.06 0.03
N PHE H 236 55.92 38.79 1.31
CA PHE H 236 55.85 39.87 2.26
C PHE H 236 57.19 40.58 2.34
N GLU H 237 58.28 39.84 2.37
CA GLU H 237 59.56 40.48 2.47
C GLU H 237 59.79 41.37 1.27
N ARG H 238 59.32 40.98 0.11
CA ARG H 238 59.45 41.87 -1.03
C ARG H 238 58.64 43.12 -0.86
N LEU H 239 57.68 43.14 0.02
CA LEU H 239 56.91 44.33 0.22
C LEU H 239 57.56 45.22 1.24
N GLN H 240 58.39 44.63 2.06
CA GLN H 240 59.33 45.37 2.86
C GLN H 240 60.42 45.98 2.00
N ALA H 241 61.27 45.12 1.45
CA ALA H 241 62.35 45.58 0.59
C ALA H 241 61.93 46.74 -0.26
N ILE H 242 60.78 46.61 -0.89
CA ILE H 242 60.25 47.68 -1.71
C ILE H 242 59.86 48.88 -0.86
N GLU H 243 59.24 48.65 0.29
CA GLU H 243 58.96 49.78 1.16
C GLU H 243 60.25 50.45 1.49
N HIS H 244 61.10 49.72 2.17
CA HIS H 244 62.30 50.29 2.73
C HIS H 244 63.18 50.96 1.69
N GLU H 245 63.20 50.47 0.47
CA GLU H 245 64.05 51.09 -0.51
C GLU H 245 63.43 52.35 -1.08
N LEU H 246 62.11 52.45 -1.14
CA LEU H 246 61.46 53.63 -1.66
C LEU H 246 61.49 54.77 -0.67
N HIS H 247 61.66 54.46 0.61
CA HIS H 247 61.77 55.51 1.61
C HIS H 247 63.10 56.20 1.52
N GLU H 248 64.17 55.40 1.62
CA GLU H 248 65.54 55.86 1.51
C GLU H 248 65.79 56.52 0.17
N LEU H 249 65.06 56.14 -0.86
CA LEU H 249 65.06 56.88 -2.10
C LEU H 249 64.14 58.09 -2.04
N GLY H 250 63.43 58.28 -0.94
CA GLY H 250 62.61 59.45 -0.73
C GLY H 250 61.31 59.53 -1.52
N LEU H 251 60.82 58.44 -2.09
CA LEU H 251 59.58 58.53 -2.84
C LEU H 251 58.39 58.31 -1.97
N LEU H 252 58.62 58.09 -0.69
CA LEU H 252 57.54 58.02 0.28
C LEU H 252 57.32 59.38 0.97
N LYS H 253 56.10 59.57 1.48
CA LYS H 253 55.64 60.85 1.97
C LYS H 253 55.05 60.71 3.36
N ASP H 254 55.53 61.49 4.31
CA ASP H 254 55.14 61.40 5.70
C ASP H 254 55.51 60.05 6.30
N HIS H 255 56.61 59.47 5.82
CA HIS H 255 56.91 58.08 6.11
C HIS H 255 58.21 57.89 6.87
N SER H 256 58.12 57.45 8.11
CA SER H 256 59.32 57.04 8.82
C SER H 256 59.55 55.53 8.74
N LEU H 257 60.80 55.15 8.93
CA LEU H 257 61.13 53.77 9.12
C LEU H 257 60.98 53.33 10.55
N GLU H 258 60.39 54.15 11.39
CA GLU H 258 60.09 53.74 12.74
C GLU H 258 58.62 53.36 12.89
N GLY H 259 57.84 53.52 11.82
CA GLY H 259 56.47 53.09 11.76
C GLY H 259 56.18 52.49 10.41
N ARG H 260 57.08 51.64 9.93
CA ARG H 260 56.84 50.93 8.69
C ARG H 260 55.53 50.20 8.80
N TYR H 261 54.88 50.01 7.66
CA TYR H 261 53.64 49.25 7.62
C TYR H 261 53.94 47.75 7.75
N PHE H 262 54.53 47.20 6.71
CA PHE H 262 55.04 45.86 6.70
C PHE H 262 56.10 45.63 7.76
N GLN H 263 55.62 45.46 8.96
CA GLN H 263 56.40 45.23 10.15
C GLN H 263 56.65 43.74 10.27
N ASN H 264 57.81 43.26 9.81
CA ASN H 264 58.06 41.84 10.00
C ASN H 264 57.81 41.57 11.46
N TYR H 265 56.55 41.28 11.74
CA TYR H 265 56.04 40.88 13.03
C TYR H 265 54.98 39.85 12.71
N SER H 266 54.92 38.79 13.49
CA SER H 266 54.01 37.71 13.14
C SER H 266 52.75 37.76 13.99
N TYR H 267 51.67 37.28 13.39
CA TYR H 267 50.38 37.26 14.02
C TYR H 267 50.04 35.85 14.45
N GLY H 268 49.10 35.75 15.37
CA GLY H 268 48.73 34.47 15.88
C GLY H 268 47.69 33.85 14.99
N GLY H 269 46.43 34.12 15.31
CA GLY H 269 45.28 33.50 14.69
C GLY H 269 45.06 34.00 13.28
N VAL H 270 43.86 33.72 12.77
CA VAL H 270 43.53 34.06 11.40
C VAL H 270 42.34 35.01 11.42
N ILE H 271 42.39 35.97 10.52
CA ILE H 271 41.31 36.88 10.27
C ILE H 271 40.42 36.25 9.24
N GLN H 272 39.16 36.09 9.55
CA GLN H 272 38.24 35.67 8.50
C GLN H 272 38.08 36.77 7.47
N ASP H 273 38.09 36.43 6.21
CA ASP H 273 37.88 37.44 5.19
C ASP H 273 37.73 36.72 3.86
N ASP H 274 37.79 37.43 2.78
CA ASP H 274 37.51 36.80 1.53
C ASP H 274 38.59 35.89 1.08
N HIS H 275 39.70 35.87 1.74
CA HIS H 275 40.76 35.00 1.28
C HIS H 275 40.46 33.56 1.65
N ILE H 276 39.73 33.34 2.73
CA ILE H 276 39.55 32.02 3.32
C ILE H 276 39.07 30.96 2.35
N PRO H 277 38.06 31.12 1.70
CA PRO H 277 37.67 30.06 0.81
C PRO H 277 38.76 29.69 -0.15
N PHE H 278 39.69 30.58 -0.35
CA PHE H 278 40.72 30.33 -1.33
C PHE H 278 41.90 29.72 -0.65
N LEU H 279 42.04 30.05 0.61
CA LEU H 279 43.08 29.49 1.41
C LEU H 279 42.88 28.00 1.58
N ARG H 280 41.73 27.61 2.08
CA ARG H 280 41.52 26.23 2.37
C ARG H 280 41.45 25.36 1.12
N ARG H 281 41.55 25.89 -0.07
CA ARG H 281 41.80 25.10 -1.27
C ARG H 281 43.24 25.20 -1.75
N GLY H 282 44.14 25.67 -0.90
CA GLY H 282 45.56 25.74 -1.20
C GLY H 282 46.01 26.85 -2.11
N VAL H 283 45.39 28.02 -2.08
CA VAL H 283 45.88 29.12 -2.89
C VAL H 283 46.82 29.94 -2.02
N PRO H 284 47.84 30.50 -2.54
CA PRO H 284 48.73 31.30 -1.69
C PRO H 284 48.30 32.77 -1.59
N VAL H 285 48.25 33.21 -0.36
CA VAL H 285 47.56 34.42 0.00
C VAL H 285 48.53 35.37 0.69
N LEU H 286 48.44 36.62 0.26
CA LEU H 286 49.10 37.75 0.87
C LEU H 286 48.01 38.67 1.35
N HIS H 287 47.66 38.58 2.58
CA HIS H 287 46.50 39.22 3.11
C HIS H 287 46.86 40.60 3.66
N LEU H 288 46.47 41.67 2.94
CA LEU H 288 46.88 43.01 3.27
C LEU H 288 45.70 43.62 3.94
N ILE H 289 45.60 43.27 5.19
CA ILE H 289 44.60 43.81 6.08
C ILE H 289 45.38 44.25 7.30
N PRO H 290 45.39 45.51 7.64
CA PRO H 290 46.17 45.95 8.81
C PRO H 290 45.81 45.19 10.07
N SER H 291 46.72 45.15 11.03
CA SER H 291 46.30 44.72 12.36
C SER H 291 46.95 45.48 13.46
N PRO H 292 46.15 46.11 14.27
CA PRO H 292 44.71 46.17 14.40
C PRO H 292 44.01 46.85 13.24
N PHE H 293 42.69 46.78 13.25
CA PHE H 293 41.89 47.45 12.24
C PHE H 293 41.79 48.91 12.60
N PRO H 294 41.53 49.75 11.64
CA PRO H 294 41.24 51.13 11.94
C PRO H 294 40.32 51.38 13.13
N GLU H 295 40.50 52.53 13.78
CA GLU H 295 39.57 52.92 14.82
C GLU H 295 38.21 53.22 14.24
N VAL H 296 38.14 53.63 12.98
CA VAL H 296 36.84 53.98 12.43
C VAL H 296 35.96 52.78 12.28
N TRP H 297 36.54 51.62 11.97
CA TRP H 297 35.88 50.35 11.67
C TRP H 297 34.45 50.20 12.05
N HIS H 298 33.61 50.03 11.06
CA HIS H 298 32.22 49.65 11.28
C HIS H 298 31.52 50.69 12.11
N THR H 299 31.70 51.92 11.68
CA THR H 299 31.15 53.09 12.33
C THR H 299 30.80 54.05 11.22
N MET H 300 29.91 54.95 11.54
CA MET H 300 29.51 55.90 10.54
C MET H 300 30.67 56.71 10.07
N ASP H 301 31.70 56.76 10.87
CA ASP H 301 32.86 57.60 10.70
C ASP H 301 33.88 57.04 9.76
N ASP H 302 33.64 55.86 9.24
CA ASP H 302 34.55 55.30 8.27
C ASP H 302 34.24 55.94 6.93
N ASN H 303 34.80 57.13 6.74
CA ASN H 303 34.39 57.99 5.65
C ASN H 303 35.61 58.66 5.08
N GLU H 304 35.39 59.46 4.04
CA GLU H 304 36.47 60.24 3.44
C GLU H 304 37.20 61.07 4.48
N GLU H 305 36.48 61.71 5.39
CA GLU H 305 37.13 62.69 6.25
C GLU H 305 38.35 62.07 6.87
N ASN H 306 38.21 60.85 7.38
CA ASN H 306 39.26 60.21 8.12
C ASN H 306 40.22 59.37 7.27
N LEU H 307 40.24 59.50 5.96
CA LEU H 307 41.30 58.80 5.24
C LEU H 307 42.57 59.65 5.24
N ASP H 308 43.69 58.99 4.92
CA ASP H 308 45.01 59.59 4.97
C ASP H 308 45.64 59.50 3.60
N GLU H 309 45.29 60.44 2.76
CA GLU H 309 45.85 60.66 1.43
C GLU H 309 47.32 60.25 1.26
N SER H 310 48.10 60.29 2.31
CA SER H 310 49.52 60.07 2.11
C SER H 310 49.90 58.61 2.22
N THR H 311 49.48 57.97 3.31
CA THR H 311 49.54 56.52 3.42
C THR H 311 49.05 55.89 2.11
N ILE H 312 47.81 56.16 1.73
CA ILE H 312 47.24 55.57 0.51
C ILE H 312 48.14 55.80 -0.67
N ASP H 313 48.63 57.00 -0.86
CA ASP H 313 49.43 57.13 -2.05
C ASP H 313 50.63 56.24 -1.92
N ASN H 314 51.22 56.23 -0.75
CA ASN H 314 52.43 55.45 -0.53
C ASN H 314 52.20 54.01 -1.01
N LEU H 315 51.45 53.25 -0.22
CA LEU H 315 50.95 51.97 -0.62
C LEU H 315 50.74 51.94 -2.11
N ASN H 316 49.88 52.78 -2.64
CA ASN H 316 49.70 52.75 -4.06
C ASN H 316 50.97 52.57 -4.84
N LYS H 317 52.05 52.90 -4.21
CA LYS H 317 53.29 52.84 -4.91
C LYS H 317 53.95 51.50 -4.69
N ILE H 318 53.86 50.96 -3.50
CA ILE H 318 54.50 49.69 -3.21
C ILE H 318 53.87 48.58 -4.03
N LEU H 319 52.57 48.45 -3.89
CA LEU H 319 51.77 47.56 -4.69
C LEU H 319 52.16 47.62 -6.15
N GLN H 320 52.08 48.76 -6.78
CA GLN H 320 52.32 48.78 -8.21
C GLN H 320 53.69 48.24 -8.52
N VAL H 321 54.66 48.54 -7.67
CA VAL H 321 55.99 47.99 -7.84
C VAL H 321 55.94 46.49 -7.71
N PHE H 322 55.46 46.05 -6.57
CA PHE H 322 55.33 44.63 -6.34
C PHE H 322 54.76 43.93 -7.55
N VAL H 323 53.73 44.52 -8.12
CA VAL H 323 53.11 43.83 -9.23
C VAL H 323 54.01 43.83 -10.42
N LEU H 324 54.62 44.96 -10.71
CA LEU H 324 55.49 44.98 -11.86
C LEU H 324 56.61 43.99 -11.69
N GLU H 325 57.12 43.90 -10.48
CA GLU H 325 58.16 42.94 -10.16
C GLU H 325 57.66 41.52 -10.28
N TYR H 326 56.37 41.26 -10.03
CA TYR H 326 55.90 39.89 -10.16
C TYR H 326 55.73 39.50 -11.61
N LEU H 327 55.27 40.38 -12.41
CA LEU H 327 55.12 40.04 -13.80
C LEU H 327 56.39 40.26 -14.59
N HIS H 328 57.45 40.79 -13.99
CA HIS H 328 58.64 41.13 -14.74
C HIS H 328 58.30 42.13 -15.85
N LEU H 329 58.00 43.34 -15.43
CA LEU H 329 57.63 44.36 -16.38
C LEU H 329 58.30 45.67 -16.03
N ALA I 1 36.52 4.01 36.30
CA ALA I 1 37.50 5.09 36.38
C ALA I 1 38.44 4.91 37.58
N SER I 2 39.75 5.05 37.36
CA SER I 2 40.69 4.91 38.46
C SER I 2 41.65 6.08 38.48
N ALA I 3 42.72 5.95 39.27
CA ALA I 3 43.57 7.09 39.61
C ALA I 3 44.61 7.36 38.53
N TRP I 4 45.50 6.43 38.35
CA TRP I 4 46.76 6.63 37.65
C TRP I 4 46.66 7.53 36.43
N PRO I 5 45.58 7.54 35.66
CA PRO I 5 45.59 8.40 34.48
C PRO I 5 45.54 9.86 34.79
N GLU I 6 45.51 10.19 36.07
CA GLU I 6 45.65 11.56 36.51
C GLU I 6 47.04 11.90 37.01
N GLU I 7 47.89 10.91 37.27
CA GLU I 7 49.23 11.19 37.75
C GLU I 7 49.94 12.21 36.88
N LYS I 8 49.84 12.10 35.57
CA LYS I 8 50.59 13.01 34.72
C LYS I 8 50.37 14.47 35.07
N ASN I 9 49.43 14.82 35.92
CA ASN I 9 49.24 16.21 36.28
C ASN I 9 49.93 16.60 37.56
N TYR I 10 50.30 15.62 38.35
CA TYR I 10 51.02 15.83 39.58
C TYR I 10 52.49 15.48 39.43
N HIS I 11 52.98 15.42 38.22
CA HIS I 11 54.25 14.80 37.99
C HIS I 11 55.34 15.85 38.02
N GLN I 12 56.47 15.51 38.63
CA GLN I 12 57.46 16.53 38.77
C GLN I 12 58.82 16.03 38.30
N PRO I 13 59.67 16.95 37.86
CA PRO I 13 61.00 16.56 37.42
C PRO I 13 61.97 16.38 38.57
N ALA I 14 62.96 15.51 38.35
CA ALA I 14 64.13 15.36 39.22
C ALA I 14 65.19 16.28 38.68
N ILE I 15 65.11 17.52 39.10
CA ILE I 15 66.03 18.51 38.58
C ILE I 15 67.43 18.02 38.91
N LEU I 16 68.37 18.27 38.00
CA LEU I 16 69.64 17.58 37.95
C LEU I 16 70.79 18.47 38.36
N ASN I 17 71.74 17.89 39.09
CA ASN I 17 72.83 18.68 39.66
C ASN I 17 73.82 19.16 38.61
N SER I 18 74.26 20.40 38.77
CA SER I 18 75.30 21.00 37.96
C SER I 18 76.25 19.98 37.38
N SER I 19 76.63 19.01 38.20
CA SER I 19 77.60 18.03 37.76
C SER I 19 77.01 17.13 36.68
N ALA I 20 75.99 16.36 37.03
CA ALA I 20 75.39 15.49 36.05
C ALA I 20 75.12 16.22 34.76
N LEU I 21 74.62 17.45 34.82
CA LEU I 21 74.44 18.15 33.58
C LEU I 21 75.68 18.12 32.75
N ARG I 22 76.83 18.13 33.37
CA ARG I 22 78.02 18.06 32.55
C ARG I 22 78.08 16.71 31.87
N GLN I 23 77.96 15.63 32.63
CA GLN I 23 78.01 14.30 32.02
C GLN I 23 77.09 14.23 30.82
N ILE I 24 75.87 14.77 30.95
CA ILE I 24 74.94 14.75 29.84
C ILE I 24 75.56 15.48 28.69
N ALA I 25 75.71 16.76 28.80
CA ALA I 25 76.21 17.51 27.65
C ALA I 25 77.50 16.98 27.05
N GLU I 26 78.17 16.11 27.79
CA GLU I 26 79.41 15.48 27.40
C GLU I 26 79.15 14.23 26.59
N GLY I 27 78.19 13.43 27.04
CA GLY I 27 77.80 12.23 26.34
C GLY I 27 76.85 12.37 25.16
N THR I 28 76.90 13.45 24.41
CA THR I 28 76.18 13.53 23.14
C THR I 28 77.08 14.12 22.09
N SER I 29 77.28 13.40 21.01
CA SER I 29 78.08 13.86 19.92
C SER I 29 77.22 14.40 18.82
N ILE I 30 77.51 15.60 18.36
CA ILE I 30 76.69 16.11 17.28
C ILE I 30 77.11 15.53 15.98
N SER I 31 78.35 15.17 15.82
CA SER I 31 78.78 14.68 14.52
C SER I 31 78.56 13.19 14.35
N GLU I 32 78.46 12.44 15.43
CA GLU I 32 77.95 11.09 15.30
C GLU I 32 76.51 11.09 14.83
N MET I 33 75.70 11.99 15.35
CA MET I 33 74.32 12.06 14.89
C MET I 33 74.25 12.61 13.51
N TRP I 34 75.23 13.34 13.10
CA TRP I 34 75.17 13.89 11.78
C TRP I 34 75.50 12.87 10.73
N GLN I 35 76.41 11.98 11.03
CA GLN I 35 76.87 10.99 10.07
C GLN I 35 76.05 9.72 10.23
N ASN I 36 75.80 9.34 11.46
CA ASN I 36 75.24 8.05 11.68
C ASN I 36 73.71 8.02 11.64
N ASP I 37 73.02 8.99 12.20
CA ASP I 37 71.58 8.98 12.21
C ASP I 37 70.97 9.97 11.26
N LEU I 38 71.69 10.95 10.81
CA LEU I 38 71.03 12.01 10.08
C LEU I 38 71.23 11.92 8.58
N GLN I 39 72.39 11.57 8.15
CA GLN I 39 72.63 11.65 6.73
C GLN I 39 71.96 10.54 5.96
N PRO I 40 71.81 9.38 6.50
CA PRO I 40 70.88 8.44 5.96
C PRO I 40 69.52 8.99 5.58
N LEU I 41 68.83 9.77 6.38
CA LEU I 41 67.50 10.21 6.01
C LEU I 41 67.50 11.37 5.09
N LEU I 42 68.61 11.92 4.69
CA LEU I 42 68.57 13.09 3.85
C LEU I 42 68.38 12.68 2.42
N ILE I 43 67.21 12.15 2.18
CA ILE I 43 66.81 11.56 0.91
C ILE I 43 65.32 11.81 0.67
N GLU I 44 64.91 11.75 -0.59
CA GLU I 44 63.49 11.80 -0.95
C GLU I 44 62.74 10.72 -0.18
N ARG I 45 61.68 11.06 0.52
CA ARG I 45 61.01 10.00 1.28
C ARG I 45 59.50 10.20 1.40
N TYR I 46 58.84 10.61 0.35
CA TYR I 46 57.43 10.68 0.43
C TYR I 46 56.92 9.28 0.56
N PRO I 47 55.65 9.10 0.85
CA PRO I 47 55.22 7.80 1.29
C PRO I 47 55.00 6.91 0.12
N GLY I 48 55.12 5.63 0.38
CA GLY I 48 55.05 4.68 -0.68
C GLY I 48 56.37 4.48 -1.38
N SER I 49 57.06 5.55 -1.58
CA SER I 49 58.33 5.65 -2.26
C SER I 49 59.44 4.74 -1.75
N PRO I 50 60.47 4.59 -2.55
CA PRO I 50 61.60 3.86 -2.09
C PRO I 50 62.27 4.52 -0.90
N GLY I 51 62.31 5.86 -0.88
CA GLY I 51 62.90 6.52 0.26
C GLY I 51 62.14 6.25 1.52
N SER I 52 60.85 6.14 1.42
CA SER I 52 60.08 5.90 2.60
C SER I 52 60.51 4.63 3.21
N TYR I 53 60.61 3.60 2.43
CA TYR I 53 60.87 2.30 3.00
C TYR I 53 62.27 2.27 3.56
N ALA I 54 63.19 2.88 2.85
CA ALA I 54 64.54 3.02 3.38
C ALA I 54 64.58 3.73 4.72
N ALA I 55 64.02 4.92 4.83
CA ALA I 55 64.04 5.63 6.09
C ALA I 55 63.46 4.83 7.22
N ARG I 56 62.28 4.31 7.04
CA ARG I 56 61.64 3.47 8.04
C ARG I 56 62.58 2.37 8.54
N GLN I 57 63.41 1.87 7.67
CA GLN I 57 64.37 0.84 8.01
C GLN I 57 65.62 1.37 8.65
N HIS I 58 66.13 2.47 8.13
CA HIS I 58 67.17 3.16 8.84
C HIS I 58 66.78 3.41 10.28
N ILE I 59 65.66 4.06 10.48
CA ILE I 59 65.27 4.36 11.85
C ILE I 59 65.38 3.13 12.73
N MET I 60 65.00 1.99 12.19
CA MET I 60 64.98 0.78 13.00
C MET I 60 66.38 0.23 13.26
N GLN I 61 67.22 0.18 12.23
CA GLN I 61 68.62 -0.17 12.41
C GLN I 61 69.00 0.27 13.78
N ARG I 62 68.87 1.57 13.94
CA ARG I 62 69.51 2.31 15.02
C ARG I 62 68.87 1.99 16.34
N ILE I 63 67.56 2.07 16.42
CA ILE I 63 66.96 1.69 17.67
C ILE I 63 67.26 0.26 18.00
N GLN I 64 67.11 -0.62 17.02
CA GLN I 64 67.20 -2.03 17.34
C GLN I 64 68.51 -2.33 18.04
N ARG I 65 69.58 -1.70 17.58
CA ARG I 65 70.92 -2.04 18.04
C ARG I 65 71.25 -1.60 19.44
N LEU I 66 70.57 -0.62 19.99
CA LEU I 66 70.92 -0.20 21.33
C LEU I 66 70.47 -1.22 22.36
N GLN I 67 71.15 -1.14 23.49
CA GLN I 67 71.07 -2.17 24.49
C GLN I 67 69.67 -2.28 25.05
N ALA I 68 69.07 -1.14 25.34
CA ALA I 68 67.73 -1.13 25.90
C ALA I 68 66.76 -1.90 25.03
N ASP I 69 65.72 -2.38 25.68
CA ASP I 69 64.73 -3.28 25.10
C ASP I 69 63.58 -2.53 24.42
N TRP I 70 63.96 -1.62 23.54
CA TRP I 70 63.01 -1.04 22.63
C TRP I 70 62.17 -2.06 21.91
N VAL I 71 60.87 -1.84 21.95
CA VAL I 71 59.86 -2.60 21.26
C VAL I 71 59.33 -1.81 20.08
N LEU I 72 59.64 -2.29 18.89
CA LEU I 72 59.29 -1.68 17.63
C LEU I 72 58.05 -2.27 17.01
N GLU I 73 57.20 -1.39 16.49
CA GLU I 73 55.94 -1.73 15.86
C GLU I 73 55.83 -0.90 14.61
N ILE I 74 55.92 -1.44 13.47
CA ILE I 74 55.42 -0.69 12.34
C ILE I 74 53.93 -0.79 12.35
N ASP I 75 53.27 0.26 11.91
CA ASP I 75 51.82 0.26 11.83
C ASP I 75 51.48 0.62 10.40
N THR I 76 51.34 -0.38 9.53
CA THR I 76 51.01 -0.02 8.17
C THR I 76 49.50 0.05 7.99
N PHE I 77 49.08 0.86 7.05
CA PHE I 77 47.67 1.15 7.00
C PHE I 77 47.43 1.88 5.72
N LEU I 78 46.18 2.08 5.41
CA LEU I 78 45.75 2.63 4.16
C LEU I 78 44.84 3.83 4.39
N SER I 79 44.85 4.78 3.46
CA SER I 79 43.94 5.88 3.62
C SER I 79 43.73 6.62 2.32
N GLN I 80 42.63 7.35 2.24
CA GLN I 80 42.22 8.00 1.00
C GLN I 80 42.91 9.34 0.91
N THR I 81 43.22 9.75 -0.31
CA THR I 81 44.11 10.85 -0.57
C THR I 81 43.77 11.42 -1.93
N PRO I 82 44.22 12.59 -2.23
CA PRO I 82 43.86 13.23 -3.49
C PRO I 82 44.28 12.49 -4.73
N TYR I 83 44.94 11.37 -4.56
CA TYR I 83 45.29 10.55 -5.69
C TYR I 83 44.81 9.12 -5.45
N GLY I 84 44.02 8.90 -4.43
CA GLY I 84 43.40 7.64 -4.16
C GLY I 84 43.99 7.01 -2.93
N TYR I 85 43.41 5.90 -2.51
CA TYR I 85 44.04 5.17 -1.44
C TYR I 85 45.50 5.03 -1.76
N ARG I 86 46.31 5.10 -0.70
CA ARG I 86 47.74 4.97 -0.71
C ARG I 86 48.09 4.43 0.65
N SER I 87 49.27 3.89 0.81
CA SER I 87 49.66 3.26 2.04
C SER I 87 50.75 4.04 2.76
N PHE I 88 50.80 3.86 4.07
CA PHE I 88 51.41 4.68 5.07
C PHE I 88 51.83 3.79 6.20
N SER I 89 52.96 4.11 6.82
CA SER I 89 53.54 3.26 7.85
C SER I 89 54.21 4.12 8.89
N ASN I 90 53.58 4.21 10.03
CA ASN I 90 54.13 4.83 11.21
C ASN I 90 55.17 3.97 11.87
N ILE I 91 55.98 4.55 12.67
CA ILE I 91 56.88 3.71 13.45
C ILE I 91 56.72 4.11 14.87
N ILE I 92 56.83 3.15 15.76
CA ILE I 92 56.64 3.33 17.16
C ILE I 92 57.66 2.52 17.88
N SER I 93 58.51 3.16 18.63
CA SER I 93 59.46 2.43 19.44
C SER I 93 59.15 2.66 20.90
N THR I 94 58.93 1.59 21.66
CA THR I 94 58.40 1.70 22.99
C THR I 94 59.22 0.92 23.99
N LEU I 95 59.39 1.46 25.19
CA LEU I 95 59.95 0.71 26.30
C LEU I 95 58.89 0.43 27.36
N ASN I 96 58.93 -0.78 27.86
CA ASN I 96 58.09 -1.23 28.94
C ASN I 96 56.63 -1.06 28.60
N PRO I 97 56.20 -1.44 27.42
CA PRO I 97 54.83 -1.15 26.99
C PRO I 97 53.78 -1.51 28.01
N THR I 98 54.19 -2.34 28.94
CA THR I 98 53.42 -2.60 30.14
C THR I 98 53.37 -1.37 31.01
N ALA I 99 54.41 -0.55 30.96
CA ALA I 99 54.39 0.77 31.59
C ALA I 99 53.11 1.46 31.17
N LYS I 100 52.18 1.56 32.10
CA LYS I 100 50.92 2.23 31.84
C LYS I 100 51.11 3.63 31.30
N ARG I 101 51.99 4.39 31.92
CA ARG I 101 52.27 5.78 31.60
C ARG I 101 53.49 5.89 30.70
N HIS I 102 53.40 6.71 29.66
CA HIS I 102 54.53 6.89 28.79
C HIS I 102 54.69 8.36 28.48
N LEU I 103 55.92 8.87 28.63
CA LEU I 103 56.28 10.13 28.04
C LEU I 103 56.65 9.88 26.62
N VAL I 104 56.16 10.69 25.71
CA VAL I 104 56.15 10.34 24.30
C VAL I 104 56.79 11.46 23.55
N LEU I 105 57.75 11.13 22.71
CA LEU I 105 58.43 12.04 21.82
C LEU I 105 58.13 11.66 20.41
N ALA I 106 57.89 12.65 19.53
CA ALA I 106 57.36 12.33 18.22
C ALA I 106 57.85 13.29 17.18
N CYS I 107 57.63 12.99 15.92
CA CYS I 107 58.09 13.81 14.82
C CYS I 107 57.62 13.13 13.56
N HIS I 108 58.03 13.56 12.36
CA HIS I 108 57.46 13.00 11.15
C HIS I 108 58.53 12.59 10.18
N TYR I 109 58.51 11.33 9.77
CA TYR I 109 59.66 10.82 9.05
C TYR I 109 59.48 10.94 7.56
N ASP I 110 58.39 11.54 7.09
CA ASP I 110 58.27 11.70 5.66
C ASP I 110 58.81 12.99 5.20
N SER I 111 58.84 13.10 3.91
CA SER I 111 59.28 14.26 3.19
C SER I 111 58.12 14.65 2.32
N LYS I 112 58.07 15.85 1.88
CA LYS I 112 56.90 16.24 1.15
C LYS I 112 57.17 16.05 -0.30
N TYR I 113 56.16 15.77 -1.06
CA TYR I 113 56.41 15.40 -2.42
C TYR I 113 56.56 16.66 -3.22
N PHE I 114 57.61 16.73 -4.01
CA PHE I 114 57.69 17.71 -5.08
C PHE I 114 58.11 17.05 -6.37
N SER I 115 57.68 17.61 -7.49
CA SER I 115 58.26 17.20 -8.77
C SER I 115 59.72 17.48 -8.62
N HIS I 116 60.54 17.19 -9.59
CA HIS I 116 61.90 17.67 -9.47
C HIS I 116 62.02 18.94 -10.24
N TRP I 117 63.12 19.60 -9.99
CA TRP I 117 63.25 20.92 -10.52
C TRP I 117 64.73 21.21 -10.55
N ASN I 118 65.22 21.62 -11.71
CA ASN I 118 66.62 21.89 -11.83
C ASN I 118 67.43 20.65 -11.58
N ASN I 119 66.80 19.50 -11.72
CA ASN I 119 67.41 18.28 -11.25
C ASN I 119 67.76 18.42 -9.78
N ARG I 120 66.91 19.10 -9.03
CA ARG I 120 67.05 19.16 -7.59
C ARG I 120 65.87 18.49 -6.90
N VAL I 121 66.13 17.95 -5.74
CA VAL I 121 65.21 17.11 -5.00
C VAL I 121 64.96 17.69 -3.62
N PHE I 122 63.74 17.57 -3.10
CA PHE I 122 63.44 18.09 -1.79
C PHE I 122 63.65 16.96 -0.79
N VAL I 123 64.39 17.24 0.28
CA VAL I 123 64.74 16.21 1.25
C VAL I 123 64.29 16.50 2.65
N GLY I 124 63.91 17.72 3.01
CA GLY I 124 63.45 17.96 4.36
C GLY I 124 64.44 17.87 5.49
N ALA I 125 65.47 18.67 5.40
CA ALA I 125 66.44 18.67 6.44
C ALA I 125 65.83 19.09 7.75
N THR I 126 65.12 20.18 7.72
CA THR I 126 64.49 20.74 8.87
C THR I 126 63.21 20.10 9.20
N ASP I 127 62.50 19.83 8.15
CA ASP I 127 61.19 19.29 8.23
C ASP I 127 61.08 17.97 7.53
N SER I 128 61.41 16.86 8.19
CA SER I 128 61.87 16.86 9.56
C SER I 128 62.92 15.82 9.83
N ALA I 129 63.93 15.78 9.00
CA ALA I 129 64.98 14.81 9.16
C ALA I 129 65.70 15.04 10.45
N VAL I 130 66.06 16.27 10.74
CA VAL I 130 66.75 16.56 11.97
C VAL I 130 65.93 16.20 13.18
N PRO I 131 64.69 16.58 13.27
CA PRO I 131 63.93 16.06 14.38
C PRO I 131 64.12 14.60 14.55
N CYS I 132 64.17 13.88 13.45
CA CYS I 132 64.30 12.44 13.55
C CYS I 132 65.62 12.08 14.14
N ALA I 133 66.68 12.57 13.53
CA ALA I 133 68.01 12.22 14.01
C ALA I 133 68.14 12.52 15.47
N MET I 134 67.62 13.65 15.91
CA MET I 134 67.66 14.06 17.32
C MET I 134 67.04 13.02 18.22
N MET I 135 65.92 12.47 17.82
CA MET I 135 65.32 11.45 18.65
C MET I 135 66.16 10.19 18.66
N LEU I 136 66.89 9.94 17.60
CA LEU I 136 67.73 8.78 17.62
C LEU I 136 68.92 9.04 18.50
N GLU I 137 69.65 10.08 18.17
CA GLU I 137 70.77 10.51 18.98
C GLU I 137 70.41 10.57 20.43
N LEU I 138 69.16 10.88 20.72
CA LEU I 138 68.70 10.90 22.07
C LEU I 138 68.68 9.51 22.66
N ALA I 139 68.20 8.54 21.94
CA ALA I 139 68.00 7.20 22.49
C ALA I 139 69.29 6.46 22.61
N ARG I 140 70.17 6.77 21.69
CA ARG I 140 71.54 6.39 21.88
C ARG I 140 72.06 7.04 23.14
N ALA I 141 72.17 8.35 23.13
CA ALA I 141 72.92 9.01 24.19
C ALA I 141 72.48 8.55 25.55
N LEU I 142 71.22 8.25 25.70
CA LEU I 142 70.68 7.91 26.99
C LEU I 142 70.48 6.44 27.20
N ASP I 143 70.88 5.58 26.25
CA ASP I 143 70.54 4.17 26.31
C ASP I 143 70.99 3.56 27.61
N LYS I 144 72.22 3.86 28.01
CA LYS I 144 72.74 3.24 29.22
C LYS I 144 71.84 3.56 30.39
N LYS I 145 71.31 4.78 30.44
CA LYS I 145 70.49 5.11 31.57
C LYS I 145 69.10 4.52 31.39
N LEU I 146 68.52 4.62 30.20
CA LEU I 146 67.18 4.08 29.97
C LEU I 146 67.09 2.64 30.39
N LEU I 147 68.14 1.91 30.12
CA LEU I 147 68.34 0.54 30.57
C LEU I 147 67.80 0.31 31.97
N SER I 148 67.65 1.37 32.74
CA SER I 148 67.32 1.20 34.15
C SER I 148 65.85 0.95 34.34
N LEU I 149 65.06 1.23 33.36
CA LEU I 149 63.65 0.90 33.48
C LEU I 149 63.39 -0.57 33.24
N LYS I 150 64.42 -1.39 33.42
CA LYS I 150 64.39 -2.83 33.24
C LYS I 150 63.92 -3.25 31.86
N PRO I 157 56.97 5.10 40.86
CA PRO I 157 56.19 5.35 39.67
C PRO I 157 56.46 4.42 38.52
N ASP I 158 55.37 4.12 37.84
CA ASP I 158 55.27 3.16 36.75
C ASP I 158 55.25 3.93 35.43
N LEU I 159 56.41 4.48 35.03
CA LEU I 159 56.48 5.38 33.86
C LEU I 159 57.58 4.92 32.94
N SER I 160 57.49 5.25 31.64
CA SER I 160 58.58 4.98 30.72
C SER I 160 58.41 5.80 29.45
N LEU I 161 59.31 5.60 28.50
CA LEU I 161 59.45 6.50 27.34
C LEU I 161 59.05 5.84 26.04
N GLN I 162 58.60 6.62 25.07
CA GLN I 162 58.17 6.13 23.78
C GLN I 162 58.39 7.13 22.64
N LEU I 163 59.09 6.72 21.61
CA LEU I 163 59.24 7.51 20.41
C LEU I 163 58.22 7.10 19.38
N ILE I 164 57.86 8.04 18.53
CA ILE I 164 56.89 7.78 17.49
C ILE I 164 57.29 8.59 16.29
N PHE I 165 57.52 7.97 15.17
CA PHE I 165 57.83 8.68 13.94
C PHE I 165 56.61 8.59 13.03
N PHE I 166 56.02 9.71 12.72
CA PHE I 166 54.80 9.68 11.96
C PHE I 166 55.16 9.70 10.51
N ASP I 167 54.32 9.05 9.70
CA ASP I 167 54.37 9.02 8.26
C ASP I 167 53.26 9.89 7.69
N GLY I 168 53.45 10.37 6.50
CA GLY I 168 52.38 11.07 5.84
C GLY I 168 51.82 12.27 6.53
N GLU I 169 52.60 12.99 7.34
CA GLU I 169 52.16 14.27 7.88
C GLU I 169 51.92 15.32 6.80
N GLU I 170 52.67 15.32 5.75
CA GLU I 170 52.54 16.37 4.80
C GLU I 170 51.51 16.05 3.75
N ALA I 171 51.01 17.12 3.15
CA ALA I 171 50.04 17.01 2.09
C ALA I 171 50.60 16.38 0.83
N PHE I 172 49.77 15.61 0.14
CA PHE I 172 50.12 15.13 -1.19
C PHE I 172 49.99 16.28 -2.14
N LEU I 173 48.81 16.84 -2.18
CA LEU I 173 48.52 18.05 -2.86
C LEU I 173 48.61 19.17 -1.83
N HIS I 174 47.48 19.75 -1.44
CA HIS I 174 47.47 21.00 -0.72
C HIS I 174 46.93 20.83 0.67
N TRP I 175 47.39 21.67 1.57
CA TRP I 175 47.15 21.35 2.95
C TRP I 175 45.70 21.63 3.29
N SER I 176 45.11 20.70 4.01
CA SER I 176 43.70 20.62 4.32
C SER I 176 43.57 19.54 5.34
N PRO I 177 42.56 19.55 6.19
CA PRO I 177 42.37 18.45 7.13
C PRO I 177 42.03 17.16 6.48
N GLN I 178 41.70 17.20 5.22
CA GLN I 178 41.44 16.00 4.48
C GLN I 178 42.65 15.46 3.78
N ASP I 179 43.67 16.28 3.61
CA ASP I 179 44.90 15.95 2.92
C ASP I 179 46.08 16.36 3.81
N SER I 180 46.29 15.64 4.89
CA SER I 180 47.42 15.85 5.76
C SER I 180 47.39 14.95 7.00
N LEU I 181 48.38 15.00 7.82
CA LEU I 181 48.43 14.25 9.07
C LEU I 181 47.82 12.86 9.01
N TYR I 182 48.16 12.14 7.96
CA TYR I 182 47.66 10.80 7.77
C TYR I 182 48.16 9.85 8.82
N GLY I 183 49.37 10.00 9.29
CA GLY I 183 49.88 9.04 10.25
C GLY I 183 49.36 9.27 11.64
N SER I 184 48.97 10.51 11.95
CA SER I 184 48.60 10.83 13.32
C SER I 184 47.12 10.78 13.54
N ARG I 185 46.34 11.24 12.57
CA ARG I 185 44.91 10.99 12.59
C ARG I 185 44.57 9.51 12.81
N HIS I 186 45.12 8.65 12.01
CA HIS I 186 45.16 7.24 12.26
C HIS I 186 45.56 6.76 13.65
N LEU I 187 46.78 6.99 14.05
CA LEU I 187 47.22 6.38 15.30
C LEU I 187 46.50 6.95 16.51
N ALA I 188 46.05 8.18 16.42
CA ALA I 188 45.30 8.72 17.52
C ALA I 188 44.07 7.89 17.77
N ALA I 189 43.30 7.70 16.72
CA ALA I 189 42.15 6.81 16.74
C ALA I 189 42.52 5.41 17.14
N LYS I 190 43.54 4.84 16.55
CA LYS I 190 43.84 3.49 16.97
C LYS I 190 44.16 3.40 18.42
N MET I 191 44.78 4.41 19.00
CA MET I 191 45.05 4.39 20.43
C MET I 191 43.87 4.88 21.26
N ALA I 192 43.12 5.88 20.81
CA ALA I 192 41.86 6.15 21.49
C ALA I 192 41.06 4.88 21.69
N SER I 193 41.10 3.94 20.74
CA SER I 193 40.28 2.74 20.84
C SER I 193 41.06 1.53 21.31
N THR I 194 41.83 1.63 22.33
CA THR I 194 42.65 0.49 22.65
C THR I 194 42.77 0.44 24.15
N PRO I 195 42.21 -0.54 24.81
CA PRO I 195 42.26 -0.52 26.25
C PRO I 195 43.71 -0.59 26.72
N HIS I 196 44.07 0.31 27.62
CA HIS I 196 45.37 0.26 28.26
C HIS I 196 45.21 0.41 29.74
N PRO I 197 45.92 -0.40 30.49
CA PRO I 197 46.71 -1.54 30.08
C PRO I 197 45.84 -2.66 29.58
N PRO I 198 46.41 -3.60 28.89
CA PRO I 198 45.66 -4.77 28.44
C PRO I 198 44.59 -5.10 29.46
N GLY I 199 43.42 -5.56 29.03
CA GLY I 199 42.37 -5.89 29.95
C GLY I 199 41.59 -4.72 30.52
N ALA I 200 42.06 -3.49 30.39
CA ALA I 200 41.32 -2.42 31.02
C ALA I 200 39.97 -2.26 30.33
N ARG I 201 39.05 -1.60 31.01
CA ARG I 201 37.69 -1.44 30.54
C ARG I 201 37.25 -0.01 30.35
N GLY I 202 38.04 0.97 30.75
CA GLY I 202 37.67 2.35 30.52
C GLY I 202 38.82 3.28 30.17
N THR I 203 40.07 2.81 30.34
CA THR I 203 41.26 3.64 30.18
C THR I 203 41.97 3.28 28.87
N SER I 204 41.86 4.12 27.87
CA SER I 204 42.48 3.88 26.57
C SER I 204 43.99 3.88 26.67
N GLN I 205 44.64 3.94 25.52
CA GLN I 205 46.06 4.09 25.42
C GLN I 205 46.45 5.54 25.35
N LEU I 206 45.50 6.42 25.16
CA LEU I 206 45.83 7.80 25.29
C LEU I 206 45.97 8.21 26.73
N HIS I 207 45.20 7.62 27.61
CA HIS I 207 45.32 7.99 29.00
C HIS I 207 46.77 7.91 29.45
N GLY I 208 47.43 6.82 29.15
CA GLY I 208 48.83 6.66 29.50
C GLY I 208 49.78 7.47 28.65
N MET I 209 49.30 8.42 27.84
CA MET I 209 50.16 9.41 27.20
C MET I 209 50.37 10.58 28.14
N ASP I 210 51.45 10.55 28.93
CA ASP I 210 51.71 11.63 29.87
C ASP I 210 51.81 12.96 29.17
N LEU I 211 52.63 13.04 28.16
CA LEU I 211 52.87 14.31 27.53
C LEU I 211 53.41 14.05 26.16
N LEU I 212 53.08 14.90 25.22
CA LEU I 212 53.49 14.66 23.86
C LEU I 212 54.42 15.71 23.35
N VAL I 213 55.69 15.38 23.29
CA VAL I 213 56.68 16.31 22.84
C VAL I 213 56.81 16.08 21.37
N LEU I 214 56.38 17.02 20.59
CA LEU I 214 56.51 16.90 19.16
C LEU I 214 57.52 17.92 18.64
N LEU I 215 58.54 17.44 17.98
CA LEU I 215 59.47 18.26 17.25
C LEU I 215 59.08 18.50 15.82
N ASP I 216 59.45 19.64 15.30
CA ASP I 216 59.16 19.83 13.89
C ASP I 216 59.88 21.10 13.48
N LEU I 217 60.25 21.16 12.21
CA LEU I 217 61.04 22.17 11.56
C LEU I 217 62.22 22.67 12.38
N ILE I 218 62.91 21.80 12.97
CA ILE I 218 64.06 22.12 13.78
C ILE I 218 65.35 22.02 13.00
N GLY I 219 66.29 22.92 13.29
CA GLY I 219 67.60 22.87 12.70
C GLY I 219 68.03 24.06 11.95
N ALA I 220 67.27 25.09 11.73
CA ALA I 220 67.86 26.34 11.26
C ALA I 220 68.45 27.15 12.41
N PRO I 221 69.11 28.25 12.11
CA PRO I 221 69.70 29.04 13.17
C PRO I 221 68.71 30.02 13.77
N ASN I 222 68.91 30.32 15.04
CA ASN I 222 68.14 31.35 15.75
C ASN I 222 66.65 31.06 15.73
N PRO I 223 66.23 30.04 16.35
CA PRO I 223 64.81 29.76 16.33
C PRO I 223 64.14 30.18 17.62
N THR I 224 62.81 30.25 17.58
CA THR I 224 61.99 30.71 18.69
C THR I 224 60.85 29.76 18.96
N PHE I 225 60.79 29.23 20.14
CA PHE I 225 59.73 28.31 20.47
C PHE I 225 58.71 28.90 21.42
N PRO I 226 57.53 29.29 20.95
CA PRO I 226 56.54 29.86 21.84
C PRO I 226 55.98 28.84 22.78
N ASN I 227 55.57 29.28 23.94
CA ASN I 227 54.72 28.47 24.79
C ASN I 227 53.35 28.36 24.16
N PHE I 228 52.88 27.14 23.92
CA PHE I 228 51.66 26.95 23.17
C PHE I 228 50.50 26.64 24.05
N PHE I 229 50.64 25.73 24.96
CA PHE I 229 49.49 25.25 25.66
C PHE I 229 49.66 25.39 27.17
N PRO I 230 48.70 25.95 27.84
CA PRO I 230 48.77 26.06 29.28
C PRO I 230 49.03 24.79 30.02
N ASN I 231 48.53 23.67 29.54
CA ASN I 231 48.61 22.43 30.30
C ASN I 231 50.01 21.85 30.26
N SER I 232 50.90 22.50 29.55
CA SER I 232 52.28 22.12 29.51
C SER I 232 53.23 23.28 29.74
N ALA I 233 52.75 24.49 29.96
CA ALA I 233 53.63 25.60 30.27
C ALA I 233 54.58 25.31 31.41
N ARG I 234 54.13 24.63 32.45
CA ARG I 234 55.09 24.17 33.42
C ARG I 234 56.18 23.38 32.75
N TRP I 235 55.83 22.49 31.83
CA TRP I 235 56.91 21.76 31.19
C TRP I 235 57.63 22.60 30.18
N PHE I 236 57.08 23.69 29.74
CA PHE I 236 57.89 24.55 28.89
C PHE I 236 58.85 25.37 29.74
N GLU I 237 58.39 25.84 30.90
CA GLU I 237 59.24 26.67 31.71
C GLU I 237 60.53 25.94 32.02
N ARG I 238 60.49 24.62 32.15
CA ARG I 238 61.70 23.88 32.48
C ARG I 238 62.71 23.95 31.36
N LEU I 239 62.26 23.97 30.13
CA LEU I 239 63.21 24.11 29.05
C LEU I 239 63.85 25.45 29.11
N GLN I 240 63.04 26.47 29.32
CA GLN I 240 63.53 27.81 29.55
C GLN I 240 64.56 27.81 30.65
N ALA I 241 64.29 27.09 31.73
CA ALA I 241 65.21 26.92 32.82
C ALA I 241 66.41 26.08 32.44
N ILE I 242 66.23 25.16 31.53
CA ILE I 242 67.31 24.28 31.15
C ILE I 242 68.21 25.00 30.18
N GLU I 243 67.65 25.78 29.27
CA GLU I 243 68.49 26.56 28.39
C GLU I 243 69.39 27.46 29.20
N HIS I 244 68.81 28.18 30.13
CA HIS I 244 69.52 29.14 30.96
C HIS I 244 70.70 28.44 31.60
N GLU I 245 70.39 27.51 32.51
CA GLU I 245 71.41 26.98 33.37
C GLU I 245 72.48 26.32 32.56
N LEU I 246 72.16 25.83 31.40
CA LEU I 246 73.22 25.26 30.61
C LEU I 246 73.96 26.35 29.94
N HIS I 247 73.30 27.46 29.72
CA HIS I 247 74.06 28.58 29.21
C HIS I 247 74.92 29.15 30.30
N GLU I 248 74.33 29.43 31.44
CA GLU I 248 75.14 29.95 32.52
C GLU I 248 76.33 29.05 32.80
N LEU I 249 76.25 27.76 32.52
CA LEU I 249 77.31 26.83 32.87
C LEU I 249 78.30 26.57 31.74
N GLY I 250 78.20 27.27 30.63
CA GLY I 250 79.18 27.15 29.58
C GLY I 250 78.95 26.06 28.57
N LEU I 251 77.86 25.30 28.70
CA LEU I 251 77.80 24.07 27.94
C LEU I 251 77.13 24.23 26.61
N LEU I 252 76.67 25.41 26.27
CA LEU I 252 76.01 25.61 25.00
C LEU I 252 77.09 25.96 24.01
N LYS I 253 76.72 26.41 22.83
CA LYS I 253 77.75 26.80 21.90
C LYS I 253 77.14 27.82 20.96
N ASP I 254 77.79 28.95 20.86
CA ASP I 254 77.36 30.01 19.98
C ASP I 254 76.05 30.63 20.41
N HIS I 255 75.80 30.69 21.71
CA HIS I 255 74.48 30.94 22.24
C HIS I 255 74.37 32.18 23.11
N SER I 256 73.73 33.22 22.59
CA SER I 256 73.36 34.38 23.41
C SER I 256 72.10 34.12 24.25
N LEU I 257 71.99 34.77 25.40
CA LEU I 257 70.72 34.79 26.13
C LEU I 257 69.79 35.87 25.66
N GLU I 258 70.27 36.75 24.80
CA GLU I 258 69.43 37.70 24.10
C GLU I 258 69.09 37.15 22.73
N GLY I 259 69.00 35.83 22.65
CA GLY I 259 68.61 35.07 21.48
C GLY I 259 68.30 33.66 21.90
N ARG I 260 67.62 33.51 23.03
CA ARG I 260 67.34 32.21 23.62
C ARG I 260 66.53 31.37 22.65
N TYR I 261 66.47 30.06 22.88
CA TYR I 261 65.54 29.32 22.03
C TYR I 261 64.13 29.40 22.61
N PHE I 262 63.99 29.15 23.90
CA PHE I 262 62.71 29.16 24.58
C PHE I 262 62.42 30.49 25.27
N GLN I 263 61.67 31.34 24.59
CA GLN I 263 61.34 32.65 25.09
C GLN I 263 59.94 32.71 25.68
N ASN I 264 59.81 33.45 26.75
CA ASN I 264 58.50 33.86 27.19
C ASN I 264 57.84 34.72 26.12
N TYR I 265 56.72 34.22 25.61
CA TYR I 265 55.96 34.86 24.56
C TYR I 265 54.95 33.83 24.08
N SER I 266 53.76 33.84 24.66
CA SER I 266 52.68 32.95 24.23
C SER I 266 52.45 33.06 22.74
N TYR I 267 51.42 32.40 22.24
CA TYR I 267 51.14 32.46 20.82
C TYR I 267 49.65 32.67 20.61
N GLY I 268 49.31 33.32 19.52
CA GLY I 268 47.90 33.55 19.26
C GLY I 268 47.15 32.31 18.81
N GLY I 269 47.31 31.95 17.55
CA GLY I 269 46.59 30.84 16.95
C GLY I 269 47.29 29.51 17.14
N VAL I 270 46.87 28.54 16.34
CA VAL I 270 47.47 27.22 16.42
C VAL I 270 48.29 26.98 15.16
N ILE I 271 49.13 25.96 15.25
CA ILE I 271 49.82 25.37 14.13
C ILE I 271 49.22 24.00 13.90
N GLN I 272 48.95 23.66 12.65
CA GLN I 272 48.43 22.34 12.35
C GLN I 272 49.59 21.38 12.26
N ASP I 273 49.50 20.27 12.96
CA ASP I 273 50.64 19.37 12.98
C ASP I 273 50.16 18.11 13.66
N ASP I 274 51.04 17.13 13.73
CA ASP I 274 50.62 15.80 14.08
C ASP I 274 50.24 15.71 15.54
N HIS I 275 49.98 16.83 16.16
CA HIS I 275 49.49 16.79 17.53
C HIS I 275 48.01 16.99 17.58
N ILE I 276 47.47 17.66 16.57
CA ILE I 276 46.04 17.90 16.56
C ILE I 276 45.24 16.66 16.95
N PRO I 277 45.29 15.62 16.21
CA PRO I 277 44.52 14.46 16.58
C PRO I 277 44.62 14.12 18.02
N PHE I 278 45.82 14.23 18.58
CA PHE I 278 46.02 13.82 19.97
C PHE I 278 45.61 14.92 20.92
N LEU I 279 45.54 16.13 20.41
CA LEU I 279 45.16 17.26 21.20
C LEU I 279 43.68 17.34 21.39
N ARG I 280 42.93 17.19 20.30
CA ARG I 280 41.47 17.15 20.36
C ARG I 280 40.99 16.16 21.40
N ARG I 281 41.70 15.08 21.57
CA ARG I 281 41.37 14.10 22.59
C ARG I 281 42.05 14.33 23.93
N GLY I 282 42.62 15.49 24.18
CA GLY I 282 43.09 15.81 25.52
C GLY I 282 44.34 15.13 26.00
N VAL I 283 45.35 15.02 25.15
CA VAL I 283 46.66 14.54 25.57
C VAL I 283 47.58 15.74 25.65
N PRO I 284 48.22 15.96 26.78
CA PRO I 284 49.09 17.10 26.93
C PRO I 284 50.23 17.10 25.92
N VAL I 285 50.38 18.23 25.26
CA VAL I 285 51.28 18.41 24.15
C VAL I 285 52.31 19.48 24.46
N LEU I 286 53.49 19.28 23.93
CA LEU I 286 54.55 20.23 24.03
C LEU I 286 55.13 20.41 22.65
N HIS I 287 54.78 21.45 21.94
CA HIS I 287 54.99 21.45 20.51
C HIS I 287 56.23 22.24 20.08
N LEU I 288 57.37 21.63 20.27
CA LEU I 288 58.58 22.24 19.77
C LEU I 288 58.63 22.40 18.28
N ILE I 289 57.79 23.24 17.75
CA ILE I 289 58.02 23.73 16.41
C ILE I 289 58.45 25.19 16.51
N PRO I 290 59.38 25.63 15.76
CA PRO I 290 59.71 27.03 15.86
C PRO I 290 58.52 27.87 15.48
N SER I 291 58.74 29.17 15.40
CA SER I 291 57.76 30.22 15.13
C SER I 291 58.51 31.52 15.11
N PRO I 292 58.74 32.09 13.94
CA PRO I 292 58.28 31.54 12.67
C PRO I 292 58.86 30.21 12.29
N PHE I 293 58.84 29.96 11.00
CA PHE I 293 59.31 28.76 10.36
C PHE I 293 60.61 29.16 9.72
N PRO I 294 61.48 28.22 9.41
CA PRO I 294 62.77 28.50 8.82
C PRO I 294 62.71 29.09 7.41
N GLU I 295 63.68 29.96 7.08
CA GLU I 295 63.63 30.67 5.81
C GLU I 295 63.48 29.69 4.67
N VAL I 296 63.98 28.48 4.86
CA VAL I 296 63.97 27.44 3.84
C VAL I 296 62.67 26.64 3.76
N TRP I 297 61.88 26.55 4.79
CA TRP I 297 60.66 25.78 4.77
C TRP I 297 60.03 25.60 3.42
N HIS I 298 59.80 24.32 3.12
CA HIS I 298 59.25 23.82 1.87
C HIS I 298 59.89 24.49 0.66
N THR I 299 61.22 24.57 0.73
CA THR I 299 62.10 25.03 -0.33
C THR I 299 63.02 23.91 -0.70
N MET I 300 63.51 23.92 -1.92
CA MET I 300 64.54 22.97 -2.23
C MET I 300 65.73 23.14 -1.32
N ASP I 301 65.90 24.32 -0.73
CA ASP I 301 67.05 24.64 0.09
C ASP I 301 66.98 24.10 1.50
N ASP I 302 65.92 23.41 1.88
CA ASP I 302 65.80 22.90 3.23
C ASP I 302 66.71 21.70 3.39
N ASN I 303 67.97 21.94 3.13
CA ASN I 303 68.91 20.87 2.88
C ASN I 303 69.98 20.91 3.94
N GLU I 304 71.04 20.14 3.72
CA GLU I 304 72.03 19.98 4.76
C GLU I 304 72.93 21.19 4.89
N GLU I 305 73.12 21.94 3.83
CA GLU I 305 74.04 23.07 3.88
C GLU I 305 73.54 24.14 4.83
N ASN I 306 72.24 24.28 4.99
CA ASN I 306 71.67 25.34 5.78
C ASN I 306 71.15 24.85 7.11
N LEU I 307 71.85 23.89 7.67
CA LEU I 307 71.56 23.48 9.01
C LEU I 307 72.67 24.06 9.81
N ASP I 308 72.39 24.40 11.05
CA ASP I 308 73.42 24.93 11.91
C ASP I 308 73.77 23.83 12.88
N GLU I 309 74.99 23.35 12.81
CA GLU I 309 75.40 22.26 13.66
C GLU I 309 75.19 22.60 15.11
N SER I 310 75.32 23.88 15.47
CA SER I 310 75.40 24.30 16.86
C SER I 310 74.02 24.38 17.53
N THR I 311 73.07 25.01 16.86
CA THR I 311 71.69 24.95 17.31
C THR I 311 71.24 23.54 17.68
N ILE I 312 71.24 22.65 16.70
CA ILE I 312 70.89 21.25 16.91
C ILE I 312 71.63 20.70 18.10
N ASP I 313 72.95 20.86 18.14
CA ASP I 313 73.71 20.33 19.25
C ASP I 313 73.25 20.97 20.51
N ASN I 314 72.80 22.19 20.42
CA ASN I 314 72.33 22.84 21.61
C ASN I 314 71.05 22.18 22.10
N LEU I 315 70.12 21.95 21.18
CA LEU I 315 68.83 21.35 21.50
C LEU I 315 68.91 19.88 21.93
N ASN I 316 69.90 19.14 21.47
CA ASN I 316 70.02 17.78 21.92
C ASN I 316 70.35 17.72 23.40
N LYS I 317 71.11 18.70 23.87
CA LYS I 317 71.47 18.79 25.27
C LYS I 317 70.27 19.19 26.10
N ILE I 318 69.60 20.25 25.70
CA ILE I 318 68.42 20.65 26.43
C ILE I 318 67.48 19.48 26.50
N LEU I 319 67.18 18.93 25.34
CA LEU I 319 66.16 17.93 25.31
C LEU I 319 66.53 16.73 26.13
N GLN I 320 67.73 16.24 25.98
CA GLN I 320 68.05 15.03 26.71
C GLN I 320 67.99 15.27 28.21
N VAL I 321 68.28 16.48 28.65
CA VAL I 321 68.10 16.77 30.07
C VAL I 321 66.63 16.88 30.41
N PHE I 322 65.86 17.55 29.56
CA PHE I 322 64.43 17.49 29.76
C PHE I 322 63.93 16.08 29.96
N VAL I 323 64.39 15.15 29.14
CA VAL I 323 63.91 13.79 29.20
C VAL I 323 64.31 13.15 30.49
N LEU I 324 65.59 13.17 30.80
CA LEU I 324 66.07 12.51 32.02
C LEU I 324 65.45 13.10 33.27
N GLU I 325 65.09 14.35 33.24
CA GLU I 325 64.44 14.86 34.40
C GLU I 325 63.05 14.31 34.50
N TYR I 326 62.28 14.39 33.42
CA TYR I 326 60.93 13.86 33.45
C TYR I 326 60.88 12.47 34.02
N LEU I 327 61.90 11.66 33.78
CA LEU I 327 61.83 10.25 34.05
C LEU I 327 62.46 9.81 35.36
N HIS I 328 63.26 10.66 35.99
CA HIS I 328 63.86 10.41 37.30
C HIS I 328 65.10 9.55 37.19
N LEU I 329 65.84 9.75 36.12
CA LEU I 329 67.11 9.13 35.94
C LEU I 329 68.23 10.17 35.93
N ALA J 1 -57.04 -26.91 -0.75
CA ALA J 1 -57.85 -27.58 -1.75
C ALA J 1 -59.33 -27.36 -1.47
N SER J 2 -59.97 -26.54 -2.30
CA SER J 2 -61.41 -26.32 -2.17
C SER J 2 -62.15 -27.58 -2.57
N ALA J 3 -62.25 -27.80 -3.88
CA ALA J 3 -62.85 -29.01 -4.44
C ALA J 3 -62.91 -28.94 -5.95
N TRP J 4 -63.05 -27.75 -6.47
CA TRP J 4 -63.32 -27.48 -7.86
C TRP J 4 -62.75 -28.49 -8.84
N PRO J 5 -61.63 -29.12 -8.62
CA PRO J 5 -61.18 -30.09 -9.63
C PRO J 5 -61.91 -31.42 -9.53
N GLU J 6 -62.08 -31.95 -8.32
CA GLU J 6 -62.56 -33.33 -8.14
C GLU J 6 -63.97 -33.57 -8.69
N GLU J 7 -64.73 -32.55 -9.09
CA GLU J 7 -66.09 -32.83 -9.57
C GLU J 7 -66.06 -33.71 -10.81
N LYS J 8 -64.96 -33.68 -11.57
CA LYS J 8 -64.87 -34.28 -12.89
C LYS J 8 -64.89 -35.76 -12.80
N ASN J 9 -64.98 -36.23 -11.57
CA ASN J 9 -65.11 -37.60 -11.21
C ASN J 9 -66.38 -37.80 -10.44
N TYR J 10 -67.40 -37.08 -10.91
CA TYR J 10 -68.75 -37.15 -10.39
C TYR J 10 -69.70 -36.71 -11.50
N HIS J 11 -69.18 -36.31 -12.65
CA HIS J 11 -70.00 -35.71 -13.68
C HIS J 11 -70.60 -36.81 -14.51
N GLN J 12 -71.93 -36.84 -14.55
CA GLN J 12 -72.72 -37.82 -15.26
C GLN J 12 -73.50 -37.11 -16.36
N PRO J 13 -73.50 -37.61 -17.59
CA PRO J 13 -74.19 -36.90 -18.66
C PRO J 13 -75.65 -36.74 -18.33
N ALA J 14 -76.34 -35.99 -19.17
CA ALA J 14 -77.79 -35.97 -19.18
C ALA J 14 -78.21 -36.75 -20.42
N ILE J 15 -78.15 -38.07 -20.30
CA ILE J 15 -78.51 -39.02 -21.34
C ILE J 15 -79.69 -38.46 -22.08
N LEU J 16 -79.69 -38.55 -23.40
CA LEU J 16 -80.77 -37.93 -24.14
C LEU J 16 -81.90 -38.91 -24.42
N ASN J 17 -83.11 -38.36 -24.59
CA ASN J 17 -84.26 -39.10 -25.05
C ASN J 17 -84.05 -39.43 -26.52
N SER J 18 -84.92 -40.26 -27.08
CA SER J 18 -84.73 -40.56 -28.48
C SER J 18 -85.06 -39.34 -29.33
N SER J 19 -86.28 -38.81 -29.17
CA SER J 19 -86.73 -37.67 -29.98
C SER J 19 -85.57 -36.72 -30.22
N ALA J 20 -84.95 -36.30 -29.13
CA ALA J 20 -83.76 -35.46 -29.23
C ALA J 20 -82.77 -36.08 -30.21
N LEU J 21 -82.49 -37.37 -30.03
CA LEU J 21 -81.51 -38.03 -30.88
C LEU J 21 -81.90 -37.91 -32.34
N ARG J 22 -83.17 -38.06 -32.65
CA ARG J 22 -83.56 -37.86 -34.03
C ARG J 22 -83.05 -36.53 -34.50
N GLN J 23 -83.46 -35.48 -33.80
CA GLN J 23 -83.12 -34.13 -34.25
C GLN J 23 -81.65 -34.08 -34.58
N ILE J 24 -80.82 -34.25 -33.55
CA ILE J 24 -79.36 -34.12 -33.61
C ILE J 24 -78.87 -34.82 -34.85
N ALA J 25 -79.46 -35.99 -35.09
CA ALA J 25 -79.08 -36.78 -36.23
C ALA J 25 -79.43 -36.06 -37.51
N GLU J 26 -80.58 -35.41 -37.51
CA GLU J 26 -80.98 -34.58 -38.63
C GLU J 26 -80.24 -33.25 -38.61
N GLY J 27 -79.55 -32.96 -37.51
CA GLY J 27 -78.94 -31.65 -37.34
C GLY J 27 -77.67 -31.45 -38.14
N THR J 28 -76.95 -32.51 -38.45
CA THR J 28 -75.60 -32.40 -38.96
C THR J 28 -75.49 -32.90 -40.38
N SER J 29 -74.87 -32.13 -41.25
CA SER J 29 -74.97 -32.39 -42.67
C SER J 29 -73.64 -32.76 -43.28
N ILE J 30 -73.36 -34.03 -43.28
CA ILE J 30 -72.10 -34.48 -43.82
C ILE J 30 -71.73 -33.80 -45.12
N SER J 31 -72.70 -33.23 -45.83
CA SER J 31 -72.33 -32.67 -47.12
C SER J 31 -71.95 -31.21 -47.02
N GLU J 32 -72.52 -30.48 -46.08
CA GLU J 32 -71.98 -29.15 -45.89
C GLU J 32 -70.58 -29.25 -45.29
N MET J 33 -70.45 -30.02 -44.21
CA MET J 33 -69.15 -30.27 -43.60
C MET J 33 -68.16 -30.76 -44.61
N TRP J 34 -68.59 -31.25 -45.71
CA TRP J 34 -67.66 -31.79 -46.66
C TRP J 34 -67.28 -30.79 -47.69
N GLN J 35 -68.22 -29.92 -48.02
CA GLN J 35 -68.00 -28.92 -49.04
C GLN J 35 -67.33 -27.72 -48.43
N ASN J 36 -67.71 -27.43 -47.19
CA ASN J 36 -67.32 -26.22 -46.49
C ASN J 36 -66.21 -26.51 -45.51
N ASP J 37 -66.59 -27.04 -44.35
CA ASP J 37 -65.61 -27.28 -43.31
C ASP J 37 -64.39 -28.04 -43.83
N LEU J 38 -64.58 -29.09 -44.62
CA LEU J 38 -63.46 -29.98 -44.89
C LEU J 38 -62.75 -29.75 -46.22
N GLN J 39 -63.42 -29.72 -47.32
CA GLN J 39 -62.67 -29.71 -48.56
C GLN J 39 -61.56 -28.65 -48.61
N PRO J 40 -61.65 -27.56 -47.85
CA PRO J 40 -60.57 -26.58 -47.90
C PRO J 40 -59.30 -27.06 -47.26
N LEU J 41 -59.41 -27.86 -46.22
CA LEU J 41 -58.24 -28.42 -45.57
C LEU J 41 -57.45 -29.33 -46.48
N LEU J 42 -58.08 -29.99 -47.43
CA LEU J 42 -57.34 -30.93 -48.27
C LEU J 42 -56.23 -30.29 -49.10
N ILE J 43 -55.20 -29.78 -48.44
CA ILE J 43 -54.07 -29.18 -49.12
C ILE J 43 -52.77 -29.59 -48.40
N GLU J 44 -51.64 -29.22 -49.02
CA GLU J 44 -50.32 -29.37 -48.41
C GLU J 44 -50.15 -28.33 -47.33
N ARG J 45 -50.13 -28.75 -46.08
CA ARG J 45 -50.21 -27.84 -44.98
C ARG J 45 -49.31 -28.23 -43.81
N TYR J 46 -48.01 -28.34 -44.07
CA TYR J 46 -47.09 -28.66 -43.01
C TYR J 46 -46.70 -27.37 -42.30
N PRO J 47 -46.37 -27.41 -41.01
CA PRO J 47 -46.26 -26.17 -40.28
C PRO J 47 -45.31 -25.26 -41.02
N GLY J 48 -45.68 -24.00 -41.15
CA GLY J 48 -44.85 -23.04 -41.83
C GLY J 48 -45.17 -22.72 -43.26
N SER J 49 -45.52 -23.70 -44.05
CA SER J 49 -45.71 -23.45 -45.44
C SER J 49 -46.96 -22.62 -45.65
N PRO J 50 -47.12 -22.07 -46.85
CA PRO J 50 -48.34 -21.33 -47.15
C PRO J 50 -49.61 -22.02 -46.72
N GLY J 51 -49.77 -23.28 -47.02
CA GLY J 51 -50.96 -23.97 -46.61
C GLY J 51 -51.29 -23.91 -45.13
N SER J 52 -50.29 -23.66 -44.27
CA SER J 52 -50.56 -23.70 -42.84
C SER J 52 -51.33 -22.47 -42.41
N TYR J 53 -51.10 -21.37 -43.07
CA TYR J 53 -51.81 -20.15 -42.74
C TYR J 53 -53.22 -20.26 -43.26
N ALA J 54 -53.34 -20.43 -44.57
CA ALA J 54 -54.61 -20.70 -45.18
C ALA J 54 -55.45 -21.56 -44.29
N ALA J 55 -54.98 -22.75 -44.02
CA ALA J 55 -55.70 -23.62 -43.14
C ALA J 55 -55.97 -22.96 -41.83
N ARG J 56 -55.03 -22.17 -41.36
CA ARG J 56 -55.27 -21.51 -40.10
C ARG J 56 -56.41 -20.54 -40.27
N GLN J 57 -56.32 -19.71 -41.29
CA GLN J 57 -57.38 -18.78 -41.60
C GLN J 57 -58.71 -19.50 -41.67
N HIS J 58 -58.82 -20.38 -42.67
CA HIS J 58 -60.06 -21.08 -42.95
C HIS J 58 -60.75 -21.46 -41.66
N ILE J 59 -60.05 -22.22 -40.86
CA ILE J 59 -60.59 -22.73 -39.62
C ILE J 59 -61.33 -21.65 -38.88
N MET J 60 -60.77 -20.45 -38.84
CA MET J 60 -61.29 -19.43 -37.94
C MET J 60 -62.55 -18.84 -38.51
N GLN J 61 -62.43 -18.29 -39.71
CA GLN J 61 -63.56 -17.85 -40.50
C GLN J 61 -64.78 -18.64 -40.12
N ARG J 62 -64.70 -19.96 -40.26
CA ARG J 62 -65.87 -20.77 -40.02
C ARG J 62 -66.28 -20.77 -38.57
N ILE J 63 -65.41 -20.40 -37.67
CA ILE J 63 -65.81 -20.41 -36.28
C ILE J 63 -66.32 -19.05 -35.82
N GLN J 64 -65.78 -17.99 -36.41
CA GLN J 64 -66.21 -16.65 -36.04
C GLN J 64 -67.67 -16.46 -36.43
N ARG J 65 -68.02 -16.90 -37.63
CA ARG J 65 -69.33 -16.72 -38.20
C ARG J 65 -70.39 -17.50 -37.48
N LEU J 66 -70.07 -18.25 -36.45
CA LEU J 66 -71.15 -18.90 -35.74
C LEU J 66 -71.66 -17.97 -34.68
N GLN J 67 -72.90 -18.11 -34.40
CA GLN J 67 -73.51 -17.14 -33.56
C GLN J 67 -73.20 -17.34 -32.13
N ALA J 68 -72.23 -18.17 -31.80
CA ALA J 68 -71.82 -18.25 -30.42
C ALA J 68 -70.47 -17.55 -30.33
N ASP J 69 -70.28 -16.80 -29.26
CA ASP J 69 -69.18 -15.86 -29.20
C ASP J 69 -67.90 -16.61 -28.94
N TRP J 70 -67.36 -17.20 -30.00
CA TRP J 70 -66.20 -18.05 -29.84
C TRP J 70 -64.95 -17.21 -29.69
N VAL J 71 -64.20 -17.47 -28.64
CA VAL J 71 -62.98 -16.74 -28.34
C VAL J 71 -61.82 -17.53 -28.91
N LEU J 72 -61.29 -17.06 -30.04
CA LEU J 72 -60.17 -17.72 -30.68
C LEU J 72 -58.84 -17.12 -30.25
N GLU J 73 -57.87 -17.99 -30.05
CA GLU J 73 -56.52 -17.61 -29.66
C GLU J 73 -55.54 -18.25 -30.60
N ILE J 74 -54.76 -17.47 -31.30
CA ILE J 74 -53.52 -18.01 -31.80
C ILE J 74 -52.54 -18.12 -30.63
N ASP J 75 -51.55 -18.95 -30.83
CA ASP J 75 -50.57 -19.18 -29.81
C ASP J 75 -49.36 -19.65 -30.56
N THR J 76 -48.79 -18.75 -31.32
CA THR J 76 -47.58 -19.06 -32.03
C THR J 76 -46.43 -19.22 -31.06
N PHE J 77 -45.44 -19.99 -31.49
CA PHE J 77 -44.35 -20.35 -30.61
C PHE J 77 -43.23 -20.91 -31.47
N LEU J 78 -42.09 -21.14 -30.85
CA LEU J 78 -40.88 -21.57 -31.55
C LEU J 78 -40.36 -22.86 -30.95
N SER J 79 -39.78 -23.72 -31.78
CA SER J 79 -39.17 -24.87 -31.17
C SER J 79 -38.11 -25.43 -32.08
N GLN J 80 -37.30 -26.27 -31.48
CA GLN J 80 -36.14 -26.76 -32.16
C GLN J 80 -36.52 -28.05 -32.84
N THR J 81 -35.93 -28.28 -34.01
CA THR J 81 -36.33 -29.36 -34.89
C THR J 81 -35.13 -29.81 -35.68
N PRO J 82 -35.23 -30.98 -36.31
CA PRO J 82 -34.13 -31.52 -37.10
C PRO J 82 -33.69 -30.68 -38.24
N TYR J 83 -34.40 -29.63 -38.58
CA TYR J 83 -33.91 -28.73 -39.59
C TYR J 83 -33.55 -27.39 -39.00
N GLY J 84 -33.91 -27.13 -37.74
CA GLY J 84 -33.56 -25.90 -37.06
C GLY J 84 -34.71 -25.42 -36.22
N TYR J 85 -34.67 -24.17 -35.82
CA TYR J 85 -35.84 -23.58 -35.20
C TYR J 85 -36.86 -23.29 -36.29
N ARG J 86 -38.13 -23.38 -35.91
CA ARG J 86 -39.20 -23.13 -36.86
C ARG J 86 -40.41 -22.72 -36.06
N SER J 87 -41.36 -22.10 -36.75
CA SER J 87 -42.51 -21.46 -36.15
C SER J 87 -43.72 -22.37 -36.25
N PHE J 88 -44.56 -22.35 -35.23
CA PHE J 88 -45.67 -23.26 -35.05
C PHE J 88 -46.82 -22.51 -34.45
N SER J 89 -48.04 -22.81 -34.85
CA SER J 89 -49.13 -22.03 -34.32
C SER J 89 -50.30 -22.94 -33.97
N ASN J 90 -50.47 -23.19 -32.69
CA ASN J 90 -51.65 -23.86 -32.23
C ASN J 90 -52.86 -23.05 -32.62
N ILE J 91 -54.02 -23.49 -32.17
CA ILE J 91 -55.26 -22.77 -32.34
C ILE J 91 -56.20 -23.19 -31.25
N ILE J 92 -56.68 -22.23 -30.50
CA ILE J 92 -57.54 -22.51 -29.39
C ILE J 92 -58.77 -21.66 -29.56
N SER J 93 -59.86 -22.18 -29.04
CA SER J 93 -61.18 -21.59 -29.19
C SER J 93 -61.94 -21.98 -27.95
N THR J 94 -62.34 -21.01 -27.17
CA THR J 94 -63.19 -21.29 -26.03
C THR J 94 -64.46 -20.46 -26.11
N LEU J 95 -65.46 -20.94 -25.39
CA LEU J 95 -66.65 -20.16 -25.10
C LEU J 95 -66.84 -20.36 -23.61
N ASN J 96 -66.35 -19.42 -22.86
CA ASN J 96 -66.48 -19.25 -21.43
C ASN J 96 -65.13 -19.52 -20.77
N PRO J 97 -64.08 -18.91 -21.29
CA PRO J 97 -62.73 -19.12 -20.73
C PRO J 97 -62.70 -19.04 -19.24
N THR J 98 -63.58 -18.27 -18.69
CA THR J 98 -63.80 -18.36 -17.28
C THR J 98 -64.40 -19.69 -16.93
N ALA J 99 -65.33 -20.20 -17.76
CA ALA J 99 -65.93 -21.49 -17.48
C ALA J 99 -64.86 -22.29 -16.81
N LYS J 100 -64.80 -22.07 -15.51
CA LYS J 100 -63.83 -22.68 -14.67
C LYS J 100 -63.47 -24.03 -15.31
N ARG J 101 -64.46 -24.85 -15.60
CA ARG J 101 -64.16 -26.20 -16.03
C ARG J 101 -64.24 -26.35 -17.53
N HIS J 102 -63.84 -27.51 -18.04
CA HIS J 102 -63.95 -27.64 -19.48
C HIS J 102 -63.88 -29.06 -20.02
N LEU J 103 -64.50 -29.20 -21.17
CA LEU J 103 -64.50 -30.42 -21.97
C LEU J 103 -63.84 -30.04 -23.27
N VAL J 104 -63.02 -30.91 -23.77
CA VAL J 104 -62.13 -30.51 -24.83
C VAL J 104 -62.09 -31.57 -25.87
N LEU J 105 -62.21 -31.14 -27.12
CA LEU J 105 -62.10 -31.99 -28.29
C LEU J 105 -60.92 -31.48 -29.05
N ALA J 106 -60.00 -32.37 -29.41
CA ALA J 106 -58.81 -31.86 -30.06
C ALA J 106 -58.49 -32.74 -31.22
N CYS J 107 -57.70 -32.19 -32.10
CA CYS J 107 -57.25 -32.89 -33.26
C CYS J 107 -56.05 -32.11 -33.74
N HIS J 108 -55.34 -32.60 -34.73
CA HIS J 108 -54.20 -31.85 -35.18
C HIS J 108 -54.37 -31.40 -36.59
N TYR J 109 -54.01 -30.17 -36.82
CA TYR J 109 -54.37 -29.55 -38.06
C TYR J 109 -53.23 -29.48 -39.01
N ASP J 110 -52.13 -30.08 -38.72
CA ASP J 110 -51.06 -30.07 -39.70
C ASP J 110 -51.10 -31.33 -40.51
N SER J 111 -50.35 -31.27 -41.59
CA SER J 111 -50.06 -32.38 -42.46
C SER J 111 -48.60 -32.75 -42.35
N LYS J 112 -48.30 -34.03 -42.36
CA LYS J 112 -46.90 -34.41 -42.43
C LYS J 112 -46.29 -33.87 -43.72
N TYR J 113 -44.97 -33.78 -43.73
CA TYR J 113 -44.23 -33.18 -44.81
C TYR J 113 -43.56 -34.25 -45.62
N PHE J 114 -43.62 -34.09 -46.92
CA PHE J 114 -43.08 -35.06 -47.83
C PHE J 114 -42.66 -34.34 -49.08
N SER J 115 -41.53 -34.70 -49.63
CA SER J 115 -41.29 -34.20 -50.95
C SER J 115 -42.38 -34.71 -51.89
N HIS J 116 -42.56 -33.99 -52.98
CA HIS J 116 -43.54 -34.36 -53.99
C HIS J 116 -43.07 -35.62 -54.67
N TRP J 117 -43.78 -36.69 -54.41
CA TRP J 117 -43.45 -37.97 -54.99
C TRP J 117 -44.40 -38.24 -56.13
N ASN J 118 -43.86 -38.73 -57.22
CA ASN J 118 -44.67 -38.98 -58.40
C ASN J 118 -45.55 -37.79 -58.70
N ASN J 119 -45.05 -36.58 -58.47
CA ASN J 119 -45.88 -35.40 -58.57
C ASN J 119 -47.22 -35.65 -57.92
N ARG J 120 -47.18 -36.17 -56.73
CA ARG J 120 -48.38 -36.24 -55.93
C ARG J 120 -48.09 -35.49 -54.66
N VAL J 121 -49.12 -35.18 -53.88
CA VAL J 121 -48.93 -34.37 -52.70
C VAL J 121 -49.75 -34.92 -51.53
N PHE J 122 -49.06 -35.32 -50.47
CA PHE J 122 -49.73 -35.82 -49.28
C PHE J 122 -50.62 -34.72 -48.71
N VAL J 123 -51.62 -35.10 -47.95
CA VAL J 123 -52.57 -34.14 -47.48
C VAL J 123 -53.35 -34.70 -46.31
N GLY J 124 -53.32 -35.97 -46.11
CA GLY J 124 -53.66 -36.49 -44.82
C GLY J 124 -55.08 -36.35 -44.44
N ALA J 125 -55.94 -36.71 -45.36
CA ALA J 125 -57.37 -36.61 -45.14
C ALA J 125 -57.82 -37.35 -43.89
N THR J 126 -57.16 -38.42 -43.56
CA THR J 126 -57.41 -39.11 -42.32
C THR J 126 -56.57 -38.58 -41.18
N ASP J 127 -55.57 -37.76 -41.49
CA ASP J 127 -54.51 -37.44 -40.57
C ASP J 127 -54.10 -35.98 -40.70
N SER J 128 -54.92 -35.02 -40.23
CA SER J 128 -56.12 -35.20 -39.43
C SER J 128 -57.28 -34.32 -39.92
N ALA J 129 -57.27 -33.93 -41.19
CA ALA J 129 -58.33 -33.11 -41.78
C ALA J 129 -59.72 -33.48 -41.33
N VAL J 130 -60.13 -34.67 -41.63
CA VAL J 130 -61.46 -35.07 -41.25
C VAL J 130 -61.68 -34.71 -39.80
N PRO J 131 -60.86 -35.16 -38.88
CA PRO J 131 -61.11 -34.81 -37.48
C PRO J 131 -61.33 -33.33 -37.27
N CYS J 132 -60.77 -32.49 -38.14
CA CYS J 132 -60.94 -31.06 -38.02
C CYS J 132 -62.37 -30.71 -38.35
N ALA J 133 -62.68 -30.94 -39.62
CA ALA J 133 -64.03 -30.93 -40.10
C ALA J 133 -64.92 -31.38 -38.99
N MET J 134 -64.71 -32.56 -38.50
CA MET J 134 -65.73 -33.08 -37.63
C MET J 134 -65.91 -32.22 -36.46
N MET J 135 -64.93 -31.39 -36.18
CA MET J 135 -65.04 -30.46 -35.06
C MET J 135 -65.69 -29.17 -35.52
N LEU J 136 -65.25 -28.63 -36.63
CA LEU J 136 -65.98 -27.56 -37.24
C LEU J 136 -67.47 -27.88 -37.29
N GLU J 137 -67.82 -28.85 -38.12
CA GLU J 137 -69.19 -29.28 -38.22
C GLU J 137 -69.85 -29.33 -36.86
N LEU J 138 -69.28 -30.11 -35.95
CA LEU J 138 -69.93 -30.24 -34.65
C LEU J 138 -70.29 -28.88 -34.13
N ALA J 139 -69.51 -27.88 -34.49
CA ALA J 139 -69.86 -26.53 -34.13
C ALA J 139 -71.01 -26.05 -34.96
N ARG J 140 -70.82 -26.04 -36.27
CA ARG J 140 -71.89 -25.59 -37.15
C ARG J 140 -73.19 -26.27 -36.79
N ALA J 141 -73.12 -27.48 -36.30
CA ALA J 141 -74.34 -28.15 -35.90
C ALA J 141 -74.87 -27.56 -34.62
N LEU J 142 -74.21 -27.81 -33.51
CA LEU J 142 -74.78 -27.45 -32.21
C LEU J 142 -74.69 -25.98 -31.87
N ASP J 143 -74.30 -25.12 -32.82
CA ASP J 143 -74.24 -23.69 -32.52
C ASP J 143 -75.37 -23.30 -31.58
N LYS J 144 -76.60 -23.39 -32.08
CA LYS J 144 -77.76 -22.98 -31.29
C LYS J 144 -77.73 -23.60 -29.91
N LYS J 145 -77.31 -24.85 -29.81
CA LYS J 145 -77.37 -25.43 -28.48
C LYS J 145 -76.25 -24.96 -27.58
N LEU J 146 -75.29 -24.22 -28.13
CA LEU J 146 -74.13 -23.81 -27.35
C LEU J 146 -74.30 -22.42 -26.73
N LEU J 147 -74.72 -21.45 -27.51
CA LEU J 147 -75.25 -20.21 -26.97
C LEU J 147 -75.74 -20.31 -25.52
N SER J 148 -76.39 -21.41 -25.16
CA SER J 148 -77.05 -21.53 -23.86
C SER J 148 -76.17 -21.18 -22.70
N LEU J 149 -74.86 -21.15 -22.90
CA LEU J 149 -73.92 -20.86 -21.83
C LEU J 149 -73.47 -19.42 -21.90
N LYS J 150 -74.39 -18.55 -22.27
CA LYS J 150 -74.18 -17.14 -22.25
C LYS J 150 -72.94 -16.80 -23.04
N PRO J 157 -73.92 -26.15 -12.80
CA PRO J 157 -72.50 -26.43 -12.83
C PRO J 157 -71.87 -25.63 -13.93
N ASP J 158 -70.78 -24.95 -13.63
CA ASP J 158 -70.16 -24.09 -14.62
C ASP J 158 -69.17 -24.94 -15.37
N LEU J 159 -69.39 -25.08 -16.66
CA LEU J 159 -68.53 -25.88 -17.49
C LEU J 159 -68.86 -25.56 -18.93
N SER J 160 -67.85 -25.58 -19.79
CA SER J 160 -68.06 -25.18 -21.16
C SER J 160 -67.08 -25.97 -22.03
N LEU J 161 -66.99 -25.58 -23.28
CA LEU J 161 -66.46 -26.48 -24.28
C LEU J 161 -65.39 -25.78 -25.07
N GLN J 162 -64.26 -26.40 -25.15
CA GLN J 162 -63.14 -25.84 -25.84
C GLN J 162 -62.72 -26.82 -26.91
N LEU J 163 -62.36 -26.27 -28.05
CA LEU J 163 -61.74 -27.01 -29.13
C LEU J 163 -60.28 -26.62 -29.20
N ILE J 164 -59.51 -27.41 -29.93
CA ILE J 164 -58.07 -27.21 -30.04
C ILE J 164 -57.59 -27.89 -31.29
N PHE J 165 -56.74 -27.24 -32.00
CA PHE J 165 -56.23 -27.70 -33.26
C PHE J 165 -54.73 -27.48 -33.21
N PHE J 166 -54.06 -28.33 -32.45
CA PHE J 166 -52.62 -28.43 -32.38
C PHE J 166 -51.93 -28.26 -33.70
N ASP J 167 -50.66 -27.95 -33.67
CA ASP J 167 -49.85 -27.84 -34.86
C ASP J 167 -48.65 -28.81 -34.75
N GLY J 168 -47.86 -28.86 -35.80
CA GLY J 168 -46.75 -29.80 -35.84
C GLY J 168 -46.90 -31.01 -34.94
N GLU J 169 -47.84 -31.89 -35.21
CA GLU J 169 -47.91 -33.11 -34.47
C GLU J 169 -47.07 -34.14 -35.14
N GLU J 170 -47.17 -34.16 -36.45
CA GLU J 170 -46.37 -35.09 -37.17
C GLU J 170 -44.91 -34.69 -37.02
N ALA J 171 -44.03 -35.58 -37.42
CA ALA J 171 -42.60 -35.38 -37.28
C ALA J 171 -41.99 -34.89 -38.58
N PHE J 172 -40.93 -34.12 -38.46
CA PHE J 172 -40.38 -33.46 -39.63
C PHE J 172 -39.52 -34.38 -40.42
N LEU J 173 -38.70 -35.12 -39.70
CA LEU J 173 -37.88 -36.16 -40.29
C LEU J 173 -38.28 -37.51 -39.73
N HIS J 174 -38.01 -37.80 -38.48
CA HIS J 174 -38.24 -39.15 -38.01
C HIS J 174 -38.69 -39.16 -36.56
N TRP J 175 -39.88 -39.69 -36.39
CA TRP J 175 -40.61 -39.69 -35.15
C TRP J 175 -39.68 -39.93 -34.00
N SER J 176 -40.02 -39.41 -32.85
CA SER J 176 -39.12 -39.38 -31.73
C SER J 176 -39.63 -38.39 -30.71
N PRO J 177 -39.46 -38.61 -29.48
CA PRO J 177 -39.94 -37.65 -28.52
C PRO J 177 -39.44 -36.25 -28.77
N GLN J 178 -38.41 -36.12 -29.56
CA GLN J 178 -37.85 -34.81 -29.77
C GLN J 178 -38.35 -34.17 -31.04
N ASP J 179 -38.96 -34.98 -31.90
CA ASP J 179 -39.36 -34.57 -33.24
C ASP J 179 -40.77 -35.06 -33.47
N SER J 180 -41.74 -34.49 -32.77
CA SER J 180 -43.07 -35.02 -32.71
C SER J 180 -43.84 -34.39 -31.59
N LEU J 181 -45.04 -33.93 -31.87
CA LEU J 181 -45.89 -33.33 -30.84
C LEU J 181 -45.44 -31.93 -30.47
N TYR J 182 -44.83 -31.24 -31.39
CA TYR J 182 -44.39 -29.93 -31.04
C TYR J 182 -45.48 -29.21 -30.29
N GLY J 183 -46.64 -29.07 -30.92
CA GLY J 183 -47.65 -28.16 -30.41
C GLY J 183 -48.28 -28.62 -29.12
N SER J 184 -48.55 -29.90 -29.00
CA SER J 184 -49.14 -30.32 -27.74
C SER J 184 -48.13 -30.27 -26.62
N ARG J 185 -46.85 -30.46 -26.90
CA ARG J 185 -45.90 -30.39 -25.81
C ARG J 185 -45.85 -28.98 -25.29
N HIS J 186 -45.69 -28.03 -26.18
CA HIS J 186 -45.80 -26.65 -25.81
C HIS J 186 -46.99 -26.46 -24.90
N LEU J 187 -48.18 -26.67 -25.43
CA LEU J 187 -49.36 -26.25 -24.72
C LEU J 187 -49.52 -26.95 -23.38
N ALA J 188 -49.10 -28.17 -23.27
CA ALA J 188 -49.29 -28.83 -22.01
C ALA J 188 -48.42 -28.25 -20.92
N ALA J 189 -47.20 -27.86 -21.26
CA ALA J 189 -46.42 -27.11 -20.29
C ALA J 189 -47.11 -25.80 -20.04
N LYS J 190 -47.61 -25.19 -21.10
CA LYS J 190 -48.14 -23.86 -20.96
C LYS J 190 -49.37 -23.86 -20.09
N MET J 191 -50.18 -24.88 -20.17
CA MET J 191 -51.37 -24.85 -19.34
C MET J 191 -51.11 -25.45 -17.98
N ALA J 192 -50.01 -26.20 -17.82
CA ALA J 192 -49.67 -26.80 -16.55
C ALA J 192 -49.05 -25.81 -15.63
N SER J 193 -49.10 -24.55 -16.04
CA SER J 193 -48.40 -23.48 -15.38
C SER J 193 -49.19 -22.20 -15.48
N THR J 194 -50.50 -22.30 -15.64
CA THR J 194 -51.35 -21.14 -15.89
C THR J 194 -52.54 -21.20 -14.96
N PRO J 195 -52.60 -20.36 -13.95
CA PRO J 195 -53.61 -20.57 -12.93
C PRO J 195 -54.99 -20.57 -13.57
N HIS J 196 -55.87 -21.34 -12.97
CA HIS J 196 -57.23 -21.33 -13.36
C HIS J 196 -58.08 -21.48 -12.15
N PRO J 197 -59.13 -20.69 -12.05
CA PRO J 197 -59.49 -19.61 -12.94
C PRO J 197 -58.50 -18.47 -12.79
N PRO J 198 -58.71 -17.37 -13.49
CA PRO J 198 -57.90 -16.17 -13.22
C PRO J 198 -57.86 -15.83 -11.75
N GLY J 199 -56.68 -15.89 -11.17
CA GLY J 199 -56.48 -15.53 -9.78
C GLY J 199 -56.20 -16.71 -8.90
N ALA J 200 -56.50 -17.90 -9.34
CA ALA J 200 -56.31 -19.03 -8.47
C ALA J 200 -54.86 -19.09 -8.00
N ARG J 201 -54.62 -19.94 -7.02
CA ARG J 201 -53.33 -20.02 -6.40
C ARG J 201 -52.81 -21.45 -6.34
N GLY J 202 -53.58 -22.42 -6.80
CA GLY J 202 -53.09 -23.79 -6.82
C GLY J 202 -53.67 -24.65 -7.91
N THR J 203 -54.45 -24.06 -8.82
CA THR J 203 -55.24 -24.82 -9.81
C THR J 203 -54.95 -24.34 -11.22
N SER J 204 -54.12 -25.07 -11.95
CA SER J 204 -53.77 -24.63 -13.30
C SER J 204 -54.85 -25.02 -14.28
N GLN J 205 -54.79 -24.40 -15.45
CA GLN J 205 -55.73 -24.70 -16.51
C GLN J 205 -55.87 -26.20 -16.79
N LEU J 206 -54.97 -27.05 -16.32
CA LEU J 206 -55.14 -28.48 -16.57
C LEU J 206 -56.10 -29.13 -15.62
N HIS J 207 -56.19 -28.62 -14.42
CA HIS J 207 -57.23 -29.07 -13.56
C HIS J 207 -58.59 -28.66 -14.08
N GLY J 208 -58.62 -27.74 -15.04
CA GLY J 208 -59.86 -27.32 -15.65
C GLY J 208 -60.29 -28.14 -16.83
N MET J 209 -59.41 -28.96 -17.36
CA MET J 209 -59.81 -29.93 -18.35
C MET J 209 -60.50 -31.06 -17.63
N ASP J 210 -61.81 -31.13 -17.78
CA ASP J 210 -62.52 -32.30 -17.29
C ASP J 210 -62.03 -33.53 -18.02
N LEU J 211 -61.95 -33.45 -19.34
CA LEU J 211 -61.61 -34.60 -20.16
C LEU J 211 -61.19 -34.11 -21.52
N LEU J 212 -60.30 -34.86 -22.11
CA LEU J 212 -59.83 -34.56 -23.44
C LEU J 212 -60.31 -35.63 -24.39
N VAL J 213 -60.84 -35.20 -25.51
CA VAL J 213 -61.25 -36.09 -26.55
C VAL J 213 -60.42 -35.74 -27.73
N LEU J 214 -59.61 -36.67 -28.17
CA LEU J 214 -58.68 -36.39 -29.25
C LEU J 214 -59.00 -37.29 -30.40
N LEU J 215 -59.20 -36.69 -31.55
CA LEU J 215 -59.61 -37.36 -32.75
C LEU J 215 -58.41 -37.46 -33.66
N ASP J 216 -58.25 -38.60 -34.30
CA ASP J 216 -57.10 -38.60 -35.17
C ASP J 216 -57.23 -39.79 -36.07
N LEU J 217 -56.84 -39.63 -37.30
CA LEU J 217 -56.79 -40.77 -38.17
C LEU J 217 -58.16 -41.27 -38.48
N ILE J 218 -59.06 -40.36 -38.79
CA ILE J 218 -60.45 -40.69 -38.92
C ILE J 218 -60.85 -40.43 -40.34
N GLY J 219 -61.83 -41.20 -40.79
CA GLY J 219 -62.27 -41.11 -42.15
C GLY J 219 -61.90 -42.24 -43.03
N ALA J 220 -61.43 -43.34 -42.50
CA ALA J 220 -61.39 -44.48 -43.37
C ALA J 220 -62.47 -45.48 -42.99
N PRO J 221 -62.76 -46.40 -43.89
CA PRO J 221 -63.83 -47.37 -43.67
C PRO J 221 -63.60 -48.27 -42.49
N ASN J 222 -64.70 -48.74 -41.93
CA ASN J 222 -64.70 -49.73 -40.88
C ASN J 222 -63.61 -49.38 -39.91
N PRO J 223 -63.90 -48.72 -38.86
CA PRO J 223 -62.85 -48.39 -37.91
C PRO J 223 -63.10 -49.01 -36.56
N THR J 224 -62.05 -49.23 -35.78
CA THR J 224 -62.16 -49.78 -34.43
C THR J 224 -61.42 -48.93 -33.40
N PHE J 225 -62.10 -48.60 -32.32
CA PHE J 225 -61.57 -47.70 -31.32
C PHE J 225 -61.54 -48.37 -29.97
N PRO J 226 -60.40 -48.70 -29.42
CA PRO J 226 -60.36 -49.38 -28.14
C PRO J 226 -60.62 -48.43 -26.97
N ASN J 227 -60.67 -49.02 -25.80
CA ASN J 227 -60.79 -48.28 -24.56
C ASN J 227 -59.46 -48.45 -23.88
N PHE J 228 -58.65 -47.38 -23.85
CA PHE J 228 -57.31 -47.53 -23.33
C PHE J 228 -57.18 -47.15 -21.87
N PHE J 229 -57.91 -46.15 -21.39
CA PHE J 229 -57.63 -45.55 -20.09
C PHE J 229 -58.77 -45.73 -19.12
N PRO J 230 -58.54 -46.37 -18.00
CA PRO J 230 -59.61 -46.54 -17.03
C PRO J 230 -60.34 -45.27 -16.66
N ASN J 231 -59.62 -44.21 -16.38
CA ASN J 231 -60.29 -42.99 -15.97
C ASN J 231 -61.22 -42.44 -17.04
N SER J 232 -61.27 -43.07 -18.20
CA SER J 232 -62.12 -42.61 -19.27
C SER J 232 -62.97 -43.69 -19.96
N ALA J 233 -62.94 -44.93 -19.49
CA ALA J 233 -63.93 -45.90 -19.91
C ALA J 233 -65.30 -45.29 -19.92
N ARG J 234 -65.81 -44.98 -18.75
CA ARG J 234 -67.18 -44.52 -18.59
C ARG J 234 -67.63 -43.55 -19.68
N TRP J 235 -66.73 -42.83 -20.29
CA TRP J 235 -67.18 -42.09 -21.45
C TRP J 235 -67.14 -42.97 -22.66
N PHE J 236 -66.21 -43.89 -22.70
CA PHE J 236 -66.23 -44.89 -23.74
C PHE J 236 -67.58 -45.56 -23.74
N GLU J 237 -67.91 -46.18 -22.62
CA GLU J 237 -69.16 -46.89 -22.51
C GLU J 237 -70.26 -46.04 -23.11
N ARG J 238 -70.35 -44.79 -22.67
CA ARG J 238 -71.36 -43.90 -23.19
C ARG J 238 -71.35 -43.89 -24.70
N LEU J 239 -70.21 -44.12 -25.30
CA LEU J 239 -70.21 -44.10 -26.73
C LEU J 239 -70.65 -45.44 -27.27
N GLN J 240 -70.29 -46.52 -26.61
CA GLN J 240 -70.83 -47.80 -27.01
C GLN J 240 -72.33 -47.72 -27.05
N ALA J 241 -72.92 -47.35 -25.92
CA ALA J 241 -74.35 -47.10 -25.85
C ALA J 241 -74.80 -46.13 -26.93
N ILE J 242 -74.22 -44.95 -26.95
CA ILE J 242 -74.69 -43.96 -27.89
C ILE J 242 -74.56 -44.47 -29.27
N GLU J 243 -73.66 -45.38 -29.52
CA GLU J 243 -73.64 -45.96 -30.85
C GLU J 243 -74.72 -47.01 -31.01
N HIS J 244 -75.15 -47.57 -29.90
CA HIS J 244 -75.95 -48.78 -29.88
C HIS J 244 -77.39 -48.46 -30.19
N GLU J 245 -77.90 -47.43 -29.52
CA GLU J 245 -79.27 -47.01 -29.69
C GLU J 245 -79.45 -46.30 -31.02
N LEU J 246 -78.58 -45.37 -31.33
CA LEU J 246 -78.67 -44.66 -32.60
C LEU J 246 -78.74 -45.60 -33.78
N HIS J 247 -78.33 -46.84 -33.58
CA HIS J 247 -78.59 -47.84 -34.59
C HIS J 247 -79.99 -48.38 -34.43
N GLU J 248 -80.26 -48.99 -33.28
CA GLU J 248 -81.55 -49.60 -32.98
C GLU J 248 -82.67 -48.60 -33.17
N LEU J 249 -82.36 -47.37 -33.56
CA LEU J 249 -83.35 -46.43 -34.06
C LEU J 249 -83.04 -46.03 -35.49
N GLY J 250 -82.20 -46.80 -36.18
CA GLY J 250 -82.07 -46.70 -37.61
C GLY J 250 -81.51 -45.41 -38.14
N LEU J 251 -81.09 -44.49 -37.27
CA LEU J 251 -80.48 -43.25 -37.73
C LEU J 251 -79.11 -43.50 -38.32
N LEU J 252 -78.50 -44.63 -37.98
CA LEU J 252 -77.17 -44.97 -38.46
C LEU J 252 -77.26 -45.66 -39.81
N LYS J 253 -76.52 -45.10 -40.76
CA LYS J 253 -76.45 -45.53 -42.15
C LYS J 253 -75.25 -46.44 -42.42
N ASP J 254 -75.50 -47.52 -43.17
CA ASP J 254 -74.47 -48.47 -43.56
C ASP J 254 -73.83 -49.10 -42.35
N HIS J 255 -74.55 -49.23 -41.25
CA HIS J 255 -73.92 -49.56 -40.00
C HIS J 255 -74.58 -50.74 -39.32
N SER J 256 -73.83 -51.84 -39.20
CA SER J 256 -74.26 -53.05 -38.53
C SER J 256 -73.68 -53.13 -37.13
N LEU J 257 -74.34 -53.85 -36.25
CA LEU J 257 -73.81 -54.02 -34.91
C LEU J 257 -72.66 -55.01 -34.87
N GLU J 258 -72.45 -55.80 -35.91
CA GLU J 258 -71.29 -56.68 -35.90
C GLU J 258 -70.04 -55.92 -36.28
N GLY J 259 -70.21 -54.76 -36.91
CA GLY J 259 -69.12 -53.89 -37.24
C GLY J 259 -69.11 -52.61 -36.43
N ARG J 260 -69.38 -52.69 -35.12
CA ARG J 260 -69.47 -51.49 -34.30
C ARG J 260 -68.19 -50.69 -34.46
N TYR J 261 -68.15 -49.50 -33.88
CA TYR J 261 -66.92 -48.76 -33.81
C TYR J 261 -66.31 -48.80 -32.44
N PHE J 262 -67.12 -48.96 -31.43
CA PHE J 262 -66.65 -48.89 -30.08
C PHE J 262 -66.80 -50.26 -29.45
N GLN J 263 -65.85 -51.14 -29.73
CA GLN J 263 -65.91 -52.49 -29.22
C GLN J 263 -65.19 -52.62 -27.90
N ASN J 264 -65.56 -53.66 -27.17
CA ASN J 264 -64.96 -53.94 -25.88
C ASN J 264 -63.52 -54.40 -26.01
N TYR J 265 -63.10 -54.75 -27.23
CA TYR J 265 -61.75 -55.20 -27.55
C TYR J 265 -60.68 -54.24 -27.04
N SER J 266 -60.56 -54.10 -25.74
CA SER J 266 -59.60 -53.14 -25.21
C SER J 266 -58.18 -53.46 -25.63
N TYR J 267 -57.26 -52.60 -25.23
CA TYR J 267 -55.91 -52.49 -25.78
C TYR J 267 -54.89 -52.69 -24.67
N GLY J 268 -53.62 -52.53 -25.01
CA GLY J 268 -52.56 -52.70 -24.04
C GLY J 268 -51.53 -51.60 -23.96
N GLY J 269 -50.77 -51.39 -25.03
CA GLY J 269 -49.74 -50.37 -25.07
C GLY J 269 -50.34 -49.01 -25.33
N VAL J 270 -49.47 -48.03 -25.55
CA VAL J 270 -49.96 -46.69 -25.80
C VAL J 270 -49.68 -46.33 -27.23
N ILE J 271 -50.46 -45.42 -27.75
CA ILE J 271 -50.18 -44.74 -28.99
C ILE J 271 -49.62 -43.38 -28.65
N GLN J 272 -48.69 -42.91 -29.44
CA GLN J 272 -48.05 -41.63 -29.17
C GLN J 272 -48.77 -40.60 -30.00
N ASP J 273 -49.44 -39.68 -29.33
CA ASP J 273 -50.20 -38.64 -30.01
C ASP J 273 -50.29 -37.42 -29.11
N ASP J 274 -50.85 -36.35 -29.67
CA ASP J 274 -50.90 -35.08 -29.00
C ASP J 274 -51.44 -35.18 -27.58
N HIS J 275 -51.92 -36.34 -27.18
CA HIS J 275 -52.46 -36.50 -25.85
C HIS J 275 -51.42 -36.85 -24.81
N ILE J 276 -50.26 -37.31 -25.24
CA ILE J 276 -49.20 -37.63 -24.29
C ILE J 276 -48.97 -36.49 -23.32
N PRO J 277 -48.72 -35.28 -23.77
CA PRO J 277 -48.35 -34.22 -22.84
C PRO J 277 -49.37 -34.01 -21.79
N PHE J 278 -50.61 -34.38 -22.05
CA PHE J 278 -51.68 -34.13 -21.11
C PHE J 278 -51.97 -35.34 -20.29
N LEU J 279 -51.80 -36.50 -20.88
CA LEU J 279 -51.90 -37.69 -20.08
C LEU J 279 -50.87 -37.65 -18.97
N ARG J 280 -49.58 -37.65 -19.34
CA ARG J 280 -48.52 -37.82 -18.36
C ARG J 280 -48.60 -36.79 -17.24
N ARG J 281 -49.26 -35.68 -17.48
CA ARG J 281 -49.56 -34.74 -16.43
C ARG J 281 -50.83 -35.11 -15.68
N GLY J 282 -51.48 -36.20 -16.09
CA GLY J 282 -52.63 -36.71 -15.40
C GLY J 282 -53.96 -36.12 -15.79
N VAL J 283 -54.14 -35.73 -17.04
CA VAL J 283 -55.44 -35.28 -17.50
C VAL J 283 -56.15 -36.51 -18.05
N PRO J 284 -57.46 -36.60 -17.97
CA PRO J 284 -58.12 -37.76 -18.54
C PRO J 284 -58.32 -37.59 -20.03
N VAL J 285 -58.13 -38.68 -20.76
CA VAL J 285 -58.20 -38.65 -22.20
C VAL J 285 -59.16 -39.69 -22.72
N LEU J 286 -59.91 -39.32 -23.73
CA LEU J 286 -60.67 -40.23 -24.55
C LEU J 286 -60.04 -40.14 -25.91
N HIS J 287 -59.20 -41.07 -26.20
CA HIS J 287 -58.44 -41.04 -27.43
C HIS J 287 -59.22 -41.79 -28.50
N LEU J 288 -59.77 -41.04 -29.43
CA LEU J 288 -60.45 -41.61 -30.55
C LEU J 288 -59.48 -41.61 -31.72
N ILE J 289 -58.54 -42.51 -31.57
CA ILE J 289 -57.75 -42.95 -32.70
C ILE J 289 -58.03 -44.42 -32.95
N PRO J 290 -58.02 -44.87 -34.19
CA PRO J 290 -58.35 -46.26 -34.49
C PRO J 290 -57.16 -47.21 -34.53
N SER J 291 -57.48 -48.49 -34.29
CA SER J 291 -56.56 -49.61 -34.07
C SER J 291 -57.03 -50.83 -34.79
N PRO J 292 -56.50 -51.08 -35.97
CA PRO J 292 -55.33 -50.50 -36.64
C PRO J 292 -55.52 -49.12 -37.23
N PHE J 293 -54.50 -48.63 -37.89
CA PHE J 293 -54.61 -47.42 -38.62
C PHE J 293 -55.26 -47.71 -39.97
N PRO J 294 -56.05 -46.83 -40.46
CA PRO J 294 -56.41 -46.89 -41.86
C PRO J 294 -55.30 -47.32 -42.79
N GLU J 295 -55.66 -47.98 -43.87
CA GLU J 295 -54.66 -48.62 -44.68
C GLU J 295 -53.90 -47.62 -45.51
N VAL J 296 -54.36 -46.39 -45.58
CA VAL J 296 -53.63 -45.43 -46.41
C VAL J 296 -52.68 -44.57 -45.60
N TRP J 297 -52.68 -44.66 -44.29
CA TRP J 297 -51.67 -43.98 -43.49
C TRP J 297 -50.36 -43.61 -44.16
N HIS J 298 -49.93 -42.38 -43.98
CA HIS J 298 -48.74 -41.79 -44.56
C HIS J 298 -48.47 -42.33 -45.94
N THR J 299 -49.53 -42.40 -46.73
CA THR J 299 -49.48 -42.80 -48.12
C THR J 299 -50.17 -41.70 -48.89
N MET J 300 -49.51 -41.19 -49.90
CA MET J 300 -50.12 -40.21 -50.77
C MET J 300 -51.54 -40.59 -51.18
N ASP J 301 -51.96 -41.80 -50.88
CA ASP J 301 -53.32 -42.17 -51.11
C ASP J 301 -54.18 -41.78 -49.93
N ASP J 302 -53.66 -41.06 -48.96
CA ASP J 302 -54.51 -40.61 -47.87
C ASP J 302 -55.24 -39.38 -48.37
N ASN J 303 -56.43 -39.58 -48.96
CA ASN J 303 -57.17 -38.45 -49.50
C ASN J 303 -58.66 -38.70 -49.29
N GLU J 304 -59.47 -37.98 -50.06
CA GLU J 304 -60.91 -38.06 -49.94
C GLU J 304 -61.44 -39.27 -50.67
N GLU J 305 -60.99 -39.46 -51.90
CA GLU J 305 -61.23 -40.68 -52.63
C GLU J 305 -61.50 -41.77 -51.61
N ASN J 306 -60.54 -41.97 -50.72
CA ASN J 306 -60.55 -43.12 -49.85
C ASN J 306 -61.31 -42.92 -48.57
N LEU J 307 -62.29 -42.05 -48.52
CA LEU J 307 -62.99 -41.86 -47.25
C LEU J 307 -64.36 -42.46 -47.36
N ASP J 308 -65.06 -42.51 -46.26
CA ASP J 308 -66.37 -43.13 -46.25
C ASP J 308 -67.39 -42.16 -45.74
N GLU J 309 -68.23 -41.65 -46.64
CA GLU J 309 -69.19 -40.63 -46.29
C GLU J 309 -70.04 -41.04 -45.11
N SER J 310 -70.19 -42.32 -44.85
CA SER J 310 -71.24 -42.75 -43.94
C SER J 310 -70.76 -42.96 -42.51
N THR J 311 -69.61 -43.59 -42.32
CA THR J 311 -69.07 -43.75 -40.99
C THR J 311 -68.74 -42.40 -40.36
N ILE J 312 -68.00 -41.58 -41.08
CA ILE J 312 -67.79 -40.19 -40.69
C ILE J 312 -69.08 -39.55 -40.23
N ASP J 313 -70.02 -39.39 -41.16
CA ASP J 313 -71.33 -38.86 -40.84
C ASP J 313 -71.94 -39.61 -39.68
N ASN J 314 -71.66 -40.89 -39.56
CA ASN J 314 -72.27 -41.62 -38.49
C ASN J 314 -71.58 -41.35 -37.18
N LEU J 315 -70.29 -41.07 -37.26
CA LEU J 315 -69.53 -40.70 -36.07
C LEU J 315 -69.84 -39.27 -35.70
N ASN J 316 -69.67 -38.40 -36.66
CA ASN J 316 -70.00 -37.01 -36.55
C ASN J 316 -71.22 -36.86 -35.69
N LYS J 317 -72.06 -37.85 -35.71
CA LYS J 317 -73.30 -37.80 -34.97
C LYS J 317 -73.05 -38.25 -33.54
N ILE J 318 -72.86 -39.54 -33.33
CA ILE J 318 -72.59 -40.08 -32.00
C ILE J 318 -71.79 -39.05 -31.23
N LEU J 319 -70.87 -38.41 -31.93
CA LEU J 319 -70.02 -37.44 -31.30
C LEU J 319 -70.87 -36.36 -30.69
N GLN J 320 -71.60 -35.67 -31.58
CA GLN J 320 -72.40 -34.50 -31.26
C GLN J 320 -73.33 -34.79 -30.11
N VAL J 321 -73.86 -35.98 -30.06
CA VAL J 321 -74.61 -36.38 -28.89
C VAL J 321 -73.72 -36.31 -27.66
N PHE J 322 -72.68 -37.15 -27.66
CA PHE J 322 -71.87 -37.36 -26.47
C PHE J 322 -71.58 -36.04 -25.81
N VAL J 323 -71.13 -35.11 -26.63
CA VAL J 323 -70.97 -33.72 -26.25
C VAL J 323 -72.16 -33.33 -25.40
N LEU J 324 -73.25 -32.95 -26.07
CA LEU J 324 -74.46 -32.46 -25.45
C LEU J 324 -74.79 -33.29 -24.23
N GLU J 325 -74.37 -34.54 -24.23
CA GLU J 325 -74.67 -35.36 -23.08
C GLU J 325 -73.77 -35.01 -21.93
N TYR J 326 -72.55 -34.59 -22.23
CA TYR J 326 -71.63 -34.19 -21.17
C TYR J 326 -72.04 -32.85 -20.57
N LEU J 327 -72.42 -31.94 -21.44
CA LEU J 327 -72.75 -30.59 -21.06
C LEU J 327 -74.18 -30.45 -20.59
N HIS J 328 -74.87 -31.55 -20.32
CA HIS J 328 -76.26 -31.48 -19.94
C HIS J 328 -77.00 -30.48 -20.82
N LEU J 329 -76.85 -30.64 -22.12
CA LEU J 329 -77.69 -29.92 -23.06
C LEU J 329 -78.57 -30.93 -23.78
N ALA K 1 -34.35 -15.38 -39.85
CA ALA K 1 -33.23 -14.95 -39.05
C ALA K 1 -32.55 -13.70 -39.60
N SER K 2 -31.43 -13.90 -40.30
CA SER K 2 -30.59 -12.86 -40.90
C SER K 2 -29.40 -12.68 -39.98
N ALA K 3 -28.88 -11.47 -39.89
CA ALA K 3 -27.75 -11.23 -39.03
C ALA K 3 -28.08 -10.22 -37.97
N TRP K 4 -29.28 -9.66 -38.05
CA TRP K 4 -29.67 -8.65 -37.09
C TRP K 4 -29.41 -9.04 -35.67
N PRO K 5 -29.32 -10.32 -35.39
CA PRO K 5 -29.01 -10.75 -34.04
C PRO K 5 -27.54 -10.91 -33.77
N GLU K 6 -26.70 -10.78 -34.77
CA GLU K 6 -25.30 -10.60 -34.52
C GLU K 6 -24.94 -9.15 -34.28
N GLU K 7 -25.91 -8.26 -34.21
CA GLU K 7 -25.52 -6.87 -34.03
C GLU K 7 -24.99 -6.62 -32.64
N LYS K 8 -25.52 -7.30 -31.63
CA LYS K 8 -24.98 -7.08 -30.31
C LYS K 8 -23.48 -7.24 -30.36
N ASN K 9 -23.04 -8.13 -31.19
CA ASN K 9 -21.64 -8.45 -31.20
C ASN K 9 -20.79 -7.29 -31.57
N TYR K 10 -21.34 -6.23 -32.15
CA TYR K 10 -20.51 -5.16 -32.67
C TYR K 10 -20.84 -3.82 -32.10
N HIS K 11 -21.86 -3.75 -31.29
CA HIS K 11 -22.30 -2.51 -30.76
C HIS K 11 -21.21 -1.78 -30.02
N GLN K 12 -20.91 -0.63 -30.46
CA GLN K 12 -20.09 0.34 -29.79
C GLN K 12 -20.96 1.31 -29.04
N PRO K 13 -20.50 1.85 -27.94
CA PRO K 13 -21.32 2.82 -27.23
C PRO K 13 -21.06 4.22 -27.76
N ALA K 14 -22.00 5.09 -27.50
CA ALA K 14 -21.89 6.52 -27.76
C ALA K 14 -21.47 7.18 -26.47
N ILE K 15 -20.21 7.46 -26.33
CA ILE K 15 -19.73 7.86 -25.03
C ILE K 15 -19.97 9.34 -24.81
N LEU K 16 -20.28 9.68 -23.57
CA LEU K 16 -20.56 11.03 -23.16
C LEU K 16 -19.31 11.83 -22.85
N ASN K 17 -19.37 13.11 -23.17
CA ASN K 17 -18.40 14.11 -22.75
C ASN K 17 -18.67 14.59 -21.35
N SER K 18 -17.64 15.12 -20.76
CA SER K 18 -17.74 15.58 -19.38
C SER K 18 -19.02 16.32 -19.15
N SER K 19 -19.37 17.23 -20.07
CA SER K 19 -20.48 18.13 -19.78
C SER K 19 -21.74 17.36 -19.54
N ALA K 20 -21.94 16.32 -20.34
CA ALA K 20 -23.11 15.46 -20.17
C ALA K 20 -23.00 14.68 -18.88
N LEU K 21 -21.82 14.22 -18.57
CA LEU K 21 -21.66 13.46 -17.37
C LEU K 21 -22.11 14.23 -16.16
N ARG K 22 -21.87 15.53 -16.15
CA ARG K 22 -22.25 16.33 -15.00
C ARG K 22 -23.76 16.44 -14.90
N GLN K 23 -24.44 16.56 -16.01
CA GLN K 23 -25.87 16.62 -15.96
C GLN K 23 -26.42 15.34 -15.37
N ILE K 24 -25.89 14.20 -15.78
CA ILE K 24 -26.46 12.96 -15.34
C ILE K 24 -26.32 12.85 -13.84
N ALA K 25 -25.13 13.11 -13.34
CA ALA K 25 -24.97 13.20 -11.90
C ALA K 25 -25.98 14.11 -11.29
N GLU K 26 -26.06 15.32 -11.80
CA GLU K 26 -27.01 16.25 -11.24
C GLU K 26 -28.39 15.63 -11.29
N GLY K 27 -28.65 14.87 -12.36
CA GLY K 27 -29.98 14.37 -12.67
C GLY K 27 -30.64 13.36 -11.76
N THR K 28 -29.89 12.58 -10.99
CA THR K 28 -30.47 11.56 -10.12
C THR K 28 -30.34 11.95 -8.65
N SER K 29 -31.37 11.70 -7.87
CA SER K 29 -31.34 12.14 -6.50
C SER K 29 -31.57 10.96 -5.59
N ILE K 30 -30.56 10.63 -4.80
CA ILE K 30 -30.64 9.48 -3.95
C ILE K 30 -31.61 9.69 -2.81
N SER K 31 -31.90 10.89 -2.49
CA SER K 31 -32.90 11.09 -1.46
C SER K 31 -34.29 10.90 -2.04
N GLU K 32 -34.46 11.27 -3.29
CA GLU K 32 -35.73 11.00 -3.90
C GLU K 32 -35.95 9.50 -3.98
N MET K 33 -34.96 8.78 -4.49
CA MET K 33 -35.09 7.35 -4.59
C MET K 33 -35.33 6.72 -3.25
N TRP K 34 -34.53 7.07 -2.31
CA TRP K 34 -34.68 6.44 -1.02
C TRP K 34 -36.07 6.57 -0.50
N GLN K 35 -36.72 7.67 -0.78
CA GLN K 35 -37.98 7.93 -0.14
C GLN K 35 -39.11 7.49 -1.02
N ASN K 36 -39.04 7.84 -2.26
CA ASN K 36 -40.14 7.49 -3.12
C ASN K 36 -39.99 6.16 -3.80
N ASP K 37 -38.83 5.53 -3.77
CA ASP K 37 -38.64 4.32 -4.55
C ASP K 37 -38.34 3.14 -3.70
N LEU K 38 -37.49 3.27 -2.72
CA LEU K 38 -37.07 2.08 -2.06
C LEU K 38 -37.82 1.87 -0.77
N GLN K 39 -38.14 2.89 -0.03
CA GLN K 39 -38.70 2.62 1.27
C GLN K 39 -39.98 1.83 1.20
N PRO K 40 -40.77 1.93 0.16
CA PRO K 40 -41.91 1.04 0.06
C PRO K 40 -41.53 -0.40 -0.11
N LEU K 41 -40.44 -0.72 -0.77
CA LEU K 41 -40.07 -2.11 -0.97
C LEU K 41 -39.57 -2.80 0.30
N LEU K 42 -39.36 -2.13 1.41
CA LEU K 42 -38.70 -2.73 2.55
C LEU K 42 -39.65 -3.45 3.47
N ILE K 43 -40.30 -4.47 2.92
CA ILE K 43 -41.31 -5.26 3.60
C ILE K 43 -41.15 -6.74 3.27
N GLU K 44 -41.64 -7.60 4.14
CA GLU K 44 -41.71 -9.01 3.85
C GLU K 44 -42.55 -9.23 2.62
N ARG K 45 -41.94 -9.79 1.58
CA ARG K 45 -42.52 -9.80 0.26
C ARG K 45 -42.15 -11.04 -0.52
N TYR K 46 -42.34 -12.21 0.07
CA TYR K 46 -42.13 -13.43 -0.68
C TYR K 46 -43.27 -13.72 -1.61
N PRO K 47 -43.15 -14.73 -2.46
CA PRO K 47 -44.14 -14.92 -3.51
C PRO K 47 -45.42 -15.46 -2.93
N GLY K 48 -46.54 -14.78 -3.28
CA GLY K 48 -47.87 -15.06 -2.78
C GLY K 48 -48.31 -14.21 -1.60
N SER K 49 -47.38 -13.74 -0.81
CA SER K 49 -47.71 -12.90 0.29
C SER K 49 -48.36 -11.59 -0.18
N PRO K 50 -49.00 -10.89 0.77
CA PRO K 50 -49.52 -9.57 0.48
C PRO K 50 -48.46 -8.54 0.19
N GLY K 51 -47.39 -8.53 0.96
CA GLY K 51 -46.21 -7.77 0.57
C GLY K 51 -45.83 -7.94 -0.90
N SER K 52 -45.73 -9.19 -1.36
CA SER K 52 -45.47 -9.44 -2.77
C SER K 52 -46.42 -8.68 -3.65
N TYR K 53 -47.69 -8.71 -3.32
CA TYR K 53 -48.66 -7.95 -4.10
C TYR K 53 -48.51 -6.48 -3.84
N ALA K 54 -48.39 -6.09 -2.57
CA ALA K 54 -48.06 -4.71 -2.35
C ALA K 54 -46.94 -4.31 -3.28
N ALA K 55 -45.83 -5.03 -3.20
CA ALA K 55 -44.61 -4.67 -3.89
C ALA K 55 -44.76 -4.72 -5.37
N ARG K 56 -45.50 -5.69 -5.85
CA ARG K 56 -45.72 -5.79 -7.27
C ARG K 56 -46.40 -4.55 -7.78
N GLN K 57 -47.36 -4.02 -7.00
CA GLN K 57 -48.17 -2.89 -7.43
C GLN K 57 -47.35 -1.62 -7.46
N HIS K 58 -46.60 -1.37 -6.36
CA HIS K 58 -45.69 -0.25 -6.24
C HIS K 58 -44.82 -0.11 -7.45
N ILE K 59 -44.15 -1.16 -7.83
CA ILE K 59 -43.28 -1.05 -8.98
C ILE K 59 -44.04 -0.42 -10.12
N MET K 60 -45.21 -0.96 -10.39
CA MET K 60 -45.89 -0.58 -11.60
C MET K 60 -46.37 0.86 -11.54
N GLN K 61 -46.75 1.32 -10.35
CA GLN K 61 -47.14 2.72 -10.23
C GLN K 61 -45.96 3.63 -10.44
N ARG K 62 -44.78 3.20 -10.09
CA ARG K 62 -43.66 4.09 -10.27
C ARG K 62 -43.27 4.19 -11.73
N ILE K 63 -43.59 3.18 -12.51
CA ILE K 63 -43.32 3.22 -13.94
C ILE K 63 -44.50 3.75 -14.73
N GLN K 64 -45.71 3.50 -14.27
CA GLN K 64 -46.87 4.07 -14.94
C GLN K 64 -46.79 5.59 -14.93
N ARG K 65 -46.30 6.14 -13.86
CA ARG K 65 -46.34 7.56 -13.72
C ARG K 65 -45.27 8.26 -14.48
N LEU K 66 -44.48 7.59 -15.25
CA LEU K 66 -43.51 8.36 -15.99
C LEU K 66 -44.03 8.55 -17.38
N GLN K 67 -43.29 9.32 -18.12
CA GLN K 67 -43.80 9.71 -19.42
C GLN K 67 -43.36 8.81 -20.53
N ALA K 68 -42.13 8.28 -20.51
CA ALA K 68 -41.79 7.29 -21.52
C ALA K 68 -42.84 6.22 -21.55
N ASP K 69 -42.95 5.53 -22.67
CA ASP K 69 -44.05 4.61 -22.92
C ASP K 69 -43.68 3.18 -22.51
N TRP K 70 -43.51 3.05 -21.22
CA TRP K 70 -43.24 1.75 -20.67
C TRP K 70 -44.52 0.95 -20.79
N VAL K 71 -44.35 -0.32 -21.12
CA VAL K 71 -45.39 -1.23 -21.50
C VAL K 71 -45.37 -2.39 -20.52
N LEU K 72 -46.18 -2.38 -19.48
CA LEU K 72 -46.04 -3.39 -18.44
C LEU K 72 -46.80 -4.67 -18.72
N GLU K 73 -46.10 -5.76 -18.99
CA GLU K 73 -46.70 -7.08 -18.88
C GLU K 73 -46.78 -7.48 -17.42
N ILE K 74 -47.18 -8.71 -17.14
CA ILE K 74 -47.10 -9.33 -15.81
C ILE K 74 -47.16 -10.84 -15.91
N ASP K 75 -46.05 -11.51 -16.10
CA ASP K 75 -46.15 -12.93 -16.31
C ASP K 75 -46.51 -13.57 -15.00
N THR K 76 -47.73 -13.99 -14.89
CA THR K 76 -48.10 -14.76 -13.73
C THR K 76 -48.13 -16.22 -14.10
N PHE K 77 -47.77 -17.08 -13.15
CA PHE K 77 -47.60 -18.47 -13.47
C PHE K 77 -47.64 -19.27 -12.19
N LEU K 78 -47.78 -20.58 -12.37
CA LEU K 78 -47.82 -21.57 -11.30
C LEU K 78 -46.57 -22.42 -11.41
N SER K 79 -46.05 -22.87 -10.28
CA SER K 79 -44.95 -23.81 -10.33
C SER K 79 -44.92 -24.60 -9.04
N GLN K 80 -44.33 -25.77 -9.12
CA GLN K 80 -44.30 -26.65 -7.97
C GLN K 80 -43.14 -26.27 -7.09
N THR K 81 -43.29 -26.53 -5.80
CA THR K 81 -42.31 -26.21 -4.82
C THR K 81 -42.26 -27.25 -3.73
N PRO K 82 -41.35 -27.11 -2.78
CA PRO K 82 -41.35 -27.97 -1.61
C PRO K 82 -42.49 -27.74 -0.66
N TYR K 83 -43.42 -26.88 -1.02
CA TYR K 83 -44.57 -26.60 -0.19
C TYR K 83 -45.85 -26.70 -0.98
N GLY K 84 -45.76 -27.08 -2.25
CA GLY K 84 -46.89 -27.19 -3.12
C GLY K 84 -46.68 -26.42 -4.37
N TYR K 85 -47.67 -26.45 -5.21
CA TYR K 85 -47.77 -25.48 -6.28
C TYR K 85 -48.03 -24.11 -5.68
N ARG K 86 -47.42 -23.07 -6.25
CA ARG K 86 -47.74 -21.71 -5.84
C ARG K 86 -47.68 -20.84 -7.05
N SER K 87 -48.12 -19.61 -6.88
CA SER K 87 -48.24 -18.63 -7.95
C SER K 87 -47.15 -17.56 -7.89
N PHE K 88 -46.69 -17.10 -9.02
CA PHE K 88 -45.55 -16.19 -9.11
C PHE K 88 -45.87 -15.20 -10.21
N SER K 89 -45.46 -13.98 -10.03
CA SER K 89 -45.78 -12.96 -11.02
C SER K 89 -44.53 -12.17 -11.31
N ASN K 90 -43.96 -12.40 -12.48
CA ASN K 90 -42.90 -11.54 -12.92
C ASN K 90 -43.50 -10.21 -13.28
N ILE K 91 -42.64 -9.24 -13.56
CA ILE K 91 -43.01 -7.92 -14.02
C ILE K 91 -42.11 -7.59 -15.18
N ILE K 92 -42.63 -7.08 -16.24
CA ILE K 92 -41.79 -6.77 -17.37
C ILE K 92 -42.22 -5.45 -17.96
N SER K 93 -41.26 -4.65 -18.29
CA SER K 93 -41.54 -3.29 -18.69
C SER K 93 -40.65 -2.95 -19.85
N THR K 94 -41.20 -2.90 -21.02
CA THR K 94 -40.46 -2.70 -22.24
C THR K 94 -40.74 -1.34 -22.86
N LEU K 95 -39.82 -0.90 -23.65
CA LEU K 95 -39.99 0.23 -24.52
C LEU K 95 -39.77 -0.28 -25.93
N ASN K 96 -40.82 -0.35 -26.69
CA ASN K 96 -40.77 -0.69 -28.11
C ASN K 96 -40.90 -2.19 -28.28
N PRO K 97 -41.86 -2.77 -27.62
CA PRO K 97 -42.00 -4.21 -27.66
C PRO K 97 -41.62 -4.81 -28.99
N THR K 98 -41.65 -3.99 -30.01
CA THR K 98 -41.33 -4.41 -31.36
C THR K 98 -39.91 -4.10 -31.73
N ALA K 99 -39.25 -3.20 -31.01
CA ALA K 99 -37.82 -3.05 -31.16
C ALA K 99 -37.20 -4.43 -31.05
N LYS K 100 -36.70 -4.93 -32.17
CA LYS K 100 -35.92 -6.16 -32.19
C LYS K 100 -34.99 -6.32 -31.00
N ARG K 101 -34.01 -5.43 -30.94
CA ARG K 101 -32.98 -5.50 -29.92
C ARG K 101 -33.43 -4.82 -28.64
N HIS K 102 -32.82 -5.23 -27.53
CA HIS K 102 -33.15 -4.66 -26.24
C HIS K 102 -32.01 -4.85 -25.25
N LEU K 103 -31.48 -3.76 -24.73
CA LEU K 103 -30.73 -3.80 -23.50
C LEU K 103 -31.67 -4.08 -22.37
N VAL K 104 -31.36 -5.06 -21.55
CA VAL K 104 -32.28 -5.53 -20.53
C VAL K 104 -31.60 -5.42 -19.19
N LEU K 105 -32.27 -4.90 -18.20
CA LEU K 105 -31.77 -4.77 -16.86
C LEU K 105 -32.73 -5.46 -15.94
N ALA K 106 -32.26 -6.04 -14.88
CA ALA K 106 -33.20 -6.89 -14.22
C ALA K 106 -32.75 -7.03 -12.81
N CYS K 107 -33.65 -7.40 -11.95
CA CYS K 107 -33.28 -7.60 -10.60
C CYS K 107 -34.27 -8.57 -10.04
N HIS K 108 -34.41 -8.67 -8.75
CA HIS K 108 -35.47 -9.52 -8.28
C HIS K 108 -36.24 -8.94 -7.10
N TYR K 109 -37.56 -9.05 -7.19
CA TYR K 109 -38.44 -8.36 -6.26
C TYR K 109 -38.93 -9.25 -5.19
N ASP K 110 -38.53 -10.48 -5.13
CA ASP K 110 -38.99 -11.23 -3.99
C ASP K 110 -38.01 -11.10 -2.88
N SER K 111 -38.43 -11.49 -1.71
CA SER K 111 -37.65 -11.54 -0.51
C SER K 111 -37.58 -12.99 -0.13
N LYS K 112 -36.48 -13.45 0.41
CA LYS K 112 -36.51 -14.82 0.82
C LYS K 112 -37.58 -14.98 1.87
N TYR K 113 -37.90 -16.18 2.24
CA TYR K 113 -38.89 -16.43 3.27
C TYR K 113 -38.23 -16.87 4.56
N PHE K 114 -38.56 -16.17 5.63
CA PHE K 114 -38.06 -16.52 6.94
C PHE K 114 -39.18 -16.47 7.95
N SER K 115 -39.12 -17.31 8.95
CA SER K 115 -39.99 -17.14 10.07
C SER K 115 -39.66 -15.85 10.75
N HIS K 116 -40.40 -15.52 11.77
CA HIS K 116 -40.19 -14.29 12.49
C HIS K 116 -39.38 -14.63 13.71
N TRP K 117 -38.29 -13.94 13.88
CA TRP K 117 -37.36 -14.25 14.95
C TRP K 117 -37.24 -12.98 15.77
N ASN K 118 -37.31 -13.12 17.08
CA ASN K 118 -37.38 -11.99 17.98
C ASN K 118 -38.20 -10.88 17.37
N ASN K 119 -39.36 -11.23 16.91
CA ASN K 119 -40.23 -10.22 16.33
C ASN K 119 -39.56 -9.49 15.22
N ARG K 120 -38.47 -10.03 14.72
CA ARG K 120 -37.80 -9.46 13.58
C ARG K 120 -38.17 -10.25 12.36
N VAL K 121 -37.95 -9.62 11.22
CA VAL K 121 -38.59 -9.94 9.96
C VAL K 121 -37.62 -9.70 8.83
N PHE K 122 -37.49 -10.63 7.90
CA PHE K 122 -36.50 -10.48 6.84
C PHE K 122 -37.11 -9.75 5.67
N VAL K 123 -36.43 -8.68 5.22
CA VAL K 123 -36.95 -7.72 4.26
C VAL K 123 -36.02 -7.51 3.08
N GLY K 124 -34.80 -7.94 3.18
CA GLY K 124 -34.03 -7.95 1.97
C GLY K 124 -33.63 -6.64 1.34
N ALA K 125 -32.88 -5.79 2.03
CA ALA K 125 -32.61 -4.48 1.52
C ALA K 125 -31.65 -4.48 0.37
N THR K 126 -30.60 -5.25 0.49
CA THR K 126 -29.61 -5.38 -0.54
C THR K 126 -30.12 -6.37 -1.53
N ASP K 127 -30.74 -7.37 -0.99
CA ASP K 127 -31.21 -8.46 -1.73
C ASP K 127 -32.71 -8.60 -1.73
N SER K 128 -33.38 -7.96 -2.67
CA SER K 128 -32.78 -7.14 -3.68
C SER K 128 -33.55 -5.86 -3.80
N ALA K 129 -34.03 -5.34 -2.69
CA ALA K 129 -34.77 -4.11 -2.70
C ALA K 129 -33.99 -2.92 -3.25
N VAL K 130 -32.71 -2.81 -2.99
CA VAL K 130 -32.01 -1.71 -3.59
C VAL K 130 -31.94 -1.82 -5.10
N PRO K 131 -31.59 -2.97 -5.66
CA PRO K 131 -31.50 -2.98 -7.10
C PRO K 131 -32.83 -2.76 -7.77
N CYS K 132 -33.92 -3.07 -7.10
CA CYS K 132 -35.22 -2.74 -7.68
C CYS K 132 -35.33 -1.25 -7.84
N ALA K 133 -35.12 -0.55 -6.74
CA ALA K 133 -35.08 0.88 -6.76
C ALA K 133 -34.03 1.39 -7.65
N MET K 134 -32.88 0.78 -7.72
CA MET K 134 -31.92 1.48 -8.52
C MET K 134 -32.41 1.56 -9.92
N MET K 135 -33.22 0.60 -10.30
CA MET K 135 -33.77 0.54 -11.64
C MET K 135 -34.96 1.47 -11.79
N LEU K 136 -35.80 1.52 -10.81
CA LEU K 136 -36.83 2.51 -10.78
C LEU K 136 -36.24 3.87 -11.01
N GLU K 137 -35.46 4.34 -10.04
CA GLU K 137 -34.75 5.57 -10.18
C GLU K 137 -33.98 5.65 -11.45
N LEU K 138 -33.64 4.59 -12.10
CA LEU K 138 -32.93 4.87 -13.32
C LEU K 138 -33.85 5.44 -14.32
N ALA K 139 -35.12 5.18 -14.16
CA ALA K 139 -36.06 5.41 -15.22
C ALA K 139 -36.74 6.71 -15.04
N ARG K 140 -37.06 7.02 -13.81
CA ARG K 140 -37.27 8.41 -13.46
C ARG K 140 -36.12 9.23 -13.98
N ALA K 141 -34.93 8.99 -13.51
CA ALA K 141 -33.86 9.92 -13.79
C ALA K 141 -33.63 10.13 -15.26
N LEU K 142 -34.01 9.17 -16.08
CA LEU K 142 -33.72 9.23 -17.50
C LEU K 142 -34.91 9.42 -18.39
N ASP K 143 -36.10 9.58 -17.83
CA ASP K 143 -37.30 9.55 -18.64
C ASP K 143 -37.20 10.42 -19.86
N LYS K 144 -36.76 11.65 -19.73
CA LYS K 144 -36.79 12.54 -20.88
C LYS K 144 -35.89 12.07 -22.01
N LYS K 145 -34.76 11.48 -21.71
CA LYS K 145 -34.01 11.01 -22.87
C LYS K 145 -34.53 9.67 -23.31
N LEU K 146 -35.39 9.04 -22.54
CA LEU K 146 -35.89 7.74 -22.98
C LEU K 146 -37.02 7.90 -23.97
N LEU K 147 -37.93 8.81 -23.71
CA LEU K 147 -38.90 9.32 -24.68
C LEU K 147 -38.41 9.36 -26.11
N SER K 148 -37.13 9.58 -26.32
CA SER K 148 -36.61 9.75 -27.65
C SER K 148 -36.60 8.47 -28.45
N LEU K 149 -37.33 7.45 -28.00
CA LEU K 149 -37.51 6.23 -28.75
C LEU K 149 -38.97 6.09 -29.17
N LYS K 150 -39.55 7.20 -29.60
CA LYS K 150 -40.90 7.26 -30.12
C LYS K 150 -41.90 6.69 -29.14
N PRO K 157 -30.37 2.29 -35.07
CA PRO K 157 -30.30 1.01 -34.37
C PRO K 157 -31.60 0.64 -33.68
N ASP K 158 -32.21 -0.43 -34.14
CA ASP K 158 -33.52 -0.80 -33.66
C ASP K 158 -33.29 -1.36 -32.27
N LEU K 159 -33.09 -0.47 -31.32
CA LEU K 159 -32.63 -0.90 -30.03
C LEU K 159 -33.34 -0.12 -28.96
N SER K 160 -33.81 -0.80 -27.94
CA SER K 160 -34.44 -0.06 -26.87
C SER K 160 -34.22 -0.80 -25.56
N LEU K 161 -35.04 -0.52 -24.57
CA LEU K 161 -34.72 -0.80 -23.17
C LEU K 161 -35.81 -1.63 -22.53
N GLN K 162 -35.46 -2.45 -21.54
CA GLN K 162 -36.40 -3.39 -20.96
C GLN K 162 -35.96 -3.57 -19.55
N LEU K 163 -36.87 -3.60 -18.64
CA LEU K 163 -36.59 -3.97 -17.28
C LEU K 163 -37.32 -5.27 -16.95
N ILE K 164 -36.92 -5.92 -15.87
CA ILE K 164 -37.49 -7.19 -15.49
C ILE K 164 -37.32 -7.31 -14.01
N PHE K 165 -38.38 -7.57 -13.32
CA PHE K 165 -38.31 -7.73 -11.92
C PHE K 165 -38.77 -9.13 -11.67
N PHE K 166 -37.84 -10.07 -11.65
CA PHE K 166 -38.12 -11.46 -11.39
C PHE K 166 -38.73 -11.71 -10.03
N ASP K 167 -39.52 -12.77 -9.94
CA ASP K 167 -40.15 -13.24 -8.70
C ASP K 167 -39.69 -14.65 -8.40
N GLY K 168 -39.63 -15.00 -7.15
CA GLY K 168 -39.21 -16.31 -6.79
C GLY K 168 -37.76 -16.71 -6.94
N GLU K 169 -36.86 -15.82 -7.29
CA GLU K 169 -35.44 -16.09 -7.32
C GLU K 169 -34.95 -16.86 -6.10
N GLU K 170 -35.49 -16.60 -4.95
CA GLU K 170 -34.92 -17.22 -3.78
C GLU K 170 -35.56 -18.55 -3.53
N ALA K 171 -34.75 -19.46 -3.04
CA ALA K 171 -35.25 -20.74 -2.67
C ALA K 171 -36.33 -20.61 -1.63
N PHE K 172 -37.23 -21.56 -1.61
CA PHE K 172 -38.27 -21.61 -0.62
C PHE K 172 -37.84 -22.37 0.57
N LEU K 173 -37.09 -23.42 0.35
CA LEU K 173 -36.62 -24.19 1.48
C LEU K 173 -35.12 -24.23 1.47
N HIS K 174 -34.51 -24.70 0.40
CA HIS K 174 -33.09 -24.89 0.46
C HIS K 174 -32.52 -24.95 -0.93
N TRP K 175 -31.81 -23.90 -1.24
CA TRP K 175 -31.23 -23.57 -2.51
C TRP K 175 -30.83 -24.77 -3.33
N SER K 176 -31.17 -24.74 -4.57
CA SER K 176 -31.10 -25.91 -5.40
C SER K 176 -31.81 -25.75 -6.72
N PRO K 177 -31.36 -26.40 -7.78
CA PRO K 177 -31.93 -26.08 -9.09
C PRO K 177 -33.42 -26.28 -9.16
N GLN K 178 -33.93 -27.19 -8.36
CA GLN K 178 -35.36 -27.40 -8.34
C GLN K 178 -36.09 -26.27 -7.62
N ASP K 179 -35.35 -25.54 -6.75
CA ASP K 179 -35.90 -24.67 -5.73
C ASP K 179 -35.23 -23.33 -5.76
N SER K 180 -35.42 -22.59 -6.80
CA SER K 180 -34.77 -21.32 -6.89
C SER K 180 -35.18 -20.76 -8.22
N LEU K 181 -34.65 -19.61 -8.58
CA LEU K 181 -34.85 -19.04 -9.90
C LEU K 181 -36.14 -19.42 -10.57
N TYR K 182 -37.20 -19.49 -9.82
CA TYR K 182 -38.47 -19.85 -10.40
C TYR K 182 -38.81 -18.96 -11.55
N GLY K 183 -38.69 -17.65 -11.37
CA GLY K 183 -39.20 -16.78 -12.38
C GLY K 183 -38.33 -16.69 -13.58
N SER K 184 -37.03 -16.82 -13.42
CA SER K 184 -36.16 -16.62 -14.58
C SER K 184 -36.18 -17.82 -15.45
N ARG K 185 -36.27 -18.97 -14.82
CA ARG K 185 -36.40 -20.21 -15.57
C ARG K 185 -37.66 -20.17 -16.42
N HIS K 186 -38.75 -19.70 -15.83
CA HIS K 186 -39.97 -19.51 -16.57
C HIS K 186 -39.80 -18.54 -17.70
N LEU K 187 -39.24 -17.38 -17.41
CA LEU K 187 -39.29 -16.36 -18.43
C LEU K 187 -38.23 -16.59 -19.46
N ALA K 188 -37.15 -17.21 -19.08
CA ALA K 188 -36.16 -17.59 -20.06
C ALA K 188 -36.72 -18.58 -21.04
N ALA K 189 -37.36 -19.62 -20.55
CA ALA K 189 -37.88 -20.63 -21.45
C ALA K 189 -38.97 -20.07 -22.30
N LYS K 190 -39.76 -19.17 -21.73
CA LYS K 190 -40.86 -18.55 -22.46
C LYS K 190 -40.39 -17.55 -23.43
N MET K 191 -39.24 -16.97 -23.23
CA MET K 191 -38.73 -16.09 -24.23
C MET K 191 -37.99 -16.88 -25.26
N ALA K 192 -37.36 -17.95 -24.87
CA ALA K 192 -36.67 -18.70 -25.88
C ALA K 192 -37.66 -19.20 -26.91
N SER K 193 -38.85 -19.60 -26.46
CA SER K 193 -39.89 -20.10 -27.36
C SER K 193 -40.94 -19.07 -27.72
N THR K 194 -40.59 -17.80 -27.88
CA THR K 194 -41.45 -16.80 -28.44
C THR K 194 -40.71 -16.24 -29.64
N PRO K 195 -41.24 -16.26 -30.83
CA PRO K 195 -40.52 -15.60 -31.91
C PRO K 195 -40.51 -14.09 -31.71
N HIS K 196 -39.54 -13.44 -32.33
CA HIS K 196 -39.47 -12.02 -32.32
C HIS K 196 -38.52 -11.65 -33.42
N PRO K 197 -38.84 -10.60 -34.16
CA PRO K 197 -40.01 -9.77 -33.95
C PRO K 197 -41.21 -10.50 -34.53
N PRO K 198 -42.45 -10.07 -34.25
CA PRO K 198 -43.60 -10.90 -34.57
C PRO K 198 -43.53 -11.42 -36.00
N GLY K 199 -43.94 -12.68 -36.16
CA GLY K 199 -43.93 -13.38 -37.42
C GLY K 199 -42.57 -13.82 -37.90
N ALA K 200 -41.52 -13.50 -37.18
CA ALA K 200 -40.23 -14.08 -37.50
C ALA K 200 -40.34 -15.59 -37.49
N ARG K 201 -39.48 -16.25 -38.25
CA ARG K 201 -39.63 -17.67 -38.48
C ARG K 201 -38.57 -18.53 -37.85
N GLY K 202 -37.41 -17.98 -37.48
CA GLY K 202 -36.39 -18.63 -36.64
C GLY K 202 -35.57 -17.78 -35.67
N THR K 203 -36.16 -16.80 -34.98
CA THR K 203 -35.48 -15.91 -34.05
C THR K 203 -36.41 -15.59 -32.90
N SER K 204 -35.94 -15.70 -31.67
CA SER K 204 -36.81 -15.51 -30.52
C SER K 204 -36.51 -14.23 -29.79
N GLN K 205 -37.36 -13.96 -28.84
CA GLN K 205 -37.12 -12.85 -27.98
C GLN K 205 -35.69 -12.90 -27.48
N LEU K 206 -35.21 -14.07 -27.05
CA LEU K 206 -33.86 -14.11 -26.51
C LEU K 206 -32.83 -13.71 -27.51
N HIS K 207 -33.07 -13.86 -28.78
CA HIS K 207 -32.10 -13.37 -29.72
C HIS K 207 -32.02 -11.87 -29.68
N GLY K 208 -33.03 -11.23 -29.14
CA GLY K 208 -33.03 -9.79 -29.13
C GLY K 208 -32.99 -9.36 -27.70
N MET K 209 -32.08 -10.01 -27.01
CA MET K 209 -31.58 -9.59 -25.72
C MET K 209 -30.13 -9.35 -26.00
N ASP K 210 -29.74 -8.12 -25.95
CA ASP K 210 -28.46 -7.77 -26.47
C ASP K 210 -27.39 -8.00 -25.44
N LEU K 211 -27.79 -7.81 -24.20
CA LEU K 211 -26.99 -7.91 -23.01
C LEU K 211 -27.99 -7.81 -21.91
N LEU K 212 -27.82 -8.61 -20.91
CA LEU K 212 -28.66 -8.70 -19.75
C LEU K 212 -27.84 -8.21 -18.59
N VAL K 213 -28.30 -7.18 -17.91
CA VAL K 213 -27.56 -6.58 -16.84
C VAL K 213 -28.28 -6.95 -15.59
N LEU K 214 -27.69 -7.75 -14.77
CA LEU K 214 -28.40 -8.29 -13.64
C LEU K 214 -27.90 -7.64 -12.37
N LEU K 215 -28.77 -6.94 -11.68
CA LEU K 215 -28.39 -6.36 -10.41
C LEU K 215 -28.76 -7.27 -9.28
N ASP K 216 -27.81 -7.51 -8.43
CA ASP K 216 -28.13 -8.32 -7.28
C ASP K 216 -27.10 -7.98 -6.26
N LEU K 217 -27.52 -8.08 -5.01
CA LEU K 217 -26.74 -7.84 -3.82
C LEU K 217 -26.01 -6.52 -3.82
N ILE K 218 -26.74 -5.47 -4.07
CA ILE K 218 -26.15 -4.18 -4.21
C ILE K 218 -26.60 -3.34 -3.02
N GLY K 219 -25.73 -2.41 -2.62
CA GLY K 219 -26.00 -1.52 -1.56
C GLY K 219 -25.27 -1.69 -0.31
N ALA K 220 -24.17 -2.38 -0.30
CA ALA K 220 -23.42 -2.46 0.94
C ALA K 220 -22.10 -1.77 0.79
N PRO K 221 -21.46 -1.51 1.88
CA PRO K 221 -20.21 -0.81 1.83
C PRO K 221 -19.16 -1.62 1.14
N ASN K 222 -18.52 -1.02 0.22
CA ASN K 222 -17.22 -1.50 -0.25
C ASN K 222 -17.37 -2.64 -1.23
N PRO K 223 -18.40 -2.69 -2.04
CA PRO K 223 -18.54 -3.77 -3.00
C PRO K 223 -17.40 -3.83 -3.95
N THR K 224 -17.11 -5.04 -4.41
CA THR K 224 -16.20 -5.32 -5.50
C THR K 224 -16.87 -6.29 -6.44
N PHE K 225 -16.94 -5.98 -7.73
CA PHE K 225 -17.67 -6.73 -8.70
C PHE K 225 -16.75 -7.43 -9.66
N PRO K 226 -16.73 -8.74 -9.72
CA PRO K 226 -15.87 -9.41 -10.67
C PRO K 226 -16.34 -9.28 -12.09
N ASN K 227 -15.41 -9.36 -13.00
CA ASN K 227 -15.67 -9.49 -14.42
C ASN K 227 -15.87 -10.94 -14.75
N PHE K 228 -17.10 -11.37 -14.71
CA PHE K 228 -17.42 -12.74 -14.66
C PHE K 228 -17.39 -13.42 -16.02
N PHE K 229 -17.74 -12.78 -17.10
CA PHE K 229 -17.81 -13.50 -18.36
C PHE K 229 -17.06 -12.86 -19.52
N PRO K 230 -16.41 -13.64 -20.34
CA PRO K 230 -15.68 -13.05 -21.43
C PRO K 230 -16.51 -12.47 -22.50
N ASN K 231 -17.69 -12.92 -22.71
CA ASN K 231 -18.41 -12.27 -23.78
C ASN K 231 -18.98 -10.93 -23.33
N SER K 232 -18.97 -10.64 -22.05
CA SER K 232 -19.49 -9.39 -21.57
C SER K 232 -18.39 -8.49 -21.05
N ALA K 233 -17.15 -8.93 -21.13
CA ALA K 233 -16.03 -8.24 -20.53
C ALA K 233 -15.82 -6.84 -21.07
N ARG K 234 -16.16 -6.59 -22.32
CA ARG K 234 -15.79 -5.33 -22.91
C ARG K 234 -16.67 -4.19 -22.41
N TRP K 235 -17.90 -4.55 -22.03
CA TRP K 235 -18.82 -3.76 -21.26
C TRP K 235 -18.51 -3.74 -19.77
N PHE K 236 -17.73 -4.64 -19.25
CA PHE K 236 -17.28 -4.43 -17.90
C PHE K 236 -16.18 -3.43 -17.98
N GLU K 237 -15.45 -3.44 -19.04
CA GLU K 237 -14.45 -2.44 -19.12
C GLU K 237 -15.06 -1.07 -19.27
N ARG K 238 -16.30 -0.95 -19.75
CA ARG K 238 -16.97 0.35 -19.83
C ARG K 238 -17.40 0.78 -18.45
N LEU K 239 -18.01 -0.11 -17.71
CA LEU K 239 -18.33 0.22 -16.35
C LEU K 239 -17.13 0.68 -15.58
N GLN K 240 -15.97 0.30 -16.01
CA GLN K 240 -14.77 0.69 -15.33
C GLN K 240 -14.37 2.05 -15.79
N ALA K 241 -14.44 2.30 -17.06
CA ALA K 241 -14.03 3.56 -17.56
C ALA K 241 -14.94 4.64 -17.10
N ILE K 242 -16.14 4.27 -16.72
CA ILE K 242 -17.13 5.23 -16.32
C ILE K 242 -16.93 5.59 -14.89
N GLU K 243 -16.82 4.60 -14.06
CA GLU K 243 -16.48 4.86 -12.68
C GLU K 243 -15.26 5.70 -12.57
N HIS K 244 -14.39 5.70 -13.54
CA HIS K 244 -13.12 6.38 -13.40
C HIS K 244 -13.29 7.83 -13.72
N GLU K 245 -13.91 8.08 -14.85
CA GLU K 245 -14.15 9.40 -15.30
C GLU K 245 -15.13 10.11 -14.38
N LEU K 246 -16.15 9.46 -13.91
CA LEU K 246 -16.98 10.15 -12.96
C LEU K 246 -16.19 10.53 -11.73
N HIS K 247 -15.21 9.74 -11.38
CA HIS K 247 -14.44 10.05 -10.19
C HIS K 247 -13.48 11.18 -10.51
N GLU K 248 -12.78 11.08 -11.63
CA GLU K 248 -11.77 12.05 -11.99
C GLU K 248 -12.41 13.42 -12.27
N LEU K 249 -13.72 13.51 -12.16
CA LEU K 249 -14.45 14.77 -12.25
C LEU K 249 -15.11 15.08 -10.95
N GLY K 250 -14.66 14.44 -9.90
CA GLY K 250 -15.32 14.69 -8.66
C GLY K 250 -16.81 14.55 -8.78
N LEU K 251 -17.27 13.60 -9.57
CA LEU K 251 -18.69 13.35 -9.61
C LEU K 251 -19.16 12.20 -8.77
N LEU K 252 -18.29 11.52 -8.02
CA LEU K 252 -18.75 10.50 -7.08
C LEU K 252 -18.39 10.93 -5.67
N LYS K 253 -19.10 10.37 -4.70
CA LYS K 253 -18.97 10.73 -3.29
C LYS K 253 -18.23 9.71 -2.44
N ASP K 254 -17.27 10.16 -1.63
CA ASP K 254 -16.67 9.31 -0.63
C ASP K 254 -15.97 8.13 -1.31
N HIS K 255 -15.15 8.42 -2.29
CA HIS K 255 -14.74 7.44 -3.29
C HIS K 255 -13.28 7.58 -3.70
N SER K 256 -12.54 6.57 -3.48
CA SER K 256 -11.18 6.50 -3.91
C SER K 256 -11.07 5.43 -4.94
N LEU K 257 -10.09 5.57 -5.81
CA LEU K 257 -9.77 4.54 -6.75
C LEU K 257 -9.08 3.38 -6.13
N GLU K 258 -8.75 3.44 -4.86
CA GLU K 258 -8.16 2.31 -4.19
C GLU K 258 -9.20 1.51 -3.45
N GLY K 259 -10.44 1.86 -3.64
CA GLY K 259 -11.58 1.07 -3.30
C GLY K 259 -12.59 1.22 -4.41
N ARG K 260 -12.11 1.15 -5.64
CA ARG K 260 -12.92 1.02 -6.83
C ARG K 260 -14.02 0.04 -6.57
N TYR K 261 -15.05 0.08 -7.37
CA TYR K 261 -16.09 -0.92 -7.29
C TYR K 261 -15.84 -2.01 -8.30
N PHE K 262 -15.40 -1.66 -9.46
CA PHE K 262 -15.09 -2.59 -10.49
C PHE K 262 -13.59 -2.81 -10.68
N GLN K 263 -13.02 -3.77 -9.98
CA GLN K 263 -11.59 -4.06 -10.13
C GLN K 263 -11.42 -5.15 -11.19
N ASN K 264 -10.42 -5.00 -12.08
CA ASN K 264 -10.30 -5.94 -13.21
C ASN K 264 -9.63 -7.23 -12.72
N TYR K 265 -10.43 -8.00 -12.01
CA TYR K 265 -10.08 -9.29 -11.45
C TYR K 265 -11.13 -10.28 -11.95
N SER K 266 -10.69 -11.37 -12.57
CA SER K 266 -11.62 -12.31 -13.16
C SER K 266 -12.11 -13.27 -12.09
N TYR K 267 -13.18 -13.99 -12.35
CA TYR K 267 -13.69 -14.89 -11.32
C TYR K 267 -13.46 -16.34 -11.73
N GLY K 268 -13.42 -17.19 -10.71
CA GLY K 268 -13.25 -18.61 -10.92
C GLY K 268 -14.56 -19.31 -11.18
N GLY K 269 -15.26 -19.73 -10.11
CA GLY K 269 -16.54 -20.41 -10.18
C GLY K 269 -17.67 -19.57 -10.74
N VAL K 270 -18.91 -19.99 -10.55
CA VAL K 270 -20.06 -19.21 -11.00
C VAL K 270 -21.09 -19.08 -9.90
N ILE K 271 -21.59 -17.88 -9.75
CA ILE K 271 -22.70 -17.57 -8.88
C ILE K 271 -24.00 -18.00 -9.57
N GLN K 272 -24.88 -18.71 -8.85
CA GLN K 272 -26.21 -19.02 -9.40
C GLN K 272 -27.19 -17.89 -9.13
N ASP K 273 -27.73 -17.33 -10.18
CA ASP K 273 -28.64 -16.23 -9.99
C ASP K 273 -29.55 -16.19 -11.21
N ASP K 274 -30.49 -15.28 -11.21
CA ASP K 274 -31.44 -15.25 -12.30
C ASP K 274 -30.82 -15.08 -13.68
N HIS K 275 -29.53 -15.04 -13.83
CA HIS K 275 -29.04 -15.02 -15.20
C HIS K 275 -28.86 -16.40 -15.80
N ILE K 276 -28.64 -17.42 -14.98
CA ILE K 276 -28.33 -18.76 -15.47
C ILE K 276 -29.24 -19.10 -16.62
N PRO K 277 -30.55 -19.04 -16.48
CA PRO K 277 -31.40 -19.51 -17.52
C PRO K 277 -31.25 -18.78 -18.76
N PHE K 278 -30.53 -17.71 -18.81
CA PHE K 278 -30.36 -17.00 -20.06
C PHE K 278 -28.97 -17.22 -20.55
N LEU K 279 -28.11 -17.48 -19.62
CA LEU K 279 -26.73 -17.63 -19.93
C LEU K 279 -26.48 -18.96 -20.62
N ARG K 280 -27.16 -20.00 -20.18
CA ARG K 280 -26.97 -21.26 -20.88
C ARG K 280 -27.82 -21.34 -22.08
N ARG K 281 -28.50 -20.25 -22.43
CA ARG K 281 -29.16 -20.13 -23.69
C ARG K 281 -28.54 -19.10 -24.53
N GLY K 282 -27.43 -18.58 -24.08
CA GLY K 282 -26.58 -17.82 -24.95
C GLY K 282 -26.82 -16.35 -25.00
N VAL K 283 -27.30 -15.77 -23.93
CA VAL K 283 -27.46 -14.31 -23.81
C VAL K 283 -26.29 -13.71 -23.04
N PRO K 284 -25.63 -12.72 -23.56
CA PRO K 284 -24.57 -12.07 -22.80
C PRO K 284 -25.03 -11.53 -21.46
N VAL K 285 -24.22 -11.71 -20.44
CA VAL K 285 -24.60 -11.28 -19.11
C VAL K 285 -23.48 -10.40 -18.51
N LEU K 286 -23.89 -9.25 -18.00
CA LEU K 286 -23.13 -8.48 -17.08
C LEU K 286 -23.76 -8.64 -15.77
N HIS K 287 -23.15 -9.41 -14.92
CA HIS K 287 -23.74 -9.76 -13.65
C HIS K 287 -23.19 -8.83 -12.58
N LEU K 288 -24.02 -7.92 -12.12
CA LEU K 288 -23.60 -7.00 -11.09
C LEU K 288 -24.01 -7.55 -9.77
N ILE K 289 -23.24 -8.54 -9.34
CA ILE K 289 -23.37 -9.05 -8.01
C ILE K 289 -21.98 -8.94 -7.43
N PRO K 290 -21.80 -8.53 -6.18
CA PRO K 290 -20.46 -8.35 -5.62
C PRO K 290 -19.82 -9.66 -5.17
N SER K 291 -18.50 -9.68 -5.08
CA SER K 291 -17.85 -10.78 -4.39
C SER K 291 -16.78 -10.27 -3.58
N PRO K 292 -16.87 -10.50 -2.32
CA PRO K 292 -17.83 -11.30 -1.61
C PRO K 292 -19.31 -10.81 -1.61
N PHE K 293 -20.10 -11.40 -0.86
CA PHE K 293 -21.44 -10.98 -0.64
C PHE K 293 -21.45 -10.00 0.50
N PRO K 294 -22.49 -9.23 0.67
CA PRO K 294 -22.59 -8.42 1.85
C PRO K 294 -22.49 -9.20 3.13
N GLU K 295 -21.83 -8.69 4.13
CA GLU K 295 -21.83 -9.43 5.35
C GLU K 295 -23.17 -9.70 5.91
N VAL K 296 -24.20 -9.00 5.47
CA VAL K 296 -25.52 -9.18 6.07
C VAL K 296 -26.38 -10.14 5.29
N TRP K 297 -25.88 -10.66 4.21
CA TRP K 297 -26.64 -11.50 3.32
C TRP K 297 -27.41 -12.51 4.14
N HIS K 298 -28.64 -12.75 3.73
CA HIS K 298 -29.58 -13.63 4.39
C HIS K 298 -29.55 -13.68 5.91
N THR K 299 -29.30 -12.52 6.54
CA THR K 299 -29.54 -12.24 7.95
C THR K 299 -30.58 -11.18 8.11
N MET K 300 -31.07 -11.03 9.32
CA MET K 300 -32.04 -10.01 9.54
C MET K 300 -31.43 -8.62 9.45
N ASP K 301 -30.16 -8.46 9.69
CA ASP K 301 -29.53 -7.17 9.54
C ASP K 301 -29.42 -6.71 8.09
N ASP K 302 -30.18 -7.26 7.20
CA ASP K 302 -30.08 -6.82 5.83
C ASP K 302 -31.20 -5.82 5.65
N ASN K 303 -31.01 -4.77 6.39
CA ASN K 303 -32.05 -3.84 6.61
C ASN K 303 -31.58 -2.51 6.12
N GLU K 304 -32.43 -1.50 6.29
CA GLU K 304 -32.12 -0.17 5.76
C GLU K 304 -31.04 0.45 6.57
N GLU K 305 -30.98 0.11 7.85
CA GLU K 305 -30.02 0.69 8.74
C GLU K 305 -28.61 0.45 8.24
N ASN K 306 -28.39 -0.65 7.51
CA ASN K 306 -27.06 -1.03 7.08
C ASN K 306 -26.75 -0.76 5.64
N LEU K 307 -27.52 0.00 4.95
CA LEU K 307 -27.20 0.37 3.59
C LEU K 307 -26.26 1.56 3.49
N ASP K 308 -25.35 1.58 2.51
CA ASP K 308 -24.44 2.72 2.32
C ASP K 308 -25.03 3.59 1.24
N GLU K 309 -25.70 4.67 1.68
CA GLU K 309 -26.29 5.67 0.81
C GLU K 309 -25.29 6.23 -0.20
N SER K 310 -24.06 6.50 0.21
CA SER K 310 -23.10 7.07 -0.73
C SER K 310 -22.81 6.10 -1.87
N THR K 311 -22.60 4.82 -1.53
CA THR K 311 -22.27 3.81 -2.51
C THR K 311 -23.41 3.61 -3.48
N ILE K 312 -24.62 3.54 -2.98
CA ILE K 312 -25.74 3.43 -3.88
C ILE K 312 -25.81 4.63 -4.80
N ASP K 313 -25.71 5.82 -4.25
CA ASP K 313 -25.75 7.01 -5.09
C ASP K 313 -24.66 6.97 -6.14
N ASN K 314 -23.50 6.44 -5.80
CA ASN K 314 -22.47 6.33 -6.80
C ASN K 314 -22.78 5.26 -7.84
N LEU K 315 -23.48 4.21 -7.49
CA LEU K 315 -23.76 3.22 -8.50
C LEU K 315 -24.90 3.62 -9.37
N ASN K 316 -25.84 4.37 -8.86
CA ASN K 316 -26.84 4.96 -9.75
C ASN K 316 -26.20 5.76 -10.88
N LYS K 317 -25.24 6.59 -10.57
CA LYS K 317 -24.69 7.39 -11.64
C LYS K 317 -24.07 6.53 -12.66
N ILE K 318 -23.30 5.52 -12.23
CA ILE K 318 -22.56 4.66 -13.16
C ILE K 318 -23.51 3.92 -14.07
N LEU K 319 -24.58 3.41 -13.50
CA LEU K 319 -25.53 2.67 -14.27
C LEU K 319 -26.30 3.57 -15.24
N GLN K 320 -26.63 4.78 -14.83
CA GLN K 320 -27.39 5.63 -15.74
C GLN K 320 -26.56 6.09 -16.89
N VAL K 321 -25.29 6.27 -16.70
CA VAL K 321 -24.40 6.54 -17.82
C VAL K 321 -24.21 5.32 -18.70
N PHE K 322 -24.15 4.14 -18.12
CA PHE K 322 -23.85 2.99 -18.96
C PHE K 322 -24.96 2.74 -19.96
N VAL K 323 -26.19 2.89 -19.50
CA VAL K 323 -27.36 2.68 -20.27
C VAL K 323 -27.49 3.67 -21.37
N LEU K 324 -27.07 4.88 -21.14
CA LEU K 324 -27.23 5.87 -22.16
C LEU K 324 -26.18 5.72 -23.23
N GLU K 325 -24.98 5.29 -22.88
CA GLU K 325 -23.98 5.17 -23.91
C GLU K 325 -24.23 3.93 -24.70
N TYR K 326 -24.99 3.01 -24.15
CA TYR K 326 -25.32 1.81 -24.90
C TYR K 326 -26.38 2.19 -25.89
N LEU K 327 -27.46 2.68 -25.36
CA LEU K 327 -28.58 3.21 -26.07
C LEU K 327 -28.28 4.41 -26.96
N HIS K 328 -27.07 4.93 -27.01
CA HIS K 328 -26.80 6.02 -27.92
C HIS K 328 -27.75 7.17 -27.72
N LEU K 329 -28.11 7.38 -26.47
CA LEU K 329 -28.90 8.48 -26.10
C LEU K 329 -27.93 9.51 -25.65
N ALA L 1 -23.18 74.67 33.13
CA ALA L 1 -22.54 73.60 32.37
C ALA L 1 -22.05 72.50 33.27
N SER L 2 -21.71 71.37 32.66
CA SER L 2 -21.09 70.25 33.33
C SER L 2 -19.64 70.11 32.90
N ALA L 3 -18.94 69.21 33.58
CA ALA L 3 -17.51 69.05 33.37
C ALA L 3 -17.15 68.02 32.31
N TRP L 4 -18.07 67.11 31.96
CA TRP L 4 -17.67 65.94 31.18
C TRP L 4 -17.26 66.24 29.74
N PRO L 5 -17.76 67.30 29.11
CA PRO L 5 -17.21 67.64 27.81
C PRO L 5 -15.74 67.93 27.82
N GLU L 6 -15.12 68.15 28.98
CA GLU L 6 -13.72 68.54 28.99
C GLU L 6 -12.80 67.33 29.09
N GLU L 7 -13.36 66.15 29.30
CA GLU L 7 -12.54 64.95 29.49
C GLU L 7 -11.71 64.64 28.26
N LYS L 8 -12.32 64.69 27.11
CA LYS L 8 -11.54 64.53 25.90
C LYS L 8 -10.23 65.30 25.82
N ASN L 9 -9.87 66.16 26.78
CA ASN L 9 -8.52 66.73 26.76
C ASN L 9 -7.57 66.06 27.71
N TYR L 10 -8.08 65.44 28.74
CA TYR L 10 -7.28 64.87 29.79
C TYR L 10 -7.17 63.37 29.62
N HIS L 11 -8.06 62.82 28.80
CA HIS L 11 -8.06 61.43 28.42
C HIS L 11 -6.75 61.01 27.82
N GLN L 12 -6.23 59.89 28.32
CA GLN L 12 -4.99 59.23 27.98
C GLN L 12 -5.25 57.82 27.47
N PRO L 13 -4.42 57.35 26.55
CA PRO L 13 -4.44 55.94 26.15
C PRO L 13 -3.86 55.00 27.14
N ALA L 14 -4.52 53.89 27.32
CA ALA L 14 -3.96 52.72 27.96
C ALA L 14 -3.19 51.93 26.91
N ILE L 15 -1.89 52.21 26.82
CA ILE L 15 -1.00 51.70 25.78
C ILE L 15 -0.77 50.20 25.93
N LEU L 16 -0.40 49.55 24.83
CA LEU L 16 -0.34 48.10 24.80
C LEU L 16 1.09 47.54 24.84
N ASN L 17 1.26 46.39 25.47
CA ASN L 17 2.64 45.89 25.52
C ASN L 17 3.02 45.17 24.25
N SER L 18 4.25 44.70 24.19
CA SER L 18 4.74 43.93 23.04
C SER L 18 3.87 42.71 22.75
N SER L 19 3.50 41.95 23.77
CA SER L 19 2.61 40.85 23.52
C SER L 19 1.30 41.34 22.95
N ALA L 20 0.47 42.03 23.73
CA ALA L 20 -0.83 42.42 23.24
C ALA L 20 -0.73 43.03 21.87
N LEU L 21 0.33 43.70 21.59
CA LEU L 21 0.40 44.22 20.25
C LEU L 21 0.68 43.18 19.20
N ARG L 22 1.20 42.01 19.55
CA ARG L 22 1.22 40.87 18.62
C ARG L 22 -0.19 40.33 18.46
N GLN L 23 -0.94 40.27 19.56
CA GLN L 23 -2.26 39.68 19.59
C GLN L 23 -3.25 40.52 18.79
N ILE L 24 -2.89 41.75 18.48
CA ILE L 24 -3.72 42.55 17.61
C ILE L 24 -3.32 42.37 16.19
N ALA L 25 -2.11 42.46 15.83
CA ALA L 25 -1.78 42.11 14.46
C ALA L 25 -2.27 40.71 14.06
N GLU L 26 -2.12 39.74 14.93
CA GLU L 26 -2.53 38.41 14.57
C GLU L 26 -4.05 38.27 14.54
N GLY L 27 -4.77 39.27 14.95
CA GLY L 27 -6.21 39.24 14.95
C GLY L 27 -7.01 39.78 13.81
N THR L 28 -6.44 40.31 12.73
CA THR L 28 -7.15 40.81 11.55
C THR L 28 -6.68 40.08 10.31
N SER L 29 -7.57 39.93 9.34
CA SER L 29 -7.21 39.25 8.13
C SER L 29 -7.36 40.13 6.94
N ILE L 30 -6.29 40.53 6.34
CA ILE L 30 -6.43 41.33 5.17
C ILE L 30 -7.15 40.62 4.08
N SER L 31 -7.35 39.35 4.17
CA SER L 31 -7.99 38.79 2.99
C SER L 31 -9.42 38.43 3.27
N GLU L 32 -9.78 38.22 4.53
CA GLU L 32 -11.18 38.27 4.89
C GLU L 32 -11.74 39.62 4.53
N MET L 33 -11.09 40.68 4.94
CA MET L 33 -11.50 41.97 4.48
C MET L 33 -11.67 42.00 3.01
N TRP L 34 -10.69 41.56 2.27
CA TRP L 34 -10.72 41.77 0.85
C TRP L 34 -11.91 41.11 0.18
N GLN L 35 -12.26 39.94 0.61
CA GLN L 35 -13.19 39.18 -0.18
C GLN L 35 -14.57 39.33 0.40
N ASN L 36 -14.67 39.43 1.69
CA ASN L 36 -15.96 39.60 2.32
C ASN L 36 -16.40 41.05 2.60
N ASP L 37 -15.54 42.07 2.52
CA ASP L 37 -15.98 43.38 2.98
C ASP L 37 -15.70 44.43 1.94
N LEU L 38 -14.72 44.20 1.13
CA LEU L 38 -14.26 45.22 0.24
C LEU L 38 -14.78 45.05 -1.14
N GLN L 39 -14.95 43.87 -1.56
CA GLN L 39 -15.13 43.62 -2.96
C GLN L 39 -16.57 43.79 -3.33
N PRO L 40 -17.44 43.47 -2.44
CA PRO L 40 -18.79 43.93 -2.56
C PRO L 40 -18.99 45.37 -2.86
N LEU L 41 -18.14 46.24 -2.35
CA LEU L 41 -18.26 47.67 -2.49
C LEU L 41 -17.65 48.19 -3.74
N LEU L 42 -17.16 47.38 -4.62
CA LEU L 42 -16.38 47.97 -5.67
C LEU L 42 -17.21 48.13 -6.87
N ILE L 43 -18.32 48.81 -6.66
CA ILE L 43 -19.36 48.95 -7.65
C ILE L 43 -19.69 50.40 -7.74
N GLU L 44 -20.29 50.81 -8.85
CA GLU L 44 -20.71 52.20 -9.03
C GLU L 44 -21.71 52.51 -7.95
N ARG L 45 -21.44 53.51 -7.11
CA ARG L 45 -22.32 53.71 -5.98
C ARG L 45 -22.56 55.20 -5.74
N TYR L 46 -22.73 55.98 -6.77
CA TYR L 46 -23.22 57.30 -6.59
C TYR L 46 -24.59 57.31 -5.97
N PRO L 47 -24.97 58.42 -5.35
CA PRO L 47 -26.12 58.39 -4.46
C PRO L 47 -27.40 58.29 -5.25
N GLY L 48 -28.40 57.80 -4.61
CA GLY L 48 -29.55 57.40 -5.39
C GLY L 48 -29.48 56.23 -6.39
N SER L 49 -28.32 55.79 -6.83
CA SER L 49 -28.22 54.71 -7.79
C SER L 49 -28.46 53.42 -7.11
N PRO L 50 -28.69 52.37 -7.86
CA PRO L 50 -28.86 51.05 -7.23
C PRO L 50 -27.60 50.60 -6.47
N GLY L 51 -26.42 51.08 -6.86
CA GLY L 51 -25.22 50.76 -6.14
C GLY L 51 -25.22 51.31 -4.72
N SER L 52 -25.63 52.56 -4.55
CA SER L 52 -25.83 53.08 -3.25
C SER L 52 -26.76 52.22 -2.44
N TYR L 53 -27.84 51.70 -2.99
CA TYR L 53 -28.67 50.88 -2.11
C TYR L 53 -27.95 49.61 -1.72
N ALA L 54 -27.29 48.94 -2.66
CA ALA L 54 -26.58 47.70 -2.34
C ALA L 54 -25.51 47.93 -1.32
N ALA L 55 -24.69 48.93 -1.54
CA ALA L 55 -23.67 49.27 -0.58
C ALA L 55 -24.23 49.42 0.79
N ARG L 56 -25.21 50.28 0.91
CA ARG L 56 -25.88 50.53 2.17
C ARG L 56 -26.26 49.23 2.84
N GLN L 57 -26.67 48.27 2.08
CA GLN L 57 -27.22 47.07 2.67
C GLN L 57 -26.13 46.10 3.08
N HIS L 58 -25.18 45.87 2.19
CA HIS L 58 -23.92 45.24 2.53
C HIS L 58 -23.31 45.75 3.82
N ILE L 59 -23.16 47.06 3.97
CA ILE L 59 -22.55 47.54 5.20
C ILE L 59 -23.34 47.09 6.39
N MET L 60 -24.66 47.09 6.30
CA MET L 60 -25.49 46.74 7.44
C MET L 60 -25.50 45.27 7.75
N GLN L 61 -25.38 44.44 6.72
CA GLN L 61 -25.35 43.01 6.95
C GLN L 61 -24.04 42.60 7.58
N ARG L 62 -22.98 43.32 7.29
CA ARG L 62 -21.71 42.94 7.89
C ARG L 62 -21.65 43.29 9.35
N ILE L 63 -22.17 44.45 9.74
CA ILE L 63 -22.22 44.81 11.14
C ILE L 63 -23.26 44.05 11.91
N GLN L 64 -24.25 43.50 11.23
CA GLN L 64 -25.33 42.89 11.99
C GLN L 64 -24.92 41.53 12.51
N ARG L 65 -24.09 40.85 11.75
CA ARG L 65 -23.62 39.52 12.10
C ARG L 65 -22.53 39.50 13.12
N LEU L 66 -22.09 40.62 13.60
CA LEU L 66 -21.15 40.61 14.68
C LEU L 66 -21.87 40.42 15.99
N GLN L 67 -21.11 40.16 17.04
CA GLN L 67 -21.65 39.90 18.34
C GLN L 67 -21.88 41.16 19.12
N ALA L 68 -20.97 42.09 18.99
CA ALA L 68 -21.11 43.32 19.69
C ALA L 68 -22.42 43.99 19.32
N ASP L 69 -22.89 44.85 20.19
CA ASP L 69 -24.28 45.29 20.17
C ASP L 69 -24.40 46.64 19.47
N TRP L 70 -24.10 46.63 18.18
CA TRP L 70 -24.24 47.82 17.36
C TRP L 70 -25.68 48.16 17.19
N VAL L 71 -25.92 49.46 17.09
CA VAL L 71 -27.22 50.02 16.79
C VAL L 71 -27.09 50.76 15.48
N LEU L 72 -27.72 50.27 14.44
CA LEU L 72 -27.67 51.03 13.20
C LEU L 72 -28.83 52.04 13.09
N GLU L 73 -28.78 52.85 12.02
CA GLU L 73 -29.49 54.10 11.91
C GLU L 73 -29.32 54.58 10.51
N ILE L 74 -30.35 54.51 9.71
CA ILE L 74 -30.35 55.26 8.48
C ILE L 74 -30.87 56.62 8.74
N ASP L 75 -30.10 57.59 8.31
CA ASP L 75 -30.43 58.97 8.48
C ASP L 75 -30.52 59.41 7.04
N THR L 76 -31.73 59.32 6.52
CA THR L 76 -32.07 59.71 5.18
C THR L 76 -32.67 61.10 5.09
N PHE L 77 -32.32 61.82 4.05
CA PHE L 77 -32.62 63.21 4.03
C PHE L 77 -32.63 63.71 2.61
N LEU L 78 -33.11 64.91 2.43
CA LEU L 78 -33.21 65.49 1.11
C LEU L 78 -32.35 66.71 1.10
N SER L 79 -31.77 66.99 -0.04
CA SER L 79 -30.97 68.16 -0.07
C SER L 79 -30.84 68.61 -1.50
N GLN L 80 -30.64 69.88 -1.69
CA GLN L 80 -30.70 70.41 -3.03
C GLN L 80 -29.40 70.10 -3.70
N THR L 81 -29.40 69.99 -5.02
CA THR L 81 -28.18 69.75 -5.76
C THR L 81 -28.29 70.36 -7.12
N PRO L 82 -27.24 70.50 -7.79
CA PRO L 82 -27.24 70.97 -9.14
C PRO L 82 -28.10 70.26 -10.15
N TYR L 83 -28.72 69.19 -9.74
CA TYR L 83 -29.70 68.54 -10.56
C TYR L 83 -31.05 68.54 -9.87
N GLY L 84 -31.19 69.19 -8.76
CA GLY L 84 -32.46 69.22 -8.09
C GLY L 84 -32.38 68.49 -6.79
N TYR L 85 -33.51 68.33 -6.14
CA TYR L 85 -33.49 67.61 -4.89
C TYR L 85 -33.21 66.17 -5.18
N ARG L 86 -32.59 65.51 -4.20
CA ARG L 86 -32.00 64.20 -4.34
C ARG L 86 -31.86 63.70 -2.92
N SER L 87 -32.05 62.42 -2.70
CA SER L 87 -32.00 61.78 -1.39
C SER L 87 -30.66 61.13 -1.15
N PHE L 88 -30.30 60.95 0.10
CA PHE L 88 -28.96 60.67 0.57
C PHE L 88 -29.14 59.88 1.83
N SER L 89 -28.39 58.82 2.07
CA SER L 89 -28.63 58.10 3.31
C SER L 89 -27.29 57.84 3.93
N ASN L 90 -27.10 58.33 5.13
CA ASN L 90 -25.92 58.17 5.91
C ASN L 90 -26.10 56.94 6.73
N ILE L 91 -25.01 56.25 7.04
CA ILE L 91 -25.12 55.08 7.88
C ILE L 91 -24.36 55.36 9.11
N ILE L 92 -24.95 55.05 10.24
CA ILE L 92 -24.41 55.35 11.54
C ILE L 92 -24.51 54.08 12.29
N SER L 93 -23.39 53.58 12.75
CA SER L 93 -23.37 52.40 13.59
C SER L 93 -22.82 52.82 14.92
N THR L 94 -23.35 52.27 15.99
CA THR L 94 -23.05 52.83 17.31
C THR L 94 -23.21 51.84 18.46
N LEU L 95 -22.23 51.89 19.34
CA LEU L 95 -22.20 51.05 20.51
C LEU L 95 -22.61 51.84 21.72
N ASN L 96 -23.58 51.32 22.42
CA ASN L 96 -23.97 52.00 23.65
C ASN L 96 -24.13 53.46 23.32
N PRO L 97 -25.22 53.77 22.63
CA PRO L 97 -25.51 55.13 22.23
C PRO L 97 -25.70 56.10 23.37
N THR L 98 -25.84 55.62 24.60
CA THR L 98 -25.66 56.46 25.77
C THR L 98 -24.19 56.80 25.98
N ALA L 99 -23.30 55.81 25.91
CA ALA L 99 -21.88 56.09 26.15
C ALA L 99 -21.58 57.54 25.82
N LYS L 100 -22.13 58.45 26.62
CA LYS L 100 -22.01 59.89 26.45
C LYS L 100 -20.95 60.31 25.48
N ARG L 101 -19.73 59.87 25.71
CA ARG L 101 -18.64 60.14 24.78
C ARG L 101 -18.52 59.06 23.73
N HIS L 102 -17.93 59.43 22.61
CA HIS L 102 -17.71 58.43 21.58
C HIS L 102 -16.49 58.81 20.80
N LEU L 103 -15.62 57.84 20.60
CA LEU L 103 -14.64 57.98 19.57
C LEU L 103 -15.30 57.58 18.29
N VAL L 104 -15.03 58.30 17.24
CA VAL L 104 -15.86 58.16 16.07
C VAL L 104 -14.95 57.95 14.91
N LEU L 105 -15.18 56.91 14.15
CA LEU L 105 -14.40 56.65 12.97
C LEU L 105 -15.25 56.87 11.78
N ALA L 106 -14.70 57.42 10.72
CA ALA L 106 -15.61 57.66 9.62
C ALA L 106 -14.96 57.64 8.26
N CYS L 107 -15.74 57.30 7.25
CA CYS L 107 -15.36 57.49 5.85
C CYS L 107 -16.60 57.91 5.07
N HIS L 108 -16.48 57.96 3.76
CA HIS L 108 -17.63 57.99 2.88
C HIS L 108 -17.81 56.79 1.97
N TYR L 109 -19.01 56.25 1.97
CA TYR L 109 -19.40 55.18 1.06
C TYR L 109 -20.01 55.58 -0.26
N ASP L 110 -20.21 56.81 -0.62
CA ASP L 110 -20.57 56.94 -2.01
C ASP L 110 -19.35 56.90 -2.92
N SER L 111 -19.59 56.93 -4.20
CA SER L 111 -18.66 56.96 -5.29
C SER L 111 -19.02 58.21 -6.07
N LYS L 112 -18.08 58.73 -6.79
CA LYS L 112 -18.36 59.93 -7.52
C LYS L 112 -19.05 59.58 -8.80
N TYR L 113 -20.13 60.27 -9.12
CA TYR L 113 -20.75 60.02 -10.39
C TYR L 113 -19.78 60.37 -11.48
N PHE L 114 -19.77 59.54 -12.50
CA PHE L 114 -19.14 59.88 -13.75
C PHE L 114 -20.04 59.38 -14.86
N SER L 115 -19.72 59.71 -16.10
CA SER L 115 -20.35 59.06 -17.22
C SER L 115 -19.37 58.07 -17.84
N HIS L 116 -19.80 56.83 -18.04
CA HIS L 116 -18.96 55.74 -18.53
C HIS L 116 -18.03 56.23 -19.62
N TRP L 117 -16.74 55.92 -19.46
CA TRP L 117 -15.68 56.29 -20.40
C TRP L 117 -14.96 55.03 -20.79
N ASN L 118 -14.74 54.82 -22.09
CA ASN L 118 -14.13 53.59 -22.56
C ASN L 118 -14.96 52.39 -22.09
N ASN L 119 -16.25 52.54 -21.85
CA ASN L 119 -17.00 51.47 -21.21
C ASN L 119 -16.36 51.19 -19.86
N ARG L 120 -15.99 52.25 -19.14
CA ARG L 120 -15.34 52.14 -17.84
C ARG L 120 -16.15 52.87 -16.79
N VAL L 121 -16.21 52.28 -15.61
CA VAL L 121 -17.03 52.75 -14.51
C VAL L 121 -16.10 53.11 -13.35
N PHE L 122 -16.31 54.26 -12.73
CA PHE L 122 -15.53 54.64 -11.56
C PHE L 122 -16.06 53.95 -10.33
N VAL L 123 -15.22 53.20 -9.63
CA VAL L 123 -15.62 52.49 -8.43
C VAL L 123 -14.86 52.94 -7.23
N GLY L 124 -13.84 53.71 -7.40
CA GLY L 124 -13.25 54.39 -6.28
C GLY L 124 -12.78 53.50 -5.16
N ALA L 125 -11.63 52.87 -5.37
CA ALA L 125 -11.06 51.97 -4.39
C ALA L 125 -10.52 52.71 -3.17
N THR L 126 -9.78 53.78 -3.43
CA THR L 126 -9.19 54.58 -2.36
C THR L 126 -10.03 55.83 -2.09
N ASP L 127 -11.29 55.80 -2.48
CA ASP L 127 -12.17 56.94 -2.26
C ASP L 127 -13.51 56.59 -1.64
N SER L 128 -13.45 55.65 -0.74
CA SER L 128 -12.25 54.96 -0.35
C SER L 128 -12.65 53.49 -0.37
N ALA L 129 -12.94 52.98 -1.57
CA ALA L 129 -13.35 51.59 -1.79
C ALA L 129 -12.45 50.72 -0.94
N VAL L 130 -11.98 51.35 0.12
CA VAL L 130 -11.07 50.76 1.10
C VAL L 130 -11.28 51.30 2.50
N PRO L 131 -11.41 52.58 2.73
CA PRO L 131 -11.80 52.99 4.09
C PRO L 131 -13.06 52.35 4.63
N CYS L 132 -14.08 52.10 3.83
CA CYS L 132 -15.27 51.54 4.45
C CYS L 132 -14.95 50.21 4.97
N ALA L 133 -14.15 49.48 4.19
CA ALA L 133 -13.74 48.11 4.50
C ALA L 133 -12.88 48.04 5.72
N MET L 134 -11.94 48.94 5.85
CA MET L 134 -11.17 49.01 7.09
C MET L 134 -12.04 49.12 8.31
N MET L 135 -13.15 49.82 8.24
CA MET L 135 -14.01 49.96 9.40
C MET L 135 -14.83 48.71 9.62
N LEU L 136 -15.24 48.04 8.57
CA LEU L 136 -15.87 46.74 8.79
C LEU L 136 -14.91 45.69 9.31
N GLU L 137 -13.66 45.73 8.87
CA GLU L 137 -12.68 44.74 9.29
C GLU L 137 -12.28 44.91 10.74
N LEU L 138 -12.20 46.15 11.19
CA LEU L 138 -11.91 46.42 12.58
C LEU L 138 -13.07 46.02 13.44
N ALA L 139 -14.25 46.27 12.94
CA ALA L 139 -15.42 45.96 13.69
C ALA L 139 -15.50 44.47 13.94
N ARG L 140 -14.94 43.67 13.01
CA ARG L 140 -14.73 42.22 13.16
C ARG L 140 -13.50 41.88 13.98
N ALA L 141 -12.36 42.36 13.58
CA ALA L 141 -11.20 42.01 14.34
C ALA L 141 -11.40 42.27 15.81
N LEU L 142 -12.12 43.30 16.16
CA LEU L 142 -12.16 43.70 17.54
C LEU L 142 -13.45 43.36 18.23
N ASP L 143 -14.36 42.69 17.57
CA ASP L 143 -15.62 42.35 18.17
C ASP L 143 -15.54 41.85 19.58
N LYS L 144 -14.95 40.70 19.77
CA LYS L 144 -15.00 40.06 21.08
C LYS L 144 -14.54 41.00 22.15
N LYS L 145 -13.82 42.02 21.80
CA LYS L 145 -13.36 42.98 22.78
C LYS L 145 -14.34 44.11 22.94
N LEU L 146 -15.03 44.49 21.88
CA LEU L 146 -16.06 45.48 22.01
C LEU L 146 -17.23 44.92 22.77
N LEU L 147 -17.50 43.64 22.58
CA LEU L 147 -18.52 43.00 23.36
C LEU L 147 -18.41 43.32 24.82
N SER L 148 -17.27 43.81 25.25
CA SER L 148 -17.03 44.16 26.64
C SER L 148 -17.77 45.41 27.03
N LEU L 149 -18.12 46.21 26.05
CA LEU L 149 -18.95 47.40 26.23
C LEU L 149 -20.39 46.94 26.22
N LYS L 150 -20.76 46.38 27.34
CA LYS L 150 -22.03 45.76 27.62
C LYS L 150 -22.92 45.65 26.43
N PRO L 157 -14.28 55.71 32.75
CA PRO L 157 -14.61 56.69 31.74
C PRO L 157 -15.78 56.20 30.92
N ASP L 158 -16.84 57.01 30.70
CA ASP L 158 -18.07 56.66 29.94
C ASP L 158 -17.89 56.98 28.45
N LEU L 159 -17.47 56.01 27.65
CA LEU L 159 -16.89 56.26 26.34
C LEU L 159 -17.06 54.99 25.54
N SER L 160 -17.34 55.10 24.24
CA SER L 160 -17.62 53.96 23.42
C SER L 160 -17.34 54.38 22.02
N LEU L 161 -17.86 53.64 21.07
CA LEU L 161 -17.41 53.81 19.68
C LEU L 161 -18.56 53.89 18.69
N GLN L 162 -18.32 54.66 17.65
CA GLN L 162 -19.29 54.85 16.65
C GLN L 162 -18.56 54.89 15.34
N LEU L 163 -19.17 54.27 14.34
CA LEU L 163 -18.70 54.33 12.99
C LEU L 163 -19.71 55.08 12.17
N ILE L 164 -19.24 55.83 11.21
CA ILE L 164 -20.14 56.60 10.38
C ILE L 164 -19.69 56.52 8.93
N PHE L 165 -20.60 56.12 8.07
CA PHE L 165 -20.37 56.15 6.64
C PHE L 165 -21.23 57.27 6.03
N PHE L 166 -20.63 58.18 5.37
CA PHE L 166 -21.43 59.30 4.91
C PHE L 166 -21.91 59.03 3.52
N ASP L 167 -23.09 59.50 3.18
CA ASP L 167 -23.48 59.50 1.80
C ASP L 167 -23.18 60.81 1.14
N GLY L 168 -23.36 60.80 -0.13
CA GLY L 168 -22.80 61.84 -0.95
C GLY L 168 -21.71 62.76 -0.46
N GLU L 169 -20.58 62.24 -0.01
CA GLU L 169 -19.42 63.11 0.20
C GLU L 169 -19.10 63.90 -1.03
N GLU L 170 -19.13 63.28 -2.17
CA GLU L 170 -18.50 63.88 -3.33
C GLU L 170 -19.40 64.89 -3.99
N ALA L 171 -18.81 65.70 -4.84
CA ALA L 171 -19.55 66.63 -5.68
C ALA L 171 -20.37 65.93 -6.74
N PHE L 172 -21.45 66.57 -7.18
CA PHE L 172 -22.17 65.98 -8.29
C PHE L 172 -21.70 66.52 -9.61
N LEU L 173 -21.42 67.81 -9.67
CA LEU L 173 -20.93 68.42 -10.89
C LEU L 173 -19.59 69.10 -10.73
N HIS L 174 -19.43 70.00 -9.77
CA HIS L 174 -18.14 70.65 -9.63
C HIS L 174 -17.95 71.09 -8.19
N TRP L 175 -16.87 70.62 -7.60
CA TRP L 175 -16.52 70.78 -6.20
C TRP L 175 -16.68 72.22 -5.73
N SER L 176 -17.52 72.41 -4.75
CA SER L 176 -17.91 73.73 -4.38
C SER L 176 -18.72 73.67 -3.10
N PRO L 177 -18.61 74.64 -2.22
CA PRO L 177 -19.24 74.49 -0.91
C PRO L 177 -20.66 74.04 -0.95
N GLN L 178 -21.33 74.33 -2.04
CA GLN L 178 -22.72 74.03 -2.15
C GLN L 178 -22.94 72.67 -2.79
N ASP L 179 -21.96 72.20 -3.54
CA ASP L 179 -22.03 70.96 -4.29
C ASP L 179 -20.99 69.98 -3.74
N SER L 180 -21.19 69.55 -2.51
CA SER L 180 -20.27 68.66 -1.90
C SER L 180 -20.69 68.43 -0.50
N LEU L 181 -20.00 67.58 0.20
CA LEU L 181 -20.26 67.21 1.56
C LEU L 181 -21.73 67.21 1.94
N TYR L 182 -22.51 66.45 1.22
CA TYR L 182 -23.90 66.45 1.55
C TYR L 182 -24.20 65.71 2.82
N GLY L 183 -23.53 64.70 3.17
CA GLY L 183 -24.09 63.93 4.26
C GLY L 183 -23.51 64.32 5.59
N SER L 184 -22.40 64.99 5.54
CA SER L 184 -21.77 65.44 6.75
C SER L 184 -22.11 66.89 7.07
N ARG L 185 -22.40 67.73 6.07
CA ARG L 185 -23.10 68.97 6.42
C ARG L 185 -24.44 68.62 7.04
N HIS L 186 -25.10 67.65 6.55
CA HIS L 186 -26.31 67.31 7.25
C HIS L 186 -26.08 66.83 8.65
N LEU L 187 -25.44 65.71 8.81
CA LEU L 187 -25.37 65.07 10.11
C LEU L 187 -24.62 65.89 11.13
N ALA L 188 -23.59 66.60 10.70
CA ALA L 188 -22.98 67.54 11.59
C ALA L 188 -24.13 68.24 12.24
N ALA L 189 -24.80 69.09 11.46
CA ALA L 189 -25.86 69.94 11.98
C ALA L 189 -26.84 69.18 12.81
N LYS L 190 -27.19 67.99 12.42
CA LYS L 190 -28.23 67.34 13.18
C LYS L 190 -27.77 67.09 14.57
N MET L 191 -26.51 66.70 14.74
CA MET L 191 -26.03 66.34 16.07
C MET L 191 -25.77 67.59 16.89
N ALA L 192 -25.10 68.58 16.32
CA ALA L 192 -25.01 69.92 16.89
C ALA L 192 -26.28 70.42 17.58
N SER L 193 -27.39 69.80 17.31
CA SER L 193 -28.66 70.25 17.80
C SER L 193 -29.43 69.12 18.43
N THR L 194 -28.83 68.01 18.69
CA THR L 194 -29.49 66.99 19.41
C THR L 194 -28.92 66.92 20.80
N PRO L 195 -29.72 66.91 21.85
CA PRO L 195 -29.12 66.97 23.16
C PRO L 195 -28.58 65.60 23.49
N HIS L 196 -27.34 65.58 23.91
CA HIS L 196 -26.76 64.36 24.33
C HIS L 196 -26.21 64.72 25.66
N PRO L 197 -26.45 63.93 26.66
CA PRO L 197 -27.26 62.74 26.60
C PRO L 197 -28.69 63.15 26.55
N PRO L 198 -29.60 62.20 26.37
CA PRO L 198 -31.00 62.52 26.41
C PRO L 198 -31.30 63.44 27.60
N GLY L 199 -32.36 64.23 27.47
CA GLY L 199 -32.79 65.05 28.56
C GLY L 199 -31.81 66.10 28.97
N ALA L 200 -30.61 66.08 28.46
CA ALA L 200 -29.70 67.12 28.85
C ALA L 200 -30.24 68.40 28.30
N ARG L 201 -29.56 69.48 28.59
CA ARG L 201 -30.04 70.80 28.32
C ARG L 201 -28.93 71.70 27.84
N GLY L 202 -27.73 71.21 27.63
CA GLY L 202 -26.71 72.13 27.22
C GLY L 202 -25.70 71.54 26.25
N THR L 203 -25.82 70.26 25.94
CA THR L 203 -24.77 69.49 25.30
C THR L 203 -25.29 68.74 24.10
N SER L 204 -24.63 68.93 22.98
CA SER L 204 -25.02 68.32 21.72
C SER L 204 -24.19 67.08 21.42
N GLN L 205 -24.86 65.94 21.24
CA GLN L 205 -24.23 64.86 20.50
C GLN L 205 -22.85 65.23 19.99
N LEU L 206 -22.66 66.38 19.39
CA LEU L 206 -21.32 66.75 18.98
C LEU L 206 -20.37 66.95 20.14
N HIS L 207 -20.86 67.38 21.29
CA HIS L 207 -19.92 67.45 22.40
C HIS L 207 -19.46 66.07 22.77
N GLY L 208 -20.28 65.05 22.53
CA GLY L 208 -19.87 63.67 22.77
C GLY L 208 -18.76 63.16 21.84
N MET L 209 -18.50 63.83 20.74
CA MET L 209 -17.48 63.35 19.86
C MET L 209 -16.16 63.64 20.51
N ASP L 210 -15.56 62.63 21.10
CA ASP L 210 -14.18 62.75 21.55
C ASP L 210 -13.27 62.99 20.40
N LEU L 211 -13.41 62.23 19.34
CA LEU L 211 -12.51 62.45 18.23
C LEU L 211 -13.12 61.88 16.98
N LEU L 212 -12.75 62.45 15.86
CA LEU L 212 -13.26 62.04 14.58
C LEU L 212 -12.07 61.65 13.78
N VAL L 213 -11.87 60.36 13.72
CA VAL L 213 -10.84 59.81 12.88
C VAL L 213 -11.49 59.60 11.55
N LEU L 214 -11.06 60.35 10.57
CA LEU L 214 -11.70 60.30 9.29
C LEU L 214 -10.72 59.71 8.30
N LEU L 215 -11.09 58.55 7.78
CA LEU L 215 -10.31 57.81 6.80
C LEU L 215 -10.67 58.24 5.42
N ASP L 216 -9.71 58.53 4.59
CA ASP L 216 -10.12 58.85 3.26
C ASP L 216 -8.94 58.75 2.36
N LEU L 217 -9.12 58.15 1.21
CA LEU L 217 -8.13 58.05 0.17
C LEU L 217 -7.02 57.03 0.51
N ILE L 218 -7.40 55.97 1.15
CA ILE L 218 -6.50 54.95 1.56
C ILE L 218 -6.51 53.77 0.61
N GLY L 219 -5.32 53.18 0.39
CA GLY L 219 -5.16 52.02 -0.45
C GLY L 219 -4.01 51.97 -1.41
N ALA L 220 -3.52 53.09 -1.85
CA ALA L 220 -2.38 53.16 -2.72
C ALA L 220 -1.10 52.93 -1.98
N PRO L 221 -0.03 52.72 -2.71
CA PRO L 221 1.22 52.42 -2.08
C PRO L 221 2.01 53.66 -1.68
N ASN L 222 2.77 53.53 -0.61
CA ASN L 222 3.65 54.57 -0.21
C ASN L 222 2.94 55.83 0.28
N PRO L 223 1.88 55.73 1.06
CA PRO L 223 1.24 56.95 1.54
C PRO L 223 2.06 57.67 2.58
N THR L 224 1.88 58.99 2.62
CA THR L 224 2.33 59.86 3.70
C THR L 224 1.15 60.62 4.27
N PHE L 225 0.85 60.41 5.52
CA PHE L 225 -0.20 61.14 6.22
C PHE L 225 0.30 62.30 7.07
N PRO L 226 0.00 63.55 6.76
CA PRO L 226 0.54 64.64 7.57
C PRO L 226 -0.26 64.89 8.84
N ASN L 227 0.36 65.61 9.79
CA ASN L 227 -0.34 66.05 10.99
C ASN L 227 -1.08 67.34 10.71
N PHE L 228 -2.38 67.35 10.95
CA PHE L 228 -3.20 68.48 10.52
C PHE L 228 -3.58 69.43 11.65
N PHE L 229 -3.87 68.92 12.83
CA PHE L 229 -4.58 69.71 13.82
C PHE L 229 -3.91 69.64 15.17
N PRO L 230 -3.18 70.70 15.56
CA PRO L 230 -2.74 70.84 16.94
C PRO L 230 -3.57 70.16 17.99
N ASN L 231 -4.85 70.25 17.95
CA ASN L 231 -5.61 69.57 18.98
C ASN L 231 -5.70 68.05 18.79
N SER L 232 -5.18 67.50 17.69
CA SER L 232 -5.11 66.06 17.59
C SER L 232 -3.70 65.52 17.46
N ALA L 233 -2.71 66.39 17.30
CA ALA L 233 -1.32 65.96 17.23
C ALA L 233 -0.94 64.95 18.31
N ARG L 234 -1.28 65.19 19.54
CA ARG L 234 -0.92 64.20 20.51
C ARG L 234 -1.37 62.84 20.07
N TRP L 235 -2.45 62.81 19.32
CA TRP L 235 -2.97 61.56 18.83
C TRP L 235 -2.26 61.16 17.56
N PHE L 236 -1.90 62.09 16.72
CA PHE L 236 -1.10 61.67 15.59
C PHE L 236 0.23 61.12 16.06
N GLU L 237 0.77 61.68 17.13
CA GLU L 237 1.97 61.15 17.70
C GLU L 237 1.73 59.72 18.13
N ARG L 238 0.56 59.42 18.64
CA ARG L 238 0.38 58.05 19.07
C ARG L 238 0.24 57.11 17.91
N LEU L 239 0.01 57.61 16.73
CA LEU L 239 0.04 56.72 15.60
C LEU L 239 1.47 56.46 15.23
N GLN L 240 2.26 57.50 15.07
CA GLN L 240 3.69 57.35 14.85
C GLN L 240 4.31 56.32 15.78
N ALA L 241 3.95 56.37 17.04
CA ALA L 241 4.44 55.43 18.02
C ALA L 241 4.07 53.99 17.68
N ILE L 242 2.79 53.76 17.43
CA ILE L 242 2.29 52.45 17.05
C ILE L 242 2.94 52.01 15.77
N GLU L 243 3.00 52.86 14.78
CA GLU L 243 3.71 52.51 13.58
C GLU L 243 5.08 52.05 13.93
N HIS L 244 5.74 52.75 14.83
CA HIS L 244 7.14 52.47 14.99
C HIS L 244 7.30 51.18 15.72
N GLU L 245 6.52 51.01 16.75
CA GLU L 245 6.62 49.81 17.54
C GLU L 245 6.20 48.57 16.74
N LEU L 246 5.10 48.62 16.03
CA LEU L 246 4.75 47.47 15.23
C LEU L 246 5.87 47.10 14.30
N HIS L 247 6.68 48.02 13.93
CA HIS L 247 7.77 47.70 13.04
C HIS L 247 8.94 47.18 13.81
N GLU L 248 9.06 47.60 15.05
CA GLU L 248 10.14 47.16 15.88
C GLU L 248 9.99 45.70 16.14
N LEU L 249 8.77 45.25 16.14
CA LEU L 249 8.47 43.91 16.49
C LEU L 249 8.25 43.02 15.29
N GLY L 250 8.44 43.51 14.09
CA GLY L 250 8.28 42.66 12.96
C GLY L 250 6.88 42.36 12.47
N LEU L 251 5.88 43.13 12.86
CA LEU L 251 4.51 42.79 12.52
C LEU L 251 4.01 43.61 11.37
N LEU L 252 4.86 44.20 10.59
CA LEU L 252 4.46 45.03 9.49
C LEU L 252 5.20 44.60 8.26
N LYS L 253 4.51 44.49 7.15
CA LYS L 253 5.03 43.84 5.99
C LYS L 253 5.32 44.86 4.94
N ASP L 254 6.46 44.73 4.34
CA ASP L 254 6.91 45.56 3.27
C ASP L 254 7.05 47.01 3.68
N HIS L 255 7.75 47.25 4.78
CA HIS L 255 7.70 48.55 5.43
C HIS L 255 9.04 49.07 5.94
N SER L 256 9.51 50.17 5.39
CA SER L 256 10.77 50.79 5.81
C SER L 256 10.54 52.09 6.57
N LEU L 257 11.12 52.16 7.76
CA LEU L 257 11.01 53.35 8.58
C LEU L 257 11.46 54.58 7.83
N GLU L 258 12.05 54.41 6.67
CA GLU L 258 12.13 55.52 5.73
C GLU L 258 10.74 55.86 5.25
N GLY L 259 10.11 54.90 4.59
CA GLY L 259 8.78 55.07 4.06
C GLY L 259 7.64 55.12 5.06
N ARG L 260 7.87 55.34 6.35
CA ARG L 260 6.77 55.48 7.29
C ARG L 260 5.61 56.22 6.67
N TYR L 261 4.44 55.96 7.21
CA TYR L 261 3.24 56.52 6.66
C TYR L 261 2.89 57.80 7.38
N PHE L 262 3.03 57.79 8.69
CA PHE L 262 2.86 58.96 9.54
C PHE L 262 4.17 59.65 9.78
N GLN L 263 4.55 60.53 8.84
CA GLN L 263 5.75 61.36 8.91
C GLN L 263 5.47 62.70 9.61
N ASN L 264 6.30 63.09 10.57
CA ASN L 264 6.02 64.36 11.25
C ASN L 264 6.54 65.51 10.42
N TYR L 265 5.77 65.84 9.39
CA TYR L 265 6.01 67.01 8.55
C TYR L 265 4.64 67.64 8.45
N SER L 266 4.38 68.61 9.32
CA SER L 266 3.07 69.25 9.34
C SER L 266 2.73 69.77 7.96
N TYR L 267 1.51 70.26 7.80
CA TYR L 267 0.98 70.70 6.51
C TYR L 267 0.49 72.12 6.66
N GLY L 268 0.25 72.78 5.53
CA GLY L 268 -0.21 74.16 5.56
C GLY L 268 -1.71 74.33 5.44
N GLY L 269 -2.28 74.04 4.24
CA GLY L 269 -3.66 74.37 3.93
C GLY L 269 -4.61 73.24 4.20
N VAL L 270 -5.90 73.52 4.05
CA VAL L 270 -6.88 72.53 4.45
C VAL L 270 -7.32 71.75 3.23
N ILE L 271 -7.69 70.52 3.52
CA ILE L 271 -8.35 69.63 2.61
C ILE L 271 -9.79 69.57 3.05
N GLN L 272 -10.68 69.92 2.12
CA GLN L 272 -12.10 69.90 2.41
C GLN L 272 -12.55 68.46 2.35
N ASP L 273 -13.30 68.01 3.34
CA ASP L 273 -13.78 66.64 3.33
C ASP L 273 -14.72 66.48 4.52
N ASP L 274 -15.23 65.31 4.75
CA ASP L 274 -16.34 65.25 5.66
C ASP L 274 -16.00 65.65 7.07
N HIS L 275 -15.03 66.50 7.27
CA HIS L 275 -14.65 66.87 8.63
C HIS L 275 -14.95 68.30 8.87
N ILE L 276 -14.82 69.08 7.82
CA ILE L 276 -15.13 70.49 7.88
C ILE L 276 -16.45 70.70 8.58
N PRO L 277 -17.50 70.07 8.20
CA PRO L 277 -18.71 70.27 8.94
C PRO L 277 -18.55 70.07 10.38
N PHE L 278 -17.63 69.20 10.78
CA PHE L 278 -17.54 68.84 12.19
C PHE L 278 -16.46 69.62 12.85
N LEU L 279 -15.56 70.14 12.07
CA LEU L 279 -14.46 70.89 12.61
C LEU L 279 -14.91 72.31 12.96
N ARG L 280 -15.19 73.15 11.97
CA ARG L 280 -15.68 74.49 12.30
C ARG L 280 -16.71 74.52 13.42
N ARG L 281 -17.38 73.44 13.71
CA ARG L 281 -18.21 73.35 14.89
C ARG L 281 -17.44 72.87 16.11
N GLY L 282 -16.14 73.09 16.14
CA GLY L 282 -15.34 72.78 17.30
C GLY L 282 -15.25 71.33 17.73
N VAL L 283 -15.03 70.41 16.79
CA VAL L 283 -14.75 69.02 17.14
C VAL L 283 -13.29 68.77 16.79
N PRO L 284 -12.61 67.92 17.54
CA PRO L 284 -11.25 67.57 17.17
C PRO L 284 -11.24 66.41 16.19
N VAL L 285 -10.39 66.52 15.20
CA VAL L 285 -10.40 65.66 14.05
C VAL L 285 -9.01 65.10 13.86
N LEU L 286 -8.95 63.81 13.53
CA LEU L 286 -7.77 63.12 13.11
C LEU L 286 -8.01 62.75 11.66
N HIS L 287 -7.40 63.42 10.76
CA HIS L 287 -7.79 63.31 9.38
C HIS L 287 -6.80 62.50 8.59
N LEU L 288 -7.05 61.22 8.47
CA LEU L 288 -6.21 60.30 7.73
C LEU L 288 -6.50 60.33 6.25
N ILE L 289 -5.81 61.21 5.57
CA ILE L 289 -5.96 61.36 4.14
C ILE L 289 -4.55 61.67 3.68
N PRO L 290 -4.03 61.05 2.67
CA PRO L 290 -2.66 61.31 2.33
C PRO L 290 -2.55 62.64 1.67
N SER L 291 -1.32 63.04 1.49
CA SER L 291 -0.94 64.17 0.77
C SER L 291 0.36 63.80 0.28
N PRO L 292 0.53 63.77 -1.00
CA PRO L 292 -0.43 63.84 -2.08
C PRO L 292 -1.49 62.74 -2.04
N PHE L 293 -2.15 62.63 -3.08
CA PHE L 293 -3.32 61.87 -3.33
C PHE L 293 -2.92 60.77 -4.28
N PRO L 294 -3.37 59.63 -4.10
CA PRO L 294 -3.03 58.59 -5.00
C PRO L 294 -2.91 59.03 -6.41
N GLU L 295 -1.94 58.54 -7.15
CA GLU L 295 -1.79 59.00 -8.52
C GLU L 295 -3.01 58.69 -9.32
N VAL L 296 -3.85 57.80 -8.84
CA VAL L 296 -5.06 57.38 -9.56
C VAL L 296 -6.28 58.18 -9.23
N TRP L 297 -6.14 59.26 -8.47
CA TRP L 297 -7.27 60.00 -7.98
C TRP L 297 -8.26 60.33 -9.04
N HIS L 298 -9.50 59.99 -8.80
CA HIS L 298 -10.53 60.37 -9.74
C HIS L 298 -10.16 59.99 -11.17
N THR L 299 -9.51 58.86 -11.29
CA THR L 299 -9.16 58.28 -12.55
C THR L 299 -9.96 57.03 -12.59
N MET L 300 -10.35 56.69 -13.79
CA MET L 300 -10.92 55.39 -14.00
C MET L 300 -10.01 54.29 -13.47
N ASP L 301 -8.73 54.56 -13.25
CA ASP L 301 -7.81 53.57 -12.78
C ASP L 301 -7.73 53.49 -11.28
N ASP L 302 -8.65 54.10 -10.56
CA ASP L 302 -8.69 53.92 -9.11
C ASP L 302 -9.49 52.68 -8.77
N ASN L 303 -8.89 51.52 -9.04
CA ASN L 303 -9.59 50.24 -8.91
C ASN L 303 -8.85 49.26 -8.08
N GLU L 304 -9.27 48.02 -8.12
CA GLU L 304 -8.61 46.97 -7.34
C GLU L 304 -7.21 46.66 -7.87
N GLU L 305 -7.00 46.71 -9.17
CA GLU L 305 -5.68 46.43 -9.66
C GLU L 305 -4.66 47.27 -8.94
N ASN L 306 -5.00 48.48 -8.56
CA ASN L 306 -4.00 49.40 -8.10
C ASN L 306 -4.00 49.58 -6.63
N LEU L 307 -4.81 48.86 -5.93
CA LEU L 307 -4.61 48.85 -4.49
C LEU L 307 -3.24 48.29 -4.07
N ASP L 308 -3.00 48.18 -2.77
CA ASP L 308 -1.80 47.54 -2.28
C ASP L 308 -2.13 46.87 -0.98
N GLU L 309 -1.95 45.57 -0.96
CA GLU L 309 -2.45 44.76 0.12
C GLU L 309 -1.66 44.99 1.36
N SER L 310 -0.42 45.37 1.22
CA SER L 310 0.36 45.37 2.44
C SER L 310 0.17 46.69 3.13
N THR L 311 0.04 47.73 2.35
CA THR L 311 -0.29 48.97 2.94
C THR L 311 -1.57 48.88 3.72
N ILE L 312 -2.62 48.38 3.12
CA ILE L 312 -3.90 48.36 3.83
C ILE L 312 -3.79 47.56 5.07
N ASP L 313 -2.97 46.58 5.05
CA ASP L 313 -2.97 45.64 6.13
C ASP L 313 -2.18 46.19 7.27
N ASN L 314 -1.14 46.93 6.94
CA ASN L 314 -0.36 47.63 7.96
C ASN L 314 -1.16 48.71 8.64
N LEU L 315 -1.91 49.46 7.88
CA LEU L 315 -2.85 50.41 8.44
C LEU L 315 -3.97 49.78 9.20
N ASN L 316 -4.50 48.69 8.78
CA ASN L 316 -5.45 48.07 9.65
C ASN L 316 -4.90 47.79 11.01
N LYS L 317 -3.62 47.55 11.15
CA LYS L 317 -3.18 47.08 12.44
C LYS L 317 -2.90 48.25 13.32
N ILE L 318 -2.26 49.24 12.78
CA ILE L 318 -2.13 50.54 13.43
C ILE L 318 -3.46 50.99 13.99
N LEU L 319 -4.43 51.11 13.11
CA LEU L 319 -5.72 51.67 13.48
C LEU L 319 -6.35 50.88 14.57
N GLN L 320 -6.47 49.58 14.42
CA GLN L 320 -7.09 48.76 15.45
C GLN L 320 -6.43 48.93 16.80
N VAL L 321 -5.13 49.16 16.78
CA VAL L 321 -4.37 49.31 18.01
C VAL L 321 -4.74 50.60 18.67
N PHE L 322 -4.50 51.70 17.97
CA PHE L 322 -5.04 52.99 18.35
C PHE L 322 -6.43 52.89 18.92
N VAL L 323 -7.36 52.38 18.18
CA VAL L 323 -8.68 52.34 18.74
C VAL L 323 -8.67 51.62 20.06
N LEU L 324 -7.98 50.51 20.20
CA LEU L 324 -8.10 49.80 21.47
C LEU L 324 -7.42 50.59 22.57
N GLU L 325 -6.32 51.24 22.23
CA GLU L 325 -5.70 52.10 23.19
C GLU L 325 -6.60 53.27 23.56
N TYR L 326 -7.24 53.92 22.57
CA TYR L 326 -8.18 54.99 22.89
C TYR L 326 -9.25 54.51 23.84
N LEU L 327 -9.76 53.32 23.66
CA LEU L 327 -10.88 52.88 24.45
C LEU L 327 -10.50 52.18 25.71
N HIS L 328 -9.22 52.16 26.05
CA HIS L 328 -8.68 51.33 27.11
C HIS L 328 -9.18 49.89 27.01
N LEU L 329 -8.77 49.19 25.94
CA LEU L 329 -9.16 47.76 25.79
C LEU L 329 -8.04 46.77 25.36
ZN ZN M . -8.29 -38.39 -2.40
C10 A1D48 N . -9.14 -36.01 -9.44
C13 A1D48 N . -10.59 -34.78 -4.96
C15 A1D48 N . -11.50 -34.17 -2.86
C20 A1D48 N . -10.06 -36.02 -3.00
C21 A1D48 N . -9.93 -35.81 -4.38
O01 A1D48 N . -10.03 -37.52 -6.47
C02 A1D48 N . -9.80 -36.80 -7.34
C03 A1D48 N . -9.99 -35.35 -7.35
C04 A1D48 N . -9.56 -34.91 -8.69
C05 A1D48 N . -9.55 -33.65 -9.21
O06 A1D48 N . -10.00 -32.63 -8.40
C07 A1D48 N . -9.12 -33.46 -10.50
C08 A1D48 N . -8.69 -34.55 -11.27
C09 A1D48 N . -8.71 -35.84 -10.73
N11 A1D48 N . -9.29 -37.22 -8.59
C12 A1D48 N . -10.44 -34.52 -6.45
C14 A1D48 N . -11.37 -33.95 -4.21
C16 A1D48 N . -10.82 -35.23 -2.26
N17 A1D48 N . -10.78 -35.64 -1.01
C18 A1D48 N . -10.01 -36.69 -0.97
N19 A1D48 N . -9.55 -36.94 -2.18
ZN ZN O . 1.19 18.19 4.09
C10 A1D48 P . 6.97 16.64 -0.75
C13 A1D48 P . 4.99 15.00 3.36
C15 A1D48 P . 4.30 13.97 5.39
C20 A1D48 P . 3.14 15.86 4.57
C21 A1D48 P . 3.99 15.92 3.47
O01 A1D48 P . 5.62 18.03 2.10
C02 A1D48 P . 6.04 17.35 1.28
C03 A1D48 P . 6.20 15.90 1.31
C04 A1D48 P . 6.78 15.49 0.03
C05 A1D48 P . 7.13 14.23 -0.42
O06 A1D48 P . 6.92 13.13 0.39
C07 A1D48 P . 7.69 14.08 -1.68
C08 A1D48 P . 7.88 15.22 -2.47
C09 A1D48 P . 7.52 16.50 -2.00
N11 A1D48 P . 6.50 17.84 0.02
C12 A1D48 P . 5.94 14.99 2.20
C14 A1D48 P . 5.13 14.03 4.31
C16 A1D48 P . 3.27 14.92 5.50
N17 A1D48 P . 2.34 15.09 6.43
C18 A1D48 P . 1.65 16.13 6.08
N19 A1D48 P . 2.12 16.60 4.94
ZN ZN Q . 17.73 -6.95 18.28
C10 A1D48 R . 14.33 -0.01 17.30
C13 A1D48 R . 16.79 -3.39 14.83
C15 A1D48 R . 18.02 -4.83 13.38
C20 A1D48 R . 17.72 -5.42 15.63
C21 A1D48 R . 16.98 -4.24 15.86
O01 A1D48 R . 17.13 -2.09 17.57
C02 A1D48 R . 16.19 -1.46 17.27
C03 A1D48 R . 15.59 -1.47 15.97
C04 A1D48 R . 14.41 -0.54 16.00
C05 A1D48 R . 13.49 -0.16 15.04
O06 A1D48 R . 13.54 -0.64 13.74
C07 A1D48 R . 12.49 0.73 15.35
C08 A1D48 R . 12.41 1.24 16.66
C09 A1D48 R . 13.33 0.87 17.63
N11 A1D48 R . 15.44 -0.60 18.11
C12 A1D48 R . 16.00 -2.11 14.93
C14 A1D48 R . 17.30 -3.69 13.60
C16 A1D48 R . 18.23 -5.70 14.44
N17 A1D48 R . 18.87 -6.87 14.51
C18 A1D48 R . 18.77 -7.30 15.74
N19 A1D48 R . 18.08 -6.43 16.41
ZN ZN S . 24.18 1.44 -13.59
C10 A1D48 T . 25.11 -0.51 -6.46
C13 A1D48 T . 22.01 2.02 -9.22
C15 A1D48 T . 20.57 3.45 -10.36
C20 A1D48 T . 22.32 2.29 -11.54
C21 A1D48 T . 22.69 1.75 -10.36
O01 A1D48 T . 25.35 1.59 -9.14
C02 A1D48 T . 24.97 0.97 -8.25
C03 A1D48 T . 23.63 0.82 -7.63
C04 A1D48 T . 23.78 -0.13 -6.50
C05 A1D48 T . 22.92 -0.64 -5.55
O06 A1D48 T . 21.60 -0.32 -5.52
C07 A1D48 T . 23.37 -1.51 -4.60
C08 A1D48 T . 24.70 -1.87 -4.57
C09 A1D48 T . 25.56 -1.36 -5.52
N11 A1D48 T . 25.88 0.16 -7.54
C12 A1D48 T . 22.44 1.36 -7.91
C14 A1D48 T . 20.93 2.87 -9.21
C16 A1D48 T . 21.28 3.14 -11.50
N17 A1D48 T . 21.10 3.60 -12.69
C18 A1D48 T . 22.04 3.01 -13.43
N19 A1D48 T . 22.84 2.15 -12.77
ZN ZN U . -13.35 -19.69 -29.29
C10 A1D48 V . -18.99 -18.20 -24.12
C13 A1D48 V . -14.89 -20.74 -24.42
C15 A1D48 V . -12.96 -22.10 -24.53
C20 A1D48 V . -13.60 -20.86 -26.43
C21 A1D48 V . -14.69 -20.37 -25.71
O01 A1D48 V . -17.27 -20.13 -26.43
C02 A1D48 V . -17.65 -19.58 -25.50
C03 A1D48 V . -17.09 -19.59 -24.16
C04 A1D48 V . -17.96 -18.73 -23.33
C05 A1D48 V . -17.85 -18.41 -22.00
O06 A1D48 V . -16.80 -18.96 -21.28
C07 A1D48 V . -18.79 -17.58 -21.43
C08 A1D48 V . -19.84 -17.06 -22.20
C09 A1D48 V . -19.93 -17.37 -23.55
N11 A1D48 V . -18.81 -18.74 -25.50
C12 A1D48 V . -16.06 -20.21 -23.64
C14 A1D48 V . -14.03 -21.61 -23.82
C16 A1D48 V . -12.76 -21.70 -25.86
N17 A1D48 V . -11.83 -22.05 -26.75
C18 A1D48 V . -12.08 -21.39 -27.87
N19 A1D48 V . -13.16 -20.68 -27.69
ZN ZN W . 39.41 26.11 34.12
C10 A1D48 X . 42.74 22.34 28.43
C13 A1D48 X . 40.34 26.42 29.08
C15 A1D48 X . 39.25 28.51 29.25
C20 A1D48 X . 39.48 27.13 31.16
C21 A1D48 X . 40.16 26.16 30.40
O01 A1D48 X . 40.00 23.42 30.33
C02 A1D48 X . 40.90 23.28 29.57
C03 A1D48 X . 41.41 24.23 28.59
C04 A1D48 X . 42.54 23.60 27.89
C05 A1D48 X . 43.34 24.10 26.91
O06 A1D48 X . 43.10 25.37 26.41
C07 A1D48 X . 44.37 23.34 26.40
C08 A1D48 X . 44.56 22.06 26.92
C09 A1D48 X . 43.76 21.56 27.93
N11 A1D48 X . 41.71 22.10 29.50
C12 A1D48 X . 41.06 25.43 28.22
C14 A1D48 X . 39.91 27.57 28.50
C16 A1D48 X . 39.04 28.25 30.60
N17 A1D48 X . 38.44 28.97 31.53
C18 A1D48 X . 38.52 28.31 32.66
N19 A1D48 X . 39.15 27.20 32.43
ZN ZN Y . -56.60 -46.90 -7.18
C10 A1D48 Z . -54.82 -43.07 -13.48
C13 A1D48 Z . -53.97 -47.36 -11.51
C15 A1D48 Z . -53.11 -49.29 -10.49
C20 A1D48 Z . -54.83 -48.04 -9.38
C21 A1D48 Z . -54.83 -47.16 -10.43
O01 A1D48 Z . -54.24 -44.68 -10.39
C02 A1D48 Z . -54.39 -44.36 -11.50
C03 A1D48 Z . -54.24 -45.21 -12.68
C04 A1D48 Z . -54.51 -44.39 -13.90
C05 A1D48 Z . -54.51 -44.71 -15.26
O06 A1D48 Z . -54.21 -46.00 -15.65
C07 A1D48 Z . -54.81 -43.76 -16.22
C08 A1D48 Z . -55.11 -42.44 -15.82
C09 A1D48 Z . -55.12 -42.10 -14.45
N11 A1D48 Z . -54.75 -43.04 -11.97
C12 A1D48 Z . -53.91 -46.45 -12.71
C14 A1D48 Z . -53.12 -48.43 -11.54
C16 A1D48 Z . -54.00 -49.07 -9.42
N17 A1D48 Z . -54.16 -49.77 -8.34
C18 A1D48 Z . -55.10 -49.16 -7.60
N19 A1D48 Z . -55.53 -48.09 -8.24
ZN ZN AA . 33.75 45.46 7.24
C10 A1D48 BA . 33.34 40.89 13.50
C13 A1D48 BA . 36.09 41.26 9.57
C15 A1D48 BA . 37.34 41.36 7.53
C20 A1D48 BA . 35.61 42.89 7.96
C21 A1D48 BA . 35.35 42.31 9.18
O01 A1D48 BA . 32.98 41.43 10.08
C02 A1D48 BA . 33.35 41.20 11.15
C03 A1D48 BA . 34.70 40.83 11.59
C04 A1D48 BA . 34.65 40.63 13.07
C05 A1D48 BA . 35.64 40.28 13.96
O06 A1D48 BA . 36.94 40.01 13.51
C07 A1D48 BA . 35.33 40.16 15.31
C08 A1D48 BA . 34.01 40.43 15.74
C09 A1D48 BA . 33.03 40.79 14.84
N11 A1D48 BA . 32.51 41.25 12.30
C12 A1D48 BA . 35.80 40.64 10.91
C14 A1D48 BA . 37.09 40.79 8.76
C16 A1D48 BA . 36.55 42.45 7.14
N17 A1D48 BA . 36.54 43.23 6.04
C18 A1D48 BA . 35.57 44.13 6.20
N19 A1D48 BA . 35.03 43.87 7.35
ZN ZN CA . 56.62 20.63 5.93
C10 A1D48 DA . 50.97 25.28 3.98
C13 A1D48 DA . 52.80 23.14 7.97
C15 A1D48 DA . 53.43 22.04 9.95
C20 A1D48 DA . 54.71 21.63 8.03
C21 A1D48 DA . 53.86 22.51 7.35
O01 A1D48 DA . 52.37 22.32 5.12
C02 A1D48 DA . 51.91 23.38 4.99
C03 A1D48 DA . 51.60 24.32 6.04
C04 A1D48 DA . 51.00 25.53 5.36
C05 A1D48 DA . 50.51 26.74 5.82
O06 A1D48 DA . 50.50 27.06 7.17
C07 A1D48 DA . 50.01 27.68 4.94
C08 A1D48 DA . 49.99 27.41 3.57
C09 A1D48 DA . 50.47 26.21 3.10
N11 A1D48 DA . 51.53 23.93 3.72
C12 A1D48 DA . 51.82 24.13 7.32
C14 A1D48 DA . 52.61 22.89 9.29
C16 A1D48 DA . 54.49 21.41 9.32
N17 A1D48 DA . 55.39 20.54 9.79
C18 A1D48 DA . 56.18 20.22 8.77
N19 A1D48 DA . 55.78 20.87 7.69
ZN ZN EA . -49.60 -39.22 -39.20
C10 A1D48 FA . -44.08 -43.41 -36.71
C13 A1D48 FA . -48.32 -41.78 -35.07
C15 A1D48 FA . -50.12 -40.80 -33.97
C20 A1D48 FA . -49.76 -40.31 -36.33
C21 A1D48 FA . -48.67 -41.16 -36.25
O01 A1D48 FA . -46.12 -40.59 -37.06
C02 A1D48 FA . -45.63 -41.61 -36.76
C03 A1D48 FA . -46.09 -42.63 -35.79
C04 A1D48 FA . -45.09 -43.75 -35.78
C05 A1D48 FA . -45.05 -44.93 -35.05
O06 A1D48 FA . -46.05 -45.29 -34.14
C07 A1D48 FA . -43.97 -45.78 -35.25
C08 A1D48 FA . -42.95 -45.42 -36.18
C09 A1D48 FA . -43.02 -44.24 -36.91
N11 A1D48 FA . -44.40 -42.08 -37.34
C12 A1D48 FA . -47.13 -42.70 -35.01
C14 A1D48 FA . -49.04 -41.62 -33.91
C16 A1D48 FA . -50.46 -40.16 -35.18
N17 A1D48 FA . -51.48 -39.35 -35.46
C18 A1D48 FA . -51.38 -39.00 -36.74
N19 A1D48 FA . -50.33 -39.59 -37.33
ZN ZN GA . -30.81 -13.80 -1.25
C10 A1D48 HA . -26.91 -20.39 -0.59
C13 A1D48 HA . -27.44 -16.93 -3.83
C15 A1D48 HA . -27.54 -15.21 -5.43
C20 A1D48 HA . -28.83 -15.03 -3.50
C21 A1D48 HA . -28.34 -16.26 -3.06
O01 A1D48 HA . -29.44 -18.42 -1.90
C02 A1D48 HA . -28.45 -18.98 -1.66
C03 A1D48 HA . -27.18 -18.93 -2.37
C04 A1D48 HA . -26.23 -19.84 -1.67
C05 A1D48 HA . -24.91 -20.20 -1.91
O06 A1D48 HA . -24.17 -19.69 -2.96
C07 A1D48 HA . -24.25 -21.07 -1.09
C08 A1D48 HA . -24.93 -21.61 0.00
C09 A1D48 HA . -26.25 -21.28 0.24
N11 A1D48 HA . -28.31 -19.86 -0.55
C12 A1D48 HA . -26.86 -18.27 -3.44
C14 A1D48 HA . -27.05 -16.41 -5.03
C16 A1D48 HA . -28.45 -14.51 -4.64
N17 A1D48 HA . -29.06 -13.35 -4.83
C18 A1D48 HA . -29.85 -13.12 -3.78
N19 A1D48 HA . -29.70 -14.14 -3.00
ZN ZN IA . -12.90 61.64 -4.61
C10 A1D48 JA . -10.98 69.17 -6.15
C13 A1D48 JA . -11.12 66.11 -2.39
C15 A1D48 JA . -11.26 64.72 -0.47
C20 A1D48 JA . -11.99 63.86 -2.53
C21 A1D48 JA . -11.64 65.09 -3.12
O01 A1D48 JA . -12.92 66.56 -4.95
C02 A1D48 JA . -12.14 67.41 -5.11
C03 A1D48 JA . -11.07 67.86 -4.21
C04 A1D48 JA . -10.36 68.97 -4.90
C05 A1D48 JA . -9.27 69.77 -4.55
O06 A1D48 JA . -8.59 69.65 -3.32
C07 A1D48 JA . -8.84 70.75 -5.44
C08 A1D48 JA . -9.48 70.93 -6.69
C09 A1D48 JA . -10.54 70.14 -7.03
N11 A1D48 JA . -12.10 68.20 -6.29
C12 A1D48 JA . -10.73 67.44 -3.02
C14 A1D48 JA . -10.91 65.93 -1.04
C16 A1D48 JA . -11.81 63.67 -1.24
N17 A1D48 JA . -12.21 62.44 -0.95
C18 A1D48 JA . -12.65 61.86 -2.06
N19 A1D48 JA . -12.51 62.74 -3.01
#